data_1KOG
#
_entry.id   1KOG
#
_cell.length_a   188.450
_cell.length_b   101.740
_cell.length_c   199.340
_cell.angle_alpha   90.00
_cell.angle_beta   114.40
_cell.angle_gamma   90.00
#
_symmetry.space_group_name_H-M   'P 1 2 1'
#
loop_
_entity.id
_entity.type
_entity.pdbx_description
1 polymer 'Threonyl-tRNA synthetase mRNA'
2 polymer 'Threonyl-tRNA synthetase'
3 non-polymer 'ZINC ION'
4 non-polymer "5'-O-(N-(L-THREONYL)-SULFAMOYL)ADENOSINE"
5 water water
#
loop_
_entity_poly.entity_id
_entity_poly.type
_entity_poly.pdbx_seq_one_letter_code
_entity_poly.pdbx_strand_id
1 'polyribonucleotide' GGCGUAUGUGAUCUUUCGUGUGGGUCACCACUGCGCC I,J,K,L,M,N,O,P
2 'polypeptide(L)'
;RDHRKIGKQLDLYHMQEEAPGMVFWHNDGWTIFRELEVFVRSKLKEYQYQEVKGPFMMDRVLWEKTGHWDNYKDAMFTTS
SENREYCIKPMNCPGHVQIFNQGLKSYRDLPLRMAEFGSCHRNEPSGSLHGLMRVRGFTQDDAHIFCTEEQIRDEVNGCI
RLVYDMYSTFGFEKIVVKLSTRPEKRIGSDEMWDRAEADLAVALEENNIPFEYQLGEGAFYGPKIEFTLYDCLDRAWQCG
TVQLDFSLPSRLSASYVGEDNERKVPVMIHRAILGSMERFIGILTEEFAGFFPTWLAPVQVVIMNITDSQSEYVNELTQK
LSNAGIRVKADLRNEKIGFKIREHTLRRVPYMLVCGDKEVESGKVAVRTRRGKDLGSMDVNEVIEKLQQEIRSRSLKQLE
E
;
A,B,C,D,E,F,G,H
#
loop_
_chem_comp.id
_chem_comp.type
_chem_comp.name
_chem_comp.formula
A RNA linking ADENOSINE-5'-MONOPHOSPHATE 'C10 H14 N5 O7 P'
C RNA linking CYTIDINE-5'-MONOPHOSPHATE 'C9 H14 N3 O8 P'
G RNA linking GUANOSINE-5'-MONOPHOSPHATE 'C10 H14 N5 O8 P'
TSB non-polymer 5'-O-(N-(L-THREONYL)-SULFAMOYL)ADENOSINE 'C14 H21 N7 O8 S'
U RNA linking URIDINE-5'-MONOPHOSPHATE 'C9 H13 N2 O9 P'
ZN non-polymer 'ZINC ION' 'Zn 2'
#
# COMPACT_ATOMS: atom_id res chain seq x y z
N ARG I 1 -51.14 51.13 -31.04
CA ARG I 1 -52.21 51.62 -30.11
C ARG I 1 -51.76 51.61 -28.64
N ASP I 2 -52.71 51.83 -27.72
CA ASP I 2 -52.41 51.84 -26.29
C ASP I 2 -52.24 50.44 -25.73
N HIS I 3 -51.12 50.21 -25.03
CA HIS I 3 -50.84 48.89 -24.50
C HIS I 3 -52.05 48.37 -23.71
N ARG I 4 -52.58 49.19 -22.81
CA ARG I 4 -53.72 48.77 -22.03
C ARG I 4 -54.80 48.08 -22.86
N LYS I 5 -54.95 48.53 -24.11
CA LYS I 5 -55.93 47.92 -24.98
C LYS I 5 -55.34 46.64 -25.56
N ILE I 6 -54.22 46.75 -26.25
CA ILE I 6 -53.56 45.60 -26.85
C ILE I 6 -53.43 44.48 -25.83
N GLY I 7 -53.29 44.88 -24.56
CA GLY I 7 -53.16 43.90 -23.48
C GLY I 7 -54.45 43.13 -23.36
N LYS I 8 -55.54 43.86 -23.13
CA LYS I 8 -56.85 43.23 -23.00
C LYS I 8 -57.09 42.43 -24.27
N GLN I 9 -56.59 42.98 -25.37
CA GLN I 9 -56.70 42.38 -26.70
C GLN I 9 -56.07 41.03 -26.82
N LEU I 10 -54.77 40.96 -26.57
CA LEU I 10 -54.03 39.72 -26.68
C LEU I 10 -53.96 38.88 -25.39
N ASP I 11 -54.85 39.22 -24.44
CA ASP I 11 -54.98 38.52 -23.16
C ASP I 11 -53.64 38.51 -22.45
N LEU I 12 -52.90 39.61 -22.57
CA LEU I 12 -51.60 39.67 -21.93
C LEU I 12 -51.74 39.81 -20.44
N TYR I 13 -52.92 40.23 -20.00
CA TYR I 13 -53.15 40.41 -18.57
C TYR I 13 -54.44 41.14 -18.28
N HIS I 14 -54.61 41.51 -17.02
CA HIS I 14 -55.79 42.23 -16.57
C HIS I 14 -55.52 42.78 -15.18
N MET I 15 -56.40 43.64 -14.71
CA MET I 15 -56.26 44.22 -13.38
C MET I 15 -57.62 44.39 -12.75
N GLN I 16 -57.68 44.31 -11.42
CA GLN I 16 -58.96 44.42 -10.72
C GLN I 16 -58.85 45.53 -9.72
N GLU I 17 -59.98 46.04 -9.27
CA GLU I 17 -59.95 47.14 -8.32
C GLU I 17 -59.52 46.75 -6.91
N GLU I 18 -59.89 45.54 -6.48
CA GLU I 18 -59.52 45.08 -5.13
C GLU I 18 -58.01 44.89 -5.02
N ALA I 19 -57.29 45.09 -6.12
CA ALA I 19 -55.83 44.98 -6.19
C ALA I 19 -55.31 46.08 -7.10
N PRO I 20 -55.45 47.34 -6.66
CA PRO I 20 -55.04 48.55 -7.35
C PRO I 20 -53.55 48.68 -7.65
N GLY I 21 -53.21 48.78 -8.92
CA GLY I 21 -51.82 48.93 -9.29
C GLY I 21 -51.08 47.63 -9.15
N MET I 22 -51.84 46.54 -9.17
CA MET I 22 -51.27 45.20 -9.05
C MET I 22 -51.63 44.41 -10.30
N VAL I 23 -50.64 43.90 -11.03
CA VAL I 23 -50.91 43.18 -12.27
C VAL I 23 -51.29 41.73 -12.09
N PHE I 24 -52.27 41.28 -12.86
CA PHE I 24 -52.67 39.89 -12.86
C PHE I 24 -52.14 39.29 -14.15
N TRP I 25 -50.85 39.08 -14.23
CA TRP I 25 -50.25 38.52 -15.42
C TRP I 25 -50.90 37.23 -15.89
N HIS I 26 -51.51 37.31 -17.07
CA HIS I 26 -52.14 36.17 -17.68
C HIS I 26 -51.06 35.38 -18.35
N ASN I 27 -51.41 34.17 -18.77
CA ASN I 27 -50.42 33.32 -19.37
C ASN I 27 -49.55 33.95 -20.45
N ASP I 28 -50.18 34.55 -21.44
CA ASP I 28 -49.43 35.13 -22.53
C ASP I 28 -48.54 36.27 -22.13
N GLY I 29 -49.08 37.18 -21.32
CA GLY I 29 -48.25 38.29 -20.85
C GLY I 29 -47.04 37.72 -20.12
N TRP I 30 -47.33 36.76 -19.27
CA TRP I 30 -46.28 36.15 -18.52
C TRP I 30 -45.16 35.73 -19.46
N THR I 31 -45.52 34.99 -20.50
CA THR I 31 -44.53 34.50 -21.42
C THR I 31 -43.57 35.59 -21.84
N ILE I 32 -44.14 36.76 -22.12
CA ILE I 32 -43.33 37.91 -22.54
C ILE I 32 -42.39 38.30 -21.41
N PHE I 33 -42.99 38.45 -20.23
CA PHE I 33 -42.30 38.81 -19.00
C PHE I 33 -41.14 37.85 -18.84
N ARG I 34 -41.50 36.59 -18.73
CA ARG I 34 -40.52 35.55 -18.57
C ARG I 34 -39.43 35.60 -19.64
N GLU I 35 -39.84 35.67 -20.89
CA GLU I 35 -38.90 35.67 -22.01
C GLU I 35 -37.90 36.81 -21.91
N LEU I 36 -38.35 37.89 -21.28
CA LEU I 36 -37.48 39.06 -21.09
C LEU I 36 -36.39 38.74 -20.08
N GLU I 37 -36.78 38.00 -19.05
CA GLU I 37 -35.84 37.59 -18.02
C GLU I 37 -34.70 36.83 -18.68
N VAL I 38 -35.04 35.76 -19.36
CA VAL I 38 -34.05 34.91 -20.02
C VAL I 38 -33.09 35.76 -20.84
N PHE I 39 -33.63 36.86 -21.37
CA PHE I 39 -32.87 37.77 -22.20
C PHE I 39 -31.84 38.49 -21.33
N VAL I 40 -32.37 39.12 -20.27
CA VAL I 40 -31.55 39.86 -19.31
C VAL I 40 -30.44 38.94 -18.78
N ARG I 41 -30.82 37.77 -18.29
CA ARG I 41 -29.88 36.80 -17.76
C ARG I 41 -28.73 36.74 -18.73
N SER I 42 -29.10 36.45 -19.97
CA SER I 42 -28.20 36.31 -21.09
C SER I 42 -27.20 37.44 -21.22
N LYS I 43 -27.73 38.66 -21.28
CA LYS I 43 -26.86 39.82 -21.40
C LYS I 43 -25.91 39.94 -20.22
N LEU I 44 -26.43 39.66 -19.02
CA LEU I 44 -25.64 39.76 -17.80
C LEU I 44 -24.54 38.72 -17.70
N LYS I 45 -24.76 37.54 -18.23
CA LYS I 45 -23.76 36.51 -18.15
C LYS I 45 -22.41 37.01 -18.57
N GLU I 46 -22.35 37.70 -19.70
CA GLU I 46 -21.07 38.22 -20.21
C GLU I 46 -20.31 38.94 -19.10
N TYR I 47 -20.97 39.98 -18.57
CA TYR I 47 -20.42 40.82 -17.52
C TYR I 47 -20.32 40.15 -16.16
N GLN I 48 -20.69 38.88 -16.11
CA GLN I 48 -20.65 38.12 -14.87
C GLN I 48 -21.30 38.79 -13.69
N TYR I 49 -22.61 38.67 -13.65
CA TYR I 49 -23.36 39.24 -12.55
C TYR I 49 -23.77 38.02 -11.74
N GLN I 50 -24.05 38.25 -10.46
CA GLN I 50 -24.53 37.20 -9.59
C GLN I 50 -26.03 37.43 -9.56
N GLU I 51 -26.81 36.36 -9.61
CA GLU I 51 -28.25 36.53 -9.48
C GLU I 51 -28.68 35.99 -8.11
N VAL I 52 -29.11 36.91 -7.27
CA VAL I 52 -29.54 36.59 -5.93
C VAL I 52 -31.07 36.67 -5.84
N LYS I 53 -31.57 36.92 -4.65
CA LYS I 53 -33.01 37.03 -4.39
C LYS I 53 -33.16 37.31 -2.93
N GLY I 54 -33.69 38.50 -2.63
CA GLY I 54 -33.88 38.91 -1.26
C GLY I 54 -35.27 38.87 -0.67
N PRO I 55 -35.34 38.95 0.66
CA PRO I 55 -36.59 38.94 1.39
C PRO I 55 -37.60 39.96 0.89
N PHE I 56 -38.82 39.49 0.92
CA PHE I 56 -39.99 40.19 0.48
C PHE I 56 -40.33 41.31 1.44
N MET I 57 -39.59 41.37 2.54
CA MET I 57 -39.75 42.38 3.60
C MET I 57 -38.76 42.13 4.74
N MET I 58 -38.29 43.24 5.31
CA MET I 58 -37.32 43.20 6.40
C MET I 58 -37.82 44.09 7.51
N ASP I 59 -37.05 44.17 8.59
CA ASP I 59 -37.43 44.94 9.75
C ASP I 59 -37.37 46.43 9.56
N ARG I 60 -38.44 47.11 9.95
CA ARG I 60 -38.54 48.57 9.85
C ARG I 60 -37.27 49.25 10.33
N VAL I 61 -36.70 48.69 11.38
CA VAL I 61 -35.47 49.19 11.96
C VAL I 61 -34.40 49.32 10.91
N LEU I 62 -34.32 48.35 10.01
CA LEU I 62 -33.35 48.37 8.92
C LEU I 62 -33.50 49.62 8.08
N TRP I 63 -34.69 49.80 7.52
CA TRP I 63 -34.93 50.97 6.72
C TRP I 63 -34.71 52.29 7.42
N GLU I 64 -34.89 52.32 8.72
CA GLU I 64 -34.67 53.55 9.43
C GLU I 64 -33.21 53.92 9.19
N LYS I 65 -32.34 52.92 9.28
CA LYS I 65 -30.91 53.13 9.09
C LYS I 65 -30.53 53.60 7.70
N THR I 66 -30.96 52.86 6.68
CA THR I 66 -30.65 53.21 5.30
C THR I 66 -31.07 54.66 5.04
N GLY I 67 -32.28 55.01 5.43
CA GLY I 67 -32.76 56.35 5.23
C GLY I 67 -34.17 56.32 4.70
N HIS I 68 -34.52 55.18 4.10
CA HIS I 68 -35.85 55.01 3.51
C HIS I 68 -36.96 55.49 4.41
N TRP I 69 -36.83 55.15 5.68
CA TRP I 69 -37.83 55.53 6.65
C TRP I 69 -37.99 57.04 6.83
N ASP I 70 -36.91 57.77 6.68
CA ASP I 70 -36.97 59.20 6.91
C ASP I 70 -37.19 60.03 5.67
N ASN I 71 -37.23 59.38 4.51
CA ASN I 71 -37.49 60.10 3.27
C ASN I 71 -37.95 59.14 2.19
N TYR I 72 -39.06 58.48 2.45
CA TYR I 72 -39.63 57.51 1.52
C TYR I 72 -40.73 56.74 2.22
N LYS I 73 -40.75 56.86 3.53
CA LYS I 73 -41.73 56.14 4.34
C LYS I 73 -43.17 56.32 3.85
N ASP I 74 -43.40 57.38 3.08
CA ASP I 74 -44.72 57.65 2.55
C ASP I 74 -45.08 56.70 1.40
N ALA I 75 -44.09 56.23 0.66
CA ALA I 75 -44.32 55.32 -0.45
C ALA I 75 -44.13 53.88 -0.05
N MET I 76 -43.79 53.68 1.23
CA MET I 76 -43.52 52.35 1.79
C MET I 76 -44.74 51.64 2.37
N PHE I 77 -44.85 50.35 2.09
CA PHE I 77 -45.95 49.54 2.61
C PHE I 77 -45.45 48.85 3.86
N THR I 78 -46.34 48.57 4.82
CA THR I 78 -45.90 47.94 6.07
C THR I 78 -46.84 46.96 6.74
N THR I 79 -46.26 45.91 7.33
CA THR I 79 -46.98 44.87 8.06
C THR I 79 -46.16 44.61 9.29
N SER I 80 -46.56 43.59 10.04
CA SER I 80 -45.87 43.22 11.26
C SER I 80 -46.45 41.98 11.95
N SER I 81 -45.60 41.26 12.66
CA SER I 81 -45.99 40.08 13.41
C SER I 81 -45.81 40.45 14.89
N GLU I 82 -46.10 39.53 15.81
CA GLU I 82 -45.96 39.80 17.25
C GLU I 82 -44.58 40.38 17.42
N ASN I 83 -43.63 39.71 16.75
CA ASN I 83 -42.22 40.07 16.73
C ASN I 83 -42.04 41.62 16.51
N ARG I 84 -41.61 42.01 15.31
CA ARG I 84 -41.39 43.42 15.00
C ARG I 84 -42.41 43.97 14.01
N GLU I 85 -41.97 44.95 13.23
CA GLU I 85 -42.78 45.58 12.20
C GLU I 85 -41.88 45.68 10.98
N TYR I 86 -42.37 45.19 9.85
CA TYR I 86 -41.58 45.23 8.66
C TYR I 86 -42.16 46.11 7.58
N CYS I 87 -41.30 46.46 6.63
CA CYS I 87 -41.70 47.27 5.48
C CYS I 87 -41.61 46.34 4.27
N ILE I 88 -42.55 46.41 3.34
CA ILE I 88 -42.44 45.57 2.16
C ILE I 88 -41.42 46.29 1.29
N LYS I 89 -40.42 45.56 0.81
CA LYS I 89 -39.37 46.21 0.04
C LYS I 89 -39.80 47.04 -1.15
N PRO I 90 -39.31 48.30 -1.21
CA PRO I 90 -39.54 49.31 -2.24
C PRO I 90 -38.42 49.12 -3.27
N MET I 91 -37.21 48.86 -2.75
CA MET I 91 -36.02 48.62 -3.56
C MET I 91 -35.34 47.37 -3.04
N ASN I 92 -34.27 46.91 -3.67
CA ASN I 92 -33.61 45.69 -3.22
C ASN I 92 -32.19 46.01 -2.83
N CYS I 93 -31.92 47.30 -2.79
CA CYS I 93 -30.61 47.80 -2.41
C CYS I 93 -30.24 47.26 -1.00
N PRO I 94 -31.04 47.62 0.03
CA PRO I 94 -30.74 47.16 1.39
C PRO I 94 -30.45 45.67 1.39
N GLY I 95 -31.40 44.91 0.87
CA GLY I 95 -31.23 43.48 0.80
C GLY I 95 -29.87 43.05 0.28
N HIS I 96 -29.51 43.49 -0.92
CA HIS I 96 -28.23 43.07 -1.49
C HIS I 96 -27.06 43.33 -0.60
N VAL I 97 -27.12 44.46 0.10
CA VAL I 97 -26.05 44.79 1.03
C VAL I 97 -25.87 43.71 2.09
N GLN I 98 -27.00 43.25 2.63
CA GLN I 98 -27.02 42.20 3.63
C GLN I 98 -26.28 40.98 3.10
N ILE I 99 -26.67 40.54 1.93
CA ILE I 99 -26.02 39.41 1.32
C ILE I 99 -24.55 39.71 1.13
N PHE I 100 -24.23 40.98 0.90
CA PHE I 100 -22.84 41.36 0.68
C PHE I 100 -22.03 41.21 1.98
N ASN I 101 -22.66 41.57 3.09
CA ASN I 101 -22.02 41.54 4.36
C ASN I 101 -21.63 40.17 4.88
N GLN I 102 -22.22 39.11 4.35
CA GLN I 102 -21.86 37.79 4.85
C GLN I 102 -20.42 37.50 4.54
N GLY I 103 -19.59 37.40 5.58
CA GLY I 103 -18.18 37.09 5.39
C GLY I 103 -17.31 38.31 5.19
N LEU I 104 -16.00 38.07 5.13
CA LEU I 104 -15.07 39.17 4.94
C LEU I 104 -14.70 39.30 3.45
N LYS I 105 -15.02 40.46 2.88
CA LYS I 105 -14.73 40.72 1.47
C LYS I 105 -13.45 41.54 1.34
N SER I 106 -12.57 41.08 0.46
CA SER I 106 -11.33 41.80 0.22
C SER I 106 -11.58 42.66 -1.03
N TYR I 107 -10.64 43.52 -1.35
CA TYR I 107 -10.76 44.34 -2.55
C TYR I 107 -10.86 43.38 -3.73
N ARG I 108 -10.19 42.24 -3.65
CA ARG I 108 -10.18 41.28 -4.73
C ARG I 108 -11.52 40.63 -5.06
N ASP I 109 -12.52 40.91 -4.25
CA ASP I 109 -13.86 40.40 -4.49
C ASP I 109 -14.59 41.45 -5.33
N LEU I 110 -13.91 42.58 -5.54
CA LEU I 110 -14.44 43.69 -6.33
C LEU I 110 -13.86 43.80 -7.74
N PRO I 111 -14.67 44.32 -8.66
CA PRO I 111 -16.03 44.80 -8.46
C PRO I 111 -16.98 43.65 -8.27
N LEU I 112 -17.93 43.85 -7.37
CA LEU I 112 -18.90 42.83 -7.06
C LEU I 112 -20.24 43.17 -7.75
N ARG I 113 -20.57 42.39 -8.77
CA ARG I 113 -21.81 42.64 -9.49
C ARG I 113 -22.96 41.76 -9.07
N MET I 114 -23.85 42.31 -8.25
CA MET I 114 -24.98 41.51 -7.79
C MET I 114 -26.30 42.00 -8.33
N ALA I 115 -26.92 41.15 -9.15
CA ALA I 115 -28.21 41.47 -9.76
C ALA I 115 -29.32 40.56 -9.27
N GLU I 116 -30.56 41.02 -9.43
CA GLU I 116 -31.71 40.25 -8.96
C GLU I 116 -32.96 40.74 -9.68
N PHE I 117 -33.90 39.86 -9.97
CA PHE I 117 -35.12 40.35 -10.60
C PHE I 117 -36.00 40.64 -9.40
N GLY I 118 -35.65 41.71 -8.73
CA GLY I 118 -36.35 42.07 -7.51
C GLY I 118 -37.73 42.65 -7.51
N SER I 119 -38.67 41.92 -6.94
CA SER I 119 -40.03 42.37 -6.88
C SER I 119 -40.27 43.48 -5.87
N CYS I 120 -40.55 44.70 -6.33
CA CYS I 120 -40.76 45.86 -5.43
C CYS I 120 -42.18 46.30 -5.25
N HIS I 121 -42.42 47.14 -4.27
CA HIS I 121 -43.77 47.62 -4.01
C HIS I 121 -43.73 49.01 -3.49
N ARG I 122 -44.59 49.84 -4.04
CA ARG I 122 -44.61 51.23 -3.63
C ARG I 122 -46.03 51.75 -3.62
N ASN I 123 -46.37 52.50 -2.57
CA ASN I 123 -47.70 53.07 -2.46
C ASN I 123 -47.75 54.31 -3.34
N GLU I 124 -47.88 54.07 -4.65
CA GLU I 124 -47.96 55.17 -5.60
C GLU I 124 -49.34 55.78 -5.45
N PRO I 125 -49.41 57.11 -5.39
CA PRO I 125 -50.69 57.81 -5.24
C PRO I 125 -51.73 57.36 -6.26
N SER I 126 -52.91 57.00 -5.76
CA SER I 126 -54.02 56.53 -6.59
C SER I 126 -54.01 57.17 -7.98
N GLY I 127 -53.95 58.50 -8.00
CA GLY I 127 -53.94 59.23 -9.25
C GLY I 127 -52.81 58.92 -10.23
N SER I 128 -51.57 58.78 -9.74
CA SER I 128 -50.44 58.53 -10.62
C SER I 128 -50.34 57.18 -11.29
N LEU I 129 -51.27 56.28 -10.98
CA LEU I 129 -51.22 54.95 -11.60
C LEU I 129 -51.54 54.98 -13.09
N HIS I 130 -51.04 54.01 -13.83
CA HIS I 130 -51.28 53.95 -15.28
C HIS I 130 -50.80 52.62 -15.88
N GLY I 131 -51.75 51.86 -16.39
CA GLY I 131 -51.41 50.57 -17.00
C GLY I 131 -50.22 49.88 -16.40
N LEU I 132 -49.34 49.35 -17.24
CA LEU I 132 -48.13 48.67 -16.77
C LEU I 132 -46.99 49.67 -16.60
N MET I 133 -47.26 50.93 -16.87
CA MET I 133 -46.24 51.95 -16.79
C MET I 133 -45.98 52.42 -15.39
N ARG I 134 -47.04 52.65 -14.62
CA ARG I 134 -46.90 53.13 -13.24
C ARG I 134 -47.82 52.30 -12.42
N VAL I 135 -47.23 51.31 -11.75
CA VAL I 135 -47.98 50.39 -10.90
C VAL I 135 -47.51 50.39 -9.44
N ARG I 136 -48.34 49.89 -8.52
CA ARG I 136 -47.97 49.83 -7.11
C ARG I 136 -47.01 48.62 -6.88
N GLY I 137 -47.11 47.59 -7.72
CA GLY I 137 -46.25 46.45 -7.54
C GLY I 137 -45.58 45.94 -8.79
N PHE I 138 -44.29 46.19 -8.88
CA PHE I 138 -43.53 45.77 -10.05
C PHE I 138 -42.29 44.93 -9.80
N THR I 139 -41.49 44.77 -10.84
CA THR I 139 -40.30 43.94 -10.74
C THR I 139 -39.07 44.52 -11.38
N GLN I 140 -38.26 45.24 -10.62
CA GLN I 140 -37.01 45.77 -11.16
C GLN I 140 -36.06 44.68 -11.65
N ASP I 141 -35.21 45.03 -12.60
CA ASP I 141 -34.25 44.06 -13.13
C ASP I 141 -32.91 44.52 -12.64
N ASP I 142 -32.92 45.23 -11.51
CA ASP I 142 -31.65 45.79 -11.07
C ASP I 142 -30.58 44.90 -10.53
N ALA I 143 -29.57 45.58 -10.06
CA ALA I 143 -28.43 44.94 -9.51
C ALA I 143 -27.77 46.12 -8.80
N HIS I 144 -26.76 45.80 -7.99
CA HIS I 144 -25.99 46.81 -7.30
C HIS I 144 -24.54 46.38 -7.46
N ILE I 145 -23.70 47.37 -7.74
CA ILE I 145 -22.28 47.07 -7.90
C ILE I 145 -21.48 47.61 -6.72
N PHE I 146 -20.64 46.74 -6.17
CA PHE I 146 -19.84 47.11 -5.03
C PHE I 146 -18.48 47.23 -5.64
N CYS I 147 -17.82 48.37 -5.42
CA CYS I 147 -16.50 48.58 -6.01
C CYS I 147 -15.73 49.72 -5.40
N THR I 148 -14.44 49.74 -5.71
CA THR I 148 -13.51 50.77 -5.27
C THR I 148 -13.90 51.93 -6.16
N GLU I 149 -13.42 53.14 -5.93
CA GLU I 149 -13.87 54.19 -6.84
C GLU I 149 -13.09 54.36 -8.12
N GLU I 150 -11.95 53.68 -8.25
CA GLU I 150 -11.17 53.75 -9.48
C GLU I 150 -11.99 52.90 -10.41
N GLN I 151 -12.80 52.04 -9.82
CA GLN I 151 -13.65 51.16 -10.57
C GLN I 151 -14.91 51.92 -11.02
N ILE I 152 -15.26 52.99 -10.31
CA ILE I 152 -16.46 53.69 -10.66
C ILE I 152 -16.59 53.97 -12.13
N ARG I 153 -15.53 54.43 -12.76
CA ARG I 153 -15.61 54.73 -14.18
C ARG I 153 -16.05 53.51 -14.95
N ASP I 154 -15.07 52.64 -15.25
CA ASP I 154 -15.33 51.43 -16.03
C ASP I 154 -16.65 50.83 -15.68
N GLU I 155 -16.94 50.85 -14.39
CA GLU I 155 -18.17 50.29 -13.88
C GLU I 155 -19.41 50.98 -14.45
N VAL I 156 -19.44 52.30 -14.39
CA VAL I 156 -20.58 53.04 -14.87
C VAL I 156 -20.69 52.89 -16.35
N ASN I 157 -19.56 52.98 -17.03
CA ASN I 157 -19.55 52.85 -18.48
C ASN I 157 -20.20 51.52 -18.83
N GLY I 158 -19.68 50.44 -18.27
CA GLY I 158 -20.23 49.13 -18.55
C GLY I 158 -21.75 49.12 -18.47
N CYS I 159 -22.27 49.93 -17.56
CA CYS I 159 -23.71 50.01 -17.38
C CYS I 159 -24.29 50.64 -18.60
N ILE I 160 -23.86 51.86 -18.85
CA ILE I 160 -24.31 52.63 -20.01
C ILE I 160 -24.36 51.69 -21.24
N ARG I 161 -23.19 51.22 -21.62
CA ARG I 161 -23.03 50.33 -22.75
C ARG I 161 -24.07 49.24 -22.77
N LEU I 162 -24.32 48.68 -21.61
CA LEU I 162 -25.32 47.63 -21.47
C LEU I 162 -26.73 48.13 -21.83
N VAL I 163 -27.08 49.32 -21.38
CA VAL I 163 -28.40 49.89 -21.65
C VAL I 163 -28.67 50.02 -23.15
N TYR I 164 -27.67 50.55 -23.85
CA TYR I 164 -27.76 50.76 -25.30
C TYR I 164 -27.75 49.43 -26.01
N ASP I 165 -26.67 48.69 -25.82
CA ASP I 165 -26.54 47.39 -26.43
C ASP I 165 -27.77 46.51 -26.21
N MET I 166 -28.52 46.81 -25.17
CA MET I 166 -29.69 45.99 -24.91
C MET I 166 -30.93 46.56 -25.56
N TYR I 167 -31.11 47.85 -25.40
CA TYR I 167 -32.25 48.52 -26.00
C TYR I 167 -32.22 48.29 -27.49
N SER I 168 -31.02 48.37 -28.08
CA SER I 168 -30.83 48.15 -29.49
C SER I 168 -31.53 46.90 -29.98
N THR I 169 -31.62 45.87 -29.17
CA THR I 169 -32.29 44.65 -29.60
C THR I 169 -33.74 44.90 -30.01
N PHE I 170 -34.33 45.93 -29.42
CA PHE I 170 -35.73 46.26 -29.69
C PHE I 170 -35.78 47.38 -30.74
N GLY I 171 -34.61 47.89 -31.12
CA GLY I 171 -34.56 48.95 -32.11
C GLY I 171 -35.29 50.18 -31.64
N PHE I 172 -34.83 50.74 -30.52
CA PHE I 172 -35.47 51.94 -30.01
C PHE I 172 -34.82 53.12 -30.67
N GLU I 173 -35.64 54.10 -31.02
CA GLU I 173 -35.15 55.29 -31.64
C GLU I 173 -34.97 56.38 -30.59
N LYS I 174 -36.06 56.69 -29.90
CA LYS I 174 -36.04 57.72 -28.85
C LYS I 174 -35.55 57.18 -27.50
N ILE I 175 -34.32 57.60 -27.17
CA ILE I 175 -33.59 57.26 -25.94
C ILE I 175 -32.98 58.55 -25.39
N VAL I 176 -33.71 59.29 -24.58
CA VAL I 176 -33.14 60.52 -24.08
C VAL I 176 -32.65 60.47 -22.63
N VAL I 177 -31.45 61.00 -22.45
CA VAL I 177 -30.80 61.03 -21.15
C VAL I 177 -31.03 62.29 -20.30
N LYS I 178 -31.15 62.07 -19.00
CA LYS I 178 -31.33 63.13 -18.00
C LYS I 178 -30.36 62.84 -16.86
N LEU I 179 -29.94 63.86 -16.10
CA LEU I 179 -29.04 63.62 -14.97
C LEU I 179 -29.53 64.28 -13.71
N SER I 180 -30.54 63.68 -13.08
CA SER I 180 -31.13 64.17 -11.84
C SER I 180 -30.10 64.44 -10.73
N THR I 181 -30.13 65.67 -10.18
CA THR I 181 -29.18 66.08 -9.14
C THR I 181 -29.75 66.17 -7.73
N ARG I 182 -28.88 66.04 -6.72
CA ARG I 182 -29.26 66.06 -5.32
C ARG I 182 -30.64 66.63 -5.06
N PRO I 183 -31.58 65.75 -4.66
CA PRO I 183 -32.97 66.10 -4.37
C PRO I 183 -33.10 66.84 -3.08
N GLU I 184 -34.32 67.19 -2.73
CA GLU I 184 -34.58 67.89 -1.48
C GLU I 184 -33.98 67.12 -0.29
N LYS I 185 -34.55 65.97 0.01
CA LYS I 185 -34.09 65.15 1.14
C LYS I 185 -33.10 64.07 0.76
N ARG I 186 -31.83 64.42 0.71
CA ARG I 186 -30.81 63.43 0.37
C ARG I 186 -30.20 62.91 1.66
N ILE I 187 -29.13 62.13 1.57
CA ILE I 187 -28.54 61.60 2.79
C ILE I 187 -27.01 61.67 2.89
N GLY I 188 -26.37 62.30 1.91
CA GLY I 188 -24.92 62.40 1.96
C GLY I 188 -24.45 63.84 2.08
N SER I 189 -23.18 64.04 2.45
CA SER I 189 -22.66 65.39 2.58
C SER I 189 -22.56 66.01 1.21
N ASP I 190 -22.78 67.31 1.11
CA ASP I 190 -22.71 67.97 -0.17
C ASP I 190 -21.42 67.54 -0.82
N GLU I 191 -20.34 67.63 -0.06
CA GLU I 191 -19.04 67.22 -0.55
C GLU I 191 -19.13 65.88 -1.28
N MET I 192 -19.92 64.96 -0.74
CA MET I 192 -20.09 63.66 -1.35
C MET I 192 -20.86 63.77 -2.65
N TRP I 193 -22.03 64.41 -2.60
CA TRP I 193 -22.88 64.60 -3.79
C TRP I 193 -22.13 65.30 -4.93
N ASP I 194 -21.29 66.26 -4.56
CA ASP I 194 -20.47 66.98 -5.51
C ASP I 194 -19.77 65.91 -6.34
N ARG I 195 -18.87 65.18 -5.72
CA ARG I 195 -18.15 64.12 -6.41
C ARG I 195 -19.11 63.21 -7.19
N ALA I 196 -20.08 62.65 -6.46
CA ALA I 196 -21.05 61.74 -7.06
C ALA I 196 -21.63 62.25 -8.35
N GLU I 197 -22.17 63.48 -8.30
CA GLU I 197 -22.77 64.11 -9.47
C GLU I 197 -21.72 64.29 -10.57
N ALA I 198 -20.60 64.92 -10.22
CA ALA I 198 -19.53 65.10 -11.18
C ALA I 198 -19.31 63.79 -11.90
N ASP I 199 -18.85 62.80 -11.15
CA ASP I 199 -18.57 61.46 -11.69
C ASP I 199 -19.56 61.02 -12.79
N LEU I 200 -20.84 61.02 -12.46
CA LEU I 200 -21.85 60.62 -13.41
C LEU I 200 -21.81 61.47 -14.67
N ALA I 201 -21.90 62.79 -14.51
CA ALA I 201 -21.83 63.72 -15.62
C ALA I 201 -20.60 63.38 -16.49
N VAL I 202 -19.41 63.40 -15.90
CA VAL I 202 -18.22 63.04 -16.64
C VAL I 202 -18.44 61.80 -17.48
N ALA I 203 -19.01 60.77 -16.87
CA ALA I 203 -19.30 59.53 -17.56
C ALA I 203 -20.07 59.84 -18.84
N LEU I 204 -21.26 60.45 -18.70
CA LEU I 204 -22.09 60.81 -19.87
C LEU I 204 -21.27 61.45 -20.99
N GLU I 205 -20.86 62.69 -20.75
CA GLU I 205 -20.09 63.42 -21.72
C GLU I 205 -18.83 62.73 -22.19
N GLU I 206 -18.35 61.78 -21.43
CA GLU I 206 -17.15 61.05 -21.82
C GLU I 206 -17.49 60.03 -22.91
N ASN I 207 -18.78 59.71 -23.02
CA ASN I 207 -19.29 58.77 -24.02
C ASN I 207 -20.14 59.55 -25.01
N ASN I 208 -20.14 60.87 -24.83
CA ASN I 208 -20.86 61.77 -25.70
C ASN I 208 -22.33 61.54 -25.69
N ILE I 209 -22.86 61.31 -24.50
CA ILE I 209 -24.30 61.13 -24.42
C ILE I 209 -24.84 62.52 -24.04
N PRO I 210 -25.75 63.04 -24.86
CA PRO I 210 -26.30 64.35 -24.59
C PRO I 210 -27.32 64.25 -23.48
N PHE I 211 -27.42 65.27 -22.63
CA PHE I 211 -28.39 65.21 -21.56
C PHE I 211 -28.76 66.54 -20.98
N GLU I 212 -29.63 66.50 -19.97
CA GLU I 212 -30.07 67.69 -19.28
C GLU I 212 -30.18 67.38 -17.81
N TYR I 213 -29.87 68.35 -16.97
CA TYR I 213 -29.97 68.13 -15.54
C TYR I 213 -31.41 68.12 -15.11
N GLN I 214 -31.77 67.10 -14.33
CA GLN I 214 -33.12 66.96 -13.83
C GLN I 214 -33.22 67.67 -12.47
N LEU I 215 -32.27 68.57 -12.22
CA LEU I 215 -32.17 69.37 -11.02
C LEU I 215 -33.23 69.10 -9.97
N GLY I 216 -32.79 68.71 -8.78
CA GLY I 216 -33.73 68.45 -7.71
C GLY I 216 -34.28 67.06 -7.72
N GLU I 217 -33.87 66.26 -8.71
CA GLU I 217 -34.32 64.87 -8.82
C GLU I 217 -33.20 63.97 -8.43
N GLY I 218 -33.45 62.67 -8.47
CA GLY I 218 -32.38 61.75 -8.11
C GLY I 218 -32.61 61.12 -6.76
N ALA I 219 -32.05 59.94 -6.62
CA ALA I 219 -32.19 59.15 -5.42
C ALA I 219 -31.95 59.96 -4.18
N PHE I 220 -32.73 59.71 -3.13
CA PHE I 220 -32.48 60.43 -1.89
C PHE I 220 -31.05 60.01 -1.45
N TYR I 221 -30.48 59.01 -2.11
CA TYR I 221 -29.15 58.53 -1.78
C TYR I 221 -28.05 58.73 -2.83
N GLY I 222 -28.31 59.58 -3.82
CA GLY I 222 -27.31 59.81 -4.86
C GLY I 222 -27.83 60.31 -6.21
N PRO I 223 -26.93 60.88 -7.04
CA PRO I 223 -27.27 61.39 -8.36
C PRO I 223 -27.82 60.25 -9.18
N LYS I 224 -28.55 60.59 -10.23
CA LYS I 224 -29.17 59.54 -11.04
C LYS I 224 -29.28 59.78 -12.54
N ILE I 225 -28.54 58.99 -13.34
CA ILE I 225 -28.62 59.07 -14.79
C ILE I 225 -29.93 58.38 -15.16
N GLU I 226 -30.79 59.07 -15.89
CA GLU I 226 -32.07 58.51 -16.27
C GLU I 226 -32.14 58.23 -17.78
N PHE I 227 -32.54 57.03 -18.16
CA PHE I 227 -32.72 56.72 -19.58
C PHE I 227 -34.23 56.69 -19.80
N THR I 228 -34.74 57.68 -20.53
CA THR I 228 -36.19 57.77 -20.78
C THR I 228 -36.58 57.32 -22.18
N LEU I 229 -37.61 56.48 -22.26
CA LEU I 229 -38.12 56.00 -23.54
C LEU I 229 -39.49 56.65 -23.65
N TYR I 230 -40.06 56.68 -24.86
CA TYR I 230 -41.38 57.32 -25.01
C TYR I 230 -42.42 56.39 -25.53
N ASP I 231 -43.68 56.72 -25.21
CA ASP I 231 -44.79 55.86 -25.59
C ASP I 231 -45.70 56.35 -26.71
N CYS I 232 -46.89 55.75 -26.77
CA CYS I 232 -47.95 56.06 -27.74
C CYS I 232 -48.11 57.57 -27.94
N LEU I 233 -48.35 58.29 -26.86
CA LEU I 233 -48.51 59.72 -26.96
C LEU I 233 -47.21 60.44 -26.69
N ASP I 234 -46.12 59.82 -27.11
CA ASP I 234 -44.81 60.39 -26.93
C ASP I 234 -44.67 61.03 -25.54
N ARG I 235 -45.08 60.29 -24.51
CA ARG I 235 -44.97 60.75 -23.13
C ARG I 235 -43.65 60.16 -22.65
N ALA I 236 -42.92 60.91 -21.83
CA ALA I 236 -41.62 60.43 -21.34
C ALA I 236 -41.84 59.44 -20.22
N TRP I 237 -41.02 58.39 -20.21
CA TRP I 237 -41.10 57.37 -19.17
C TRP I 237 -39.68 56.96 -18.83
N GLN I 238 -39.37 56.96 -17.54
CA GLN I 238 -38.04 56.59 -17.10
C GLN I 238 -37.94 55.06 -17.10
N CYS I 239 -36.99 54.52 -17.84
CA CYS I 239 -36.81 53.07 -17.91
C CYS I 239 -35.49 52.63 -17.34
N GLY I 240 -34.40 52.84 -18.06
CA GLY I 240 -33.13 52.45 -17.49
C GLY I 240 -32.72 53.50 -16.47
N THR I 241 -31.66 53.22 -15.71
CA THR I 241 -31.14 54.18 -14.73
C THR I 241 -29.88 53.70 -14.07
N VAL I 242 -28.94 54.63 -13.88
CA VAL I 242 -27.68 54.31 -13.22
C VAL I 242 -27.48 55.35 -12.14
N GLN I 243 -27.34 54.91 -10.89
CA GLN I 243 -27.21 55.81 -9.75
C GLN I 243 -25.90 55.59 -9.01
N LEU I 244 -25.26 56.68 -8.57
CA LEU I 244 -24.01 56.57 -7.82
C LEU I 244 -24.25 56.82 -6.32
N ASP I 245 -24.15 55.73 -5.52
CA ASP I 245 -24.41 55.76 -4.08
C ASP I 245 -23.17 55.86 -3.21
N PHE I 246 -23.16 56.86 -2.34
CA PHE I 246 -22.02 57.05 -1.44
C PHE I 246 -22.34 56.85 0.03
N SER I 247 -23.63 56.91 0.37
CA SER I 247 -24.09 56.71 1.74
C SER I 247 -24.35 55.24 2.07
N LEU I 248 -25.52 54.73 1.72
CA LEU I 248 -25.86 53.33 2.02
C LEU I 248 -24.74 52.33 2.33
N PRO I 249 -23.73 52.17 1.44
CA PRO I 249 -22.68 51.21 1.78
C PRO I 249 -22.10 51.35 3.22
N SER I 250 -22.07 52.60 3.70
CA SER I 250 -21.58 52.84 5.05
C SER I 250 -22.75 52.66 6.02
N ARG I 251 -23.90 53.30 5.72
CA ARG I 251 -25.05 53.18 6.58
C ARG I 251 -25.31 51.74 7.02
N LEU I 252 -25.14 50.75 6.14
CA LEU I 252 -25.38 49.39 6.56
C LEU I 252 -24.04 48.74 6.75
N SER I 253 -23.06 49.59 7.04
CA SER I 253 -21.68 49.20 7.29
C SER I 253 -21.17 47.98 6.55
N ALA I 254 -20.72 48.23 5.33
CA ALA I 254 -20.18 47.14 4.53
C ALA I 254 -18.73 47.54 4.37
N SER I 255 -17.86 46.60 4.01
CA SER I 255 -16.46 46.94 3.83
C SER I 255 -15.61 45.84 3.26
N TYR I 256 -14.46 46.23 2.73
CA TYR I 256 -13.53 45.26 2.15
C TYR I 256 -12.12 45.57 2.60
N VAL I 257 -11.23 44.65 2.29
CA VAL I 257 -9.84 44.79 2.68
C VAL I 257 -8.94 45.20 1.52
N GLY I 258 -8.20 46.30 1.66
CA GLY I 258 -7.27 46.70 0.61
C GLY I 258 -5.98 45.87 0.74
N GLU I 259 -4.96 46.11 -0.10
CA GLU I 259 -3.72 45.34 0.05
C GLU I 259 -3.10 45.84 1.34
N ASP I 260 -3.44 47.09 1.65
CA ASP I 260 -2.98 47.76 2.86
C ASP I 260 -3.67 47.10 4.04
N ASN I 261 -4.18 45.89 3.80
CA ASN I 261 -4.87 45.13 4.84
C ASN I 261 -5.75 46.06 5.68
N GLU I 262 -6.40 47.02 5.01
CA GLU I 262 -7.26 48.01 5.66
C GLU I 262 -8.72 48.03 5.28
N ARG I 263 -9.52 48.42 6.24
CA ARG I 263 -10.96 48.51 6.09
C ARG I 263 -11.31 49.67 5.19
N LYS I 264 -12.12 49.41 4.16
CA LYS I 264 -12.56 50.46 3.26
C LYS I 264 -14.04 50.19 2.92
N VAL I 265 -14.88 51.23 2.96
CA VAL I 265 -16.28 51.07 2.61
C VAL I 265 -16.35 51.06 1.09
N PRO I 266 -17.07 50.11 0.51
CA PRO I 266 -17.12 50.12 -0.93
C PRO I 266 -18.05 51.21 -1.46
N VAL I 267 -17.93 51.45 -2.78
CA VAL I 267 -18.77 52.42 -3.48
C VAL I 267 -19.86 51.55 -4.04
N MET I 268 -21.08 52.08 -4.10
CA MET I 268 -22.14 51.26 -4.63
C MET I 268 -22.93 51.90 -5.74
N ILE I 269 -23.00 51.18 -6.86
CA ILE I 269 -23.69 51.64 -8.05
C ILE I 269 -25.00 50.91 -8.23
N HIS I 270 -26.09 51.68 -8.26
CA HIS I 270 -27.44 51.13 -8.47
C HIS I 270 -27.66 51.19 -10.00
N ARG I 271 -28.44 50.27 -10.56
CA ARG I 271 -28.69 50.27 -12.01
C ARG I 271 -29.68 49.22 -12.49
N ALA I 272 -30.59 49.64 -13.33
CA ALA I 272 -31.60 48.77 -13.91
C ALA I 272 -31.62 49.07 -15.44
N ILE I 273 -31.35 48.06 -16.27
CA ILE I 273 -31.39 48.25 -17.73
C ILE I 273 -32.82 48.41 -18.24
N LEU I 274 -33.63 47.37 -18.22
CA LEU I 274 -34.99 47.53 -18.70
C LEU I 274 -35.74 48.48 -17.78
N GLY I 275 -35.31 48.57 -16.54
CA GLY I 275 -35.97 49.44 -15.58
C GLY I 275 -36.94 48.72 -14.67
N SER I 276 -38.10 48.34 -15.24
CA SER I 276 -39.13 47.62 -14.54
C SER I 276 -39.80 46.70 -15.55
N MET I 277 -39.87 45.41 -15.25
CA MET I 277 -40.50 44.42 -16.16
C MET I 277 -41.84 44.86 -16.74
N GLU I 278 -42.76 45.28 -15.88
CA GLU I 278 -44.07 45.71 -16.36
C GLU I 278 -44.02 46.99 -17.20
N ARG I 279 -43.27 47.98 -16.73
CA ARG I 279 -43.17 49.23 -17.46
C ARG I 279 -42.58 48.96 -18.84
N PHE I 280 -41.37 48.42 -18.88
CA PHE I 280 -40.73 48.11 -20.17
C PHE I 280 -41.62 47.27 -21.06
N ILE I 281 -42.38 46.34 -20.49
CA ILE I 281 -43.28 45.55 -21.33
C ILE I 281 -44.32 46.50 -21.92
N GLY I 282 -44.83 47.40 -21.10
CA GLY I 282 -45.81 48.36 -21.57
C GLY I 282 -45.31 49.11 -22.78
N ILE I 283 -44.06 49.57 -22.72
CA ILE I 283 -43.41 50.29 -23.82
C ILE I 283 -43.32 49.39 -25.04
N LEU I 284 -42.80 48.18 -24.89
CA LEU I 284 -42.73 47.27 -26.03
C LEU I 284 -44.10 47.19 -26.71
N THR I 285 -45.12 46.93 -25.91
CA THR I 285 -46.45 46.85 -26.46
C THR I 285 -46.70 48.13 -27.21
N GLU I 286 -46.56 49.26 -26.54
CA GLU I 286 -46.77 50.54 -27.19
C GLU I 286 -46.03 50.55 -28.54
N GLU I 287 -44.71 50.42 -28.52
CA GLU I 287 -43.97 50.42 -29.78
C GLU I 287 -44.58 49.45 -30.77
N PHE I 288 -44.05 48.23 -30.87
CA PHE I 288 -44.56 47.21 -31.78
C PHE I 288 -46.11 47.17 -31.91
N ALA I 289 -46.80 47.72 -30.92
CA ALA I 289 -48.27 47.75 -30.87
C ALA I 289 -48.88 46.37 -31.15
N GLY I 290 -48.53 45.42 -30.33
CA GLY I 290 -49.05 44.09 -30.51
C GLY I 290 -48.20 43.28 -31.47
N PHE I 291 -47.16 43.88 -32.02
CA PHE I 291 -46.39 43.11 -32.98
C PHE I 291 -45.06 42.70 -32.47
N PHE I 292 -45.09 42.03 -31.34
CA PHE I 292 -43.87 41.56 -30.69
C PHE I 292 -43.07 40.70 -31.64
N PRO I 293 -41.75 40.89 -31.67
CA PRO I 293 -40.90 40.07 -32.56
C PRO I 293 -41.12 38.59 -32.31
N THR I 294 -40.80 37.78 -33.30
CA THR I 294 -41.03 36.36 -33.14
C THR I 294 -40.65 35.82 -31.77
N TRP I 295 -39.39 36.06 -31.36
CA TRP I 295 -38.91 35.55 -30.07
C TRP I 295 -39.74 35.97 -28.85
N LEU I 296 -40.28 37.17 -28.91
CA LEU I 296 -41.06 37.68 -27.82
C LEU I 296 -42.58 37.46 -27.97
N ALA I 297 -42.98 36.73 -28.98
CA ALA I 297 -44.40 36.55 -29.21
C ALA I 297 -45.04 35.51 -28.34
N PRO I 298 -46.11 35.85 -27.60
CA PRO I 298 -46.80 34.91 -26.74
C PRO I 298 -47.00 33.63 -27.51
N VAL I 299 -47.57 33.75 -28.71
CA VAL I 299 -47.69 32.58 -29.60
C VAL I 299 -46.88 32.92 -30.83
N GLN I 300 -46.02 32.00 -31.23
CA GLN I 300 -45.17 32.26 -32.35
C GLN I 300 -45.75 31.73 -33.65
N VAL I 301 -46.39 30.57 -33.59
CA VAL I 301 -46.96 29.97 -34.78
C VAL I 301 -48.34 29.42 -34.53
N VAL I 302 -49.10 29.24 -35.61
CA VAL I 302 -50.45 28.68 -35.57
C VAL I 302 -50.56 27.77 -36.79
N ILE I 303 -50.97 26.53 -36.59
CA ILE I 303 -51.13 25.60 -37.69
C ILE I 303 -52.61 25.28 -37.75
N MET I 304 -53.20 25.43 -38.92
CA MET I 304 -54.61 25.17 -39.09
C MET I 304 -54.92 24.33 -40.35
N ASN I 305 -55.95 23.51 -40.23
CA ASN I 305 -56.42 22.62 -41.30
C ASN I 305 -57.55 23.33 -42.03
N ILE I 306 -57.74 23.02 -43.31
CA ILE I 306 -58.80 23.66 -44.08
C ILE I 306 -60.09 22.91 -43.89
N THR I 307 -59.98 21.59 -43.84
CA THR I 307 -61.14 20.74 -43.62
C THR I 307 -60.78 19.74 -42.54
N ASP I 308 -61.80 19.03 -42.05
CA ASP I 308 -61.63 18.03 -41.00
C ASP I 308 -60.74 16.86 -41.38
N SER I 309 -60.13 16.93 -42.56
CA SER I 309 -59.27 15.89 -43.07
C SER I 309 -57.86 16.01 -42.54
N GLN I 310 -57.14 16.98 -43.10
CA GLN I 310 -55.75 17.24 -42.72
C GLN I 310 -55.58 17.57 -41.22
N SER I 311 -56.67 17.51 -40.46
CA SER I 311 -56.63 17.82 -39.04
C SER I 311 -55.58 17.02 -38.27
N GLU I 312 -55.32 15.79 -38.69
CA GLU I 312 -54.32 14.96 -38.01
C GLU I 312 -52.92 15.38 -38.41
N TYR I 313 -52.76 15.71 -39.68
CA TYR I 313 -51.46 16.15 -40.20
C TYR I 313 -51.11 17.49 -39.55
N VAL I 314 -52.11 18.16 -38.98
CA VAL I 314 -51.87 19.44 -38.30
C VAL I 314 -51.31 19.15 -36.91
N ASN I 315 -51.96 18.25 -36.18
CA ASN I 315 -51.53 17.84 -34.85
C ASN I 315 -50.14 17.32 -35.03
N GLU I 316 -49.96 16.66 -36.15
CA GLU I 316 -48.69 16.09 -36.54
C GLU I 316 -47.58 17.14 -36.44
N LEU I 317 -47.75 18.19 -37.24
CA LEU I 317 -46.80 19.28 -37.29
C LEU I 317 -46.71 20.11 -36.05
N THR I 318 -47.86 20.52 -35.49
CA THR I 318 -47.83 21.34 -34.28
C THR I 318 -46.94 20.61 -33.27
N GLN I 319 -46.93 19.28 -33.36
CA GLN I 319 -46.12 18.49 -32.46
C GLN I 319 -44.65 18.71 -32.78
N LYS I 320 -44.23 18.23 -33.95
CA LYS I 320 -42.85 18.36 -34.41
C LYS I 320 -42.28 19.75 -34.08
N LEU I 321 -43.13 20.76 -34.18
CA LEU I 321 -42.76 22.15 -33.90
C LEU I 321 -42.65 22.45 -32.41
N SER I 322 -43.51 21.81 -31.63
CA SER I 322 -43.47 22.02 -30.19
C SER I 322 -42.16 21.44 -29.67
N ASN I 323 -41.72 20.32 -30.24
CA ASN I 323 -40.46 19.70 -29.82
C ASN I 323 -39.33 20.54 -30.35
N ALA I 324 -39.59 21.23 -31.45
CA ALA I 324 -38.60 22.10 -32.05
C ALA I 324 -38.39 23.21 -31.04
N GLY I 325 -39.31 23.34 -30.11
CA GLY I 325 -39.18 24.36 -29.11
C GLY I 325 -39.78 25.65 -29.60
N ILE I 326 -40.86 25.53 -30.36
CA ILE I 326 -41.53 26.72 -30.88
C ILE I 326 -42.91 26.86 -30.30
N ARG I 327 -43.20 28.03 -29.75
CA ARG I 327 -44.50 28.25 -29.16
C ARG I 327 -45.48 28.18 -30.31
N VAL I 328 -46.01 26.98 -30.55
CA VAL I 328 -46.98 26.76 -31.62
C VAL I 328 -48.29 26.20 -31.09
N LYS I 329 -49.35 26.39 -31.85
CA LYS I 329 -50.66 25.90 -31.45
C LYS I 329 -51.45 25.48 -32.69
N ALA I 330 -52.38 24.55 -32.55
CA ALA I 330 -53.17 24.09 -33.70
C ALA I 330 -54.63 24.56 -33.63
N ASP I 331 -55.10 25.20 -34.70
CA ASP I 331 -56.48 25.66 -34.73
C ASP I 331 -57.23 24.70 -35.63
N LEU I 332 -57.67 23.58 -35.06
CA LEU I 332 -58.38 22.60 -35.84
C LEU I 332 -59.86 22.93 -35.83
N ARG I 333 -60.25 23.89 -35.00
CA ARG I 333 -61.65 24.31 -34.89
C ARG I 333 -62.47 24.15 -36.17
N ASN I 334 -63.77 23.95 -35.99
CA ASN I 334 -64.65 23.81 -37.14
C ASN I 334 -65.00 25.22 -37.64
N GLU I 335 -64.10 25.76 -38.46
CA GLU I 335 -64.30 27.10 -38.98
C GLU I 335 -63.65 27.27 -40.34
N LYS I 336 -64.13 28.29 -41.05
CA LYS I 336 -63.60 28.60 -42.36
C LYS I 336 -62.17 29.06 -42.16
N ILE I 337 -61.24 28.49 -42.92
CA ILE I 337 -59.85 28.87 -42.83
C ILE I 337 -59.71 30.40 -42.87
N GLY I 338 -60.52 31.05 -43.69
CA GLY I 338 -60.47 32.50 -43.77
C GLY I 338 -60.68 33.11 -42.41
N PHE I 339 -61.61 32.54 -41.63
CA PHE I 339 -61.89 33.03 -40.28
C PHE I 339 -60.63 32.91 -39.43
N LYS I 340 -60.12 31.70 -39.37
CA LYS I 340 -58.92 31.41 -38.62
C LYS I 340 -57.87 32.46 -38.93
N ILE I 341 -57.49 32.57 -40.19
CA ILE I 341 -56.47 33.54 -40.57
C ILE I 341 -56.81 34.90 -40.04
N ARG I 342 -58.09 35.20 -39.98
CA ARG I 342 -58.51 36.49 -39.50
C ARG I 342 -58.12 36.63 -38.05
N GLU I 343 -58.91 35.96 -37.22
CA GLU I 343 -58.73 35.96 -35.77
C GLU I 343 -57.27 36.03 -35.31
N HIS I 344 -56.46 35.08 -35.78
CA HIS I 344 -55.07 35.04 -35.43
C HIS I 344 -54.24 36.22 -35.91
N THR I 345 -54.62 36.81 -37.03
CA THR I 345 -53.87 37.96 -37.53
C THR I 345 -54.10 39.15 -36.60
N LEU I 346 -55.33 39.40 -36.18
CA LEU I 346 -55.50 40.52 -35.27
C LEU I 346 -55.05 40.10 -33.90
N ARG I 347 -54.60 38.85 -33.80
CA ARG I 347 -54.09 38.28 -32.57
C ARG I 347 -52.58 38.50 -32.60
N ARG I 348 -52.06 38.71 -33.80
CA ARG I 348 -50.66 39.03 -34.07
C ARG I 348 -49.67 37.88 -34.18
N VAL I 349 -50.17 36.66 -34.33
CA VAL I 349 -49.26 35.53 -34.46
C VAL I 349 -48.23 35.70 -35.57
N PRO I 350 -46.96 35.85 -35.23
CA PRO I 350 -45.92 36.01 -36.25
C PRO I 350 -46.04 35.09 -37.49
N TYR I 351 -46.61 33.92 -37.32
CA TYR I 351 -46.71 33.00 -38.44
C TYR I 351 -47.93 32.14 -38.39
N MET I 352 -48.53 31.91 -39.57
CA MET I 352 -49.70 31.07 -39.71
C MET I 352 -49.39 30.00 -40.76
N LEU I 353 -49.73 28.76 -40.45
CA LEU I 353 -49.50 27.65 -41.35
C LEU I 353 -50.80 26.99 -41.77
N VAL I 354 -51.06 27.01 -43.07
CA VAL I 354 -52.25 26.42 -43.64
C VAL I 354 -51.89 25.03 -44.11
N CYS I 355 -52.72 24.07 -43.71
CA CYS I 355 -52.51 22.71 -44.11
C CYS I 355 -53.79 22.19 -44.77
N GLY I 356 -53.75 22.11 -46.10
CA GLY I 356 -54.89 21.61 -46.84
C GLY I 356 -54.49 20.27 -47.42
N ASP I 357 -55.41 19.64 -48.13
CA ASP I 357 -55.10 18.35 -48.71
C ASP I 357 -53.79 18.48 -49.48
N LYS I 358 -53.66 19.53 -50.26
CA LYS I 358 -52.45 19.76 -51.05
C LYS I 358 -51.15 19.53 -50.27
N GLU I 359 -51.00 20.25 -49.15
CA GLU I 359 -49.81 20.16 -48.32
C GLU I 359 -49.60 18.80 -47.63
N VAL I 360 -50.69 18.08 -47.38
CA VAL I 360 -50.60 16.78 -46.71
C VAL I 360 -49.75 15.79 -47.50
N GLU I 361 -49.92 15.78 -48.82
CA GLU I 361 -49.17 14.89 -49.68
C GLU I 361 -48.05 15.73 -50.27
N SER I 362 -47.33 16.39 -49.38
CA SER I 362 -46.22 17.24 -49.78
C SER I 362 -45.26 17.38 -48.62
N GLY I 363 -45.80 17.24 -47.41
CA GLY I 363 -44.98 17.41 -46.22
C GLY I 363 -44.65 18.89 -46.13
N LYS I 364 -45.22 19.65 -47.06
CA LYS I 364 -44.99 21.08 -47.11
C LYS I 364 -46.05 21.77 -46.27
N VAL I 365 -45.83 23.04 -46.00
CA VAL I 365 -46.76 23.82 -45.20
C VAL I 365 -46.97 25.18 -45.86
N ALA I 366 -48.24 25.58 -46.01
CA ALA I 366 -48.53 26.87 -46.59
C ALA I 366 -48.22 27.92 -45.58
N VAL I 367 -47.08 28.58 -45.76
CA VAL I 367 -46.61 29.62 -44.83
C VAL I 367 -47.14 31.01 -45.15
N ARG I 368 -47.36 31.83 -44.12
CA ARG I 368 -47.84 33.18 -44.35
C ARG I 368 -47.66 34.09 -43.13
N THR I 369 -46.86 35.14 -43.27
CA THR I 369 -46.63 36.09 -42.18
C THR I 369 -47.93 36.74 -41.72
N ARG I 370 -47.90 37.32 -40.53
CA ARG I 370 -49.11 37.95 -40.00
C ARG I 370 -49.43 39.18 -40.83
N ARG I 371 -48.35 39.79 -41.33
CA ARG I 371 -48.43 40.99 -42.14
C ARG I 371 -49.22 40.64 -43.38
N GLY I 372 -49.38 39.36 -43.64
CA GLY I 372 -50.14 38.91 -44.80
C GLY I 372 -49.30 38.26 -45.90
N LYS I 373 -48.06 38.71 -46.08
CA LYS I 373 -47.20 38.17 -47.13
C LYS I 373 -47.18 36.64 -47.20
N ASP I 374 -47.95 36.09 -48.12
CA ASP I 374 -47.98 34.67 -48.29
C ASP I 374 -46.58 34.24 -48.67
N LEU I 375 -45.92 33.48 -47.80
CA LEU I 375 -44.56 33.02 -48.06
C LEU I 375 -44.53 31.74 -48.91
N GLY I 376 -45.72 31.32 -49.35
CA GLY I 376 -45.82 30.11 -50.17
C GLY I 376 -45.41 28.86 -49.44
N SER I 377 -46.10 27.75 -49.69
CA SER I 377 -45.80 26.49 -49.01
C SER I 377 -44.31 26.17 -49.06
N MET I 378 -43.81 25.56 -47.98
CA MET I 378 -42.41 25.22 -47.91
C MET I 378 -42.15 24.06 -46.98
N ASP I 379 -40.96 23.46 -47.16
CA ASP I 379 -40.49 22.33 -46.39
C ASP I 379 -40.65 22.54 -44.89
N VAL I 380 -41.08 21.50 -44.16
CA VAL I 380 -41.29 21.60 -42.72
C VAL I 380 -40.01 21.99 -41.97
N ASN I 381 -39.06 21.08 -41.91
CA ASN I 381 -37.82 21.37 -41.22
C ASN I 381 -37.37 22.77 -41.57
N GLU I 382 -37.48 23.09 -42.85
CA GLU I 382 -37.10 24.38 -43.39
C GLU I 382 -37.71 25.52 -42.59
N VAL I 383 -39.00 25.48 -42.38
CA VAL I 383 -39.67 26.53 -41.62
C VAL I 383 -39.11 26.52 -40.20
N ILE I 384 -38.96 25.33 -39.62
CA ILE I 384 -38.43 25.19 -38.28
C ILE I 384 -37.06 25.85 -38.22
N GLU I 385 -36.06 25.22 -38.85
CA GLU I 385 -34.69 25.75 -38.87
C GLU I 385 -34.66 27.24 -39.03
N LYS I 386 -35.55 27.76 -39.84
CA LYS I 386 -35.63 29.18 -40.06
C LYS I 386 -36.25 29.96 -38.90
N LEU I 387 -37.31 29.41 -38.33
CA LEU I 387 -37.97 30.05 -37.20
C LEU I 387 -37.00 30.13 -36.03
N GLN I 388 -36.39 28.97 -35.75
CA GLN I 388 -35.41 28.86 -34.67
C GLN I 388 -34.38 29.95 -34.85
N GLN I 389 -33.89 30.05 -36.07
CA GLN I 389 -32.92 31.05 -36.45
C GLN I 389 -33.43 32.44 -36.04
N GLU I 390 -34.66 32.72 -36.41
CA GLU I 390 -35.25 34.01 -36.09
C GLU I 390 -35.46 34.25 -34.58
N ILE I 391 -35.78 33.16 -33.86
CA ILE I 391 -36.01 33.23 -32.42
C ILE I 391 -34.66 33.29 -31.73
N ARG I 392 -33.80 32.33 -32.05
CA ARG I 392 -32.46 32.27 -31.47
C ARG I 392 -31.74 33.60 -31.52
N SER I 393 -31.96 34.35 -32.59
CA SER I 393 -31.31 35.66 -32.76
C SER I 393 -32.19 36.83 -32.33
N ARG I 394 -33.33 36.51 -31.73
CA ARG I 394 -34.26 37.55 -31.30
C ARG I 394 -34.31 38.69 -32.32
N SER I 395 -34.35 38.30 -33.60
CA SER I 395 -34.44 39.26 -34.70
C SER I 395 -35.85 39.87 -34.77
N LEU I 396 -35.91 41.15 -35.12
CA LEU I 396 -37.18 41.84 -35.18
C LEU I 396 -37.92 41.55 -36.47
N LYS I 397 -37.18 41.41 -37.56
CA LYS I 397 -37.81 41.13 -38.84
C LYS I 397 -38.06 39.64 -39.04
N GLN I 398 -39.23 39.32 -39.58
CA GLN I 398 -39.62 37.95 -39.83
C GLN I 398 -38.98 37.43 -41.12
N LEU I 399 -39.24 36.17 -41.46
CA LEU I 399 -38.70 35.56 -42.66
C LEU I 399 -39.13 36.30 -43.93
N GLU I 400 -38.16 36.60 -44.78
CA GLU I 400 -38.42 37.28 -46.06
C GLU I 400 -38.77 38.76 -45.97
N GLU I 401 -38.44 39.42 -44.86
CA GLU I 401 -38.72 40.85 -44.72
C GLU I 401 -37.51 41.65 -44.23
N ARG J 1 -25.57 15.50 6.20
CA ARG J 1 -25.67 16.40 7.37
C ARG J 1 -26.90 17.31 7.31
N ASP J 2 -27.01 18.26 8.23
CA ASP J 2 -28.14 19.20 8.29
C ASP J 2 -28.03 20.25 7.20
N HIS J 3 -29.11 20.43 6.44
CA HIS J 3 -29.07 21.43 5.39
C HIS J 3 -28.58 22.78 5.92
N ARG J 4 -29.18 23.27 7.00
CA ARG J 4 -28.75 24.53 7.57
C ARG J 4 -27.24 24.68 7.63
N LYS J 5 -26.53 23.57 7.82
CA LYS J 5 -25.09 23.65 7.88
C LYS J 5 -24.55 23.67 6.48
N ILE J 6 -24.87 22.63 5.71
CA ILE J 6 -24.42 22.52 4.33
C ILE J 6 -24.71 23.82 3.59
N GLY J 7 -25.78 24.48 3.97
CA GLY J 7 -26.16 25.75 3.37
C GLY J 7 -25.09 26.76 3.66
N LYS J 8 -24.85 27.03 4.93
CA LYS J 8 -23.83 27.98 5.31
C LYS J 8 -22.54 27.55 4.67
N GLN J 9 -22.39 26.23 4.58
CA GLN J 9 -21.21 25.62 4.02
C GLN J 9 -20.93 25.98 2.58
N LEU J 10 -21.90 25.69 1.71
CA LEU J 10 -21.78 25.94 0.28
C LEU J 10 -22.31 27.30 -0.16
N ASP J 11 -22.42 28.19 0.79
CA ASP J 11 -22.90 29.51 0.53
C ASP J 11 -24.25 29.52 -0.21
N LEU J 12 -25.07 28.51 0.03
CA LEU J 12 -26.37 28.45 -0.61
C LEU J 12 -27.29 29.53 -0.13
N TYR J 13 -27.00 30.13 1.01
CA TYR J 13 -27.88 31.20 1.49
C TYR J 13 -27.55 31.58 2.93
N HIS J 14 -28.39 32.43 3.51
CA HIS J 14 -28.20 32.89 4.88
C HIS J 14 -29.50 33.52 5.34
N MET J 15 -29.64 33.75 6.64
CA MET J 15 -30.83 34.41 7.20
C MET J 15 -30.45 35.38 8.30
N GLN J 16 -31.25 36.40 8.51
CA GLN J 16 -30.93 37.39 9.51
C GLN J 16 -32.11 37.53 10.40
N GLU J 17 -31.89 38.07 11.58
CA GLU J 17 -32.96 38.20 12.54
C GLU J 17 -33.96 39.28 12.19
N GLU J 18 -33.50 40.36 11.56
CA GLU J 18 -34.44 41.45 11.24
C GLU J 18 -35.42 41.00 10.16
N ALA J 19 -35.19 39.78 9.63
CA ALA J 19 -36.04 39.18 8.60
C ALA J 19 -36.18 37.72 8.98
N PRO J 20 -37.01 37.45 10.01
CA PRO J 20 -37.34 36.14 10.58
C PRO J 20 -38.14 35.24 9.69
N GLY J 21 -37.56 34.09 9.36
CA GLY J 21 -38.24 33.15 8.46
C GLY J 21 -38.30 33.56 7.00
N MET J 22 -37.41 34.49 6.64
CA MET J 22 -37.28 35.03 5.28
C MET J 22 -35.88 34.65 4.80
N VAL J 23 -35.81 33.95 3.67
CA VAL J 23 -34.52 33.54 3.14
C VAL J 23 -33.80 34.65 2.32
N PHE J 24 -32.47 34.66 2.43
CA PHE J 24 -31.63 35.60 1.70
C PHE J 24 -30.88 34.69 0.76
N TRP J 25 -31.55 34.26 -0.31
CA TRP J 25 -30.95 33.37 -1.31
C TRP J 25 -29.71 33.92 -1.95
N HIS J 26 -28.59 33.26 -1.64
CA HIS J 26 -27.30 33.63 -2.16
C HIS J 26 -27.24 33.09 -3.53
N ASN J 27 -26.25 33.57 -4.27
CA ASN J 27 -26.12 33.15 -5.64
C ASN J 27 -26.21 31.68 -5.89
N ASP J 28 -25.38 30.93 -5.20
CA ASP J 28 -25.43 29.49 -5.53
C ASP J 28 -26.73 28.75 -5.15
N GLY J 29 -27.40 29.20 -4.11
CA GLY J 29 -28.63 28.53 -3.67
C GLY J 29 -29.60 28.91 -4.74
N TRP J 30 -29.62 30.18 -5.11
CA TRP J 30 -30.54 30.64 -6.13
C TRP J 30 -30.48 29.75 -7.33
N THR J 31 -29.26 29.47 -7.79
CA THR J 31 -29.06 28.61 -8.94
C THR J 31 -29.86 27.34 -8.80
N ILE J 32 -29.80 26.71 -7.64
CA ILE J 32 -30.52 25.47 -7.36
C ILE J 32 -32.01 25.73 -7.44
N PHE J 33 -32.45 26.78 -6.75
CA PHE J 33 -33.83 27.20 -6.73
C PHE J 33 -34.28 27.33 -8.17
N ARG J 34 -33.58 28.20 -8.89
CA ARG J 34 -33.88 28.49 -10.29
C ARG J 34 -33.91 27.20 -11.16
N GLU J 35 -32.84 26.42 -11.10
CA GLU J 35 -32.74 25.21 -11.88
C GLU J 35 -33.89 24.26 -11.62
N LEU J 36 -34.53 24.43 -10.47
CA LEU J 36 -35.67 23.58 -10.10
C LEU J 36 -36.88 24.04 -10.88
N GLU J 37 -37.01 25.35 -11.00
CA GLU J 37 -38.12 25.93 -11.75
C GLU J 37 -38.09 25.37 -13.16
N VAL J 38 -36.97 25.55 -13.83
CA VAL J 38 -36.82 25.06 -15.19
C VAL J 38 -37.24 23.63 -15.28
N PHE J 39 -36.97 22.87 -14.23
CA PHE J 39 -37.34 21.45 -14.16
C PHE J 39 -38.89 21.31 -14.10
N VAL J 40 -39.50 22.02 -13.16
CA VAL J 40 -40.93 22.01 -13.00
C VAL J 40 -41.57 22.40 -14.31
N ARG J 41 -41.16 23.55 -14.86
CA ARG J 41 -41.68 24.05 -16.15
C ARG J 41 -41.74 22.84 -17.11
N SER J 42 -40.56 22.27 -17.35
CA SER J 42 -40.40 21.10 -18.16
C SER J 42 -41.44 20.03 -17.95
N LYS J 43 -41.55 19.52 -16.74
CA LYS J 43 -42.54 18.45 -16.46
C LYS J 43 -43.97 18.91 -16.75
N LEU J 44 -44.27 20.17 -16.46
CA LEU J 44 -45.59 20.70 -16.68
C LEU J 44 -45.98 20.89 -18.13
N LYS J 45 -44.99 21.14 -18.99
CA LYS J 45 -45.23 21.33 -20.42
C LYS J 45 -46.05 20.20 -20.99
N GLU J 46 -45.59 18.97 -20.77
CA GLU J 46 -46.33 17.81 -21.24
C GLU J 46 -47.84 17.97 -20.97
N TYR J 47 -48.19 18.07 -19.69
CA TYR J 47 -49.57 18.19 -19.26
C TYR J 47 -50.23 19.50 -19.61
N GLN J 48 -49.47 20.36 -20.28
CA GLN J 48 -49.99 21.65 -20.68
C GLN J 48 -50.63 22.45 -19.56
N TYR J 49 -49.78 23.14 -18.83
CA TYR J 49 -50.24 23.95 -17.74
C TYR J 49 -50.01 25.37 -18.20
N GLN J 50 -50.80 26.30 -17.69
CA GLN J 50 -50.62 27.70 -18.02
C GLN J 50 -49.77 28.25 -16.88
N GLU J 51 -48.77 29.08 -17.15
CA GLU J 51 -47.99 29.69 -16.05
C GLU J 51 -48.37 31.14 -15.96
N VAL J 52 -49.10 31.50 -14.92
CA VAL J 52 -49.52 32.87 -14.71
C VAL J 52 -48.63 33.54 -13.64
N LYS J 53 -49.19 34.51 -12.92
CA LYS J 53 -48.49 35.19 -11.83
C LYS J 53 -49.41 36.18 -11.21
N GLY J 54 -49.82 35.95 -9.98
CA GLY J 54 -50.74 36.89 -9.34
C GLY J 54 -50.20 37.94 -8.37
N PRO J 55 -51.06 38.91 -8.03
CA PRO J 55 -50.76 40.01 -7.13
C PRO J 55 -50.20 39.52 -5.83
N PHE J 56 -49.24 40.29 -5.37
CA PHE J 56 -48.47 40.08 -4.17
C PHE J 56 -49.36 40.37 -2.98
N MET J 57 -50.57 40.83 -3.26
CA MET J 57 -51.55 41.16 -2.24
C MET J 57 -52.84 41.72 -2.87
N MET J 58 -53.99 41.37 -2.29
CA MET J 58 -55.27 41.83 -2.77
C MET J 58 -56.06 42.40 -1.61
N ASP J 59 -57.28 42.83 -1.89
CA ASP J 59 -58.10 43.43 -0.86
C ASP J 59 -58.65 42.48 0.18
N ARG J 60 -58.48 42.85 1.44
CA ARG J 60 -58.96 42.06 2.58
C ARG J 60 -60.37 41.55 2.30
N VAL J 61 -61.18 42.41 1.73
CA VAL J 61 -62.54 42.08 1.41
C VAL J 61 -62.61 40.77 0.65
N LEU J 62 -61.68 40.59 -0.28
CA LEU J 62 -61.65 39.37 -1.06
C LEU J 62 -61.53 38.16 -0.16
N TRP J 63 -60.48 38.13 0.65
CA TRP J 63 -60.27 37.00 1.52
C TRP J 63 -61.43 36.77 2.47
N GLU J 64 -62.15 37.82 2.82
CA GLU J 64 -63.27 37.62 3.71
C GLU J 64 -64.19 36.63 3.00
N LYS J 65 -64.39 36.87 1.71
CA LYS J 65 -65.24 36.00 0.93
C LYS J 65 -64.75 34.57 0.82
N THR J 66 -63.52 34.38 0.38
CA THR J 66 -62.99 33.03 0.23
C THR J 66 -63.15 32.23 1.51
N GLY J 67 -62.82 32.87 2.63
CA GLY J 67 -62.92 32.20 3.92
C GLY J 67 -61.65 32.41 4.71
N HIS J 68 -60.56 32.66 4.02
CA HIS J 68 -59.26 32.88 4.66
C HIS J 68 -59.37 33.78 5.88
N TRP J 69 -60.13 34.85 5.73
CA TRP J 69 -60.27 35.78 6.83
C TRP J 69 -60.90 35.21 8.06
N ASP J 70 -61.82 34.27 7.88
CA ASP J 70 -62.52 33.69 9.02
C ASP J 70 -61.94 32.42 9.58
N ASN J 71 -60.87 31.95 8.97
CA ASN J 71 -60.21 30.75 9.46
C ASN J 71 -58.83 30.62 8.89
N TYR J 72 -58.02 31.66 9.11
CA TYR J 72 -56.64 31.69 8.63
C TYR J 72 -56.09 33.07 8.89
N LYS J 73 -56.99 33.99 9.23
CA LYS J 73 -56.57 35.35 9.46
C LYS J 73 -55.39 35.49 10.40
N ASP J 74 -55.19 34.49 11.23
CA ASP J 74 -54.10 34.48 12.19
C ASP J 74 -52.74 34.29 11.52
N ALA J 75 -52.71 33.58 10.40
CA ALA J 75 -51.45 33.32 9.72
C ALA J 75 -51.24 34.28 8.58
N MET J 76 -52.19 35.19 8.42
CA MET J 76 -52.16 36.17 7.36
C MET J 76 -51.47 37.48 7.70
N PHE J 77 -50.66 37.98 6.78
CA PHE J 77 -49.99 39.26 6.98
C PHE J 77 -50.83 40.36 6.37
N THR J 78 -50.74 41.58 6.87
CA THR J 78 -51.57 42.64 6.30
C THR J 78 -50.99 44.06 6.27
N THR J 79 -51.31 44.80 5.19
CA THR J 79 -50.90 46.19 5.00
C THR J 79 -52.09 46.91 4.48
N SER J 80 -51.88 48.17 4.11
CA SER J 80 -52.97 48.98 3.59
C SER J 80 -52.51 50.36 3.16
N SER J 81 -53.27 50.93 2.21
CA SER J 81 -53.03 52.27 1.69
C SER J 81 -54.24 53.11 2.08
N GLU J 82 -54.23 54.40 1.75
CA GLU J 82 -55.37 55.26 2.08
C GLU J 82 -56.60 54.51 1.64
N ASN J 83 -56.49 53.97 0.43
CA ASN J 83 -57.52 53.17 -0.22
C ASN J 83 -58.15 52.16 0.80
N ARG J 84 -57.83 50.87 0.64
CA ARG J 84 -58.37 49.81 1.49
C ARG J 84 -57.30 49.20 2.37
N GLU J 85 -57.50 47.92 2.67
CA GLU J 85 -56.56 47.16 3.48
C GLU J 85 -56.38 45.82 2.81
N TYR J 86 -55.14 45.41 2.59
CA TYR J 86 -54.89 44.18 1.89
C TYR J 86 -54.18 43.17 2.74
N CYS J 87 -54.25 41.92 2.32
CA CYS J 87 -53.57 40.83 3.00
C CYS J 87 -52.48 40.37 2.07
N ILE J 88 -51.31 40.03 2.59
CA ILE J 88 -50.27 39.54 1.70
C ILE J 88 -50.68 38.11 1.40
N LYS J 89 -50.63 37.72 0.14
CA LYS J 89 -51.07 36.39 -0.15
C LYS J 89 -50.40 35.21 0.57
N PRO J 90 -51.22 34.33 1.17
CA PRO J 90 -50.84 33.12 1.90
C PRO J 90 -50.78 32.00 0.85
N MET J 91 -51.79 31.99 -0.03
CA MET J 91 -51.91 31.01 -1.14
C MET J 91 -52.20 31.81 -2.44
N ASN J 92 -52.22 31.12 -3.57
CA ASN J 92 -52.45 31.82 -4.81
C ASN J 92 -53.79 31.38 -5.41
N CYS J 93 -54.51 30.57 -4.64
CA CYS J 93 -55.79 30.05 -5.07
C CYS J 93 -56.67 31.22 -5.47
N PRO J 94 -57.01 32.10 -4.53
CA PRO J 94 -57.88 33.23 -4.86
C PRO J 94 -57.45 33.89 -6.15
N GLY J 95 -56.19 34.27 -6.19
CA GLY J 95 -55.68 34.93 -7.37
C GLY J 95 -56.04 34.21 -8.65
N HIS J 96 -55.61 32.96 -8.77
CA HIS J 96 -55.88 32.20 -9.95
C HIS J 96 -57.34 32.26 -10.39
N VAL J 97 -58.25 32.23 -9.43
CA VAL J 97 -59.67 32.31 -9.73
C VAL J 97 -60.01 33.63 -10.42
N GLN J 98 -59.41 34.72 -9.98
CA GLN J 98 -59.62 36.03 -10.59
C GLN J 98 -59.24 35.98 -12.06
N ILE J 99 -58.05 35.48 -12.33
CA ILE J 99 -57.58 35.32 -13.69
C ILE J 99 -58.51 34.39 -14.45
N PHE J 100 -59.11 33.43 -13.77
CA PHE J 100 -60.02 32.50 -14.44
C PHE J 100 -61.33 33.18 -14.81
N ASN J 101 -61.77 34.11 -13.97
CA ASN J 101 -63.00 34.83 -14.21
C ASN J 101 -63.00 35.83 -15.38
N GLN J 102 -61.84 36.16 -15.92
CA GLN J 102 -61.81 37.06 -17.05
C GLN J 102 -62.45 36.34 -18.23
N GLY J 103 -63.60 36.86 -18.69
CA GLY J 103 -64.26 36.28 -19.85
C GLY J 103 -65.22 35.14 -19.54
N LEU J 104 -65.90 34.65 -20.58
CA LEU J 104 -66.84 33.55 -20.41
C LEU J 104 -66.17 32.25 -20.78
N LYS J 105 -66.09 31.35 -19.80
CA LYS J 105 -65.46 30.06 -20.02
C LYS J 105 -66.51 29.01 -20.28
N SER J 106 -66.29 28.19 -21.31
CA SER J 106 -67.22 27.12 -21.60
C SER J 106 -66.61 25.86 -21.04
N TYR J 107 -67.40 24.79 -21.04
CA TYR J 107 -66.90 23.52 -20.56
C TYR J 107 -65.66 23.17 -21.38
N ARG J 108 -65.65 23.57 -22.64
CA ARG J 108 -64.55 23.21 -23.52
C ARG J 108 -63.24 23.83 -23.16
N ASP J 109 -63.26 24.79 -22.24
CA ASP J 109 -62.03 25.42 -21.78
C ASP J 109 -61.44 24.52 -20.65
N LEU J 110 -62.20 23.49 -20.27
CA LEU J 110 -61.84 22.53 -19.22
C LEU J 110 -61.33 21.19 -19.75
N PRO J 111 -60.43 20.56 -19.01
CA PRO J 111 -59.87 21.02 -17.73
C PRO J 111 -58.91 22.18 -17.91
N LEU J 112 -59.00 23.14 -17.00
CA LEU J 112 -58.14 24.32 -17.05
C LEU J 112 -57.00 24.22 -16.06
N ARG J 113 -55.80 23.96 -16.57
CA ARG J 113 -54.63 23.82 -15.72
C ARG J 113 -53.77 25.07 -15.56
N MET J 114 -54.05 25.83 -14.51
CA MET J 114 -53.30 27.06 -14.26
C MET J 114 -52.26 26.98 -13.14
N ALA J 115 -50.99 26.96 -13.51
CA ALA J 115 -49.89 26.87 -12.57
C ALA J 115 -49.20 28.22 -12.35
N GLU J 116 -48.36 28.32 -11.32
CA GLU J 116 -47.64 29.57 -10.99
C GLU J 116 -46.62 29.27 -9.92
N PHE J 117 -45.45 29.91 -10.01
CA PHE J 117 -44.45 29.71 -8.97
C PHE J 117 -44.80 30.85 -8.03
N GLY J 118 -45.93 30.66 -7.35
CA GLY J 118 -46.49 31.64 -6.41
C GLY J 118 -45.83 31.85 -5.07
N SER J 119 -45.30 33.06 -4.89
CA SER J 119 -44.61 33.44 -3.68
C SER J 119 -45.61 33.74 -2.56
N CYS J 120 -45.61 32.89 -1.52
CA CYS J 120 -46.54 33.05 -0.40
C CYS J 120 -45.88 33.56 0.86
N HIS J 121 -46.74 33.99 1.78
CA HIS J 121 -46.31 34.50 3.08
C HIS J 121 -47.27 34.15 4.19
N ARG J 122 -46.71 33.60 5.26
CA ARG J 122 -47.52 33.19 6.38
C ARG J 122 -46.82 33.53 7.68
N ASN J 123 -47.60 34.05 8.64
CA ASN J 123 -47.08 34.39 9.96
C ASN J 123 -47.00 33.10 10.77
N GLU J 124 -46.00 32.29 10.47
CA GLU J 124 -45.78 31.04 11.16
C GLU J 124 -45.23 31.44 12.53
N PRO J 125 -45.73 30.79 13.59
CA PRO J 125 -45.31 31.05 14.97
C PRO J 125 -43.79 30.95 15.14
N SER J 126 -43.21 32.00 15.71
CA SER J 126 -41.79 32.10 15.93
C SER J 126 -41.18 30.75 16.23
N GLY J 127 -41.82 30.03 17.12
CA GLY J 127 -41.29 28.73 17.49
C GLY J 127 -41.22 27.70 16.38
N SER J 128 -42.26 27.62 15.56
CA SER J 128 -42.32 26.61 14.52
C SER J 128 -41.35 26.73 13.36
N LEU J 129 -40.61 27.84 13.29
CA LEU J 129 -39.67 28.03 12.17
C LEU J 129 -38.52 27.03 12.18
N HIS J 130 -37.93 26.78 11.03
CA HIS J 130 -36.83 25.82 10.93
C HIS J 130 -36.21 25.87 9.54
N GLY J 131 -34.93 26.23 9.47
CA GLY J 131 -34.20 26.30 8.22
C GLY J 131 -35.05 26.69 7.02
N LEU J 132 -34.83 25.94 5.95
CA LEU J 132 -35.61 26.18 4.73
C LEU J 132 -36.93 25.41 4.80
N MET J 133 -37.05 24.49 5.76
CA MET J 133 -38.23 23.66 5.89
C MET J 133 -39.49 24.39 6.34
N ARG J 134 -39.38 25.30 7.31
CA ARG J 134 -40.59 25.98 7.74
C ARG J 134 -40.22 27.43 7.88
N VAL J 135 -40.61 28.22 6.87
CA VAL J 135 -40.30 29.65 6.80
C VAL J 135 -41.52 30.51 6.71
N ARG J 136 -41.36 31.79 6.98
CA ARG J 136 -42.49 32.72 6.93
C ARG J 136 -42.76 33.15 5.48
N GLY J 137 -41.73 33.13 4.64
CA GLY J 137 -41.86 33.51 3.25
C GLY J 137 -41.26 32.50 2.27
N PHE J 138 -42.13 31.77 1.58
CA PHE J 138 -41.71 30.76 0.61
C PHE J 138 -42.38 30.89 -0.79
N THR J 139 -42.06 29.91 -1.65
CA THR J 139 -42.54 29.89 -3.03
C THR J 139 -43.14 28.56 -3.47
N GLN J 140 -44.47 28.43 -3.38
CA GLN J 140 -45.15 27.20 -3.79
C GLN J 140 -45.01 27.00 -5.27
N ASP J 141 -45.03 25.75 -5.71
CA ASP J 141 -44.94 25.45 -7.13
C ASP J 141 -46.34 24.99 -7.55
N ASP J 142 -47.36 25.49 -6.87
CA ASP J 142 -48.66 24.99 -7.18
C ASP J 142 -49.28 25.46 -8.44
N ALA J 143 -50.53 25.04 -8.55
CA ALA J 143 -51.39 25.30 -9.68
C ALA J 143 -52.79 24.99 -9.15
N HIS J 144 -53.79 25.37 -9.91
CA HIS J 144 -55.15 25.03 -9.56
C HIS J 144 -55.80 24.55 -10.85
N ILE J 145 -56.53 23.45 -10.77
CA ILE J 145 -57.21 22.89 -11.92
C ILE J 145 -58.69 23.15 -11.82
N PHE J 146 -59.24 23.71 -12.90
CA PHE J 146 -60.66 24.01 -12.99
C PHE J 146 -61.18 22.90 -13.88
N CYS J 147 -62.21 22.20 -13.42
CA CYS J 147 -62.76 21.10 -14.21
C CYS J 147 -64.13 20.65 -13.76
N THR J 148 -64.76 19.87 -14.63
CA THR J 148 -66.08 19.27 -14.39
C THR J 148 -65.72 18.14 -13.44
N GLU J 149 -66.69 17.48 -12.81
CA GLU J 149 -66.29 16.42 -11.88
C GLU J 149 -66.02 15.05 -12.46
N GLU J 150 -66.33 14.87 -13.72
CA GLU J 150 -66.07 13.58 -14.34
C GLU J 150 -64.58 13.67 -14.57
N GLN J 151 -64.10 14.91 -14.63
CA GLN J 151 -62.69 15.16 -14.85
C GLN J 151 -61.90 14.96 -13.56
N ILE J 152 -62.57 15.09 -12.40
CA ILE J 152 -61.88 14.94 -11.12
C ILE J 152 -60.98 13.74 -11.11
N ARG J 153 -61.46 12.60 -11.53
CA ARG J 153 -60.60 11.44 -11.51
C ARG J 153 -59.33 11.67 -12.24
N ASP J 154 -59.36 11.46 -13.55
CA ASP J 154 -58.17 11.62 -14.41
C ASP J 154 -57.34 12.79 -13.97
N GLU J 155 -58.02 13.85 -13.53
CA GLU J 155 -57.32 15.05 -13.11
C GLU J 155 -56.42 14.79 -11.89
N VAL J 156 -57.01 14.21 -10.84
CA VAL J 156 -56.28 13.91 -9.62
C VAL J 156 -55.20 12.89 -9.90
N ASN J 157 -55.52 11.84 -10.62
CA ASN J 157 -54.52 10.84 -10.97
C ASN J 157 -53.34 11.52 -11.65
N GLY J 158 -53.61 12.37 -12.62
CA GLY J 158 -52.54 13.03 -13.33
C GLY J 158 -51.62 13.72 -12.36
N CYS J 159 -52.20 14.27 -11.29
CA CYS J 159 -51.40 14.92 -10.26
C CYS J 159 -50.50 13.88 -9.60
N ILE J 160 -51.13 12.92 -8.93
CA ILE J 160 -50.42 11.82 -8.29
C ILE J 160 -49.23 11.43 -9.16
N ARG J 161 -49.53 10.90 -10.33
CA ARG J 161 -48.51 10.44 -11.28
C ARG J 161 -47.38 11.45 -11.40
N LEU J 162 -47.75 12.71 -11.45
CA LEU J 162 -46.78 13.77 -11.57
C LEU J 162 -45.79 13.81 -10.42
N VAL J 163 -46.35 13.69 -9.20
CA VAL J 163 -45.58 13.69 -7.94
C VAL J 163 -44.54 12.58 -7.92
N TYR J 164 -44.97 11.39 -8.29
CA TYR J 164 -44.05 10.27 -8.32
C TYR J 164 -43.01 10.42 -9.40
N ASP J 165 -43.51 10.52 -10.62
CA ASP J 165 -42.64 10.67 -11.78
C ASP J 165 -41.63 11.78 -11.60
N MET J 166 -41.97 12.78 -10.78
CA MET J 166 -41.03 13.88 -10.58
C MET J 166 -40.04 13.58 -9.47
N TYR J 167 -40.57 13.10 -8.35
CA TYR J 167 -39.78 12.73 -7.20
C TYR J 167 -38.74 11.72 -7.64
N SER J 168 -39.16 10.77 -8.44
CA SER J 168 -38.28 9.75 -8.94
C SER J 168 -36.97 10.32 -9.52
N THR J 169 -37.01 11.55 -9.99
CA THR J 169 -35.82 12.15 -10.56
C THR J 169 -34.71 12.27 -9.52
N PHE J 170 -35.14 12.47 -8.27
CA PHE J 170 -34.22 12.65 -7.19
C PHE J 170 -33.97 11.34 -6.47
N GLY J 171 -34.64 10.28 -6.92
CA GLY J 171 -34.47 8.98 -6.30
C GLY J 171 -34.87 8.97 -4.85
N PHE J 172 -36.10 9.39 -4.56
CA PHE J 172 -36.57 9.38 -3.19
C PHE J 172 -37.06 7.99 -2.83
N GLU J 173 -36.71 7.53 -1.64
CA GLU J 173 -37.14 6.22 -1.19
C GLU J 173 -38.36 6.40 -0.30
N LYS J 174 -38.25 7.23 0.73
CA LYS J 174 -39.34 7.43 1.65
C LYS J 174 -40.32 8.48 1.16
N ILE J 175 -41.49 7.99 0.73
CA ILE J 175 -42.58 8.81 0.23
C ILE J 175 -43.83 8.27 0.87
N VAL J 176 -44.26 8.84 1.98
CA VAL J 176 -45.45 8.33 2.61
C VAL J 176 -46.67 9.23 2.50
N VAL J 177 -47.79 8.59 2.17
CA VAL J 177 -49.06 9.29 1.99
C VAL J 177 -50.01 9.36 3.19
N LYS J 178 -50.71 10.47 3.27
CA LYS J 178 -51.67 10.74 4.34
C LYS J 178 -52.89 11.38 3.69
N LEU J 179 -54.05 11.24 4.28
CA LEU J 179 -55.24 11.84 3.70
C LEU J 179 -56.04 12.64 4.69
N SER J 180 -55.54 13.83 4.97
CA SER J 180 -56.20 14.72 5.94
C SER J 180 -57.68 14.98 5.68
N THR J 181 -58.53 14.76 6.68
CA THR J 181 -59.98 14.93 6.55
C THR J 181 -60.58 16.18 7.21
N ARG J 182 -61.76 16.57 6.75
CA ARG J 182 -62.41 17.78 7.24
C ARG J 182 -61.91 18.30 8.58
N PRO J 183 -61.20 19.44 8.58
CA PRO J 183 -60.65 20.04 9.78
C PRO J 183 -61.74 20.68 10.60
N GLU J 184 -61.34 21.27 11.72
CA GLU J 184 -62.28 21.93 12.61
C GLU J 184 -63.10 22.97 11.86
N LYS J 185 -62.43 24.02 11.40
CA LYS J 185 -63.10 25.10 10.67
C LYS J 185 -63.03 24.97 9.17
N ARG J 186 -63.96 24.20 8.60
CA ARG J 186 -63.99 24.05 7.15
C ARG J 186 -65.02 25.06 6.58
N ILE J 187 -65.31 25.00 5.28
CA ILE J 187 -66.27 25.94 4.70
C ILE J 187 -67.34 25.35 3.79
N GLY J 188 -67.35 24.02 3.65
CA GLY J 188 -68.34 23.37 2.82
C GLY J 188 -69.30 22.50 3.59
N SER J 189 -70.45 22.17 3.01
CA SER J 189 -71.43 21.32 3.69
C SER J 189 -70.85 19.93 3.85
N ASP J 190 -71.19 19.27 4.95
CA ASP J 190 -70.69 17.94 5.19
C ASP J 190 -70.90 17.14 3.93
N GLU J 191 -72.13 17.20 3.43
CA GLU J 191 -72.49 16.51 2.19
C GLU J 191 -71.37 16.71 1.16
N MET J 192 -70.85 17.93 1.06
CA MET J 192 -69.79 18.21 0.10
C MET J 192 -68.53 17.50 0.48
N TRP J 193 -68.08 17.71 1.71
CA TRP J 193 -66.87 17.08 2.18
C TRP J 193 -66.90 15.56 2.03
N ASP J 194 -68.08 15.00 2.25
CA ASP J 194 -68.27 13.55 2.12
C ASP J 194 -67.72 13.16 0.76
N ARG J 195 -68.38 13.68 -0.27
CA ARG J 195 -67.96 13.41 -1.63
C ARG J 195 -66.47 13.68 -1.81
N ALA J 196 -66.06 14.92 -1.49
CA ALA J 196 -64.67 15.36 -1.62
C ALA J 196 -63.66 14.37 -1.03
N GLU J 197 -63.91 13.98 0.22
CA GLU J 197 -63.05 13.03 0.89
C GLU J 197 -63.07 11.71 0.15
N ALA J 198 -64.25 11.17 -0.06
CA ALA J 198 -64.41 9.92 -0.75
C ALA J 198 -63.54 9.93 -1.99
N ASP J 199 -63.87 10.84 -2.90
CA ASP J 199 -63.14 11.01 -4.15
C ASP J 199 -61.63 10.81 -3.98
N LEU J 200 -61.03 11.65 -3.14
CA LEU J 200 -59.60 11.56 -2.92
C LEU J 200 -59.17 10.16 -2.53
N ALA J 201 -59.77 9.63 -1.47
CA ALA J 201 -59.46 8.29 -1.01
C ALA J 201 -59.51 7.29 -2.16
N VAL J 202 -60.64 7.26 -2.86
CA VAL J 202 -60.83 6.37 -4.00
C VAL J 202 -59.62 6.46 -4.89
N ALA J 203 -59.24 7.70 -5.18
CA ALA J 203 -58.09 7.95 -6.02
C ALA J 203 -56.91 7.14 -5.52
N LEU J 204 -56.51 7.42 -4.28
CA LEU J 204 -55.37 6.73 -3.68
C LEU J 204 -55.42 5.24 -3.91
N GLU J 205 -56.36 4.60 -3.24
CA GLU J 205 -56.51 3.16 -3.31
C GLU J 205 -56.69 2.63 -4.71
N GLU J 206 -57.09 3.51 -5.62
CA GLU J 206 -57.30 3.11 -7.00
C GLU J 206 -55.96 2.95 -7.69
N ASN J 207 -54.95 3.59 -7.11
CA ASN J 207 -53.59 3.55 -7.63
C ASN J 207 -52.74 2.73 -6.68
N ASN J 208 -53.40 2.15 -5.68
CA ASN J 208 -52.71 1.34 -4.69
C ASN J 208 -51.67 2.08 -3.88
N ILE J 209 -52.02 3.30 -3.49
CA ILE J 209 -51.10 4.08 -2.68
C ILE J 209 -51.59 3.86 -1.27
N PRO J 210 -50.71 3.32 -0.41
CA PRO J 210 -51.09 3.09 0.99
C PRO J 210 -51.13 4.39 1.75
N PHE J 211 -52.05 4.54 2.68
CA PHE J 211 -52.08 5.77 3.43
C PHE J 211 -52.78 5.70 4.79
N GLU J 212 -52.86 6.84 5.46
CA GLU J 212 -53.53 6.91 6.75
C GLU J 212 -54.27 8.21 6.82
N TYR J 213 -55.43 8.21 7.46
CA TYR J 213 -56.19 9.44 7.58
C TYR J 213 -55.56 10.35 8.61
N GLN J 214 -55.39 11.60 8.22
CA GLN J 214 -54.80 12.60 9.08
C GLN J 214 -55.93 13.29 9.85
N LEU J 215 -57.04 12.59 9.95
CA LEU J 215 -58.22 13.06 10.66
C LEU J 215 -58.11 14.43 11.30
N GLY J 216 -58.98 15.34 10.91
CA GLY J 216 -58.97 16.65 11.51
C GLY J 216 -58.05 17.62 10.81
N GLU J 217 -57.32 17.10 9.83
CA GLU J 217 -56.40 17.92 9.04
C GLU J 217 -57.00 18.23 7.69
N GLY J 218 -56.25 18.95 6.90
CA GLY J 218 -56.78 19.26 5.60
C GLY J 218 -57.28 20.67 5.54
N ALA J 219 -57.18 21.19 4.33
CA ALA J 219 -57.59 22.54 3.96
C ALA J 219 -58.87 22.97 4.60
N PHE J 220 -58.95 24.21 5.05
CA PHE J 220 -60.21 24.65 5.62
C PHE J 220 -61.24 24.60 4.50
N TYR J 221 -60.76 24.34 3.29
CA TYR J 221 -61.61 24.34 2.10
C TYR J 221 -61.68 22.96 1.38
N GLY J 222 -61.17 21.90 2.00
CA GLY J 222 -61.26 20.59 1.38
C GLY J 222 -60.28 19.52 1.82
N PRO J 223 -60.61 18.25 1.63
CA PRO J 223 -59.73 17.15 1.99
C PRO J 223 -58.36 17.37 1.39
N LYS J 224 -57.37 16.67 1.90
CA LYS J 224 -56.02 16.88 1.42
C LYS J 224 -55.06 15.68 1.40
N ILE J 225 -54.70 15.21 0.22
CA ILE J 225 -53.75 14.12 0.11
C ILE J 225 -52.40 14.74 0.39
N GLU J 226 -51.64 14.18 1.31
CA GLU J 226 -50.32 14.72 1.65
C GLU J 226 -49.22 13.79 1.25
N PHE J 227 -48.21 14.33 0.61
CA PHE J 227 -47.05 13.53 0.26
C PHE J 227 -45.93 14.01 1.19
N THR J 228 -45.53 13.14 2.11
CA THR J 228 -44.51 13.50 3.09
C THR J 228 -43.16 12.83 2.76
N LEU J 229 -42.11 13.64 2.83
CA LEU J 229 -40.74 13.18 2.58
C LEU J 229 -40.06 13.34 3.93
N TYR J 230 -38.96 12.63 4.15
CA TYR J 230 -38.28 12.71 5.45
C TYR J 230 -36.87 13.26 5.38
N ASP J 231 -36.42 13.87 6.46
CA ASP J 231 -35.11 14.48 6.47
C ASP J 231 -33.99 13.77 7.22
N CYS J 232 -32.98 14.55 7.58
CA CYS J 232 -31.80 14.08 8.31
C CYS J 232 -32.21 13.16 9.47
N LEU J 233 -33.03 13.70 10.37
CA LEU J 233 -33.47 12.98 11.53
C LEU J 233 -34.77 12.29 11.25
N ASP J 234 -34.88 11.77 10.05
CA ASP J 234 -36.09 11.10 9.67
C ASP J 234 -37.36 11.76 10.24
N ARG J 235 -37.45 13.09 10.16
CA ARG J 235 -38.63 13.82 10.63
C ARG J 235 -39.55 13.93 9.40
N ALA J 236 -40.85 13.84 9.61
CA ALA J 236 -41.78 13.93 8.49
C ALA J 236 -42.00 15.38 8.10
N TRP J 237 -42.07 15.61 6.79
CA TRP J 237 -42.26 16.95 6.24
C TRP J 237 -43.19 16.84 5.05
N GLN J 238 -44.23 17.66 5.04
CA GLN J 238 -45.20 17.64 3.96
C GLN J 238 -44.62 18.39 2.79
N CYS J 239 -44.51 17.72 1.64
CA CYS J 239 -43.97 18.37 0.44
C CYS J 239 -45.04 18.48 -0.64
N GLY J 240 -45.34 17.37 -1.32
CA GLY J 240 -46.38 17.36 -2.32
C GLY J 240 -47.77 17.42 -1.66
N THR J 241 -48.79 17.73 -2.43
CA THR J 241 -50.13 17.78 -1.90
C THR J 241 -51.15 18.03 -3.03
N VAL J 242 -52.28 17.31 -2.94
CA VAL J 242 -53.42 17.42 -3.86
C VAL J 242 -54.68 17.61 -3.00
N GLN J 243 -55.36 18.73 -3.20
CA GLN J 243 -56.55 19.04 -2.45
C GLN J 243 -57.78 19.20 -3.35
N LEU J 244 -58.92 18.66 -2.92
CA LEU J 244 -60.16 18.76 -3.70
C LEU J 244 -61.09 19.83 -3.13
N ASP J 245 -61.16 20.95 -3.84
CA ASP J 245 -61.96 22.09 -3.40
C ASP J 245 -63.36 22.16 -3.95
N PHE J 246 -64.34 22.31 -3.08
CA PHE J 246 -65.70 22.39 -3.57
C PHE J 246 -66.35 23.73 -3.28
N SER J 247 -65.75 24.49 -2.37
CA SER J 247 -66.31 25.80 -2.03
C SER J 247 -65.79 26.95 -2.86
N LEU J 248 -64.58 27.40 -2.59
CA LEU J 248 -63.97 28.51 -3.33
C LEU J 248 -64.48 28.81 -4.74
N PRO J 249 -64.46 27.80 -5.66
CA PRO J 249 -64.95 28.11 -6.99
C PRO J 249 -66.29 28.87 -6.98
N SER J 250 -67.17 28.54 -6.04
CA SER J 250 -68.43 29.24 -5.99
C SER J 250 -68.25 30.53 -5.21
N ARG J 251 -67.55 30.46 -4.09
CA ARG J 251 -67.34 31.64 -3.26
C ARG J 251 -66.91 32.85 -4.08
N LEU J 252 -66.01 32.64 -5.03
CA LEU J 252 -65.56 33.75 -5.86
C LEU J 252 -66.29 33.70 -7.19
N SER J 253 -67.45 33.05 -7.15
CA SER J 253 -68.33 32.90 -8.31
C SER J 253 -67.65 32.74 -9.65
N ALA J 254 -67.27 31.52 -9.96
CA ALA J 254 -66.65 31.21 -11.22
C ALA J 254 -67.66 30.27 -11.86
N SER J 255 -67.59 30.12 -13.19
CA SER J 255 -68.53 29.26 -13.89
C SER J 255 -68.22 29.08 -15.35
N TYR J 256 -68.72 27.97 -15.89
CA TYR J 256 -68.53 27.66 -17.28
C TYR J 256 -69.85 27.27 -17.93
N VAL J 257 -69.84 27.13 -19.24
CA VAL J 257 -71.03 26.78 -20.00
C VAL J 257 -71.02 25.34 -20.48
N GLY J 258 -72.05 24.57 -20.11
CA GLY J 258 -72.14 23.18 -20.56
C GLY J 258 -72.71 23.16 -21.96
N GLU J 259 -72.90 21.99 -22.58
CA GLU J 259 -73.47 21.98 -23.94
C GLU J 259 -74.90 22.43 -23.76
N ASP J 260 -75.40 22.17 -22.56
CA ASP J 260 -76.76 22.54 -22.16
C ASP J 260 -76.81 24.05 -22.04
N ASN J 261 -75.83 24.71 -22.64
CA ASN J 261 -75.76 26.15 -22.61
C ASN J 261 -76.15 26.64 -21.21
N GLU J 262 -75.66 25.92 -20.19
CA GLU J 262 -75.97 26.25 -18.80
C GLU J 262 -74.78 26.58 -17.89
N ARG J 263 -75.06 27.43 -16.91
CA ARG J 263 -74.10 27.88 -15.91
C ARG J 263 -73.77 26.76 -14.93
N LYS J 264 -72.49 26.43 -14.79
CA LYS J 264 -72.06 25.39 -13.87
C LYS J 264 -70.79 25.90 -13.18
N VAL J 265 -70.70 25.74 -11.86
CA VAL J 265 -69.51 26.18 -11.13
C VAL J 265 -68.49 25.07 -11.31
N PRO J 266 -67.25 25.43 -11.59
CA PRO J 266 -66.27 24.37 -11.79
C PRO J 266 -65.78 23.78 -10.49
N VAL J 267 -65.16 22.61 -10.59
CA VAL J 267 -64.59 21.96 -9.44
C VAL J 267 -63.17 22.45 -9.50
N MET J 268 -62.54 22.63 -8.34
CA MET J 268 -61.16 23.10 -8.32
C MET J 268 -60.21 22.22 -7.51
N ILE J 269 -59.16 21.79 -8.16
CA ILE J 269 -58.17 20.96 -7.55
C ILE J 269 -56.91 21.77 -7.26
N HIS J 270 -56.47 21.84 -5.99
CA HIS J 270 -55.23 22.52 -5.58
C HIS J 270 -54.11 21.47 -5.63
N ARG J 271 -52.89 21.85 -5.94
CA ARG J 271 -51.85 20.85 -5.97
C ARG J 271 -50.46 21.47 -6.19
N ALA J 272 -49.48 20.95 -5.46
CA ALA J 272 -48.08 21.41 -5.56
C ALA J 272 -47.22 20.15 -5.57
N ILE J 273 -46.40 19.96 -6.59
CA ILE J 273 -45.57 18.77 -6.62
C ILE J 273 -44.40 18.88 -5.66
N LEU J 274 -43.48 19.78 -5.93
CA LEU J 274 -42.34 19.92 -5.03
C LEU J 274 -42.85 20.41 -3.65
N GLY J 275 -43.98 21.12 -3.66
CA GLY J 275 -44.57 21.64 -2.44
C GLY J 275 -44.22 23.10 -2.19
N SER J 276 -42.96 23.33 -1.81
CA SER J 276 -42.42 24.66 -1.58
C SER J 276 -40.96 24.65 -2.02
N MET J 277 -40.56 25.66 -2.80
CA MET J 277 -39.19 25.71 -3.31
C MET J 277 -38.12 25.57 -2.23
N GLU J 278 -38.24 26.40 -1.20
CA GLU J 278 -37.31 26.37 -0.11
C GLU J 278 -37.33 25.02 0.63
N ARG J 279 -38.53 24.59 1.04
CA ARG J 279 -38.65 23.30 1.74
C ARG J 279 -38.02 22.16 0.96
N PHE J 280 -38.48 21.95 -0.26
CA PHE J 280 -37.95 20.88 -1.07
C PHE J 280 -36.46 21.01 -1.22
N ILE J 281 -35.98 22.25 -1.31
CA ILE J 281 -34.53 22.42 -1.47
C ILE J 281 -33.88 21.86 -0.24
N GLY J 282 -34.44 22.26 0.92
CA GLY J 282 -33.97 21.78 2.22
C GLY J 282 -33.79 20.27 2.23
N ILE J 283 -34.84 19.57 1.82
CA ILE J 283 -34.82 18.13 1.74
C ILE J 283 -33.73 17.64 0.82
N LEU J 284 -33.57 18.25 -0.35
CA LEU J 284 -32.54 17.77 -1.27
C LEU J 284 -31.20 17.85 -0.64
N THR J 285 -30.96 19.00 0.00
CA THR J 285 -29.70 19.21 0.69
C THR J 285 -29.56 18.06 1.67
N GLU J 286 -30.53 17.94 2.59
CA GLU J 286 -30.53 16.87 3.58
C GLU J 286 -30.17 15.56 2.86
N GLU J 287 -30.98 15.11 1.91
CA GLU J 287 -30.66 13.87 1.22
C GLU J 287 -29.24 13.86 0.73
N PHE J 288 -29.00 14.26 -0.50
CA PHE J 288 -27.65 14.29 -1.05
C PHE J 288 -26.56 14.83 -0.08
N ALA J 289 -27.00 15.65 0.88
CA ALA J 289 -26.10 16.22 1.89
C ALA J 289 -24.98 16.96 1.18
N GLY J 290 -25.34 17.98 0.43
CA GLY J 290 -24.37 18.75 -0.31
C GLY J 290 -23.87 18.10 -1.59
N PHE J 291 -24.35 16.91 -1.90
CA PHE J 291 -23.91 16.27 -3.11
C PHE J 291 -24.97 16.30 -4.22
N PHE J 292 -25.48 17.50 -4.50
CA PHE J 292 -26.47 17.73 -5.53
C PHE J 292 -25.97 17.11 -6.83
N PRO J 293 -26.86 16.50 -7.61
CA PRO J 293 -26.46 15.87 -8.88
C PRO J 293 -25.88 16.91 -9.79
N THR J 294 -25.08 16.47 -10.78
CA THR J 294 -24.44 17.42 -11.69
C THR J 294 -25.36 18.54 -12.17
N TRP J 295 -26.53 18.20 -12.69
CA TRP J 295 -27.41 19.22 -13.16
C TRP J 295 -27.85 20.25 -12.14
N LEU J 296 -27.91 19.83 -10.87
CA LEU J 296 -28.38 20.69 -9.80
C LEU J 296 -27.28 21.37 -9.02
N ALA J 297 -26.04 21.06 -9.38
CA ALA J 297 -24.88 21.60 -8.66
C ALA J 297 -24.57 23.06 -8.90
N PRO J 298 -24.57 23.88 -7.83
CA PRO J 298 -24.30 25.31 -8.02
C PRO J 298 -23.10 25.48 -8.91
N VAL J 299 -22.08 24.68 -8.73
CA VAL J 299 -20.98 24.77 -9.67
C VAL J 299 -20.83 23.35 -10.08
N GLN J 300 -20.70 23.14 -11.38
CA GLN J 300 -20.59 21.82 -11.93
C GLN J 300 -19.17 21.41 -12.19
N VAL J 301 -18.33 22.35 -12.61
CA VAL J 301 -16.94 22.00 -12.87
C VAL J 301 -15.97 23.04 -12.35
N VAL J 302 -14.72 22.64 -12.18
CA VAL J 302 -13.68 23.54 -11.72
C VAL J 302 -12.45 23.12 -12.46
N ILE J 303 -11.81 24.10 -13.09
CA ILE J 303 -10.59 23.82 -13.83
C ILE J 303 -9.49 24.58 -13.12
N MET J 304 -8.40 23.87 -12.83
CA MET J 304 -7.28 24.45 -12.13
C MET J 304 -5.91 24.05 -12.73
N ASN J 305 -4.99 25.00 -12.65
CA ASN J 305 -3.63 24.85 -13.15
C ASN J 305 -2.76 24.41 -12.01
N ILE J 306 -1.68 23.70 -12.33
CA ILE J 306 -0.76 23.24 -11.29
C ILE J 306 0.28 24.32 -10.98
N THR J 307 0.74 25.00 -12.02
CA THR J 307 1.69 26.08 -11.89
C THR J 307 1.18 27.27 -12.70
N ASP J 308 1.80 28.43 -12.50
CA ASP J 308 1.41 29.65 -13.17
C ASP J 308 1.57 29.60 -14.67
N SER J 309 1.93 28.43 -15.18
CA SER J 309 2.12 28.24 -16.62
C SER J 309 0.80 27.98 -17.33
N GLN J 310 0.32 26.76 -17.18
CA GLN J 310 -0.91 26.34 -17.82
C GLN J 310 -2.08 27.21 -17.47
N SER J 311 -1.84 28.28 -16.73
CA SER J 311 -2.91 29.15 -16.31
C SER J 311 -3.73 29.73 -17.45
N GLU J 312 -3.11 29.91 -18.60
CA GLU J 312 -3.86 30.45 -19.73
C GLU J 312 -4.69 29.35 -20.38
N TYR J 313 -4.10 28.16 -20.47
CA TYR J 313 -4.77 27.01 -21.04
C TYR J 313 -5.98 26.64 -20.20
N VAL J 314 -6.02 27.13 -18.97
CA VAL J 314 -7.13 26.88 -18.06
C VAL J 314 -8.26 27.84 -18.40
N ASN J 315 -7.93 29.13 -18.55
CA ASN J 315 -8.89 30.16 -18.89
C ASN J 315 -9.45 29.72 -20.20
N GLU J 316 -8.56 29.13 -20.97
CA GLU J 316 -8.88 28.60 -22.27
C GLU J 316 -10.10 27.69 -22.16
N LEU J 317 -9.92 26.59 -21.44
CA LEU J 317 -10.94 25.58 -21.26
C LEU J 317 -12.16 26.04 -20.51
N THR J 318 -11.96 26.73 -19.40
CA THR J 318 -13.10 27.21 -18.64
C THR J 318 -14.00 27.99 -19.61
N GLN J 319 -13.39 28.59 -20.61
CA GLN J 319 -14.15 29.33 -21.58
C GLN J 319 -14.99 28.39 -22.42
N LYS J 320 -14.29 27.57 -23.19
CA LYS J 320 -14.92 26.59 -24.07
C LYS J 320 -16.08 25.90 -23.34
N LEU J 321 -15.88 25.62 -22.06
CA LEU J 321 -16.89 24.97 -21.23
C LEU J 321 -18.04 25.90 -20.85
N SER J 322 -17.75 27.17 -20.65
CA SER J 322 -18.79 28.11 -20.30
C SER J 322 -19.74 28.26 -21.48
N ASN J 323 -19.19 28.20 -22.69
CA ASN J 323 -19.98 28.32 -23.90
C ASN J 323 -20.73 27.05 -24.07
N ALA J 324 -20.14 25.95 -23.59
CA ALA J 324 -20.76 24.64 -23.68
C ALA J 324 -22.02 24.70 -22.83
N GLY J 325 -22.09 25.75 -22.02
CA GLY J 325 -23.22 25.96 -21.14
C GLY J 325 -23.08 25.19 -19.85
N ILE J 326 -21.83 25.06 -19.39
CA ILE J 326 -21.56 24.33 -18.16
C ILE J 326 -21.16 25.27 -17.04
N ARG J 327 -21.80 25.19 -15.89
CA ARG J 327 -21.44 26.05 -14.79
C ARG J 327 -20.03 25.64 -14.42
N VAL J 328 -19.03 26.35 -14.96
CA VAL J 328 -17.63 26.03 -14.68
C VAL J 328 -16.93 27.26 -14.19
N LYS J 329 -15.82 27.06 -13.47
CA LYS J 329 -15.00 28.14 -12.93
C LYS J 329 -13.55 27.72 -12.91
N ALA J 330 -12.66 28.72 -12.95
CA ALA J 330 -11.22 28.41 -12.97
C ALA J 330 -10.55 28.85 -11.70
N ASP J 331 -9.80 27.93 -11.10
CA ASP J 331 -9.07 28.22 -9.85
C ASP J 331 -7.62 28.36 -10.24
N LEU J 332 -7.27 29.56 -10.67
CA LEU J 332 -5.89 29.79 -11.07
C LEU J 332 -5.08 30.24 -9.86
N ARG J 333 -5.77 30.51 -8.75
CA ARG J 333 -5.14 30.98 -7.51
C ARG J 333 -3.76 30.43 -7.30
N ASN J 334 -2.94 31.21 -6.57
CA ASN J 334 -1.58 30.77 -6.30
C ASN J 334 -1.60 29.80 -5.15
N GLU J 335 -1.91 28.54 -5.41
CA GLU J 335 -2.00 27.54 -4.36
C GLU J 335 -1.61 26.18 -4.83
N LYS J 336 -1.27 25.32 -3.88
CA LYS J 336 -0.86 23.97 -4.23
C LYS J 336 -2.07 23.28 -4.79
N ILE J 337 -1.90 22.57 -5.91
CA ILE J 337 -3.03 21.88 -6.53
C ILE J 337 -3.76 21.04 -5.49
N GLY J 338 -2.99 20.39 -4.64
CA GLY J 338 -3.59 19.58 -3.58
C GLY J 338 -4.58 20.39 -2.76
N PHE J 339 -4.25 21.65 -2.49
CA PHE J 339 -5.15 22.48 -1.72
C PHE J 339 -6.43 22.66 -2.50
N LYS J 340 -6.28 23.08 -3.75
CA LYS J 340 -7.43 23.33 -4.59
C LYS J 340 -8.36 22.14 -4.57
N ILE J 341 -7.82 20.98 -4.91
CA ILE J 341 -8.64 19.77 -4.95
C ILE J 341 -9.39 19.61 -3.63
N ARG J 342 -8.72 19.95 -2.54
CA ARG J 342 -9.31 19.82 -1.22
C ARG J 342 -10.54 20.73 -1.18
N GLU J 343 -10.28 22.02 -0.99
CA GLU J 343 -11.31 23.01 -0.88
C GLU J 343 -12.55 22.73 -1.68
N HIS J 344 -12.36 22.45 -2.97
CA HIS J 344 -13.49 22.20 -3.87
C HIS J 344 -14.16 20.88 -3.60
N THR J 345 -13.43 19.89 -3.13
CA THR J 345 -14.08 18.64 -2.84
C THR J 345 -15.06 18.82 -1.69
N LEU J 346 -14.65 19.51 -0.63
CA LEU J 346 -15.59 19.70 0.45
C LEU J 346 -16.58 20.76 0.08
N ARG J 347 -16.42 21.28 -1.13
CA ARG J 347 -17.32 22.30 -1.65
C ARG J 347 -18.39 21.52 -2.45
N ARG J 348 -18.01 20.30 -2.83
CA ARG J 348 -18.86 19.36 -3.55
C ARG J 348 -18.93 19.44 -5.07
N VAL J 349 -18.02 20.17 -5.70
CA VAL J 349 -18.03 20.30 -7.16
C VAL J 349 -18.01 18.94 -7.82
N PRO J 350 -19.06 18.61 -8.59
CA PRO J 350 -19.16 17.31 -9.27
C PRO J 350 -17.92 16.93 -10.04
N TYR J 351 -17.20 17.92 -10.53
CA TYR J 351 -16.01 17.61 -11.32
C TYR J 351 -14.86 18.59 -11.19
N MET J 352 -13.66 18.04 -11.17
CA MET J 352 -12.48 18.86 -11.05
C MET J 352 -11.55 18.48 -12.16
N LEU J 353 -11.01 19.50 -12.83
CA LEU J 353 -10.08 19.32 -13.97
C LEU J 353 -8.71 19.89 -13.68
N VAL J 354 -7.72 19.00 -13.69
CA VAL J 354 -6.35 19.39 -13.45
C VAL J 354 -5.66 19.63 -14.79
N CYS J 355 -5.02 20.78 -14.92
CA CYS J 355 -4.33 21.09 -16.14
C CYS J 355 -2.89 21.40 -15.78
N GLY J 356 -2.03 20.45 -16.09
CA GLY J 356 -0.62 20.62 -15.82
C GLY J 356 0.10 20.71 -17.13
N ASP J 357 1.42 20.90 -17.12
CA ASP J 357 2.13 20.99 -18.38
C ASP J 357 1.72 19.82 -19.24
N LYS J 358 1.74 18.62 -18.68
CA LYS J 358 1.38 17.43 -19.43
C LYS J 358 0.13 17.60 -20.30
N GLU J 359 -0.97 18.01 -19.69
CA GLU J 359 -2.25 18.19 -20.41
C GLU J 359 -2.27 19.34 -21.43
N VAL J 360 -1.41 20.35 -21.24
CA VAL J 360 -1.38 21.48 -22.15
C VAL J 360 -0.98 21.04 -23.54
N GLU J 361 -0.01 20.13 -23.64
CA GLU J 361 0.43 19.61 -24.94
C GLU J 361 -0.27 18.28 -25.15
N SER J 362 -1.59 18.29 -25.00
CA SER J 362 -2.38 17.10 -25.17
C SER J 362 -3.79 17.52 -25.48
N GLY J 363 -4.16 18.72 -25.04
CA GLY J 363 -5.52 19.18 -25.26
C GLY J 363 -6.40 18.34 -24.37
N LYS J 364 -5.76 17.48 -23.59
CA LYS J 364 -6.46 16.59 -22.67
C LYS J 364 -6.62 17.31 -21.32
N VAL J 365 -7.49 16.78 -20.47
CA VAL J 365 -7.75 17.35 -19.16
C VAL J 365 -7.77 16.24 -18.13
N ALA J 366 -6.99 16.41 -17.05
CA ALA J 366 -6.98 15.42 -15.98
C ALA J 366 -8.31 15.54 -15.25
N VAL J 367 -9.17 14.55 -15.47
CA VAL J 367 -10.50 14.55 -14.86
C VAL J 367 -10.52 13.79 -13.53
N ARG J 368 -11.39 14.21 -12.62
CA ARG J 368 -11.50 13.51 -11.34
C ARG J 368 -12.78 13.90 -10.62
N THR J 369 -13.63 12.90 -10.33
CA THR J 369 -14.90 13.14 -9.66
C THR J 369 -14.65 13.70 -8.25
N ARG J 370 -15.67 14.30 -7.64
CA ARG J 370 -15.53 14.85 -6.30
C ARG J 370 -15.33 13.72 -5.31
N ARG J 371 -15.96 12.59 -5.61
CA ARG J 371 -15.86 11.40 -4.79
C ARG J 371 -14.40 10.97 -4.78
N GLY J 372 -13.61 11.50 -5.69
CA GLY J 372 -12.21 11.14 -5.69
C GLY J 372 -11.77 10.32 -6.88
N LYS J 373 -12.65 9.48 -7.39
CA LYS J 373 -12.27 8.61 -8.52
C LYS J 373 -11.58 9.35 -9.66
N ASP J 374 -10.28 9.20 -9.74
CA ASP J 374 -9.53 9.85 -10.82
C ASP J 374 -9.99 9.24 -12.12
N LEU J 375 -10.67 10.02 -12.95
CA LEU J 375 -11.17 9.51 -14.22
C LEU J 375 -10.10 9.52 -15.32
N GLY J 376 -8.88 9.89 -14.96
CA GLY J 376 -7.78 9.94 -15.92
C GLY J 376 -8.00 10.99 -16.99
N SER J 377 -6.93 11.65 -17.41
CA SER J 377 -7.02 12.69 -18.44
C SER J 377 -7.79 12.19 -19.64
N MET J 378 -8.56 13.10 -20.23
CA MET J 378 -9.36 12.76 -21.38
C MET J 378 -9.65 13.98 -22.27
N ASP J 379 -10.00 13.69 -23.52
CA ASP J 379 -10.32 14.66 -24.54
C ASP J 379 -11.30 15.72 -24.01
N VAL J 380 -11.08 16.99 -24.37
CA VAL J 380 -11.94 18.09 -23.94
C VAL J 380 -13.40 17.96 -24.37
N ASN J 381 -13.65 18.02 -25.67
CA ASN J 381 -15.02 17.89 -26.16
C ASN J 381 -15.64 16.70 -25.45
N GLU J 382 -14.88 15.62 -25.40
CA GLU J 382 -15.31 14.38 -24.74
C GLU J 382 -15.93 14.64 -23.37
N VAL J 383 -15.22 15.35 -22.52
CA VAL J 383 -15.74 15.66 -21.20
C VAL J 383 -17.00 16.48 -21.34
N ILE J 384 -16.98 17.43 -22.27
CA ILE J 384 -18.12 18.31 -22.49
C ILE J 384 -19.32 17.49 -22.88
N GLU J 385 -19.25 16.91 -24.06
CA GLU J 385 -20.35 16.09 -24.57
C GLU J 385 -20.90 15.18 -23.46
N LYS J 386 -20.00 14.65 -22.64
CA LYS J 386 -20.39 13.75 -21.55
C LYS J 386 -21.07 14.48 -20.41
N LEU J 387 -20.55 15.63 -20.02
CA LEU J 387 -21.15 16.40 -18.97
C LEU J 387 -22.54 16.86 -19.37
N GLN J 388 -22.67 17.36 -20.58
CA GLN J 388 -23.93 17.87 -21.09
C GLN J 388 -24.92 16.76 -21.02
N GLN J 389 -24.45 15.58 -21.42
CA GLN J 389 -25.27 14.39 -21.40
C GLN J 389 -25.85 14.19 -19.99
N GLU J 390 -24.95 14.23 -19.01
CA GLU J 390 -25.31 14.05 -17.60
C GLU J 390 -26.21 15.15 -17.08
N ILE J 391 -26.02 16.36 -17.58
CA ILE J 391 -26.82 17.50 -17.15
C ILE J 391 -28.15 17.48 -17.85
N ARG J 392 -28.10 17.30 -19.17
CA ARG J 392 -29.31 17.24 -20.01
C ARG J 392 -30.30 16.19 -19.50
N SER J 393 -29.79 15.08 -18.97
CA SER J 393 -30.64 14.02 -18.45
C SER J 393 -30.84 14.10 -16.95
N ARG J 394 -30.37 15.18 -16.33
CA ARG J 394 -30.49 15.36 -14.88
C ARG J 394 -30.22 14.05 -14.13
N SER J 395 -29.24 13.29 -14.62
CA SER J 395 -28.86 12.01 -14.05
C SER J 395 -28.20 12.22 -12.70
N LEU J 396 -28.45 11.30 -11.78
CA LEU J 396 -27.89 11.40 -10.43
C LEU J 396 -26.46 10.89 -10.38
N LYS J 397 -26.17 9.83 -11.10
CA LYS J 397 -24.83 9.31 -11.08
C LYS J 397 -23.92 10.07 -12.06
N GLN J 398 -22.69 10.29 -11.65
CA GLN J 398 -21.71 11.00 -12.45
C GLN J 398 -21.04 10.06 -13.44
N LEU J 399 -20.13 10.59 -14.25
CA LEU J 399 -19.45 9.78 -15.25
C LEU J 399 -18.66 8.64 -14.63
N GLU J 400 -18.85 7.44 -15.17
CA GLU J 400 -18.14 6.25 -14.70
C GLU J 400 -18.60 5.67 -13.35
N GLU J 401 -19.81 6.02 -12.90
CA GLU J 401 -20.32 5.49 -11.63
C GLU J 401 -21.74 4.95 -11.76
N ARG K 1 -3.04 -48.08 4.08
CA ARG K 1 -3.78 -49.25 3.50
C ARG K 1 -3.56 -50.53 4.31
N ASP K 2 -4.03 -51.66 3.80
CA ASP K 2 -3.89 -52.96 4.46
C ASP K 2 -2.46 -53.50 4.33
N HIS K 3 -1.88 -53.90 5.46
CA HIS K 3 -0.51 -54.40 5.44
C HIS K 3 -0.37 -55.49 4.38
N ARG K 4 -1.27 -56.47 4.38
CA ARG K 4 -1.22 -57.57 3.42
C ARG K 4 -0.90 -57.06 2.02
N LYS K 5 -1.46 -55.91 1.69
CA LYS K 5 -1.20 -55.36 0.39
C LYS K 5 0.18 -54.70 0.36
N ILE K 6 0.40 -53.74 1.26
CA ILE K 6 1.67 -53.03 1.34
C ILE K 6 2.81 -54.03 1.38
N GLY K 7 2.52 -55.20 1.96
CA GLY K 7 3.52 -56.26 2.09
C GLY K 7 3.89 -56.75 0.71
N LYS K 8 2.88 -57.24 0.02
CA LYS K 8 3.06 -57.72 -1.34
C LYS K 8 3.71 -56.60 -2.13
N GLN K 9 3.29 -55.37 -1.81
CA GLN K 9 3.77 -54.16 -2.45
C GLN K 9 5.26 -53.94 -2.35
N LEU K 10 5.74 -53.85 -1.11
CA LEU K 10 7.14 -53.58 -0.84
C LEU K 10 7.99 -54.83 -0.71
N ASP K 11 7.43 -55.95 -1.17
CA ASP K 11 8.14 -57.23 -1.15
C ASP K 11 8.59 -57.57 0.28
N LEU K 12 7.79 -57.20 1.26
CA LEU K 12 8.14 -57.48 2.64
C LEU K 12 8.05 -58.96 2.97
N TYR K 13 7.26 -59.69 2.18
CA TYR K 13 7.11 -61.11 2.38
C TYR K 13 6.03 -61.71 1.47
N HIS K 14 5.68 -62.96 1.76
CA HIS K 14 4.65 -63.65 1.02
C HIS K 14 4.24 -64.88 1.81
N MET K 15 3.17 -65.55 1.39
CA MET K 15 2.72 -66.76 2.06
C MET K 15 2.18 -67.74 1.03
N GLN K 16 2.33 -69.02 1.29
CA GLN K 16 1.85 -70.04 0.38
C GLN K 16 0.84 -70.89 1.10
N GLU K 17 0.02 -71.63 0.36
CA GLU K 17 -0.99 -72.48 0.98
C GLU K 17 -0.43 -73.75 1.62
N GLU K 18 0.64 -74.30 1.05
CA GLU K 18 1.26 -75.52 1.62
C GLU K 18 1.91 -75.25 2.98
N ALA K 19 1.93 -73.97 3.37
CA ALA K 19 2.47 -73.52 4.64
C ALA K 19 1.51 -72.46 5.19
N PRO K 20 0.31 -72.90 5.64
CA PRO K 20 -0.78 -72.07 6.19
C PRO K 20 -0.45 -71.37 7.50
N GLY K 21 -0.52 -70.03 7.48
CA GLY K 21 -0.23 -69.28 8.69
C GLY K 21 1.25 -69.27 9.00
N MET K 22 2.07 -69.49 7.98
CA MET K 22 3.52 -69.51 8.11
C MET K 22 4.08 -68.45 7.19
N VAL K 23 4.83 -67.50 7.74
CA VAL K 23 5.39 -66.41 6.94
C VAL K 23 6.67 -66.75 6.21
N PHE K 24 6.78 -66.26 4.98
CA PHE K 24 7.97 -66.45 4.15
C PHE K 24 8.66 -65.10 4.11
N TRP K 25 9.26 -64.71 5.21
CA TRP K 25 9.93 -63.44 5.28
C TRP K 25 10.91 -63.19 4.15
N HIS K 26 10.57 -62.22 3.33
CA HIS K 26 11.41 -61.83 2.22
C HIS K 26 12.47 -60.93 2.77
N ASN K 27 13.51 -60.71 1.98
CA ASN K 27 14.61 -59.89 2.44
C ASN K 27 14.22 -58.59 3.12
N ASP K 28 13.41 -57.79 2.46
CA ASP K 28 13.04 -56.51 3.04
C ASP K 28 12.24 -56.62 4.31
N GLY K 29 11.27 -57.54 4.33
CA GLY K 29 10.48 -57.71 5.54
C GLY K 29 11.42 -58.12 6.66
N TRP K 30 12.31 -59.04 6.35
CA TRP K 30 13.25 -59.50 7.32
C TRP K 30 13.99 -58.33 7.96
N THR K 31 14.51 -57.44 7.13
CA THR K 31 15.25 -56.28 7.65
C THR K 31 14.48 -55.56 8.74
N ILE K 32 13.17 -55.40 8.53
CA ILE K 32 12.29 -54.72 9.50
C ILE K 32 12.23 -55.55 10.77
N PHE K 33 11.95 -56.84 10.58
CA PHE K 33 11.87 -57.82 11.66
C PHE K 33 13.16 -57.72 12.48
N ARG K 34 14.27 -57.96 11.81
CA ARG K 34 15.60 -57.90 12.42
C ARG K 34 15.85 -56.57 13.15
N GLU K 35 15.66 -55.47 12.44
CA GLU K 35 15.87 -54.14 13.00
C GLU K 35 15.04 -53.90 14.26
N LEU K 36 13.93 -54.62 14.38
CA LEU K 36 13.08 -54.48 15.56
C LEU K 36 13.73 -55.21 16.71
N GLU K 37 14.39 -56.32 16.41
CA GLU K 37 15.07 -57.07 17.44
C GLU K 37 16.12 -56.17 18.08
N VAL K 38 17.01 -55.64 17.26
CA VAL K 38 18.08 -54.79 17.71
C VAL K 38 17.54 -53.72 18.63
N PHE K 39 16.32 -53.28 18.31
CA PHE K 39 15.64 -52.26 19.07
C PHE K 39 15.29 -52.82 20.46
N VAL K 40 14.60 -53.95 20.46
CA VAL K 40 14.19 -54.61 21.69
C VAL K 40 15.42 -54.85 22.54
N ARG K 41 16.45 -55.48 21.96
CA ARG K 41 17.69 -55.75 22.67
C ARG K 41 18.03 -54.49 23.44
N SER K 42 18.22 -53.43 22.66
CA SER K 42 18.55 -52.10 23.16
C SER K 42 17.75 -51.66 24.41
N LYS K 43 16.43 -51.66 24.30
CA LYS K 43 15.59 -51.24 25.42
C LYS K 43 15.77 -52.16 26.61
N LEU K 44 15.99 -53.45 26.36
CA LEU K 44 16.16 -54.41 27.45
C LEU K 44 17.48 -54.30 28.19
N LYS K 45 18.54 -53.90 27.49
CA LYS K 45 19.85 -53.73 28.10
C LYS K 45 19.77 -52.93 29.39
N GLU K 46 19.10 -51.78 29.35
CA GLU K 46 18.94 -50.93 30.55
C GLU K 46 18.52 -51.76 31.74
N TYR K 47 17.36 -52.42 31.60
CA TYR K 47 16.76 -53.26 32.64
C TYR K 47 17.50 -54.57 32.91
N GLN K 48 18.57 -54.79 32.16
CA GLN K 48 19.37 -55.99 32.31
C GLN K 48 18.57 -57.27 32.26
N TYR K 49 18.30 -57.69 31.04
CA TYR K 49 17.59 -58.92 30.80
C TYR K 49 18.63 -59.87 30.26
N GLN K 50 18.37 -61.15 30.43
CA GLN K 50 19.25 -62.17 29.92
C GLN K 50 18.59 -62.60 28.63
N GLU K 51 19.37 -62.82 27.57
CA GLU K 51 18.76 -63.32 26.33
C GLU K 51 19.20 -64.74 26.14
N VAL K 52 18.25 -65.64 26.29
CA VAL K 52 18.52 -67.05 26.15
C VAL K 52 17.97 -67.54 24.80
N LYS K 53 17.63 -68.82 24.73
CA LYS K 53 17.07 -69.43 23.53
C LYS K 53 16.76 -70.90 23.83
N GLY K 54 15.48 -71.23 23.87
CA GLY K 54 15.11 -72.58 24.18
C GLY K 54 14.78 -73.54 23.05
N PRO K 55 14.73 -74.84 23.37
CA PRO K 55 14.42 -75.88 22.42
C PRO K 55 13.12 -75.63 21.68
N PHE K 56 13.19 -76.02 20.42
CA PHE K 56 12.14 -75.88 19.44
C PHE K 56 10.99 -76.87 19.74
N MET K 57 11.23 -77.73 20.72
CA MET K 57 10.26 -78.71 21.16
C MET K 57 10.84 -79.56 22.29
N MET K 58 9.99 -79.93 23.25
CA MET K 58 10.39 -80.73 24.40
C MET K 58 9.44 -81.91 24.53
N ASP K 59 9.64 -82.70 25.58
CA ASP K 59 8.81 -83.88 25.79
C ASP K 59 7.39 -83.61 26.26
N ARG K 60 6.43 -84.23 25.57
CA ARG K 60 5.01 -84.09 25.88
C ARG K 60 4.78 -84.18 27.38
N VAL K 61 5.53 -85.08 27.99
CA VAL K 61 5.43 -85.30 29.42
C VAL K 61 5.58 -83.97 30.15
N LEU K 62 6.52 -83.15 29.68
CA LEU K 62 6.77 -81.87 30.32
C LEU K 62 5.49 -81.05 30.36
N TRP K 63 4.93 -80.81 29.18
CA TRP K 63 3.70 -80.03 29.10
C TRP K 63 2.54 -80.62 29.87
N GLU K 64 2.54 -81.93 30.06
CA GLU K 64 1.45 -82.48 30.81
C GLU K 64 1.53 -81.83 32.19
N LYS K 65 2.76 -81.74 32.71
CA LYS K 65 2.98 -81.15 34.02
C LYS K 65 2.58 -79.67 34.13
N THR K 66 3.11 -78.86 33.23
CA THR K 66 2.82 -77.42 33.26
C THR K 66 1.31 -77.19 33.25
N GLY K 67 0.61 -77.93 32.39
CA GLY K 67 -0.83 -77.78 32.28
C GLY K 67 -1.25 -77.63 30.83
N HIS K 68 -0.31 -77.18 30.00
CA HIS K 68 -0.57 -76.99 28.59
C HIS K 68 -1.31 -78.16 27.99
N TRP K 69 -0.89 -79.37 28.34
CA TRP K 69 -1.52 -80.54 27.78
C TRP K 69 -3.00 -80.70 28.14
N ASP K 70 -3.37 -80.25 29.33
CA ASP K 70 -4.75 -80.40 29.78
C ASP K 70 -5.68 -79.24 29.52
N ASN K 71 -5.14 -78.17 28.93
CA ASN K 71 -5.94 -76.99 28.59
C ASN K 71 -5.21 -76.11 27.57
N TYR K 72 -4.89 -76.71 26.43
CA TYR K 72 -4.18 -76.00 25.36
C TYR K 72 -3.74 -77.02 24.32
N LYS K 73 -3.80 -78.30 24.69
CA LYS K 73 -3.36 -79.35 23.80
C LYS K 73 -3.97 -79.24 22.39
N ASP K 74 -5.11 -78.56 22.31
CA ASP K 74 -5.81 -78.37 21.05
C ASP K 74 -5.08 -77.41 20.12
N ALA K 75 -4.35 -76.46 20.69
CA ALA K 75 -3.61 -75.48 19.87
C ALA K 75 -2.16 -75.89 19.73
N MET K 76 -1.83 -77.03 20.32
CA MET K 76 -0.47 -77.54 20.31
C MET K 76 -0.14 -78.47 19.15
N PHE K 77 1.04 -78.29 18.57
CA PHE K 77 1.50 -79.13 17.47
C PHE K 77 2.35 -80.23 18.06
N THR K 78 2.40 -81.38 17.41
CA THR K 78 3.19 -82.49 17.94
C THR K 78 3.90 -83.43 16.96
N THR K 79 5.10 -83.87 17.35
CA THR K 79 5.90 -84.81 16.56
C THR K 79 6.42 -85.82 17.53
N SER K 80 7.31 -86.68 17.05
CA SER K 80 7.90 -87.71 17.89
C SER K 80 8.95 -88.55 17.17
N SER K 81 9.90 -89.08 17.93
CA SER K 81 10.95 -89.97 17.42
C SER K 81 10.72 -91.31 18.12
N GLU K 82 11.54 -92.31 17.80
CA GLU K 82 11.39 -93.64 18.42
C GLU K 82 11.27 -93.40 19.91
N ASN K 83 12.16 -92.54 20.38
CA ASN K 83 12.24 -92.11 21.76
C ASN K 83 10.83 -91.81 22.33
N ARG K 84 10.52 -90.54 22.53
CA ARG K 84 9.22 -90.12 23.09
C ARG K 84 8.35 -89.40 22.06
N GLU K 85 7.54 -88.48 22.56
CA GLU K 85 6.66 -87.66 21.74
C GLU K 85 6.79 -86.24 22.27
N TYR K 86 7.07 -85.30 21.37
CA TYR K 86 7.25 -83.91 21.75
C TYR K 86 6.17 -82.99 21.19
N CYS K 87 6.04 -81.83 21.82
CA CYS K 87 5.10 -80.80 21.39
C CYS K 87 5.99 -79.68 20.91
N ILE K 88 5.58 -79.03 19.83
CA ILE K 88 6.35 -77.90 19.33
C ILE K 88 5.93 -76.78 20.26
N LYS K 89 6.92 -76.06 20.77
CA LYS K 89 6.61 -75.01 21.71
C LYS K 89 5.61 -73.94 21.28
N PRO K 90 4.58 -73.72 22.12
CA PRO K 90 3.49 -72.75 21.96
C PRO K 90 3.98 -71.46 22.58
N MET K 91 4.61 -71.62 23.76
CA MET K 91 5.19 -70.53 24.56
C MET K 91 6.62 -70.94 24.95
N ASN K 92 7.36 -70.03 25.58
CA ASN K 92 8.75 -70.35 25.95
C ASN K 92 8.86 -70.37 27.46
N CYS K 93 7.71 -70.22 28.11
CA CYS K 93 7.64 -70.23 29.56
C CYS K 93 8.33 -71.50 30.10
N PRO K 94 7.78 -72.69 29.79
CA PRO K 94 8.38 -73.93 30.27
C PRO K 94 9.88 -73.92 30.08
N GLY K 95 10.32 -73.72 28.85
CA GLY K 95 11.74 -73.70 28.56
C GLY K 95 12.56 -72.85 29.52
N HIS K 96 12.20 -71.57 29.65
CA HIS K 96 12.93 -70.67 30.53
C HIS K 96 13.10 -71.23 31.93
N VAL K 97 12.05 -71.86 32.43
CA VAL K 97 12.08 -72.47 33.75
C VAL K 97 13.18 -73.51 33.83
N GLN K 98 13.31 -74.30 32.77
CA GLN K 98 14.34 -75.32 32.73
C GLN K 98 15.69 -74.69 32.89
N ILE K 99 15.95 -73.67 32.09
CA ILE K 99 17.20 -72.96 32.17
C ILE K 99 17.37 -72.34 33.55
N PHE K 100 16.26 -71.99 34.19
CA PHE K 100 16.34 -71.40 35.51
C PHE K 100 16.73 -72.41 36.55
N ASN K 101 16.27 -73.63 36.36
CA ASN K 101 16.53 -74.71 37.29
C ASN K 101 17.96 -75.22 37.35
N GLN K 102 18.80 -74.85 36.37
CA GLN K 102 20.20 -75.27 36.41
C GLN K 102 20.90 -74.60 37.58
N GLY K 103 21.29 -75.40 38.57
CA GLY K 103 21.98 -74.86 39.73
C GLY K 103 21.08 -74.37 40.84
N LEU K 104 21.68 -73.97 41.94
CA LEU K 104 20.92 -73.48 43.08
C LEU K 104 20.86 -71.95 43.05
N LYS K 105 19.63 -71.44 42.98
CA LYS K 105 19.42 -70.01 42.93
C LYS K 105 19.03 -69.47 44.30
N SER K 106 19.70 -68.39 44.73
CA SER K 106 19.38 -67.79 46.01
C SER K 106 18.46 -66.63 45.73
N TYR K 107 17.93 -66.04 46.78
CA TYR K 107 17.05 -64.89 46.60
C TYR K 107 17.86 -63.82 45.89
N ARG K 108 19.16 -63.77 46.17
CA ARG K 108 20.01 -62.75 45.58
C ARG K 108 20.17 -62.83 44.07
N ASP K 109 19.69 -63.92 43.47
CA ASP K 109 19.76 -64.06 42.03
C ASP K 109 18.51 -63.38 41.45
N LEU K 110 17.62 -62.93 42.35
CA LEU K 110 16.36 -62.26 42.01
C LEU K 110 16.38 -60.75 42.19
N PRO K 111 15.61 -60.03 41.36
CA PRO K 111 14.74 -60.56 40.30
C PRO K 111 15.54 -61.08 39.10
N LEU K 112 15.09 -62.22 38.56
CA LEU K 112 15.75 -62.82 37.43
C LEU K 112 14.98 -62.54 36.15
N ARG K 113 15.56 -61.67 35.31
CA ARG K 113 14.92 -61.28 34.06
C ARG K 113 15.46 -62.01 32.84
N MET K 114 14.73 -63.06 32.46
CA MET K 114 15.13 -63.86 31.32
C MET K 114 14.25 -63.68 30.10
N ALA K 115 14.83 -63.07 29.07
CA ALA K 115 14.14 -62.81 27.83
C ALA K 115 14.67 -63.68 26.68
N GLU K 116 13.88 -63.73 25.61
CA GLU K 116 14.24 -64.54 24.45
C GLU K 116 13.29 -64.15 23.31
N PHE K 117 13.82 -64.17 22.08
CA PHE K 117 13.00 -63.89 20.90
C PHE K 117 12.54 -65.29 20.52
N GLY K 118 11.65 -65.81 21.37
CA GLY K 118 11.14 -67.15 21.21
C GLY K 118 10.13 -67.45 20.13
N SER K 119 10.56 -68.28 19.19
CA SER K 119 9.72 -68.68 18.09
C SER K 119 8.64 -69.69 18.51
N CYS K 120 7.37 -69.28 18.51
CA CYS K 120 6.27 -70.16 18.90
C CYS K 120 5.42 -70.71 17.76
N HIS K 121 4.60 -71.70 18.07
CA HIS K 121 3.74 -72.30 17.08
C HIS K 121 2.45 -72.72 17.66
N ARG K 122 1.36 -72.35 17.02
CA ARG K 122 0.04 -72.69 17.52
C ARG K 122 -0.88 -73.06 16.38
N ASN K 123 -1.66 -74.12 16.59
CA ASN K 123 -2.60 -74.58 15.58
C ASN K 123 -3.83 -73.70 15.67
N GLU K 124 -3.70 -72.48 15.13
CA GLU K 124 -4.79 -71.53 15.13
C GLU K 124 -5.80 -72.03 14.10
N PRO K 125 -7.10 -72.03 14.46
CA PRO K 125 -8.16 -72.50 13.55
C PRO K 125 -8.08 -71.80 12.17
N SER K 126 -8.07 -72.62 11.11
CA SER K 126 -8.00 -72.13 9.74
C SER K 126 -8.69 -70.77 9.56
N GLY K 127 -9.91 -70.68 10.06
CA GLY K 127 -10.70 -69.46 9.98
C GLY K 127 -10.09 -68.22 10.60
N SER K 128 -9.60 -68.34 11.82
CA SER K 128 -9.03 -67.19 12.54
C SER K 128 -7.72 -66.60 12.00
N LEU K 129 -7.12 -67.19 10.98
CA LEU K 129 -5.86 -66.65 10.46
C LEU K 129 -6.06 -65.28 9.82
N HIS K 130 -5.00 -64.48 9.72
CA HIS K 130 -5.08 -63.15 9.12
C HIS K 130 -3.71 -62.52 8.98
N GLY K 131 -3.31 -62.26 7.73
CA GLY K 131 -2.01 -61.66 7.45
C GLY K 131 -0.95 -61.98 8.47
N LEU K 132 -0.23 -60.95 8.91
CA LEU K 132 0.82 -61.11 9.91
C LEU K 132 0.22 -60.98 11.33
N MET K 133 -1.05 -60.60 11.40
CA MET K 133 -1.71 -60.40 12.68
C MET K 133 -2.04 -61.68 13.43
N ARG K 134 -2.57 -62.70 12.75
CA ARG K 134 -2.90 -63.95 13.40
C ARG K 134 -2.35 -65.07 12.51
N VAL K 135 -1.21 -65.63 12.94
CA VAL K 135 -0.52 -66.67 12.20
C VAL K 135 -0.33 -67.92 13.03
N ARG K 136 0.01 -69.02 12.37
CA ARG K 136 0.24 -70.30 13.04
C ARG K 136 1.67 -70.34 13.61
N GLY K 137 2.59 -69.63 12.96
CA GLY K 137 3.97 -69.59 13.40
C GLY K 137 4.58 -68.21 13.53
N PHE K 138 4.72 -67.73 14.77
CA PHE K 138 5.28 -66.40 15.06
C PHE K 138 6.46 -66.37 16.03
N THR K 139 6.85 -65.16 16.40
CA THR K 139 8.01 -64.99 17.26
C THR K 139 7.78 -64.00 18.40
N GLN K 140 7.42 -64.48 19.58
CA GLN K 140 7.22 -63.58 20.71
C GLN K 140 8.53 -62.93 21.12
N ASP K 141 8.43 -61.74 21.71
CA ASP K 141 9.61 -61.02 22.17
C ASP K 141 9.58 -61.09 23.70
N ASP K 142 8.96 -62.15 24.25
CA ASP K 142 8.81 -62.22 25.68
C ASP K 142 10.02 -62.55 26.47
N ALA K 143 9.74 -62.65 27.75
CA ALA K 143 10.72 -62.93 28.77
C ALA K 143 9.86 -63.38 29.94
N HIS K 144 10.52 -63.93 30.94
CA HIS K 144 9.82 -64.32 32.14
C HIS K 144 10.67 -63.82 33.30
N ILE K 145 10.00 -63.24 34.29
CA ILE K 145 10.72 -62.72 35.44
C ILE K 145 10.46 -63.59 36.65
N PHE K 146 11.56 -63.99 37.28
CA PHE K 146 11.50 -64.82 38.45
C PHE K 146 11.76 -63.86 39.59
N CYS K 147 10.90 -63.87 40.59
CA CYS K 147 11.10 -62.94 41.69
C CYS K 147 10.28 -63.26 42.93
N THR K 148 10.66 -62.62 44.03
CA THR K 148 9.97 -62.73 45.32
C THR K 148 8.70 -61.92 45.07
N GLU K 149 7.69 -61.96 45.94
CA GLU K 149 6.51 -61.15 45.63
C GLU K 149 6.51 -59.70 46.06
N GLU K 150 7.52 -59.30 46.80
CA GLU K 150 7.61 -57.89 47.20
C GLU K 150 8.12 -57.24 45.92
N GLN K 151 8.79 -58.06 45.12
CA GLN K 151 9.34 -57.60 43.86
C GLN K 151 8.23 -57.48 42.81
N ILE K 152 7.13 -58.22 42.99
CA ILE K 152 6.03 -58.20 42.03
C ILE K 152 5.69 -56.78 41.60
N ARG K 153 5.49 -55.87 42.56
CA ARG K 153 5.16 -54.52 42.18
C ARG K 153 6.16 -53.95 41.20
N ASP K 154 7.24 -53.40 41.72
CA ASP K 154 8.31 -52.80 40.90
C ASP K 154 8.51 -53.58 39.62
N GLU K 155 8.43 -54.90 39.73
CA GLU K 155 8.62 -55.73 38.57
C GLU K 155 7.58 -55.51 37.51
N VAL K 156 6.31 -55.55 37.90
CA VAL K 156 5.23 -55.34 36.94
C VAL K 156 5.27 -53.94 36.39
N ASN K 157 5.44 -52.96 37.27
CA ASN K 157 5.54 -51.57 36.85
C ASN K 157 6.61 -51.43 35.77
N GLY K 158 7.82 -51.93 36.06
CA GLY K 158 8.90 -51.85 35.09
C GLY K 158 8.46 -52.31 33.72
N CYS K 159 7.58 -53.32 33.71
CA CYS K 159 7.03 -53.89 32.49
C CYS K 159 6.17 -52.83 31.81
N ILE K 160 5.10 -52.43 32.50
CA ILE K 160 4.20 -51.40 32.00
C ILE K 160 5.02 -50.29 31.36
N ARG K 161 5.83 -49.62 32.18
CA ARG K 161 6.69 -48.53 31.75
C ARG K 161 7.40 -48.85 30.47
N LEU K 162 7.90 -50.07 30.37
CA LEU K 162 8.60 -50.50 29.17
C LEU K 162 7.69 -50.50 27.93
N VAL K 163 6.47 -50.97 28.09
CA VAL K 163 5.51 -51.04 27.00
C VAL K 163 5.28 -49.66 26.43
N TYR K 164 4.97 -48.71 27.30
CA TYR K 164 4.72 -47.35 26.88
C TYR K 164 5.97 -46.71 26.31
N ASP K 165 7.01 -46.59 27.10
CA ASP K 165 8.26 -46.01 26.65
C ASP K 165 8.73 -46.60 25.33
N MET K 166 8.30 -47.82 25.01
CA MET K 166 8.72 -48.44 23.75
C MET K 166 7.76 -48.11 22.61
N TYR K 167 6.47 -48.26 22.88
CA TYR K 167 5.44 -47.94 21.91
C TYR K 167 5.62 -46.49 21.45
N SER K 168 5.87 -45.62 22.40
CA SER K 168 6.08 -44.19 22.14
C SER K 168 7.05 -43.97 20.98
N THR K 169 8.01 -44.88 20.79
CA THR K 169 8.97 -44.70 19.70
C THR K 169 8.26 -44.66 18.36
N PHE K 170 7.11 -45.33 18.30
CA PHE K 170 6.32 -45.47 17.07
C PHE K 170 5.19 -44.42 17.06
N GLY K 171 5.07 -43.70 18.17
CA GLY K 171 4.06 -42.67 18.27
C GLY K 171 2.70 -43.29 18.13
N PHE K 172 2.38 -44.25 18.98
CA PHE K 172 1.05 -44.85 18.91
C PHE K 172 0.08 -43.99 19.70
N GLU K 173 -1.11 -43.83 19.16
CA GLU K 173 -2.11 -43.03 19.82
C GLU K 173 -3.07 -43.94 20.58
N LYS K 174 -3.62 -44.91 19.86
CA LYS K 174 -4.56 -45.84 20.48
C LYS K 174 -3.84 -47.00 21.13
N ILE K 175 -3.89 -47.00 22.47
CA ILE K 175 -3.28 -48.02 23.34
C ILE K 175 -4.30 -48.30 24.43
N VAL K 176 -5.18 -49.26 24.24
CA VAL K 176 -6.17 -49.51 25.29
C VAL K 176 -5.92 -50.77 26.12
N VAL K 177 -6.06 -50.61 27.43
CA VAL K 177 -5.80 -51.69 28.35
C VAL K 177 -7.02 -52.50 28.77
N LYS K 178 -6.78 -53.79 29.00
CA LYS K 178 -7.81 -54.74 29.42
C LYS K 178 -7.17 -55.62 30.50
N LEU K 179 -7.97 -56.16 31.40
CA LEU K 179 -7.43 -57.03 32.44
C LEU K 179 -8.18 -58.35 32.55
N SER K 180 -7.83 -59.26 31.64
CA SER K 180 -8.44 -60.59 31.56
C SER K 180 -8.35 -61.36 32.88
N THR K 181 -9.50 -61.82 33.38
CA THR K 181 -9.57 -62.54 34.65
C THR K 181 -9.75 -64.06 34.53
N ARG K 182 -9.36 -64.79 35.58
CA ARG K 182 -9.44 -66.26 35.61
C ARG K 182 -10.37 -66.89 34.57
N PRO K 183 -9.78 -67.55 33.56
CA PRO K 183 -10.53 -68.19 32.48
C PRO K 183 -11.23 -69.42 32.98
N GLU K 184 -11.92 -70.09 32.05
CA GLU K 184 -12.63 -71.30 32.37
C GLU K 184 -11.68 -72.32 32.99
N LYS K 185 -10.73 -72.80 32.20
CA LYS K 185 -9.77 -73.79 32.65
C LYS K 185 -8.44 -73.19 33.11
N ARG K 186 -8.37 -72.77 34.37
CA ARG K 186 -7.14 -72.22 34.92
C ARG K 186 -6.42 -73.35 35.67
N ILE K 187 -5.33 -73.04 36.37
CA ILE K 187 -4.59 -74.09 37.08
C ILE K 187 -4.18 -73.78 38.54
N GLY K 188 -4.59 -72.63 39.05
CA GLY K 188 -4.26 -72.28 40.43
C GLY K 188 -5.50 -72.18 41.32
N SER K 189 -5.30 -72.21 42.64
CA SER K 189 -6.44 -72.12 43.55
C SER K 189 -7.05 -70.73 43.45
N ASP K 190 -8.37 -70.65 43.64
CA ASP K 190 -9.03 -69.36 43.57
C ASP K 190 -8.25 -68.39 44.43
N GLU K 191 -7.97 -68.82 45.65
CA GLU K 191 -7.19 -68.01 46.60
C GLU K 191 -5.97 -67.39 45.89
N MET K 192 -5.30 -68.16 45.04
CA MET K 192 -4.14 -67.68 44.31
C MET K 192 -4.55 -66.64 43.28
N TRP K 193 -5.51 -67.00 42.43
CA TRP K 193 -5.98 -66.07 41.42
C TRP K 193 -6.46 -64.76 42.03
N ASP K 194 -7.11 -64.85 43.18
CA ASP K 194 -7.59 -63.66 43.87
C ASP K 194 -6.42 -62.70 43.94
N ARG K 195 -5.40 -63.09 44.69
CA ARG K 195 -4.21 -62.27 44.84
C ARG K 195 -3.67 -61.83 43.48
N ALA K 196 -3.37 -62.81 42.64
CA ALA K 196 -2.82 -62.54 41.31
C ALA K 196 -3.57 -61.44 40.58
N GLU K 197 -4.89 -61.57 40.51
CA GLU K 197 -5.75 -60.59 39.84
C GLU K 197 -5.63 -59.26 40.54
N ALA K 198 -5.89 -59.25 41.84
CA ALA K 198 -5.80 -58.02 42.61
C ALA K 198 -4.50 -57.31 42.25
N ASP K 199 -3.37 -57.97 42.54
CA ASP K 199 -2.04 -57.43 42.25
C ASP K 199 -1.99 -56.65 40.94
N LEU K 200 -2.31 -57.33 39.82
CA LEU K 200 -2.30 -56.70 38.50
C LEU K 200 -3.16 -55.44 38.45
N ALA K 201 -4.43 -55.55 38.85
CA ALA K 201 -5.35 -54.41 38.88
C ALA K 201 -4.71 -53.24 39.64
N VAL K 202 -4.29 -53.52 40.86
CA VAL K 202 -3.63 -52.51 41.67
C VAL K 202 -2.56 -51.80 40.84
N ALA K 203 -1.72 -52.60 40.19
CA ALA K 203 -0.65 -52.06 39.35
C ALA K 203 -1.22 -51.02 38.40
N LEU K 204 -2.14 -51.45 37.55
CA LEU K 204 -2.79 -50.55 36.61
C LEU K 204 -3.20 -49.25 37.27
N GLU K 205 -4.26 -49.32 38.07
CA GLU K 205 -4.78 -48.14 38.74
C GLU K 205 -3.76 -47.34 39.54
N GLU K 206 -2.65 -47.99 39.84
CA GLU K 206 -1.62 -47.33 40.61
C GLU K 206 -0.81 -46.44 39.69
N ASN K 207 -0.90 -46.72 38.39
CA ASN K 207 -0.21 -45.93 37.38
C ASN K 207 -1.25 -45.15 36.58
N ASN K 208 -2.49 -45.21 37.05
CA ASN K 208 -3.59 -44.52 36.40
C ASN K 208 -3.84 -44.95 35.00
N ILE K 209 -3.78 -46.25 34.76
CA ILE K 209 -4.05 -46.74 33.43
C ILE K 209 -5.49 -47.16 33.51
N PRO K 210 -6.34 -46.63 32.62
CA PRO K 210 -7.77 -46.98 32.61
C PRO K 210 -7.91 -48.33 31.92
N PHE K 211 -8.86 -49.13 32.37
CA PHE K 211 -9.05 -50.43 31.75
C PHE K 211 -10.41 -51.05 31.97
N GLU K 212 -10.58 -52.26 31.44
CA GLU K 212 -11.83 -52.97 31.61
C GLU K 212 -11.49 -54.43 31.79
N TYR K 213 -12.27 -55.12 32.61
CA TYR K 213 -12.03 -56.55 32.83
C TYR K 213 -12.47 -57.36 31.64
N GLN K 214 -11.56 -58.23 31.19
CA GLN K 214 -11.83 -59.06 30.06
C GLN K 214 -12.47 -60.36 30.57
N LEU K 215 -13.04 -60.29 31.78
CA LEU K 215 -13.73 -61.42 32.43
C LEU K 215 -13.75 -62.75 31.68
N GLY K 216 -13.16 -63.79 32.27
CA GLY K 216 -13.17 -65.09 31.62
C GLY K 216 -12.00 -65.28 30.68
N GLU K 217 -11.16 -64.25 30.55
CA GLU K 217 -9.99 -64.33 29.68
C GLU K 217 -8.75 -64.43 30.55
N GLY K 218 -7.60 -64.49 29.91
CA GLY K 218 -6.38 -64.59 30.67
C GLY K 218 -5.81 -65.98 30.64
N ALA K 219 -4.50 -66.03 30.74
CA ALA K 219 -3.75 -67.27 30.74
C ALA K 219 -4.42 -68.36 31.57
N PHE K 220 -4.34 -69.60 31.10
CA PHE K 220 -4.91 -70.69 31.89
C PHE K 220 -4.09 -70.75 33.18
N TYR K 221 -2.98 -70.00 33.21
CA TYR K 221 -2.06 -69.94 34.35
C TYR K 221 -1.94 -68.62 35.12
N GLY K 222 -2.87 -67.69 34.87
CA GLY K 222 -2.83 -66.42 35.60
C GLY K 222 -3.51 -65.23 34.93
N PRO K 223 -3.88 -64.20 35.70
CA PRO K 223 -4.52 -63.00 35.17
C PRO K 223 -3.64 -62.40 34.08
N LYS K 224 -4.22 -61.53 33.25
CA LYS K 224 -3.45 -60.99 32.16
C LYS K 224 -3.78 -59.57 31.73
N ILE K 225 -2.83 -58.66 31.91
CA ILE K 225 -3.00 -57.28 31.49
C ILE K 225 -2.74 -57.31 30.00
N GLU K 226 -3.70 -56.80 29.22
CA GLU K 226 -3.58 -56.76 27.77
C GLU K 226 -3.39 -55.35 27.23
N PHE K 227 -2.40 -55.20 26.36
CA PHE K 227 -2.21 -53.91 25.73
C PHE K 227 -2.65 -54.13 24.28
N THR K 228 -3.78 -53.50 23.92
CA THR K 228 -4.33 -53.64 22.57
C THR K 228 -4.07 -52.41 21.71
N LEU K 229 -3.60 -52.65 20.50
CA LEU K 229 -3.34 -51.59 19.52
C LEU K 229 -4.40 -51.80 18.44
N TYR K 230 -4.65 -50.79 17.60
CA TYR K 230 -5.66 -50.96 16.55
C TYR K 230 -5.12 -50.80 15.14
N ASP K 231 -5.79 -51.43 14.19
CA ASP K 231 -5.34 -51.40 12.80
C ASP K 231 -6.13 -50.55 11.81
N CYS K 232 -5.93 -50.86 10.54
CA CYS K 232 -6.59 -50.17 9.43
C CYS K 232 -8.07 -49.94 9.71
N LEU K 233 -8.79 -51.01 9.99
CA LEU K 233 -10.22 -50.92 10.24
C LEU K 233 -10.49 -50.81 11.71
N ASP K 234 -9.59 -50.12 12.40
CA ASP K 234 -9.74 -49.94 13.83
C ASP K 234 -10.23 -51.21 14.52
N ARG K 235 -9.59 -52.33 14.21
CA ARG K 235 -9.95 -53.61 14.83
C ARG K 235 -8.97 -53.75 15.98
N ALA K 236 -9.44 -54.29 17.11
CA ALA K 236 -8.56 -54.46 18.27
C ALA K 236 -7.65 -55.65 18.08
N TRP K 237 -6.41 -55.47 18.51
CA TRP K 237 -5.40 -56.50 18.42
C TRP K 237 -4.52 -56.47 19.68
N GLN K 238 -4.40 -57.62 20.34
CA GLN K 238 -3.60 -57.70 21.54
C GLN K 238 -2.12 -57.76 21.15
N CYS K 239 -1.33 -56.80 21.63
CA CYS K 239 0.09 -56.77 21.32
C CYS K 239 0.96 -57.00 22.54
N GLY K 240 1.04 -56.02 23.41
CA GLY K 240 1.82 -56.18 24.62
C GLY K 240 0.97 -56.98 25.61
N THR K 241 1.62 -57.48 26.67
CA THR K 241 0.92 -58.25 27.71
C THR K 241 1.83 -58.59 28.89
N VAL K 242 1.25 -58.50 30.09
CA VAL K 242 1.96 -58.80 31.31
C VAL K 242 1.05 -59.73 32.11
N GLN K 243 1.57 -60.91 32.41
CA GLN K 243 0.79 -61.90 33.14
C GLN K 243 1.46 -62.31 34.47
N LEU K 244 0.65 -62.50 35.51
CA LEU K 244 1.16 -62.88 36.83
C LEU K 244 0.91 -64.36 37.09
N ASP K 245 1.99 -65.15 37.01
CA ASP K 245 1.91 -66.59 37.18
C ASP K 245 2.22 -67.09 38.59
N PHE K 246 1.29 -67.86 39.15
CA PHE K 246 1.52 -68.41 40.47
C PHE K 246 1.68 -69.93 40.49
N SER K 247 1.27 -70.60 39.42
CA SER K 247 1.38 -72.05 39.35
C SER K 247 2.68 -72.55 38.78
N LEU K 248 2.83 -72.50 37.47
CA LEU K 248 4.04 -72.95 36.79
C LEU K 248 5.35 -73.00 37.57
N PRO K 249 5.77 -71.88 38.21
CA PRO K 249 7.04 -71.96 38.95
C PRO K 249 7.12 -73.17 39.91
N SER K 250 5.99 -73.59 40.47
CA SER K 250 5.96 -74.74 41.36
C SER K 250 5.80 -76.00 40.52
N ARG K 251 4.86 -75.99 39.59
CA ARG K 251 4.65 -77.15 38.71
C ARG K 251 5.95 -77.73 38.16
N LEU K 252 6.89 -76.88 37.76
CA LEU K 252 8.16 -77.37 37.23
C LEU K 252 9.19 -77.23 38.31
N SER K 253 8.69 -77.19 39.54
CA SER K 253 9.51 -77.09 40.74
C SER K 253 10.79 -76.29 40.61
N ALA K 254 10.65 -75.00 40.81
CA ALA K 254 11.78 -74.12 40.78
C ALA K 254 11.81 -73.57 42.21
N SER K 255 12.94 -73.00 42.62
CA SER K 255 13.04 -72.44 43.96
C SER K 255 14.34 -71.72 44.22
N TYR K 256 14.30 -70.83 45.19
CA TYR K 256 15.49 -70.08 45.57
C TYR K 256 15.67 -70.12 47.09
N VAL K 257 16.81 -69.63 47.54
CA VAL K 257 17.13 -69.64 48.97
C VAL K 257 16.97 -68.27 49.60
N GLY K 258 16.18 -68.18 50.67
CA GLY K 258 16.00 -66.92 51.38
C GLY K 258 17.19 -66.73 52.33
N GLU K 259 17.24 -65.63 53.09
CA GLU K 259 18.36 -65.43 54.03
C GLU K 259 18.12 -66.48 55.08
N ASP K 260 16.85 -66.82 55.22
CA ASP K 260 16.39 -67.84 56.16
C ASP K 260 16.87 -69.20 55.66
N ASN K 261 17.84 -69.17 54.75
CA ASN K 261 18.41 -70.37 54.18
C ASN K 261 17.28 -71.38 53.94
N GLU K 262 16.16 -70.87 53.42
CA GLU K 262 14.98 -71.69 53.13
C GLU K 262 14.50 -71.71 51.67
N ARG K 263 13.91 -72.85 51.32
CA ARG K 263 13.35 -73.11 49.98
C ARG K 263 12.09 -72.30 49.77
N LYS K 264 12.07 -71.49 48.70
CA LYS K 264 10.91 -70.68 48.36
C LYS K 264 10.72 -70.76 46.83
N VAL K 265 9.47 -70.97 46.40
CA VAL K 265 9.17 -71.03 44.98
C VAL K 265 9.08 -69.59 44.51
N PRO K 266 9.73 -69.26 43.40
CA PRO K 266 9.66 -67.88 42.94
C PRO K 266 8.32 -67.56 42.30
N VAL K 267 8.06 -66.27 42.16
CA VAL K 267 6.84 -65.81 41.50
C VAL K 267 7.34 -65.61 40.08
N MET K 268 6.46 -65.84 39.11
CA MET K 268 6.88 -65.67 37.74
C MET K 268 5.96 -64.77 36.95
N ILE K 269 6.57 -63.74 36.36
CA ILE K 269 5.86 -62.76 35.55
C ILE K 269 6.16 -62.99 34.06
N HIS K 270 5.09 -63.20 33.26
CA HIS K 270 5.22 -63.39 31.80
C HIS K 270 5.01 -61.99 31.20
N ARG K 271 5.71 -61.69 30.11
CA ARG K 271 5.53 -60.39 29.50
C ARG K 271 6.20 -60.24 28.15
N ALA K 272 5.47 -59.63 27.21
CA ALA K 272 5.96 -59.36 25.86
C ALA K 272 5.59 -57.91 25.55
N ILE K 273 6.58 -57.11 25.18
CA ILE K 273 6.31 -55.70 24.84
C ILE K 273 5.68 -55.58 23.46
N LEU K 274 6.44 -55.85 22.40
CA LEU K 274 5.89 -55.78 21.05
C LEU K 274 4.75 -56.81 20.92
N GLY K 275 4.86 -57.91 21.64
CA GLY K 275 3.85 -58.95 21.60
C GLY K 275 4.32 -60.12 20.75
N SER K 276 4.30 -59.90 19.44
CA SER K 276 4.73 -60.88 18.44
C SER K 276 5.37 -60.10 17.30
N MET K 277 6.56 -60.51 16.88
CA MET K 277 7.25 -59.83 15.79
C MET K 277 6.40 -59.60 14.54
N GLU K 278 5.78 -60.66 14.04
CA GLU K 278 4.94 -60.55 12.87
C GLU K 278 3.74 -59.65 13.13
N ARG K 279 2.99 -59.92 14.21
CA ARG K 279 1.82 -59.10 14.50
C ARG K 279 2.18 -57.63 14.58
N PHE K 280 3.09 -57.27 15.47
CA PHE K 280 3.50 -55.89 15.61
C PHE K 280 3.98 -55.30 14.27
N ILE K 281 4.67 -56.11 13.47
CA ILE K 281 5.12 -55.58 12.19
C ILE K 281 3.86 -55.23 11.40
N GLY K 282 2.87 -56.13 11.42
CA GLY K 282 1.62 -55.91 10.72
C GLY K 282 1.02 -54.56 11.07
N ILE K 283 0.97 -54.27 12.36
CA ILE K 283 0.45 -53.01 12.85
C ILE K 283 1.26 -51.81 12.37
N LEU K 284 2.58 -51.89 12.47
CA LEU K 284 3.41 -50.80 11.99
C LEU K 284 3.07 -50.51 10.53
N THR K 285 3.01 -51.58 9.71
CA THR K 285 2.67 -51.43 8.30
C THR K 285 1.32 -50.73 8.23
N GLU K 286 0.30 -51.27 8.91
CA GLU K 286 -1.01 -50.64 8.94
C GLU K 286 -0.85 -49.15 9.26
N GLU K 287 -0.32 -48.82 10.43
CA GLU K 287 -0.11 -47.41 10.78
C GLU K 287 0.58 -46.66 9.64
N PHE K 288 1.91 -46.52 9.72
CA PHE K 288 2.70 -45.82 8.68
C PHE K 288 2.26 -46.11 7.22
N ALA K 289 1.53 -47.20 7.03
CA ALA K 289 1.04 -47.62 5.73
C ALA K 289 2.18 -47.55 4.71
N GLY K 290 3.21 -48.34 4.95
CA GLY K 290 4.32 -48.36 4.04
C GLY K 290 5.29 -47.22 4.27
N PHE K 291 5.02 -46.36 5.23
CA PHE K 291 5.95 -45.26 5.44
C PHE K 291 6.76 -45.42 6.70
N PHE K 292 7.44 -46.55 6.77
CA PHE K 292 8.30 -46.88 7.90
C PHE K 292 9.32 -45.77 8.10
N PRO K 293 9.56 -45.39 9.35
CA PRO K 293 10.53 -44.34 9.64
C PRO K 293 11.89 -44.73 9.06
N THR K 294 12.74 -43.74 8.83
CA THR K 294 14.05 -44.00 8.25
C THR K 294 14.74 -45.22 8.81
N TRP K 295 14.92 -45.26 10.12
CA TRP K 295 15.60 -46.39 10.74
C TRP K 295 14.97 -47.75 10.42
N LEU K 296 13.66 -47.78 10.27
CA LEU K 296 12.94 -49.03 10.01
C LEU K 296 12.67 -49.32 8.55
N ALA K 297 13.19 -48.47 7.68
CA ALA K 297 12.96 -48.65 6.25
C ALA K 297 13.80 -49.70 5.57
N PRO K 298 13.15 -50.69 4.94
CA PRO K 298 13.92 -51.74 4.26
C PRO K 298 15.06 -51.09 3.48
N VAL K 299 14.74 -50.07 2.70
CA VAL K 299 15.77 -49.33 1.98
C VAL K 299 15.60 -47.94 2.49
N GLN K 300 16.72 -47.35 2.88
CA GLN K 300 16.69 -46.02 3.42
C GLN K 300 16.97 -44.96 2.37
N VAL K 301 17.87 -45.26 1.44
CA VAL K 301 18.22 -44.29 0.42
C VAL K 301 18.31 -44.95 -0.95
N VAL K 302 18.22 -44.12 -1.99
CA VAL K 302 18.35 -44.55 -3.38
C VAL K 302 19.10 -43.44 -4.09
N ILE K 303 20.19 -43.80 -4.77
CA ILE K 303 20.98 -42.82 -5.49
C ILE K 303 20.84 -43.17 -6.97
N MET K 304 20.45 -42.18 -7.77
CA MET K 304 20.27 -42.39 -9.19
C MET K 304 20.89 -41.32 -10.07
N ASN K 305 21.37 -41.75 -11.23
CA ASN K 305 22.00 -40.89 -12.23
C ASN K 305 20.90 -40.44 -13.22
N ILE K 306 21.10 -39.30 -13.85
CA ILE K 306 20.13 -38.81 -14.82
C ILE K 306 20.46 -39.39 -16.20
N THR K 307 21.76 -39.47 -16.49
CA THR K 307 22.24 -40.03 -17.75
C THR K 307 23.34 -41.04 -17.43
N ASP K 308 23.76 -41.80 -18.45
CA ASP K 308 24.80 -42.81 -18.30
C ASP K 308 26.17 -42.25 -17.97
N SER K 309 26.24 -40.95 -17.71
CA SER K 309 27.49 -40.26 -17.38
C SER K 309 27.83 -40.37 -15.89
N GLN K 310 27.11 -39.59 -15.08
CA GLN K 310 27.29 -39.57 -13.63
C GLN K 310 27.07 -40.95 -12.98
N SER K 311 26.85 -42.00 -13.80
CA SER K 311 26.61 -43.35 -13.28
C SER K 311 27.72 -43.86 -12.37
N GLU K 312 28.96 -43.41 -12.61
CA GLU K 312 30.09 -43.82 -11.77
C GLU K 312 30.13 -43.04 -10.46
N TYR K 313 29.80 -41.76 -10.55
CA TYR K 313 29.75 -40.90 -9.39
C TYR K 313 28.62 -41.37 -8.48
N VAL K 314 27.67 -42.14 -9.02
CA VAL K 314 26.55 -42.68 -8.25
C VAL K 314 27.04 -43.89 -7.46
N ASN K 315 27.74 -44.80 -8.13
CA ASN K 315 28.32 -46.00 -7.49
C ASN K 315 29.26 -45.45 -6.43
N GLU K 316 29.90 -44.36 -6.79
CA GLU K 316 30.82 -43.66 -5.92
C GLU K 316 30.15 -43.43 -4.55
N LEU K 317 29.07 -42.64 -4.56
CA LEU K 317 28.30 -42.30 -3.38
C LEU K 317 27.56 -43.44 -2.71
N THR K 318 26.85 -44.26 -3.47
CA THR K 318 26.15 -45.38 -2.87
C THR K 318 27.15 -46.16 -2.03
N GLN K 319 28.42 -46.11 -2.43
CA GLN K 319 29.50 -46.78 -1.71
C GLN K 319 29.77 -46.09 -0.38
N LYS K 320 30.25 -44.86 -0.47
CA LYS K 320 30.54 -44.03 0.70
C LYS K 320 29.41 -44.15 1.73
N LEU K 321 28.17 -44.21 1.25
CA LEU K 321 26.96 -44.34 2.08
C LEU K 321 26.77 -45.73 2.68
N SER K 322 27.14 -46.76 1.92
CA SER K 322 27.02 -48.12 2.39
C SER K 322 28.00 -48.31 3.56
N ASN K 323 29.15 -47.67 3.46
CA ASN K 323 30.16 -47.74 4.52
C ASN K 323 29.68 -46.90 5.70
N ALA K 324 28.92 -45.87 5.38
CA ALA K 324 28.36 -44.98 6.39
C ALA K 324 27.41 -45.84 7.22
N GLY K 325 27.08 -47.00 6.66
CA GLY K 325 26.18 -47.91 7.34
C GLY K 325 24.74 -47.57 7.04
N ILE K 326 24.49 -47.10 5.82
CA ILE K 326 23.14 -46.72 5.41
C ILE K 326 22.61 -47.66 4.35
N ARG K 327 21.42 -48.21 4.61
CA ARG K 327 20.79 -49.11 3.65
C ARG K 327 20.52 -48.28 2.42
N VAL K 328 21.50 -48.22 1.51
CA VAL K 328 21.40 -47.46 0.27
C VAL K 328 21.56 -48.37 -0.94
N LYS K 329 21.03 -47.93 -2.08
CA LYS K 329 21.11 -48.67 -3.33
C LYS K 329 21.21 -47.70 -4.50
N ALA K 330 21.83 -48.14 -5.60
CA ALA K 330 21.97 -47.28 -6.76
C ALA K 330 21.07 -47.72 -7.93
N ASP K 331 20.26 -46.81 -8.44
CA ASP K 331 19.39 -47.10 -9.57
C ASP K 331 20.04 -46.49 -10.81
N LEU K 332 21.01 -47.20 -11.38
CA LEU K 332 21.69 -46.69 -12.56
C LEU K 332 20.93 -47.09 -13.83
N ARG K 333 19.91 -47.93 -13.66
CA ARG K 333 19.09 -48.40 -14.76
C ARG K 333 18.91 -47.39 -15.89
N ASN K 334 18.72 -47.90 -17.10
CA ASN K 334 18.53 -47.04 -18.25
C ASN K 334 17.07 -46.60 -18.26
N GLU K 335 16.78 -45.57 -17.48
CA GLU K 335 15.43 -45.08 -17.39
C GLU K 335 15.40 -43.58 -17.15
N LYS K 336 14.26 -42.99 -17.46
CA LYS K 336 14.06 -41.57 -17.26
C LYS K 336 14.08 -41.34 -15.75
N ILE K 337 14.88 -40.38 -15.30
CA ILE K 337 14.96 -40.07 -13.88
C ILE K 337 13.54 -39.94 -13.31
N GLY K 338 12.63 -39.35 -14.08
CA GLY K 338 11.25 -39.19 -13.63
C GLY K 338 10.65 -40.53 -13.26
N PHE K 339 10.95 -41.56 -14.05
CA PHE K 339 10.46 -42.90 -13.78
C PHE K 339 11.00 -43.39 -12.44
N LYS K 340 12.34 -43.35 -12.30
CA LYS K 340 13.01 -43.79 -11.08
C LYS K 340 12.37 -43.16 -9.85
N ILE K 341 12.30 -41.84 -9.82
CA ILE K 341 11.68 -41.14 -8.71
C ILE K 341 10.28 -41.70 -8.46
N ARG K 342 9.56 -42.01 -9.53
CA ARG K 342 8.22 -42.55 -9.37
C ARG K 342 8.29 -43.85 -8.60
N GLU K 343 8.71 -44.90 -9.30
CA GLU K 343 8.84 -46.24 -8.75
C GLU K 343 9.25 -46.29 -7.28
N HIS K 344 10.36 -45.65 -6.96
CA HIS K 344 10.86 -45.64 -5.59
C HIS K 344 9.96 -44.89 -4.62
N THR K 345 9.24 -43.88 -5.10
CA THR K 345 8.37 -43.16 -4.20
C THR K 345 7.22 -44.07 -3.78
N LEU K 346 6.59 -44.79 -4.70
CA LEU K 346 5.52 -45.68 -4.27
C LEU K 346 6.13 -46.91 -3.61
N ARG K 347 7.45 -46.92 -3.56
CA ARG K 347 8.21 -47.99 -2.94
C ARG K 347 8.43 -47.54 -1.49
N ARG K 348 8.34 -46.23 -1.29
CA ARG K 348 8.46 -45.57 0.01
C ARG K 348 9.86 -45.23 0.52
N VAL K 349 10.88 -45.32 -0.31
CA VAL K 349 12.24 -45.01 0.13
C VAL K 349 12.32 -43.62 0.78
N PRO K 350 12.63 -43.59 2.09
CA PRO K 350 12.72 -42.32 2.82
C PRO K 350 13.48 -41.22 2.10
N TYR K 351 14.44 -41.61 1.29
CA TYR K 351 15.25 -40.62 0.60
C TYR K 351 15.72 -41.01 -0.79
N MET K 352 15.71 -40.04 -1.70
CA MET K 352 16.13 -40.25 -3.08
C MET K 352 17.17 -39.18 -3.39
N LEU K 353 18.27 -39.62 -3.99
CA LEU K 353 19.36 -38.73 -4.37
C LEU K 353 19.58 -38.70 -5.88
N VAL K 354 19.39 -37.51 -6.46
CA VAL K 354 19.57 -37.33 -7.88
C VAL K 354 20.99 -36.84 -8.12
N CYS K 355 21.68 -37.50 -9.04
CA CYS K 355 23.05 -37.12 -9.39
C CYS K 355 23.11 -36.87 -10.89
N GLY K 356 23.14 -35.59 -11.24
CA GLY K 356 23.21 -35.19 -12.63
C GLY K 356 24.58 -34.60 -12.83
N ASP K 357 24.86 -34.18 -14.06
CA ASP K 357 26.16 -33.59 -14.34
C ASP K 357 26.43 -32.50 -13.30
N LYS K 358 25.43 -31.65 -13.07
CA LYS K 358 25.55 -30.55 -12.12
C LYS K 358 26.18 -30.98 -10.79
N GLU K 359 25.59 -31.98 -10.13
CA GLU K 359 26.09 -32.47 -8.85
C GLU K 359 27.45 -33.14 -8.89
N VAL K 360 27.82 -33.69 -10.05
CA VAL K 360 29.11 -34.37 -10.19
C VAL K 360 30.29 -33.43 -9.93
N GLU K 361 30.18 -32.21 -10.45
CA GLU K 361 31.22 -31.20 -10.26
C GLU K 361 30.75 -30.30 -9.13
N SER K 362 30.38 -30.92 -8.02
CA SER K 362 29.90 -30.20 -6.86
C SER K 362 30.11 -31.07 -5.63
N GLY K 363 30.14 -32.39 -5.83
CA GLY K 363 30.29 -33.30 -4.71
C GLY K 363 28.98 -33.25 -3.94
N LYS K 364 28.04 -32.46 -4.47
CA LYS K 364 26.73 -32.29 -3.87
C LYS K 364 25.78 -33.36 -4.41
N VAL K 365 24.66 -33.53 -3.72
CA VAL K 365 23.66 -34.52 -4.11
C VAL K 365 22.27 -33.90 -4.06
N ALA K 366 21.52 -34.03 -5.15
CA ALA K 366 20.17 -33.49 -5.18
C ALA K 366 19.31 -34.35 -4.27
N VAL K 367 19.00 -33.82 -3.10
CA VAL K 367 18.21 -34.56 -2.12
C VAL K 367 16.71 -34.32 -2.27
N ARG K 368 15.90 -35.32 -1.94
CA ARG K 368 14.46 -35.17 -2.03
C ARG K 368 13.72 -36.26 -1.25
N THR K 369 12.96 -35.85 -0.24
CA THR K 369 12.18 -36.81 0.57
C THR K 369 11.18 -37.59 -0.30
N ARG K 370 10.68 -38.70 0.21
CA ARG K 370 9.73 -39.52 -0.53
C ARG K 370 8.42 -38.75 -0.63
N ARG K 371 8.14 -37.96 0.40
CA ARG K 371 6.94 -37.15 0.46
C ARG K 371 6.98 -36.15 -0.69
N GLY K 372 8.15 -36.00 -1.29
CA GLY K 372 8.28 -35.09 -2.41
C GLY K 372 9.11 -33.84 -2.15
N LYS K 373 9.06 -33.33 -0.92
CA LYS K 373 9.81 -32.13 -0.60
C LYS K 373 11.26 -32.12 -1.08
N ASP K 374 11.50 -31.47 -2.21
CA ASP K 374 12.84 -31.38 -2.72
C ASP K 374 13.68 -30.65 -1.67
N LEU K 375 14.63 -31.34 -1.07
CA LEU K 375 15.48 -30.74 -0.05
C LEU K 375 16.67 -29.99 -0.64
N GLY K 376 16.69 -29.88 -1.97
CA GLY K 376 17.76 -29.18 -2.66
C GLY K 376 19.11 -29.84 -2.46
N SER K 377 19.93 -29.81 -3.51
CA SER K 377 21.25 -30.43 -3.43
C SER K 377 22.02 -29.99 -2.18
N MET K 378 22.78 -30.93 -1.61
CA MET K 378 23.56 -30.63 -0.42
C MET K 378 24.80 -31.52 -0.28
N ASP K 379 25.73 -31.04 0.53
CA ASP K 379 26.98 -31.71 0.83
C ASP K 379 26.75 -33.19 1.15
N VAL K 380 27.63 -34.05 0.65
CA VAL K 380 27.54 -35.50 0.88
C VAL K 380 27.60 -35.88 2.37
N ASN K 381 28.76 -35.70 2.99
CA ASN K 381 28.92 -36.03 4.39
C ASN K 381 27.71 -35.50 5.12
N GLU K 382 27.34 -34.27 4.78
CA GLU K 382 26.19 -33.59 5.37
C GLU K 382 24.95 -34.47 5.41
N VAL K 383 24.59 -35.02 4.25
CA VAL K 383 23.42 -35.90 4.17
C VAL K 383 23.65 -37.12 5.07
N ILE K 384 24.86 -37.67 5.00
CA ILE K 384 25.22 -38.82 5.81
C ILE K 384 25.03 -38.51 7.27
N GLU K 385 25.90 -37.66 7.82
CA GLU K 385 25.83 -37.26 9.22
C GLU K 385 24.39 -37.06 9.66
N LYS K 386 23.59 -36.46 8.79
CA LYS K 386 22.17 -36.18 9.07
C LYS K 386 21.29 -37.43 9.05
N LEU K 387 21.52 -38.30 8.08
CA LEU K 387 20.76 -39.54 7.98
C LEU K 387 21.05 -40.40 9.20
N GLN K 388 22.35 -40.57 9.50
CA GLN K 388 22.80 -41.36 10.64
C GLN K 388 22.09 -40.85 11.87
N GLN K 389 22.09 -39.53 12.01
CA GLN K 389 21.42 -38.87 13.12
C GLN K 389 19.97 -39.34 13.20
N GLU K 390 19.28 -39.30 12.07
CA GLU K 390 17.88 -39.71 12.01
C GLU K 390 17.68 -41.20 12.29
N ILE K 391 18.63 -42.02 11.84
CA ILE K 391 18.56 -43.46 12.06
C ILE K 391 18.94 -43.78 13.49
N ARG K 392 20.12 -43.30 13.90
CA ARG K 392 20.61 -43.50 15.26
C ARG K 392 19.55 -43.18 16.30
N SER K 393 18.73 -42.16 16.04
CA SER K 393 17.70 -41.76 16.98
C SER K 393 16.35 -42.37 16.66
N ARG K 394 16.32 -43.23 15.65
CA ARG K 394 15.09 -43.88 15.24
C ARG K 394 13.93 -42.88 15.24
N SER K 395 14.23 -41.67 14.75
CA SER K 395 13.22 -40.61 14.69
C SER K 395 12.22 -40.87 13.60
N LEU K 396 10.96 -40.52 13.85
CA LEU K 396 9.90 -40.74 12.89
C LEU K 396 9.90 -39.71 11.77
N LYS K 397 10.20 -38.46 12.11
CA LYS K 397 10.21 -37.42 11.10
C LYS K 397 11.54 -37.39 10.34
N GLN K 398 11.46 -37.16 9.04
CA GLN K 398 12.64 -37.09 8.19
C GLN K 398 13.28 -35.71 8.25
N LEU K 399 14.39 -35.53 7.53
CA LEU K 399 15.08 -34.25 7.52
C LEU K 399 14.19 -33.12 7.00
N GLU K 400 14.17 -32.02 7.74
CA GLU K 400 13.40 -30.83 7.37
C GLU K 400 11.88 -30.95 7.54
N GLU K 401 11.41 -31.89 8.36
CA GLU K 401 9.97 -32.04 8.58
C GLU K 401 9.62 -32.16 10.07
N ARG L 1 40.23 -78.44 26.78
CA ARG L 1 39.41 -79.59 27.26
C ARG L 1 38.19 -79.80 26.37
N ASP L 2 37.29 -80.67 26.83
CA ASP L 2 36.06 -80.99 26.09
C ASP L 2 35.02 -79.87 26.22
N HIS L 3 34.48 -79.42 25.09
CA HIS L 3 33.50 -78.35 25.12
C HIS L 3 32.38 -78.67 26.11
N ARG L 4 31.80 -79.87 26.01
CA ARG L 4 30.73 -80.28 26.92
C ARG L 4 31.00 -79.90 28.37
N LYS L 5 32.27 -79.96 28.75
CA LYS L 5 32.63 -79.60 30.10
C LYS L 5 32.72 -78.08 30.21
N ILE L 6 33.58 -77.47 29.39
CA ILE L 6 33.78 -76.02 29.38
C ILE L 6 32.43 -75.32 29.31
N GLY L 7 31.48 -75.98 28.66
CA GLY L 7 30.15 -75.44 28.52
C GLY L 7 29.49 -75.39 29.88
N LYS L 8 29.38 -76.55 30.52
CA LYS L 8 28.79 -76.62 31.86
C LYS L 8 29.57 -75.67 32.76
N GLN L 9 30.86 -75.59 32.48
CA GLN L 9 31.79 -74.75 33.23
C GLN L 9 31.44 -73.29 33.17
N LEU L 10 31.43 -72.73 31.95
CA LEU L 10 31.15 -71.32 31.73
C LEU L 10 29.66 -70.97 31.55
N ASP L 11 28.80 -71.91 31.93
CA ASP L 11 27.36 -71.74 31.85
C ASP L 11 26.93 -71.37 30.43
N LEU L 12 27.65 -71.89 29.45
CA LEU L 12 27.32 -71.60 28.07
C LEU L 12 26.02 -72.22 27.65
N TYR L 13 25.58 -73.23 28.38
CA TYR L 13 24.32 -73.90 28.07
C TYR L 13 24.13 -75.16 28.88
N HIS L 14 23.13 -75.95 28.49
CA HIS L 14 22.82 -77.21 29.14
C HIS L 14 21.86 -77.97 28.26
N MET L 15 21.62 -79.24 28.56
CA MET L 15 20.69 -80.07 27.80
C MET L 15 19.92 -81.00 28.74
N GLN L 16 18.69 -81.32 28.40
CA GLN L 16 17.90 -82.18 29.26
C GLN L 16 17.48 -83.38 28.46
N GLU L 17 17.08 -84.44 29.11
CA GLU L 17 16.69 -85.65 28.40
C GLU L 17 15.33 -85.56 27.72
N GLU L 18 14.39 -84.80 28.28
CA GLU L 18 13.07 -84.66 27.67
C GLU L 18 13.15 -83.88 26.36
N ALA L 19 14.35 -83.39 26.04
CA ALA L 19 14.61 -82.65 24.81
C ALA L 19 15.98 -83.10 24.30
N PRO L 20 16.05 -84.36 23.81
CA PRO L 20 17.25 -85.01 23.27
C PRO L 20 17.84 -84.37 22.04
N GLY L 21 19.11 -83.96 22.12
CA GLY L 21 19.77 -83.34 20.98
C GLY L 21 19.24 -81.94 20.67
N MET L 22 18.64 -81.32 21.70
CA MET L 22 18.08 -79.95 21.62
C MET L 22 18.82 -79.10 22.64
N VAL L 23 19.47 -78.04 22.17
CA VAL L 23 20.23 -77.17 23.08
C VAL L 23 19.41 -76.14 23.84
N PHE L 24 19.76 -75.94 25.11
CA PHE L 24 19.09 -74.95 25.95
C PHE L 24 20.12 -73.85 26.12
N TRP L 25 20.31 -73.06 25.06
CA TRP L 25 21.27 -71.98 25.11
C TRP L 25 21.07 -71.03 26.28
N HIS L 26 22.07 -71.02 27.17
CA HIS L 26 22.06 -70.16 28.34
C HIS L 26 22.50 -68.82 27.88
N ASN L 27 22.28 -67.82 28.71
CA ASN L 27 22.65 -66.47 28.33
C ASN L 27 24.05 -66.32 27.72
N ASP L 28 25.07 -66.80 28.41
CA ASP L 28 26.42 -66.65 27.89
C ASP L 28 26.69 -67.37 26.61
N GLY L 29 26.18 -68.59 26.47
CA GLY L 29 26.39 -69.32 25.23
C GLY L 29 25.72 -68.55 24.12
N TRP L 30 24.50 -68.08 24.41
CA TRP L 30 23.77 -67.31 23.42
C TRP L 30 24.61 -66.18 22.88
N THR L 31 25.20 -65.39 23.78
CA THR L 31 26.03 -64.25 23.37
C THR L 31 27.06 -64.64 22.30
N ILE L 32 27.69 -65.80 22.48
CA ILE L 32 28.67 -66.31 21.53
C ILE L 32 27.95 -66.63 20.24
N PHE L 33 26.85 -67.38 20.35
CA PHE L 33 26.04 -67.75 19.21
C PHE L 33 25.71 -66.48 18.42
N ARG L 34 25.06 -65.55 19.12
CA ARG L 34 24.64 -64.27 18.56
C ARG L 34 25.81 -63.50 17.93
N GLU L 35 26.88 -63.31 18.70
CA GLU L 35 28.05 -62.59 18.24
C GLU L 35 28.63 -63.19 16.96
N LEU L 36 28.39 -64.48 16.75
CA LEU L 36 28.87 -65.15 15.55
C LEU L 36 28.01 -64.73 14.36
N GLU L 37 26.71 -64.57 14.61
CA GLU L 37 25.79 -64.16 13.58
C GLU L 37 26.25 -62.82 13.00
N VAL L 38 26.40 -61.85 13.91
CA VAL L 38 26.84 -60.49 13.56
C VAL L 38 28.11 -60.55 12.70
N PHE L 39 28.96 -61.54 13.01
CA PHE L 39 30.20 -61.75 12.28
C PHE L 39 29.88 -62.22 10.87
N VAL L 40 29.06 -63.25 10.76
CA VAL L 40 28.62 -63.81 9.47
C VAL L 40 27.97 -62.71 8.62
N ARG L 41 26.96 -62.04 9.20
CA ARG L 41 26.28 -60.93 8.51
C ARG L 41 27.38 -60.09 7.84
N SER L 42 28.26 -59.57 8.70
CA SER L 42 29.40 -58.76 8.30
C SER L 42 30.16 -59.27 7.07
N LYS L 43 30.65 -60.51 7.13
CA LYS L 43 31.41 -61.07 6.00
C LYS L 43 30.56 -61.16 4.74
N LEU L 44 29.27 -61.46 4.93
CA LEU L 44 28.34 -61.58 3.81
C LEU L 44 28.00 -60.27 3.12
N LYS L 45 27.99 -59.18 3.88
CA LYS L 45 27.67 -57.87 3.32
C LYS L 45 28.49 -57.58 2.08
N GLU L 46 29.80 -57.76 2.18
CA GLU L 46 30.70 -57.54 1.05
C GLU L 46 30.12 -58.17 -0.21
N TYR L 47 29.95 -59.48 -0.16
CA TYR L 47 29.45 -60.29 -1.27
C TYR L 47 27.97 -60.08 -1.58
N GLN L 48 27.34 -59.20 -0.81
CA GLN L 48 25.94 -58.90 -1.02
C GLN L 48 25.03 -60.10 -1.06
N TYR L 49 24.69 -60.59 0.11
CA TYR L 49 23.80 -61.71 0.23
C TYR L 49 22.50 -61.13 0.74
N GLN L 50 21.40 -61.81 0.44
CA GLN L 50 20.09 -61.41 0.93
C GLN L 50 19.87 -62.24 2.17
N GLU L 51 19.35 -61.67 3.25
CA GLU L 51 19.06 -62.49 4.43
C GLU L 51 17.57 -62.61 4.54
N VAL L 52 17.08 -63.83 4.32
CA VAL L 52 15.67 -64.08 4.38
C VAL L 52 15.37 -64.85 5.65
N LYS L 53 14.28 -65.62 5.64
CA LYS L 53 13.87 -66.46 6.76
C LYS L 53 12.65 -67.28 6.37
N GLY L 54 12.81 -68.59 6.30
CA GLY L 54 11.71 -69.42 5.88
C GLY L 54 10.92 -70.14 6.93
N PRO L 55 9.74 -70.65 6.54
CA PRO L 55 8.83 -71.39 7.41
C PRO L 55 9.51 -72.54 8.10
N PHE L 56 9.07 -72.68 9.33
CA PHE L 56 9.54 -73.66 10.28
C PHE L 56 9.06 -75.05 9.86
N MET L 57 8.22 -75.08 8.83
CA MET L 57 7.68 -76.32 8.31
C MET L 57 6.75 -76.01 7.12
N MET L 58 6.76 -76.89 6.12
CA MET L 58 5.93 -76.75 4.93
C MET L 58 5.17 -78.05 4.71
N ASP L 59 4.41 -78.12 3.62
CA ASP L 59 3.63 -79.32 3.33
C ASP L 59 4.45 -80.51 2.81
N ARG L 60 4.20 -81.67 3.42
CA ARG L 60 4.88 -82.92 3.06
C ARG L 60 4.94 -83.07 1.54
N VAL L 61 3.85 -82.68 0.90
CA VAL L 61 3.74 -82.76 -0.53
C VAL L 61 4.93 -82.09 -1.18
N LEU L 62 5.34 -80.96 -0.60
CA LEU L 62 6.48 -80.23 -1.15
C LEU L 62 7.71 -81.12 -1.17
N TRP L 63 8.09 -81.62 -0.01
CA TRP L 63 9.27 -82.46 0.07
C TRP L 63 9.20 -83.70 -0.79
N GLU L 64 8.00 -84.20 -1.05
CA GLU L 64 7.90 -85.36 -1.90
C GLU L 64 8.53 -84.95 -3.22
N LYS L 65 8.18 -83.77 -3.68
CA LYS L 65 8.71 -83.25 -4.94
C LYS L 65 10.23 -83.06 -4.97
N THR L 66 10.76 -82.32 -3.99
CA THR L 66 12.20 -82.07 -3.95
C THR L 66 12.98 -83.38 -3.99
N GLY L 67 12.52 -84.34 -3.20
CA GLY L 67 13.16 -85.63 -3.13
C GLY L 67 13.39 -86.06 -1.69
N HIS L 68 13.41 -85.07 -0.81
CA HIS L 68 13.61 -85.33 0.60
C HIS L 68 12.77 -86.50 1.10
N TRP L 69 11.51 -86.52 0.70
CA TRP L 69 10.63 -87.57 1.16
C TRP L 69 11.05 -88.96 0.74
N ASP L 70 11.67 -89.08 -0.44
CA ASP L 70 12.06 -90.39 -0.95
C ASP L 70 13.48 -90.83 -0.65
N ASN L 71 14.24 -89.97 0.02
CA ASN L 71 15.60 -90.30 0.40
C ASN L 71 16.10 -89.35 1.49
N TYR L 72 15.39 -89.36 2.62
CA TYR L 72 15.73 -88.51 3.75
C TYR L 72 14.58 -88.54 4.72
N LYS L 73 13.44 -89.06 4.28
CA LYS L 73 12.24 -89.12 5.11
C LYS L 73 12.50 -89.73 6.49
N ASP L 74 13.58 -90.51 6.58
CA ASP L 74 13.95 -91.15 7.83
C ASP L 74 14.50 -90.16 8.86
N ALA L 75 15.19 -89.11 8.38
CA ALA L 75 15.77 -88.10 9.26
C ALA L 75 14.84 -86.90 9.43
N MET L 76 13.67 -86.98 8.80
CA MET L 76 12.69 -85.90 8.85
C MET L 76 11.66 -86.01 9.94
N PHE L 77 11.37 -84.89 10.57
CA PHE L 77 10.38 -84.84 11.62
C PHE L 77 9.05 -84.43 11.00
N THR L 78 7.94 -84.85 11.59
CA THR L 78 6.64 -84.48 11.00
C THR L 78 5.47 -84.24 11.93
N THR L 79 4.65 -83.24 11.58
CA THR L 79 3.44 -82.89 12.31
C THR L 79 2.35 -82.69 11.29
N SER L 80 1.20 -82.24 11.77
CA SER L 80 0.07 -82.01 10.90
C SER L 80 -1.14 -81.41 11.61
N SER L 81 -1.94 -80.65 10.84
CA SER L 81 -3.16 -80.04 11.31
C SER L 81 -4.30 -80.71 10.55
N GLU L 82 -5.55 -80.34 10.83
CA GLU L 82 -6.71 -80.93 10.13
C GLU L 82 -6.37 -80.87 8.66
N ASN L 83 -5.87 -79.69 8.26
CA ASN L 83 -5.45 -79.38 6.90
C ASN L 83 -4.61 -80.55 6.31
N ARG L 84 -3.30 -80.35 6.17
CA ARG L 84 -2.41 -81.37 5.60
C ARG L 84 -1.48 -81.98 6.64
N GLU L 85 -0.29 -82.36 6.17
CA GLU L 85 0.74 -82.93 7.02
C GLU L 85 2.03 -82.27 6.59
N TYR L 86 2.77 -81.73 7.56
CA TYR L 86 4.01 -81.05 7.26
C TYR L 86 5.23 -81.72 7.85
N CYS L 87 6.38 -81.38 7.30
CA CYS L 87 7.66 -81.89 7.75
C CYS L 87 8.38 -80.71 8.35
N ILE L 88 9.05 -80.90 9.47
CA ILE L 88 9.79 -79.80 10.03
C ILE L 88 11.02 -79.71 9.16
N LYS L 89 11.36 -78.50 8.74
CA LYS L 89 12.49 -78.37 7.86
C LYS L 89 13.85 -78.92 8.32
N PRO L 90 14.47 -79.75 7.46
CA PRO L 90 15.77 -80.39 7.66
C PRO L 90 16.80 -79.42 7.09
N MET L 91 16.46 -78.83 5.96
CA MET L 91 17.31 -77.85 5.26
C MET L 91 16.43 -76.65 4.90
N ASN L 92 17.02 -75.59 4.36
CA ASN L 92 16.25 -74.41 4.00
C ASN L 92 16.27 -74.21 2.49
N CYS L 93 16.84 -75.20 1.80
CA CYS L 93 16.93 -75.18 0.36
C CYS L 93 15.53 -74.97 -0.20
N PRO L 94 14.61 -75.94 0.02
CA PRO L 94 13.24 -75.79 -0.51
C PRO L 94 12.64 -74.41 -0.27
N GLY L 95 12.62 -74.00 0.98
CA GLY L 95 12.10 -72.70 1.31
C GLY L 95 12.65 -71.60 0.43
N HIS L 96 13.98 -71.42 0.42
CA HIS L 96 14.60 -70.38 -0.40
C HIS L 96 14.10 -70.33 -1.84
N VAL L 97 13.88 -71.51 -2.41
CA VAL L 97 13.40 -71.62 -3.77
C VAL L 97 12.01 -71.00 -3.88
N GLN L 98 11.18 -71.22 -2.85
CA GLN L 98 9.83 -70.65 -2.82
C GLN L 98 9.89 -69.15 -2.91
N ILE L 99 10.73 -68.58 -2.05
CA ILE L 99 10.96 -67.15 -2.03
C ILE L 99 11.55 -66.67 -3.38
N PHE L 100 12.35 -67.51 -4.03
CA PHE L 100 12.94 -67.14 -5.33
C PHE L 100 11.87 -67.10 -6.44
N ASN L 101 10.90 -67.99 -6.35
CA ASN L 101 9.82 -68.10 -7.31
C ASN L 101 8.84 -66.95 -7.34
N GLN L 102 8.84 -66.11 -6.31
CA GLN L 102 7.92 -64.97 -6.32
C GLN L 102 8.37 -64.02 -7.42
N GLY L 103 7.52 -63.85 -8.43
CA GLY L 103 7.83 -62.96 -9.53
C GLY L 103 8.66 -63.58 -10.65
N LEU L 104 8.85 -62.80 -11.71
CA LEU L 104 9.62 -63.26 -12.85
C LEU L 104 11.05 -62.76 -12.71
N LYS L 105 11.99 -63.70 -12.66
CA LYS L 105 13.38 -63.34 -12.52
C LYS L 105 14.06 -63.44 -13.87
N SER L 106 14.86 -62.42 -14.19
CA SER L 106 15.59 -62.43 -15.45
C SER L 106 16.99 -62.87 -15.11
N TYR L 107 17.80 -63.11 -16.12
CA TYR L 107 19.19 -63.49 -15.91
C TYR L 107 19.88 -62.39 -15.11
N ARG L 108 19.44 -61.15 -15.32
CA ARG L 108 20.05 -60.01 -14.65
C ARG L 108 19.85 -59.97 -13.14
N ASP L 109 18.98 -60.86 -12.64
CA ASP L 109 18.75 -60.95 -11.21
C ASP L 109 19.81 -61.88 -10.65
N LEU L 110 20.59 -62.47 -11.55
CA LEU L 110 21.66 -63.42 -11.20
C LEU L 110 23.07 -62.83 -11.28
N PRO L 111 24.00 -63.32 -10.43
CA PRO L 111 23.78 -64.39 -9.45
C PRO L 111 22.94 -63.91 -8.26
N LEU L 112 22.01 -64.76 -7.84
CA LEU L 112 21.14 -64.44 -6.73
C LEU L 112 21.64 -65.09 -5.44
N ARG L 113 22.22 -64.29 -4.56
CA ARG L 113 22.74 -64.80 -3.28
C ARG L 113 21.81 -64.66 -2.07
N MET L 114 21.06 -65.74 -1.80
CA MET L 114 20.12 -65.75 -0.71
C MET L 114 20.58 -66.58 0.49
N ALA L 115 20.94 -65.89 1.57
CA ALA L 115 21.38 -66.53 2.82
C ALA L 115 20.31 -66.45 3.93
N GLU L 116 20.49 -67.25 4.97
CA GLU L 116 19.53 -67.29 6.07
C GLU L 116 20.14 -68.06 7.23
N PHE L 117 19.88 -67.63 8.46
CA PHE L 117 20.40 -68.36 9.59
C PHE L 117 19.25 -69.30 9.86
N GLY L 118 19.14 -70.28 8.96
CA GLY L 118 18.06 -71.27 9.01
C GLY L 118 18.13 -72.37 10.04
N SER L 119 17.14 -72.36 10.93
CA SER L 119 17.05 -73.34 12.00
C SER L 119 16.53 -74.68 11.47
N CYS L 120 17.39 -75.71 11.47
CA CYS L 120 17.02 -77.04 10.97
C CYS L 120 16.78 -78.08 12.05
N HIS L 121 16.13 -79.17 11.65
CA HIS L 121 15.82 -80.27 12.55
C HIS L 121 15.96 -81.61 11.87
N ARG L 122 16.69 -82.51 12.51
CA ARG L 122 16.91 -83.83 11.94
C ARG L 122 16.82 -84.90 13.03
N ASN L 123 16.14 -86.00 12.72
CA ASN L 123 16.03 -87.10 13.66
C ASN L 123 17.32 -87.91 13.57
N GLU L 124 18.37 -87.36 14.18
CA GLU L 124 19.66 -88.03 14.20
C GLU L 124 19.51 -89.20 15.17
N PRO L 125 20.02 -90.39 14.78
CA PRO L 125 19.95 -91.59 15.61
C PRO L 125 20.48 -91.36 17.03
N SER L 126 19.66 -91.69 18.04
CA SER L 126 20.01 -91.52 19.45
C SER L 126 21.51 -91.68 19.67
N GLY L 127 22.07 -92.77 19.15
CA GLY L 127 23.49 -93.02 19.31
C GLY L 127 24.45 -91.98 18.76
N SER L 128 24.20 -91.50 17.55
CA SER L 128 25.08 -90.52 16.92
C SER L 128 25.15 -89.14 17.54
N LEU L 129 24.34 -88.85 18.56
CA LEU L 129 24.37 -87.51 19.17
C LEU L 129 25.67 -87.25 19.91
N HIS L 130 26.01 -85.97 20.07
CA HIS L 130 27.24 -85.61 20.76
C HIS L 130 27.30 -84.09 20.97
N GLY L 131 27.32 -83.69 22.24
CA GLY L 131 27.38 -82.27 22.61
C GLY L 131 26.76 -81.33 21.59
N LEU L 132 27.48 -80.28 21.25
CA LEU L 132 27.00 -79.31 20.29
C LEU L 132 27.40 -79.74 18.87
N MET L 133 28.23 -80.78 18.78
CA MET L 133 28.70 -81.24 17.49
C MET L 133 27.66 -81.96 16.65
N ARG L 134 26.87 -82.84 17.26
CA ARG L 134 25.86 -83.57 16.50
C ARG L 134 24.60 -83.51 17.34
N VAL L 135 23.70 -82.63 16.93
CA VAL L 135 22.44 -82.45 17.62
C VAL L 135 21.24 -82.70 16.73
N ARG L 136 20.07 -82.82 17.35
CA ARG L 136 18.84 -83.04 16.59
C ARG L 136 18.30 -81.69 16.04
N GLY L 137 18.59 -80.60 16.77
CA GLY L 137 18.12 -79.27 16.35
C GLY L 137 19.19 -78.20 16.33
N PHE L 138 19.62 -77.82 15.13
CA PHE L 138 20.65 -76.81 14.98
C PHE L 138 20.29 -75.63 14.07
N THR L 139 21.30 -74.80 13.79
CA THR L 139 21.08 -73.61 13.00
C THR L 139 22.14 -73.40 11.94
N GLN L 140 21.86 -73.83 10.71
CA GLN L 140 22.79 -73.63 9.59
C GLN L 140 22.95 -72.15 9.27
N ASP L 141 24.12 -71.79 8.75
CA ASP L 141 24.41 -70.41 8.38
C ASP L 141 24.41 -70.40 6.87
N ASP L 142 23.70 -71.34 6.26
CA ASP L 142 23.74 -71.42 4.82
C ASP L 142 23.08 -70.33 4.03
N ALA L 143 23.10 -70.59 2.73
CA ALA L 143 22.55 -69.71 1.74
C ALA L 143 22.50 -70.61 0.52
N HIS L 144 21.78 -70.14 -0.50
CA HIS L 144 21.69 -70.86 -1.75
C HIS L 144 21.91 -69.82 -2.84
N ILE L 145 22.77 -70.13 -3.80
CA ILE L 145 23.03 -69.21 -4.90
C ILE L 145 22.34 -69.69 -6.16
N PHE L 146 21.59 -68.78 -6.78
CA PHE L 146 20.88 -69.07 -8.01
C PHE L 146 21.73 -68.41 -9.07
N CYS L 147 22.12 -69.17 -10.09
CA CYS L 147 22.97 -68.63 -11.13
C CYS L 147 23.01 -69.43 -12.44
N THR L 148 23.52 -68.78 -13.48
CA THR L 148 23.70 -69.38 -14.79
C THR L 148 24.93 -70.27 -14.51
N GLU L 149 25.33 -71.14 -15.42
CA GLU L 149 26.49 -71.96 -15.09
C GLU L 149 27.87 -71.38 -15.42
N GLU L 150 27.91 -70.27 -16.15
CA GLU L 150 29.19 -69.63 -16.45
C GLU L 150 29.56 -68.99 -15.12
N GLN L 151 28.51 -68.74 -14.33
CA GLN L 151 28.68 -68.14 -13.01
C GLN L 151 29.13 -69.19 -12.00
N ILE L 152 28.86 -70.47 -12.28
CA ILE L 152 29.24 -71.54 -11.36
C ILE L 152 30.66 -71.38 -10.85
N ARG L 153 31.62 -71.14 -11.75
CA ARG L 153 33.00 -70.99 -11.30
C ARG L 153 33.16 -69.91 -10.24
N ASP L 154 33.25 -68.66 -10.69
CA ASP L 154 33.40 -67.50 -9.80
C ASP L 154 32.57 -67.67 -8.54
N GLU L 155 31.35 -68.20 -8.73
CA GLU L 155 30.41 -68.44 -7.63
C GLU L 155 30.95 -69.40 -6.60
N VAL L 156 31.41 -70.56 -7.04
CA VAL L 156 31.96 -71.54 -6.11
C VAL L 156 33.26 -71.02 -5.48
N ASN L 157 34.13 -70.40 -6.28
CA ASN L 157 35.38 -69.85 -5.76
C ASN L 157 35.07 -68.87 -4.65
N GLY L 158 34.17 -67.93 -4.93
CA GLY L 158 33.78 -66.95 -3.93
C GLY L 158 33.43 -67.62 -2.60
N CYS L 159 32.81 -68.80 -2.68
CA CYS L 159 32.44 -69.57 -1.50
C CYS L 159 33.69 -70.00 -0.79
N ILE L 160 34.51 -70.76 -1.51
CA ILE L 160 35.77 -71.27 -0.99
C ILE L 160 36.49 -70.16 -0.24
N ARG L 161 36.85 -69.12 -0.98
CA ARG L 161 37.55 -67.96 -0.46
C ARG L 161 36.92 -67.49 0.85
N LEU L 162 35.60 -67.48 0.89
CA LEU L 162 34.86 -67.05 2.07
C LEU L 162 35.13 -67.95 3.28
N VAL L 163 35.14 -69.25 3.04
CA VAL L 163 35.38 -70.24 4.09
C VAL L 163 36.72 -70.00 4.75
N TYR L 164 37.76 -69.84 3.92
CA TYR L 164 39.12 -69.63 4.41
C TYR L 164 39.23 -68.27 5.08
N ASP L 165 38.97 -67.23 4.32
CA ASP L 165 39.02 -65.87 4.84
C ASP L 165 38.25 -65.73 6.16
N MET L 166 37.25 -66.58 6.37
CA MET L 166 36.48 -66.49 7.59
C MET L 166 37.11 -67.33 8.71
N TYR L 167 37.46 -68.57 8.38
CA TYR L 167 38.07 -69.47 9.35
C TYR L 167 39.31 -68.83 9.91
N SER L 168 40.06 -68.17 9.01
CA SER L 168 41.29 -67.48 9.36
C SER L 168 41.10 -66.57 10.56
N THR L 169 39.89 -66.04 10.75
CA THR L 169 39.65 -65.17 11.89
C THR L 169 39.89 -65.88 13.21
N PHE L 170 39.67 -67.19 13.19
CA PHE L 170 39.79 -68.00 14.41
C PHE L 170 41.17 -68.65 14.45
N GLY L 171 41.95 -68.47 13.37
CA GLY L 171 43.29 -69.04 13.29
C GLY L 171 43.23 -70.56 13.33
N PHE L 172 42.50 -71.15 12.39
CA PHE L 172 42.40 -72.59 12.34
C PHE L 172 43.60 -73.13 11.58
N GLU L 173 44.19 -74.19 12.11
CA GLU L 173 45.34 -74.80 11.47
C GLU L 173 44.86 -75.98 10.61
N LYS L 174 44.13 -76.90 11.24
CA LYS L 174 43.63 -78.07 10.55
C LYS L 174 42.30 -77.82 9.82
N ILE L 175 42.42 -77.74 8.50
CA ILE L 175 41.31 -77.51 7.59
C ILE L 175 41.48 -78.49 6.43
N VAL L 176 40.87 -79.66 6.52
CA VAL L 176 41.04 -80.63 5.44
C VAL L 176 39.82 -80.80 4.55
N VAL L 177 40.09 -80.79 3.25
CA VAL L 177 39.05 -80.92 2.26
C VAL L 177 38.75 -82.33 1.76
N LYS L 178 37.47 -82.57 1.48
CA LYS L 178 36.98 -83.85 0.96
C LYS L 178 35.98 -83.52 -0.16
N LEU L 179 35.81 -84.42 -1.12
CA LEU L 179 34.87 -84.17 -2.21
C LEU L 179 33.89 -85.32 -2.43
N SER L 180 32.90 -85.40 -1.55
CA SER L 180 31.90 -86.45 -1.59
C SER L 180 31.24 -86.58 -2.96
N THR L 181 31.23 -87.79 -3.50
CA THR L 181 30.65 -88.04 -4.82
C THR L 181 29.29 -88.78 -4.80
N ARG L 182 28.52 -88.64 -5.89
CA ARG L 182 27.19 -89.25 -6.02
C ARG L 182 26.90 -90.39 -5.06
N PRO L 183 26.05 -90.15 -4.07
CA PRO L 183 25.68 -91.14 -3.08
C PRO L 183 24.79 -92.19 -3.69
N GLU L 184 24.39 -93.13 -2.84
CA GLU L 184 23.51 -94.22 -3.25
C GLU L 184 22.26 -93.67 -3.91
N LYS L 185 21.43 -93.03 -3.09
CA LYS L 185 20.19 -92.48 -3.57
C LYS L 185 20.27 -91.01 -3.96
N ARG L 186 20.72 -90.72 -5.18
CA ARG L 186 20.78 -89.33 -5.65
C ARG L 186 19.50 -89.03 -6.45
N ILE L 187 19.42 -87.86 -7.09
CA ILE L 187 18.20 -87.54 -7.83
C ILE L 187 18.40 -86.96 -9.25
N GLY L 188 19.66 -86.90 -9.69
CA GLY L 188 19.94 -86.38 -11.03
C GLY L 188 20.54 -87.42 -11.95
N SER L 189 20.48 -87.17 -13.25
CA SER L 189 21.03 -88.13 -14.21
C SER L 189 22.53 -88.18 -14.03
N ASP L 190 23.10 -89.34 -14.25
CA ASP L 190 24.54 -89.50 -14.12
C ASP L 190 25.17 -88.37 -14.88
N GLU L 191 24.73 -88.21 -16.12
CA GLU L 191 25.23 -87.16 -17.00
C GLU L 191 25.33 -85.84 -16.21
N MET L 192 24.32 -85.57 -15.37
CA MET L 192 24.31 -84.34 -14.57
C MET L 192 25.38 -84.38 -13.51
N TRP L 193 25.37 -85.44 -12.72
CA TRP L 193 26.36 -85.60 -11.66
C TRP L 193 27.77 -85.53 -12.19
N ASP L 194 27.98 -86.09 -13.39
CA ASP L 194 29.30 -86.07 -14.02
C ASP L 194 29.77 -84.62 -13.99
N ARG L 195 29.05 -83.79 -14.72
CA ARG L 195 29.37 -82.36 -14.79
C ARG L 195 29.52 -81.79 -13.38
N ALA L 196 28.46 -81.91 -12.58
CA ALA L 196 28.45 -81.41 -11.21
C ALA L 196 29.72 -81.74 -10.44
N GLU L 197 30.09 -83.01 -10.44
CA GLU L 197 31.27 -83.47 -9.74
C GLU L 197 32.51 -82.83 -10.32
N ALA L 198 32.67 -82.98 -11.63
CA ALA L 198 33.81 -82.39 -12.34
C ALA L 198 34.00 -80.96 -11.87
N ASP L 199 33.01 -80.14 -12.20
CA ASP L 199 33.00 -78.73 -11.83
C ASP L 199 33.65 -78.50 -10.45
N LEU L 200 33.06 -79.11 -9.43
CA LEU L 200 33.56 -78.95 -8.06
C LEU L 200 35.05 -79.28 -7.97
N ALA L 201 35.41 -80.46 -8.44
CA ALA L 201 36.80 -80.91 -8.42
C ALA L 201 37.67 -79.83 -9.05
N VAL L 202 37.34 -79.48 -10.29
CA VAL L 202 38.07 -78.44 -11.01
C VAL L 202 38.31 -77.24 -10.12
N ALA L 203 37.23 -76.80 -9.48
CA ALA L 203 37.32 -75.67 -8.58
C ALA L 203 38.45 -75.88 -7.57
N LEU L 204 38.36 -76.95 -6.78
CA LEU L 204 39.38 -77.26 -5.76
C LEU L 204 40.79 -77.12 -6.31
N GLU L 205 41.16 -78.05 -7.17
CA GLU L 205 42.48 -78.07 -7.78
C GLU L 205 42.85 -76.78 -8.52
N GLU L 206 41.85 -75.99 -8.87
CA GLU L 206 42.11 -74.75 -9.57
C GLU L 206 42.61 -73.72 -8.56
N ASN L 207 42.31 -73.98 -7.29
CA ASN L 207 42.73 -73.11 -6.19
C ASN L 207 43.80 -73.82 -5.39
N ASN L 208 44.21 -74.98 -5.90
CA ASN L 208 45.24 -75.79 -5.24
C ASN L 208 44.87 -76.25 -3.86
N ILE L 209 43.63 -76.69 -3.71
CA ILE L 209 43.19 -77.19 -2.43
C ILE L 209 43.32 -78.70 -2.57
N PRO L 210 44.12 -79.32 -1.70
CA PRO L 210 44.32 -80.77 -1.74
C PRO L 210 43.09 -81.43 -1.14
N PHE L 211 42.72 -82.58 -1.67
CA PHE L 211 41.55 -83.27 -1.16
C PHE L 211 41.49 -84.76 -1.49
N GLU L 212 40.41 -85.40 -1.05
CA GLU L 212 40.20 -86.83 -1.28
C GLU L 212 38.73 -87.03 -1.53
N TYR L 213 38.42 -87.95 -2.44
CA TYR L 213 37.03 -88.23 -2.73
C TYR L 213 36.40 -88.99 -1.60
N GLN L 214 35.23 -88.53 -1.18
CA GLN L 214 34.48 -89.14 -0.12
C GLN L 214 33.53 -90.16 -0.73
N LEU L 215 33.86 -90.60 -1.95
CA LEU L 215 33.10 -91.60 -2.71
C LEU L 215 31.85 -92.15 -2.04
N GLY L 216 30.70 -91.99 -2.68
CA GLY L 216 29.48 -92.51 -2.12
C GLY L 216 28.84 -91.55 -1.15
N GLU L 217 29.49 -90.40 -0.93
CA GLU L 217 28.96 -89.37 -0.04
C GLU L 217 28.44 -88.21 -0.87
N GLY L 218 27.93 -87.18 -0.19
CA GLY L 218 27.41 -86.04 -0.92
C GLY L 218 25.91 -86.03 -0.96
N ALA L 219 25.39 -84.82 -1.05
CA ALA L 219 23.96 -84.58 -1.11
C ALA L 219 23.20 -85.54 -2.02
N PHE L 220 22.02 -85.98 -1.59
CA PHE L 220 21.25 -86.86 -2.44
C PHE L 220 20.95 -86.04 -3.70
N TYR L 221 21.26 -84.75 -3.65
CA TYR L 221 20.99 -83.85 -4.76
C TYR L 221 22.23 -83.22 -5.43
N GLY L 222 23.42 -83.74 -5.13
CA GLY L 222 24.60 -83.19 -5.76
C GLY L 222 25.90 -83.41 -5.03
N PRO L 223 27.03 -83.27 -5.75
CA PRO L 223 28.37 -83.46 -5.18
C PRO L 223 28.54 -82.50 -4.01
N LYS L 224 29.53 -82.76 -3.18
CA LYS L 224 29.69 -81.91 -2.02
C LYS L 224 31.11 -81.73 -1.50
N ILE L 225 31.63 -80.52 -1.63
CA ILE L 225 32.95 -80.19 -1.11
C ILE L 225 32.76 -80.08 0.40
N GLU L 226 33.55 -80.82 1.16
CA GLU L 226 33.44 -80.77 2.62
C GLU L 226 34.65 -80.12 3.26
N PHE L 227 34.40 -79.19 4.18
CA PHE L 227 35.50 -78.58 4.89
C PHE L 227 35.40 -79.17 6.29
N THR L 228 36.39 -79.97 6.67
CA THR L 228 36.39 -80.61 7.97
C THR L 228 37.41 -79.97 8.94
N LEU L 229 36.96 -79.70 10.16
CA LEU L 229 37.82 -79.12 11.19
C LEU L 229 37.95 -80.23 12.21
N TYR L 230 38.94 -80.14 13.10
CA TYR L 230 39.11 -81.19 14.10
C TYR L 230 39.00 -80.70 15.52
N ASP L 231 38.62 -81.61 16.41
CA ASP L 231 38.41 -81.28 17.81
C ASP L 231 39.47 -81.75 18.81
N CYS L 232 39.04 -81.77 20.08
CA CYS L 232 39.86 -82.19 21.21
C CYS L 232 40.65 -83.46 20.90
N LEU L 233 39.92 -84.51 20.53
CA LEU L 233 40.54 -85.80 20.22
C LEU L 233 40.80 -85.91 18.74
N ASP L 234 41.17 -84.80 18.13
CA ASP L 234 41.47 -84.78 16.72
C ASP L 234 40.49 -85.67 15.91
N ARG L 235 39.19 -85.54 16.20
CA ARG L 235 38.17 -86.29 15.48
C ARG L 235 37.72 -85.36 14.35
N ALA L 236 37.46 -85.91 13.17
CA ALA L 236 37.05 -85.08 12.05
C ALA L 236 35.58 -84.67 12.20
N TRP L 237 35.30 -83.43 11.84
CA TRP L 237 33.95 -82.90 11.90
C TRP L 237 33.73 -82.01 10.68
N GLN L 238 32.64 -82.27 9.96
CA GLN L 238 32.32 -81.49 8.78
C GLN L 238 31.69 -80.15 9.19
N CYS L 239 32.32 -79.05 8.81
CA CYS L 239 31.81 -77.74 9.17
C CYS L 239 31.34 -76.97 7.95
N GLY L 240 32.28 -76.44 7.17
CA GLY L 240 31.90 -75.73 5.97
C GLY L 240 31.49 -76.74 4.92
N THR L 241 30.86 -76.27 3.85
CA THR L 241 30.44 -77.15 2.76
C THR L 241 29.85 -76.36 1.59
N VAL L 242 30.22 -76.77 0.37
CA VAL L 242 29.73 -76.14 -0.88
C VAL L 242 29.21 -77.29 -1.76
N GLN L 243 27.92 -77.23 -2.10
CA GLN L 243 27.30 -78.28 -2.91
C GLN L 243 26.75 -77.74 -4.22
N LEU L 244 26.94 -78.47 -5.31
CA LEU L 244 26.45 -78.05 -6.62
C LEU L 244 25.17 -78.82 -6.98
N ASP L 245 24.05 -78.13 -6.92
CA ASP L 245 22.75 -78.73 -7.19
C ASP L 245 22.24 -78.56 -8.62
N PHE L 246 21.86 -79.66 -9.27
CA PHE L 246 21.35 -79.57 -10.64
C PHE L 246 19.89 -79.98 -10.77
N SER L 247 19.37 -80.66 -9.75
CA SER L 247 17.98 -81.11 -9.76
C SER L 247 17.01 -80.10 -9.17
N LEU L 248 16.95 -80.02 -7.84
CA LEU L 248 16.06 -79.09 -7.13
C LEU L 248 15.56 -77.85 -7.89
N PRO L 249 16.50 -77.00 -8.42
CA PRO L 249 16.00 -75.82 -9.14
C PRO L 249 14.89 -76.15 -10.16
N SER L 250 14.95 -77.32 -10.77
CA SER L 250 13.92 -77.71 -11.72
C SER L 250 12.77 -78.37 -10.96
N ARG L 251 13.09 -79.28 -10.03
CA ARG L 251 12.06 -79.96 -9.26
C ARG L 251 10.99 -79.02 -8.75
N LEU L 252 11.43 -77.86 -8.25
CA LEU L 252 10.47 -76.88 -7.73
C LEU L 252 10.26 -75.81 -8.77
N SER L 253 10.51 -76.19 -10.01
CA SER L 253 10.34 -75.32 -11.17
C SER L 253 10.63 -73.83 -10.95
N ALA L 254 11.91 -73.50 -11.03
CA ALA L 254 12.34 -72.12 -10.91
C ALA L 254 12.90 -71.82 -12.29
N SER L 255 12.98 -70.53 -12.64
CA SER L 255 13.48 -70.14 -13.96
C SER L 255 13.69 -68.65 -14.11
N TYR L 256 14.59 -68.29 -15.02
CA TYR L 256 14.89 -66.89 -15.30
C TYR L 256 14.85 -66.66 -16.80
N VAL L 257 14.93 -65.39 -17.18
CA VAL L 257 14.88 -65.00 -18.59
C VAL L 257 16.24 -64.60 -19.15
N GLY L 258 16.69 -65.26 -20.21
CA GLY L 258 17.96 -64.90 -20.82
C GLY L 258 17.72 -63.69 -21.71
N GLU L 259 18.74 -63.21 -22.42
CA GLU L 259 18.54 -62.06 -23.31
C GLU L 259 17.70 -62.61 -24.43
N ASP L 260 17.87 -63.91 -24.66
CA ASP L 260 17.13 -64.63 -25.69
C ASP L 260 15.67 -64.71 -25.26
N ASN L 261 15.30 -63.85 -24.31
CA ASN L 261 13.95 -63.80 -23.79
C ASN L 261 13.42 -65.23 -23.64
N GLU L 262 14.28 -66.11 -23.14
CA GLU L 262 13.95 -67.53 -22.96
C GLU L 262 14.04 -68.08 -21.53
N ARG L 263 13.17 -69.05 -21.26
CA ARG L 263 13.08 -69.74 -19.97
C ARG L 263 14.31 -70.64 -19.76
N LYS L 264 15.00 -70.43 -18.65
CA LYS L 264 16.17 -71.22 -18.30
C LYS L 264 16.09 -71.52 -16.79
N VAL L 265 16.31 -72.78 -16.40
CA VAL L 265 16.30 -73.15 -14.98
C VAL L 265 17.66 -72.72 -14.42
N PRO L 266 17.67 -72.07 -13.26
CA PRO L 266 18.98 -71.65 -12.74
C PRO L 266 19.72 -72.81 -12.12
N VAL L 267 21.01 -72.58 -11.94
CA VAL L 267 21.87 -73.58 -11.31
C VAL L 267 21.79 -73.15 -9.85
N MET L 268 21.86 -74.10 -8.91
CA MET L 268 21.81 -73.75 -7.50
C MET L 268 22.96 -74.31 -6.67
N ILE L 269 23.68 -73.41 -6.03
CA ILE L 269 24.82 -73.74 -5.19
C ILE L 269 24.42 -73.65 -3.70
N HIS L 270 24.55 -74.77 -2.96
CA HIS L 270 24.25 -74.80 -1.51
C HIS L 270 25.56 -74.49 -0.84
N ARG L 271 25.53 -73.87 0.34
CA ARG L 271 26.78 -73.56 1.01
C ARG L 271 26.61 -72.96 2.40
N ALA L 272 27.44 -73.44 3.33
CA ALA L 272 27.45 -72.96 4.71
C ALA L 272 28.89 -72.78 5.11
N ILE L 273 29.27 -71.59 5.55
CA ILE L 273 30.65 -71.35 5.96
C ILE L 273 30.94 -71.97 7.33
N LEU L 274 30.34 -71.42 8.38
CA LEU L 274 30.58 -71.97 9.70
C LEU L 274 30.01 -73.40 9.76
N GLY L 275 29.00 -73.65 8.94
CA GLY L 275 28.38 -74.97 8.88
C GLY L 275 27.12 -75.02 9.70
N SER L 276 27.27 -75.08 11.01
CA SER L 276 26.16 -75.11 11.97
C SER L 276 26.57 -74.32 13.20
N MET L 277 25.71 -73.39 13.62
CA MET L 277 26.03 -72.55 14.76
C MET L 277 26.52 -73.30 15.99
N GLU L 278 25.77 -74.31 16.38
CA GLU L 278 26.13 -75.10 17.55
C GLU L 278 27.42 -75.87 17.32
N ARG L 279 27.53 -76.56 16.19
CA ARG L 279 28.72 -77.34 15.90
C ARG L 279 29.95 -76.49 15.95
N PHE L 280 29.97 -75.46 15.10
CA PHE L 280 31.12 -74.57 15.05
C PHE L 280 31.43 -74.00 16.45
N ILE L 281 30.39 -73.68 17.22
CA ILE L 281 30.65 -73.16 18.55
C ILE L 281 31.40 -74.24 19.29
N GLY L 282 30.91 -75.47 19.20
CA GLY L 282 31.55 -76.59 19.89
C GLY L 282 33.03 -76.62 19.60
N ILE L 283 33.39 -76.48 18.32
CA ILE L 283 34.79 -76.50 17.90
C ILE L 283 35.59 -75.35 18.48
N LEU L 284 35.03 -74.14 18.43
CA LEU L 284 35.72 -72.99 19.00
C LEU L 284 36.06 -73.29 20.46
N THR L 285 35.07 -73.79 21.19
CA THR L 285 35.25 -74.12 22.59
C THR L 285 36.40 -75.10 22.66
N GLU L 286 36.28 -76.19 21.90
CA GLU L 286 37.33 -77.20 21.87
C GLU L 286 38.64 -76.48 21.68
N GLU L 287 38.82 -75.80 20.54
CA GLU L 287 40.07 -75.08 20.29
C GLU L 287 40.46 -74.22 21.50
N PHE L 288 40.09 -72.94 21.48
CA PHE L 288 40.41 -72.03 22.57
C PHE L 288 40.28 -72.65 23.97
N ALA L 289 39.46 -73.70 24.07
CA ALA L 289 39.21 -74.38 25.34
C ALA L 289 38.80 -73.39 26.43
N GLY L 290 37.70 -72.69 26.19
CA GLY L 290 37.22 -71.71 27.14
C GLY L 290 37.91 -70.35 27.04
N PHE L 291 38.86 -70.23 26.13
CA PHE L 291 39.58 -68.96 25.98
C PHE L 291 39.20 -68.19 24.73
N PHE L 292 37.89 -67.99 24.60
CA PHE L 292 37.33 -67.26 23.48
C PHE L 292 38.01 -65.88 23.39
N PRO L 293 38.31 -65.43 22.17
CA PRO L 293 38.95 -64.13 21.98
C PRO L 293 38.07 -63.04 22.60
N THR L 294 38.68 -61.91 22.94
CA THR L 294 37.92 -60.84 23.56
C THR L 294 36.56 -60.61 22.94
N TRP L 295 36.51 -60.40 21.63
CA TRP L 295 35.24 -60.14 20.96
C TRP L 295 34.18 -61.24 21.15
N LEU L 296 34.63 -62.48 21.28
CA LEU L 296 33.71 -63.60 21.42
C LEU L 296 33.47 -64.05 22.86
N ALA L 297 34.04 -63.33 23.80
CA ALA L 297 33.91 -63.70 25.21
C ALA L 297 32.59 -63.34 25.85
N PRO L 298 31.87 -64.34 26.38
CA PRO L 298 30.59 -64.05 27.02
C PRO L 298 30.76 -62.82 27.91
N VAL L 299 31.78 -62.79 28.74
CA VAL L 299 32.02 -61.58 29.51
C VAL L 299 33.39 -61.18 29.08
N GLN L 300 33.56 -59.89 28.80
CA GLN L 300 34.83 -59.41 28.34
C GLN L 300 35.67 -58.81 29.46
N VAL L 301 35.00 -58.14 30.39
CA VAL L 301 35.74 -57.52 31.48
C VAL L 301 35.05 -57.75 32.81
N VAL L 302 35.81 -57.59 33.89
CA VAL L 302 35.29 -57.71 35.24
C VAL L 302 36.00 -56.65 36.05
N ILE L 303 35.22 -55.82 36.75
CA ILE L 303 35.81 -54.79 37.58
C ILE L 303 35.46 -55.13 39.02
N MET L 304 36.48 -55.17 39.87
CA MET L 304 36.28 -55.50 41.28
C MET L 304 37.01 -54.58 42.25
N ASN L 305 36.37 -54.34 43.39
CA ASN L 305 36.90 -53.49 44.44
C ASN L 305 37.65 -54.39 45.42
N ILE L 306 38.62 -53.81 46.15
CA ILE L 306 39.39 -54.58 47.12
C ILE L 306 38.69 -54.57 48.47
N THR L 307 38.12 -53.41 48.77
CA THR L 307 37.36 -53.25 50.01
C THR L 307 36.04 -52.57 49.67
N ASP L 308 35.15 -52.54 50.64
CA ASP L 308 33.82 -51.95 50.48
C ASP L 308 33.85 -50.43 50.24
N SER L 309 35.06 -49.90 50.07
CA SER L 309 35.23 -48.48 49.83
C SER L 309 35.07 -48.14 48.36
N GLN L 310 36.08 -48.48 47.58
CA GLN L 310 36.11 -48.21 46.15
C GLN L 310 34.94 -48.85 45.39
N SER L 311 34.03 -49.49 46.14
CA SER L 311 32.88 -50.17 45.53
C SER L 311 32.05 -49.25 44.62
N GLU L 312 31.99 -47.96 44.94
CA GLU L 312 31.22 -47.03 44.12
C GLU L 312 32.00 -46.66 42.86
N TYR L 313 33.31 -46.48 43.03
CA TYR L 313 34.19 -46.15 41.92
C TYR L 313 34.21 -47.32 40.93
N VAL L 314 33.78 -48.50 41.38
CA VAL L 314 33.73 -49.68 40.52
C VAL L 314 32.47 -49.63 39.67
N ASN L 315 31.33 -49.36 40.32
CA ASN L 315 30.04 -49.23 39.63
C ASN L 315 30.25 -48.12 38.65
N GLU L 316 31.02 -47.14 39.09
CA GLU L 316 31.38 -45.98 38.29
C GLU L 316 31.91 -46.44 36.93
N LEU L 317 33.03 -47.15 36.96
CA LEU L 317 33.71 -47.66 35.77
C LEU L 317 32.94 -48.70 35.00
N THR L 318 32.40 -49.70 35.69
CA THR L 318 31.65 -50.72 35.00
C THR L 318 30.60 -50.02 34.13
N GLN L 319 30.15 -48.87 34.61
CA GLN L 319 29.15 -48.10 33.88
C GLN L 319 29.77 -47.55 32.61
N LYS L 320 30.72 -46.64 32.78
CA LYS L 320 31.43 -46.00 31.68
C LYS L 320 31.80 -47.04 30.60
N LEU L 321 32.15 -48.24 31.05
CA LEU L 321 32.53 -49.34 30.16
C LEU L 321 31.34 -49.98 29.46
N SER L 322 30.22 -50.03 30.15
CA SER L 322 29.01 -50.63 29.57
C SER L 322 28.54 -49.74 28.43
N ASN L 323 28.69 -48.42 28.61
CA ASN L 323 28.29 -47.45 27.58
C ASN L 323 29.29 -47.53 26.47
N ALA L 324 30.52 -47.87 26.84
CA ALA L 324 31.59 -48.01 25.87
C ALA L 324 31.18 -49.16 24.97
N GLY L 325 30.20 -49.93 25.42
CA GLY L 325 29.72 -51.07 24.67
C GLY L 325 30.58 -52.29 24.93
N ILE L 326 31.07 -52.42 26.16
CA ILE L 326 31.91 -53.55 26.51
C ILE L 326 31.18 -54.46 27.48
N ARG L 327 31.11 -55.75 27.14
CA ARG L 327 30.46 -56.70 28.02
C ARG L 327 31.28 -56.71 29.32
N VAL L 328 30.90 -55.87 30.27
CA VAL L 328 31.60 -55.78 31.55
C VAL L 328 30.64 -56.03 32.70
N LYS L 329 31.19 -56.41 33.85
CA LYS L 329 30.42 -56.67 35.07
C LYS L 329 31.24 -56.31 36.30
N ALA L 330 30.56 -55.96 37.38
CA ALA L 330 31.27 -55.58 38.60
C ALA L 330 31.12 -56.61 39.69
N ASP L 331 32.26 -57.04 40.25
CA ASP L 331 32.25 -58.02 41.33
C ASP L 331 32.52 -57.27 42.61
N LEU L 332 31.48 -56.68 43.16
CA LEU L 332 31.63 -55.94 44.40
C LEU L 332 31.50 -56.86 45.61
N ARG L 333 31.09 -58.10 45.34
CA ARG L 333 30.90 -59.11 46.39
C ARG L 333 31.84 -58.95 47.57
N ASN L 334 31.37 -59.37 48.74
CA ASN L 334 32.19 -59.31 49.95
C ASN L 334 33.16 -60.49 49.94
N GLU L 335 34.26 -60.35 49.22
CA GLU L 335 35.22 -61.42 49.11
C GLU L 335 36.62 -60.89 48.94
N LYS L 336 37.59 -61.74 49.25
CA LYS L 336 38.99 -61.39 49.12
C LYS L 336 39.24 -61.22 47.63
N ILE L 337 39.89 -60.11 47.27
CA ILE L 337 40.20 -59.84 45.89
C ILE L 337 40.87 -61.06 45.27
N GLY L 338 41.73 -61.73 46.04
CA GLY L 338 42.40 -62.92 45.54
C GLY L 338 41.39 -63.94 45.07
N PHE L 339 40.28 -64.08 45.80
CA PHE L 339 39.23 -65.02 45.43
C PHE L 339 38.65 -64.63 44.09
N LYS L 340 38.20 -63.38 44.01
CA LYS L 340 37.61 -62.84 42.79
C LYS L 340 38.48 -63.16 41.58
N ILE L 341 39.73 -62.73 41.62
CA ILE L 341 40.66 -62.97 40.52
C ILE L 341 40.68 -64.44 40.16
N ARG L 342 40.59 -65.29 41.19
CA ARG L 342 40.60 -66.72 40.99
C ARG L 342 39.39 -67.07 40.13
N GLU L 343 38.23 -67.11 40.78
CA GLU L 343 36.96 -67.46 40.16
C GLU L 343 36.82 -67.01 38.72
N HIS L 344 37.04 -65.73 38.48
CA HIS L 344 36.92 -65.20 37.12
C HIS L 344 37.99 -65.68 36.16
N THR L 345 39.18 -66.01 36.68
CA THR L 345 40.23 -66.49 35.79
C THR L 345 39.82 -67.86 35.24
N LEU L 346 39.33 -68.76 36.10
CA LEU L 346 38.90 -70.06 35.59
C LEU L 346 37.56 -69.91 34.90
N ARG L 347 37.07 -68.69 34.89
CA ARG L 347 35.82 -68.35 34.23
C ARG L 347 36.23 -67.91 32.84
N ARG L 348 37.49 -67.49 32.71
CA ARG L 348 38.12 -67.07 31.45
C ARG L 348 37.93 -65.61 30.99
N VAL L 349 37.46 -64.74 31.88
CA VAL L 349 37.26 -63.34 31.50
C VAL L 349 38.54 -62.74 30.92
N PRO L 350 38.52 -62.36 29.64
CA PRO L 350 39.70 -61.77 29.00
C PRO L 350 40.40 -60.69 29.82
N TYR L 351 39.65 -59.98 30.65
CA TYR L 351 40.25 -58.92 31.44
C TYR L 351 39.64 -58.70 32.81
N MET L 352 40.51 -58.41 33.76
CA MET L 352 40.10 -58.16 35.13
C MET L 352 40.68 -56.84 35.58
N LEU L 353 39.85 -56.02 36.21
CA LEU L 353 40.26 -54.72 36.68
C LEU L 353 40.13 -54.59 38.18
N VAL L 354 41.27 -54.34 38.83
CA VAL L 354 41.32 -54.18 40.27
C VAL L 354 41.25 -52.70 40.61
N CYS L 355 40.33 -52.37 41.49
CA CYS L 355 40.17 -50.99 41.90
C CYS L 355 40.29 -50.92 43.40
N GLY L 356 41.46 -50.45 43.85
CA GLY L 356 41.72 -50.31 45.26
C GLY L 356 41.77 -48.83 45.56
N ASP L 357 41.98 -48.48 46.83
CA ASP L 357 42.05 -47.07 47.20
C ASP L 357 43.01 -46.37 46.24
N LYS L 358 44.19 -46.97 46.04
CA LYS L 358 45.21 -46.40 45.15
C LYS L 358 44.64 -45.89 43.81
N GLU L 359 43.96 -46.77 43.07
CA GLU L 359 43.39 -46.42 41.78
C GLU L 359 42.25 -45.40 41.84
N VAL L 360 41.54 -45.32 42.96
CA VAL L 360 40.41 -44.38 43.09
C VAL L 360 40.87 -42.93 42.94
N GLU L 361 42.02 -42.61 43.53
CA GLU L 361 42.59 -41.27 43.46
C GLU L 361 43.64 -41.32 42.37
N SER L 362 43.25 -41.81 41.20
CA SER L 362 44.15 -41.93 40.07
C SER L 362 43.35 -41.97 38.79
N GLY L 363 42.11 -42.45 38.91
CA GLY L 363 41.27 -42.58 37.73
C GLY L 363 41.83 -43.74 36.91
N LYS L 364 42.89 -44.34 37.45
CA LYS L 364 43.56 -45.46 36.82
C LYS L 364 42.89 -46.77 37.25
N VAL L 365 43.18 -47.83 36.51
CA VAL L 365 42.60 -49.13 36.82
C VAL L 365 43.69 -50.19 36.76
N ALA L 366 43.80 -51.00 37.81
CA ALA L 366 44.78 -52.06 37.84
C ALA L 366 44.33 -53.13 36.83
N VAL L 367 44.99 -53.16 35.68
CA VAL L 367 44.66 -54.10 34.63
C VAL L 367 45.44 -55.42 34.74
N ARG L 368 44.81 -56.51 34.32
CA ARG L 368 45.48 -57.82 34.37
C ARG L 368 44.77 -58.86 33.48
N THR L 369 45.48 -59.35 32.47
CA THR L 369 44.92 -60.36 31.56
C THR L 369 44.51 -61.61 32.35
N ARG L 370 43.70 -62.48 31.74
CA ARG L 370 43.26 -63.72 32.39
C ARG L 370 44.45 -64.67 32.52
N ARG L 371 45.33 -64.58 31.52
CA ARG L 371 46.55 -65.38 31.48
C ARG L 371 47.40 -65.05 32.71
N GLY L 372 47.09 -63.95 33.37
CA GLY L 372 47.82 -63.55 34.56
C GLY L 372 48.69 -62.31 34.40
N LYS L 373 49.21 -62.08 33.20
CA LYS L 373 50.08 -60.93 32.96
C LYS L 373 49.53 -59.60 33.49
N ASP L 374 50.00 -59.21 34.67
CA ASP L 374 49.56 -57.96 35.25
C ASP L 374 49.98 -56.85 34.27
N LEU L 375 48.99 -56.19 33.67
CA LEU L 375 49.29 -55.12 32.71
C LEU L 375 49.52 -53.77 33.39
N GLY L 376 49.56 -53.79 34.72
CA GLY L 376 49.79 -52.57 35.49
C GLY L 376 48.67 -51.56 35.30
N SER L 377 48.34 -50.84 36.37
CA SER L 377 47.27 -49.84 36.32
C SER L 377 47.46 -48.90 35.14
N MET L 378 46.34 -48.50 34.54
CA MET L 378 46.39 -47.61 33.40
C MET L 378 45.12 -46.77 33.26
N ASP L 379 45.26 -45.70 32.50
CA ASP L 379 44.19 -44.75 32.20
C ASP L 379 42.90 -45.48 31.78
N VAL L 380 41.75 -45.00 32.27
CA VAL L 380 40.46 -45.60 31.94
C VAL L 380 40.14 -45.62 30.43
N ASN L 381 39.92 -44.43 29.86
CA ASN L 381 39.61 -44.33 28.44
C ASN L 381 40.59 -45.22 27.69
N GLU L 382 41.85 -45.13 28.09
CA GLU L 382 42.95 -45.91 27.50
C GLU L 382 42.59 -47.41 27.37
N VAL L 383 42.15 -48.00 28.47
CA VAL L 383 41.77 -49.40 28.47
C VAL L 383 40.61 -49.56 27.50
N ILE L 384 39.64 -48.67 27.59
CA ILE L 384 38.47 -48.71 26.73
C ILE L 384 38.88 -48.69 25.26
N GLU L 385 39.38 -47.54 24.81
CA GLU L 385 39.83 -47.38 23.43
C GLU L 385 40.58 -48.62 22.95
N LYS L 386 41.42 -49.17 23.83
CA LYS L 386 42.21 -50.36 23.52
C LYS L 386 41.37 -51.63 23.40
N LEU L 387 40.42 -51.80 24.33
CA LEU L 387 39.53 -52.96 24.34
C LEU L 387 38.68 -52.94 23.08
N GLN L 388 38.08 -51.78 22.82
CA GLN L 388 37.22 -51.57 21.65
C GLN L 388 38.02 -51.98 20.43
N GLN L 389 39.26 -51.52 20.39
CA GLN L 389 40.17 -51.83 19.31
C GLN L 389 40.25 -53.35 19.11
N GLU L 390 40.52 -54.04 20.22
CA GLU L 390 40.64 -55.49 20.20
C GLU L 390 39.35 -56.19 19.79
N ILE L 391 38.22 -55.65 20.25
CA ILE L 391 36.92 -56.24 19.94
C ILE L 391 36.55 -55.89 18.51
N ARG L 392 36.62 -54.61 18.17
CA ARG L 392 36.29 -54.14 16.83
C ARG L 392 37.02 -54.95 15.76
N SER L 393 38.24 -55.36 16.06
CA SER L 393 39.05 -56.12 15.12
C SER L 393 38.97 -57.62 15.33
N ARG L 394 38.13 -58.03 16.28
CA ARG L 394 37.97 -59.46 16.61
C ARG L 394 39.34 -60.14 16.62
N SER L 395 40.32 -59.45 17.19
CA SER L 395 41.68 -59.98 17.29
C SER L 395 41.73 -61.09 18.33
N LEU L 396 42.54 -62.11 18.05
CA LEU L 396 42.67 -63.23 18.97
C LEU L 396 43.58 -62.91 20.15
N LYS L 397 44.65 -62.15 19.89
CA LYS L 397 45.57 -61.80 20.96
C LYS L 397 45.08 -60.58 21.76
N GLN L 398 45.23 -60.66 23.07
CA GLN L 398 44.81 -59.60 23.97
C GLN L 398 45.86 -58.49 24.01
N LEU L 399 45.61 -57.45 24.80
CA LEU L 399 46.53 -56.33 24.92
C LEU L 399 47.89 -56.77 25.49
N GLU L 400 48.97 -56.34 24.82
CA GLU L 400 50.35 -56.65 25.23
C GLU L 400 50.81 -58.09 25.01
N GLU L 401 50.15 -58.83 24.10
CA GLU L 401 50.54 -60.22 23.81
C GLU L 401 50.60 -60.52 22.31
N ARG M 1 14.79 20.44 -4.98
CA ARG M 1 15.29 20.78 -6.35
C ARG M 1 16.40 19.86 -6.84
N ASP M 2 17.01 20.22 -7.97
CA ASP M 2 18.09 19.41 -8.56
C ASP M 2 19.39 19.60 -7.80
N HIS M 3 20.04 18.49 -7.42
CA HIS M 3 21.30 18.57 -6.68
C HIS M 3 22.29 19.50 -7.41
N ARG M 4 22.51 19.27 -8.70
CA ARG M 4 23.43 20.11 -9.47
C ARG M 4 23.27 21.60 -9.15
N LYS M 5 22.04 22.02 -8.88
CA LYS M 5 21.79 23.40 -8.55
C LYS M 5 22.14 23.64 -7.10
N ILE M 6 21.47 22.90 -6.20
CA ILE M 6 21.72 23.03 -4.76
C ILE M 6 23.21 22.96 -4.49
N GLY M 7 23.93 22.21 -5.33
CA GLY M 7 25.36 22.07 -5.19
C GLY M 7 26.02 23.41 -5.46
N LYS M 8 25.79 23.95 -6.65
CA LYS M 8 26.33 25.25 -6.99
C LYS M 8 25.86 26.23 -5.95
N GLN M 9 24.65 26.01 -5.46
CA GLN M 9 24.01 26.84 -4.44
C GLN M 9 24.78 26.92 -3.13
N LEU M 10 24.97 25.76 -2.51
CA LEU M 10 25.64 25.64 -1.22
C LEU M 10 27.15 25.43 -1.34
N ASP M 11 27.69 25.74 -2.51
CA ASP M 11 29.10 25.62 -2.76
C ASP M 11 29.60 24.23 -2.42
N LEU M 12 28.76 23.23 -2.62
CA LEU M 12 29.15 21.87 -2.32
C LEU M 12 30.22 21.35 -3.26
N TYR M 13 30.37 21.99 -4.41
CA TYR M 13 31.37 21.59 -5.38
C TYR M 13 31.20 22.29 -6.71
N HIS M 14 31.92 21.82 -7.70
CA HIS M 14 31.86 22.36 -9.05
C HIS M 14 32.57 21.40 -9.98
N MET M 15 32.43 21.60 -11.28
CA MET M 15 33.09 20.74 -12.28
C MET M 15 33.55 21.55 -13.47
N GLN M 16 34.61 21.12 -14.12
CA GLN M 16 35.11 21.88 -15.23
C GLN M 16 35.16 20.98 -16.41
N GLU M 17 35.24 21.57 -17.60
CA GLU M 17 35.26 20.76 -18.80
C GLU M 17 36.60 20.03 -19.04
N GLU M 18 37.72 20.63 -18.65
CA GLU M 18 39.03 19.98 -18.86
C GLU M 18 39.17 18.74 -17.98
N ALA M 19 38.17 18.50 -17.13
CA ALA M 19 38.10 17.34 -16.24
C ALA M 19 36.66 16.85 -16.23
N PRO M 20 36.23 16.23 -17.35
CA PRO M 20 34.90 15.69 -17.59
C PRO M 20 34.51 14.51 -16.70
N GLY M 21 33.42 14.67 -15.95
CA GLY M 21 32.95 13.63 -15.07
C GLY M 21 33.85 13.43 -13.89
N MET M 22 34.59 14.49 -13.55
CA MET M 22 35.53 14.49 -12.42
C MET M 22 35.07 15.60 -11.48
N VAL M 23 34.77 15.24 -10.23
CA VAL M 23 34.31 16.23 -9.26
C VAL M 23 35.41 17.06 -8.57
N PHE M 24 35.14 18.34 -8.38
CA PHE M 24 36.05 19.24 -7.70
C PHE M 24 35.39 19.53 -6.37
N TRP M 25 35.46 18.56 -5.47
CA TRP M 25 34.86 18.71 -4.16
C TRP M 25 35.33 19.93 -3.42
N HIS M 26 34.39 20.84 -3.21
CA HIS M 26 34.65 22.05 -2.49
C HIS M 26 34.61 21.71 -1.04
N ASN M 27 35.10 22.62 -0.21
CA ASN M 27 35.14 22.38 1.21
C ASN M 27 33.85 21.84 1.80
N ASP M 28 32.73 22.52 1.57
CA ASP M 28 31.48 22.07 2.16
C ASP M 28 30.99 20.73 1.68
N GLY M 29 31.13 20.47 0.39
CA GLY M 29 30.70 19.19 -0.14
C GLY M 29 31.58 18.13 0.50
N TRP M 30 32.88 18.41 0.56
CA TRP M 30 33.82 17.47 1.16
C TRP M 30 33.35 17.04 2.54
N THR M 31 33.01 18.01 3.38
CA THR M 31 32.54 17.74 4.75
C THR M 31 31.45 16.66 4.76
N ILE M 32 30.50 16.78 3.83
CA ILE M 32 29.41 15.83 3.69
C ILE M 32 29.99 14.47 3.31
N PHE M 33 30.82 14.47 2.27
CA PHE M 33 31.49 13.28 1.77
C PHE M 33 32.20 12.58 2.93
N ARG M 34 33.06 13.35 3.59
CA ARG M 34 33.84 12.87 4.73
C ARG M 34 32.94 12.35 5.85
N GLU M 35 31.98 13.18 6.28
CA GLU M 35 31.06 12.80 7.35
C GLU M 35 30.32 11.50 7.06
N LEU M 36 30.17 11.18 5.77
CA LEU M 36 29.49 9.94 5.37
C LEU M 36 30.44 8.77 5.63
N GLU M 37 31.73 9.00 5.38
CA GLU M 37 32.75 7.98 5.61
C GLU M 37 32.70 7.55 7.08
N VAL M 38 32.84 8.53 7.96
CA VAL M 38 32.81 8.29 9.40
C VAL M 38 31.58 7.48 9.77
N PHE M 39 30.47 7.73 9.06
CA PHE M 39 29.23 7.03 9.28
C PHE M 39 29.38 5.55 8.87
N VAL M 40 29.85 5.34 7.64
CA VAL M 40 30.09 4.00 7.10
C VAL M 40 31.05 3.23 8.01
N ARG M 41 32.20 3.83 8.33
CA ARG M 41 33.18 3.22 9.24
C ARG M 41 32.38 2.65 10.42
N SER M 42 31.68 3.56 11.11
CA SER M 42 30.82 3.26 12.26
C SER M 42 29.93 2.01 12.12
N LYS M 43 29.10 1.98 11.07
CA LYS M 43 28.21 0.82 10.83
C LYS M 43 29.01 -0.46 10.60
N LEU M 44 30.16 -0.34 9.92
CA LEU M 44 31.01 -1.50 9.61
C LEU M 44 31.73 -2.09 10.83
N LYS M 45 32.05 -1.25 11.80
CA LYS M 45 32.73 -1.70 13.01
C LYS M 45 32.02 -2.89 13.64
N GLU M 46 30.71 -2.75 13.82
CA GLU M 46 29.91 -3.84 14.40
C GLU M 46 30.27 -5.15 13.73
N TYR M 47 30.05 -5.20 12.42
CA TYR M 47 30.30 -6.38 11.59
C TYR M 47 31.77 -6.70 11.40
N GLN M 48 32.62 -5.90 12.00
CA GLN M 48 34.05 -6.12 11.91
C GLN M 48 34.56 -6.29 10.49
N TYR M 49 34.74 -5.16 9.84
CA TYR M 49 35.26 -5.18 8.50
C TYR M 49 36.68 -4.67 8.63
N GLN M 50 37.53 -5.06 7.68
CA GLN M 50 38.91 -4.59 7.65
C GLN M 50 38.90 -3.42 6.68
N GLU M 51 39.56 -2.30 6.98
CA GLU M 51 39.59 -1.20 6.01
C GLU M 51 41.00 -1.13 5.45
N VAL M 52 41.12 -1.47 4.17
CA VAL M 52 42.40 -1.48 3.51
C VAL M 52 42.46 -0.28 2.56
N LYS M 53 43.26 -0.41 1.52
CA LYS M 53 43.42 0.64 0.51
C LYS M 53 44.35 0.15 -0.58
N GLY M 54 43.81 -0.03 -1.77
CA GLY M 54 44.62 -0.55 -2.85
C GLY M 54 45.18 0.41 -3.86
N PRO M 55 46.16 -0.06 -4.65
CA PRO M 55 46.82 0.71 -5.70
C PRO M 55 45.83 1.33 -6.67
N PHE M 56 46.21 2.54 -7.03
CA PHE M 56 45.49 3.42 -7.88
C PHE M 56 45.55 2.87 -9.31
N MET M 57 46.32 1.81 -9.49
CA MET M 57 46.49 1.18 -10.79
C MET M 57 47.47 0.00 -10.69
N MET M 58 47.20 -1.06 -11.43
CA MET M 58 48.04 -2.25 -11.43
C MET M 58 48.38 -2.60 -12.87
N ASP M 59 49.07 -3.72 -13.07
CA ASP M 59 49.46 -4.14 -14.41
C ASP M 59 48.34 -4.71 -15.27
N ARG M 60 48.23 -4.19 -16.50
CA ARG M 60 47.23 -4.63 -17.46
C ARG M 60 47.12 -6.15 -17.45
N VAL M 61 48.28 -6.80 -17.35
CA VAL M 61 48.36 -8.25 -17.33
C VAL M 61 47.41 -8.82 -16.29
N LEU M 62 47.33 -8.14 -15.14
CA LEU M 62 46.45 -8.59 -14.07
C LEU M 62 45.00 -8.64 -14.55
N TRP M 63 44.49 -7.50 -15.01
CA TRP M 63 43.12 -7.46 -15.50
C TRP M 63 42.82 -8.42 -16.63
N GLU M 64 43.82 -8.76 -17.43
CA GLU M 64 43.58 -9.71 -18.50
C GLU M 64 43.10 -10.97 -17.81
N LYS M 65 43.77 -11.35 -16.74
CA LYS M 65 43.40 -12.55 -16.00
C LYS M 65 42.01 -12.51 -15.36
N THR M 66 41.71 -11.48 -14.57
CA THR M 66 40.40 -11.37 -13.91
C THR M 66 39.27 -11.48 -14.93
N GLY M 67 39.43 -10.78 -16.05
CA GLY M 67 38.42 -10.80 -17.11
C GLY M 67 38.11 -9.40 -17.57
N HIS M 68 38.38 -8.42 -16.72
CA HIS M 68 38.12 -7.02 -17.03
C HIS M 68 38.61 -6.63 -18.41
N TRP M 69 39.81 -7.08 -18.76
CA TRP M 69 40.35 -6.74 -20.06
C TRP M 69 39.54 -7.26 -21.23
N ASP M 70 38.90 -8.42 -21.06
CA ASP M 70 38.13 -9.02 -22.15
C ASP M 70 36.65 -8.71 -22.19
N ASN M 71 36.18 -7.95 -21.21
CA ASN M 71 34.78 -7.56 -21.17
C ASN M 71 34.59 -6.40 -20.22
N TYR M 72 35.27 -5.29 -20.52
CA TYR M 72 35.20 -4.09 -19.71
C TYR M 72 36.30 -3.14 -20.14
N LYS M 73 37.25 -3.66 -20.92
CA LYS M 73 38.38 -2.87 -21.38
C LYS M 73 37.95 -1.55 -22.03
N ASP M 74 36.70 -1.49 -22.47
CA ASP M 74 36.16 -0.29 -23.09
C ASP M 74 35.93 0.84 -22.06
N ALA M 75 35.56 0.47 -20.83
CA ALA M 75 35.29 1.44 -19.77
C ALA M 75 36.54 1.70 -18.91
N MET M 76 37.63 1.02 -19.26
CA MET M 76 38.88 1.10 -18.54
C MET M 76 39.86 2.18 -19.05
N PHE M 77 40.48 2.89 -18.10
CA PHE M 77 41.46 3.91 -18.41
C PHE M 77 42.83 3.28 -18.36
N THR M 78 43.78 3.77 -19.12
CA THR M 78 45.11 3.18 -19.11
C THR M 78 46.32 4.09 -19.30
N THR M 79 47.38 3.79 -18.57
CA THR M 79 48.64 4.52 -18.65
C THR M 79 49.74 3.48 -18.69
N SER M 80 50.98 3.95 -18.63
CA SER M 80 52.13 3.06 -18.65
C SER M 80 53.46 3.79 -18.51
N SER M 81 54.43 3.06 -17.97
CA SER M 81 55.79 3.55 -17.78
C SER M 81 56.69 2.69 -18.68
N GLU M 82 57.98 2.98 -18.72
CA GLU M 82 58.92 2.20 -19.55
C GLU M 82 58.61 0.74 -19.26
N ASN M 83 58.46 0.47 -17.96
CA ASN M 83 58.12 -0.84 -17.41
C ASN M 83 57.00 -1.53 -18.24
N ARG M 84 55.80 -1.60 -17.66
CA ARG M 84 54.64 -2.23 -18.32
C ARG M 84 53.58 -1.21 -18.70
N GLU M 85 52.34 -1.68 -18.69
CA GLU M 85 51.19 -0.84 -19.00
C GLU M 85 50.15 -1.17 -17.96
N TYR M 86 49.60 -0.13 -17.34
CA TYR M 86 48.61 -0.33 -16.30
C TYR M 86 47.25 0.25 -16.64
N CYS M 87 46.26 -0.25 -15.95
CA CYS M 87 44.88 0.20 -16.10
C CYS M 87 44.53 0.93 -14.80
N ILE M 88 43.83 2.04 -14.89
CA ILE M 88 43.45 2.72 -13.67
C ILE M 88 42.29 1.90 -13.14
N LYS M 89 42.34 1.57 -11.86
CA LYS M 89 41.29 0.72 -11.31
C LYS M 89 39.84 1.18 -11.49
N PRO M 90 39.01 0.26 -12.01
CA PRO M 90 37.58 0.46 -12.26
C PRO M 90 36.86 0.02 -10.98
N MET M 91 37.35 -1.09 -10.42
CA MET M 91 36.80 -1.66 -9.20
C MET M 91 37.99 -1.95 -8.31
N ASN M 92 37.73 -2.41 -7.08
CA ASN M 92 38.80 -2.69 -6.13
C ASN M 92 38.85 -4.18 -5.82
N CYS M 93 37.99 -4.91 -6.52
CA CYS M 93 37.91 -6.33 -6.35
C CYS M 93 39.31 -6.93 -6.51
N PRO M 94 39.94 -6.79 -7.73
CA PRO M 94 41.28 -7.37 -7.95
C PRO M 94 42.24 -7.05 -6.82
N GLY M 95 42.37 -5.75 -6.54
CA GLY M 95 43.24 -5.32 -5.46
C GLY M 95 43.04 -6.11 -4.18
N HIS M 96 41.82 -6.09 -3.62
CA HIS M 96 41.53 -6.81 -2.37
C HIS M 96 42.02 -8.25 -2.35
N VAL M 97 41.88 -8.92 -3.49
CA VAL M 97 42.31 -10.30 -3.63
C VAL M 97 43.83 -10.40 -3.43
N GLN M 98 44.56 -9.43 -3.96
CA GLN M 98 46.02 -9.40 -3.82
C GLN M 98 46.39 -9.36 -2.36
N ILE M 99 45.77 -8.43 -1.64
CA ILE M 99 45.97 -8.28 -0.21
C ILE M 99 45.54 -9.57 0.54
N PHE M 100 44.53 -10.25 0.00
CA PHE M 100 44.06 -11.49 0.61
C PHE M 100 45.09 -12.62 0.46
N ASN M 101 45.76 -12.63 -0.69
CA ASN M 101 46.74 -13.65 -1.01
C ASN M 101 48.01 -13.61 -0.20
N GLN M 102 48.26 -12.52 0.51
CA GLN M 102 49.46 -12.46 1.34
C GLN M 102 49.34 -13.48 2.45
N GLY M 103 50.19 -14.51 2.43
CA GLY M 103 50.18 -15.53 3.46
C GLY M 103 49.19 -16.66 3.22
N LEU M 104 49.23 -17.64 4.12
CA LEU M 104 48.33 -18.79 4.02
C LEU M 104 47.11 -18.58 4.90
N LYS M 105 45.94 -18.55 4.27
CA LYS M 105 44.70 -18.35 5.00
C LYS M 105 44.01 -19.68 5.22
N SER M 106 43.54 -19.88 6.44
CA SER M 106 42.84 -21.10 6.76
C SER M 106 41.36 -20.74 6.71
N TYR M 107 40.52 -21.76 6.81
CA TYR M 107 39.08 -21.55 6.83
C TYR M 107 38.76 -20.63 8.00
N ARG M 108 39.52 -20.78 9.10
CA ARG M 108 39.26 -20.01 10.30
C ARG M 108 39.49 -18.51 10.15
N ASP M 109 40.06 -18.12 9.01
CA ASP M 109 40.27 -16.70 8.74
C ASP M 109 38.98 -16.18 8.09
N LEU M 110 38.05 -17.09 7.84
CA LEU M 110 36.76 -16.80 7.22
C LEU M 110 35.58 -16.77 8.21
N PRO M 111 34.55 -15.94 7.93
CA PRO M 111 34.45 -15.05 6.75
C PRO M 111 35.39 -13.86 6.85
N LEU M 112 36.04 -13.54 5.73
CA LEU M 112 36.97 -12.43 5.71
C LEU M 112 36.30 -11.18 5.12
N ARG M 113 36.00 -10.21 5.97
CA ARG M 113 35.36 -8.97 5.51
C ARG M 113 36.30 -7.81 5.28
N MET M 114 36.67 -7.63 4.00
CA MET M 114 37.60 -6.57 3.64
C MET M 114 36.93 -5.43 2.87
N ALA M 115 36.81 -4.28 3.55
CA ALA M 115 36.22 -3.07 2.98
C ALA M 115 37.27 -1.99 2.65
N GLU M 116 36.88 -1.01 1.86
CA GLU M 116 37.77 0.06 1.44
C GLU M 116 36.96 1.16 0.79
N PHE M 117 37.32 2.42 1.01
CA PHE M 117 36.63 3.50 0.36
C PHE M 117 37.45 3.67 -0.91
N GLY M 118 37.30 2.67 -1.80
CA GLY M 118 38.04 2.61 -3.06
C GLY M 118 37.64 3.55 -4.19
N SER M 119 38.60 4.41 -4.52
CA SER M 119 38.43 5.39 -5.58
C SER M 119 38.52 4.74 -6.95
N CYS M 120 37.40 4.71 -7.67
CA CYS M 120 37.35 4.09 -9.01
C CYS M 120 37.27 5.07 -10.17
N HIS M 121 37.55 4.54 -11.36
CA HIS M 121 37.54 5.34 -12.57
C HIS M 121 37.04 4.55 -13.75
N ARG M 122 36.09 5.14 -14.45
CA ARG M 122 35.50 4.48 -15.60
C ARG M 122 35.26 5.48 -16.72
N ASN M 123 35.59 5.05 -17.95
CA ASN M 123 35.40 5.91 -19.11
C ASN M 123 33.92 5.81 -19.50
N GLU M 124 33.08 6.49 -18.73
CA GLU M 124 31.64 6.50 -19.00
C GLU M 124 31.45 7.36 -20.24
N PRO M 125 30.64 6.89 -21.19
CA PRO M 125 30.37 7.63 -22.43
C PRO M 125 29.92 9.07 -22.17
N SER M 126 30.60 10.02 -22.83
CA SER M 126 30.33 11.44 -22.71
C SER M 126 28.85 11.71 -22.42
N GLY M 127 27.99 11.11 -23.24
CA GLY M 127 26.57 11.31 -23.06
C GLY M 127 25.97 10.86 -21.73
N SER M 128 26.35 9.67 -21.24
CA SER M 128 25.78 9.15 -20.01
C SER M 128 26.12 9.88 -18.72
N LEU M 129 26.96 10.91 -18.78
CA LEU M 129 27.33 11.63 -17.55
C LEU M 129 26.18 12.44 -16.99
N HIS M 130 26.20 12.68 -15.69
CA HIS M 130 25.14 13.44 -15.03
C HIS M 130 25.50 13.78 -13.57
N GLY M 131 25.60 15.08 -13.29
CA GLY M 131 25.94 15.55 -11.96
C GLY M 131 26.82 14.61 -11.18
N LEU M 132 26.43 14.37 -9.93
CA LEU M 132 27.19 13.47 -9.06
C LEU M 132 26.69 12.04 -9.23
N MET M 133 25.61 11.88 -9.99
CA MET M 133 25.00 10.57 -10.19
C MET M 133 25.77 9.65 -11.10
N ARG M 134 26.25 10.17 -12.23
CA ARG M 134 27.00 9.33 -13.15
C ARG M 134 28.24 10.12 -13.55
N VAL M 135 29.36 9.75 -12.95
CA VAL M 135 30.63 10.43 -13.18
C VAL M 135 31.71 9.47 -13.68
N ARG M 136 32.79 10.03 -14.21
CA ARG M 136 33.91 9.22 -14.69
C ARG M 136 34.81 8.78 -13.52
N GLY M 137 34.89 9.59 -12.45
CA GLY M 137 35.71 9.27 -11.29
C GLY M 137 34.99 9.37 -9.94
N PHE M 138 34.70 8.22 -9.35
CA PHE M 138 33.98 8.20 -8.07
C PHE M 138 34.67 7.38 -6.99
N THR M 139 33.95 7.19 -5.88
CA THR M 139 34.50 6.48 -4.73
C THR M 139 33.56 5.46 -4.12
N GLN M 140 33.68 4.19 -4.53
CA GLN M 140 32.82 3.14 -3.96
C GLN M 140 33.09 2.94 -2.49
N ASP M 141 32.07 2.48 -1.77
CA ASP M 141 32.22 2.26 -0.35
C ASP M 141 32.19 0.74 -0.20
N ASP M 142 32.60 0.05 -1.26
CA ASP M 142 32.52 -1.40 -1.19
C ASP M 142 33.48 -2.14 -0.28
N ALA M 143 33.37 -3.44 -0.40
CA ALA M 143 34.16 -4.39 0.36
C ALA M 143 33.95 -5.66 -0.40
N HIS M 144 34.74 -6.67 -0.06
CA HIS M 144 34.60 -7.97 -0.67
C HIS M 144 34.70 -8.98 0.45
N ILE M 145 33.79 -9.94 0.46
CA ILE M 145 33.81 -10.93 1.51
C ILE M 145 34.31 -12.24 0.96
N PHE M 146 35.27 -12.82 1.68
CA PHE M 146 35.87 -14.10 1.32
C PHE M 146 35.24 -15.07 2.31
N CYS M 147 34.66 -16.13 1.80
CA CYS M 147 33.99 -17.10 2.66
C CYS M 147 33.70 -18.45 2.02
N THR M 148 33.39 -19.42 2.88
CA THR M 148 33.02 -20.75 2.47
C THR M 148 31.59 -20.51 1.96
N GLU M 149 30.97 -21.47 1.30
CA GLU M 149 29.61 -21.20 0.82
C GLU M 149 28.46 -21.45 1.78
N GLU M 150 28.76 -22.06 2.93
CA GLU M 150 27.72 -22.28 3.93
C GLU M 150 27.59 -20.90 4.53
N GLN M 151 28.66 -20.12 4.40
CA GLN M 151 28.68 -18.75 4.90
C GLN M 151 27.94 -17.82 3.94
N ILE M 152 27.82 -18.21 2.67
CA ILE M 152 27.15 -17.35 1.70
C ILE M 152 25.86 -16.79 2.22
N ARG M 153 25.00 -17.64 2.79
CA ARG M 153 23.73 -17.15 3.29
C ARG M 153 23.91 -16.01 4.27
N ASP M 154 24.19 -16.34 5.54
CA ASP M 154 24.38 -15.37 6.61
C ASP M 154 25.14 -14.14 6.09
N GLU M 155 26.12 -14.42 5.25
CA GLU M 155 26.96 -13.37 4.66
C GLU M 155 26.17 -12.39 3.81
N VAL M 156 25.39 -12.91 2.88
CA VAL M 156 24.58 -12.06 2.02
C VAL M 156 23.50 -11.36 2.85
N ASN M 157 22.84 -12.08 3.76
CA ASN M 157 21.80 -11.48 4.62
C ASN M 157 22.37 -10.29 5.37
N GLY M 158 23.52 -10.51 6.03
CA GLY M 158 24.18 -9.43 6.76
C GLY M 158 24.35 -8.18 5.91
N CYS M 159 24.59 -8.37 4.60
CA CYS M 159 24.74 -7.26 3.63
C CYS M 159 23.40 -6.56 3.53
N ILE M 160 22.40 -7.31 3.08
CA ILE M 160 21.03 -6.81 2.94
C ILE M 160 20.67 -5.96 4.16
N ARG M 161 20.61 -6.62 5.31
CA ARG M 161 20.29 -5.97 6.58
C ARG M 161 21.03 -4.65 6.75
N LEU M 162 22.31 -4.64 6.36
CA LEU M 162 23.15 -3.44 6.45
C LEU M 162 22.64 -2.29 5.55
N VAL M 163 22.24 -2.63 4.33
CA VAL M 163 21.73 -1.67 3.36
C VAL M 163 20.52 -0.96 3.92
N TYR M 164 19.58 -1.74 4.45
CA TYR M 164 18.35 -1.21 5.03
C TYR M 164 18.63 -0.42 6.30
N ASP M 165 19.19 -1.11 7.28
CA ASP M 165 19.52 -0.49 8.55
C ASP M 165 20.32 0.82 8.33
N MET M 166 21.01 0.93 7.22
CA MET M 166 21.79 2.15 6.97
C MET M 166 20.97 3.22 6.25
N TYR M 167 20.26 2.80 5.21
CA TYR M 167 19.43 3.70 4.45
C TYR M 167 18.43 4.33 5.39
N SER M 168 17.93 3.52 6.31
CA SER M 168 16.94 3.97 7.29
C SER M 168 17.38 5.24 8.01
N THR M 169 18.69 5.44 8.14
CA THR M 169 19.19 6.65 8.81
C THR M 169 18.75 7.92 8.09
N PHE M 170 18.57 7.80 6.78
CA PHE M 170 18.22 8.93 5.91
C PHE M 170 16.71 8.94 5.67
N GLY M 171 16.02 7.92 6.18
CA GLY M 171 14.58 7.83 6.03
C GLY M 171 14.19 7.74 4.59
N PHE M 172 14.71 6.74 3.88
CA PHE M 172 14.37 6.58 2.47
C PHE M 172 13.08 5.81 2.37
N GLU M 173 12.20 6.26 1.48
CA GLU M 173 10.93 5.61 1.29
C GLU M 173 11.03 4.64 0.11
N LYS M 174 11.45 5.16 -1.04
CA LYS M 174 11.59 4.37 -2.25
C LYS M 174 12.92 3.64 -2.33
N ILE M 175 12.84 2.33 -2.12
CA ILE M 175 13.97 1.39 -2.13
C ILE M 175 13.52 0.18 -2.91
N VAL M 176 13.72 0.15 -4.22
CA VAL M 176 13.28 -0.99 -4.99
C VAL M 176 14.40 -1.94 -5.43
N VAL M 177 14.13 -3.23 -5.24
CA VAL M 177 15.09 -4.27 -5.58
C VAL M 177 14.95 -4.89 -6.97
N LYS M 178 16.10 -5.23 -7.56
CA LYS M 178 16.19 -5.85 -8.88
C LYS M 178 17.22 -6.98 -8.75
N LEU M 179 17.12 -8.01 -9.57
CA LEU M 179 18.09 -9.11 -9.50
C LEU M 179 18.69 -9.44 -10.87
N SER M 180 19.62 -8.60 -11.33
CA SER M 180 20.30 -8.74 -12.62
C SER M 180 20.92 -10.13 -12.81
N THR M 181 20.56 -10.78 -13.90
CA THR M 181 21.03 -12.14 -14.21
C THR M 181 22.11 -12.23 -15.30
N ARG M 182 22.89 -13.33 -15.28
CA ARG M 182 23.99 -13.54 -16.22
C ARG M 182 23.93 -12.69 -17.48
N PRO M 183 24.83 -11.70 -17.59
CA PRO M 183 24.90 -10.79 -18.74
C PRO M 183 25.44 -11.50 -19.96
N GLU M 184 25.54 -10.73 -21.03
CA GLU M 184 26.04 -11.26 -22.27
C GLU M 184 27.40 -11.92 -22.05
N LYS M 185 28.39 -11.09 -21.77
CA LYS M 185 29.74 -11.58 -21.57
C LYS M 185 30.09 -11.83 -20.11
N ARG M 186 29.74 -13.01 -19.59
CA ARG M 186 30.08 -13.37 -18.20
C ARG M 186 31.38 -14.18 -18.22
N ILE M 187 31.80 -14.72 -17.06
CA ILE M 187 33.06 -15.48 -17.04
C ILE M 187 33.02 -16.83 -16.32
N GLY M 188 31.84 -17.22 -15.87
CA GLY M 188 31.70 -18.50 -15.18
C GLY M 188 30.84 -19.49 -15.93
N SER M 189 30.97 -20.78 -15.61
CA SER M 189 30.17 -21.79 -16.28
C SER M 189 28.71 -21.57 -15.90
N ASP M 190 27.81 -21.87 -16.83
CA ASP M 190 26.38 -21.71 -16.56
C ASP M 190 26.09 -22.37 -15.23
N GLU M 191 26.56 -23.62 -15.09
CA GLU M 191 26.37 -24.37 -13.86
C GLU M 191 26.67 -23.48 -12.65
N MET M 192 27.72 -22.67 -12.75
CA MET M 192 28.10 -21.77 -11.66
C MET M 192 27.06 -20.67 -11.49
N TRP M 193 26.78 -19.96 -12.58
CA TRP M 193 25.80 -18.88 -12.53
C TRP M 193 24.45 -19.36 -12.01
N ASP M 194 24.08 -20.58 -12.37
CA ASP M 194 22.83 -21.18 -11.92
C ASP M 194 22.80 -21.03 -10.40
N ARG M 195 23.72 -21.72 -9.74
CA ARG M 195 23.82 -21.66 -8.29
C ARG M 195 23.86 -20.21 -7.82
N ALA M 196 24.83 -19.45 -8.32
CA ALA M 196 25.01 -18.04 -7.96
C ALA M 196 23.71 -17.24 -7.98
N GLU M 197 22.99 -17.32 -9.09
CA GLU M 197 21.72 -16.63 -9.24
C GLU M 197 20.73 -17.13 -8.22
N ALA M 198 20.53 -18.46 -8.22
CA ALA M 198 19.63 -19.09 -7.28
C ALA M 198 19.89 -18.48 -5.90
N ASP M 199 21.07 -18.77 -5.36
CA ASP M 199 21.49 -18.27 -4.05
C ASP M 199 20.95 -16.86 -3.75
N LEU M 200 21.31 -15.91 -4.61
CA LEU M 200 20.88 -14.54 -4.42
C LEU M 200 19.36 -14.41 -4.29
N ALA M 201 18.65 -14.95 -5.28
CA ALA M 201 17.18 -14.92 -5.29
C ALA M 201 16.66 -15.45 -3.96
N VAL M 202 17.08 -16.67 -3.61
CA VAL M 202 16.68 -17.29 -2.35
C VAL M 202 16.82 -16.28 -1.23
N ALA M 203 17.98 -15.65 -1.16
CA ALA M 203 18.26 -14.66 -0.13
C ALA M 203 17.11 -13.66 -0.08
N LEU M 204 16.87 -12.96 -1.21
CA LEU M 204 15.80 -11.94 -1.31
C LEU M 204 14.49 -12.43 -0.71
N GLU M 205 13.86 -13.36 -1.42
CA GLU M 205 12.59 -13.92 -1.01
C GLU M 205 12.60 -14.53 0.38
N GLU M 206 13.79 -14.85 0.89
CA GLU M 206 13.92 -15.42 2.22
C GLU M 206 13.74 -14.32 3.27
N ASN M 207 13.94 -13.08 2.83
CA ASN M 207 13.81 -11.91 3.70
C ASN M 207 12.58 -11.13 3.25
N ASN M 208 11.85 -11.71 2.30
CA ASN M 208 10.63 -11.12 1.76
C ASN M 208 10.86 -9.78 1.09
N ILE M 209 11.93 -9.71 0.31
CA ILE M 209 12.20 -8.49 -0.41
C ILE M 209 11.64 -8.75 -1.79
N PRO M 210 10.67 -7.92 -2.21
CA PRO M 210 10.07 -8.07 -3.54
C PRO M 210 11.07 -7.56 -4.60
N PHE M 211 11.10 -8.20 -5.76
CA PHE M 211 12.03 -7.75 -6.80
C PHE M 211 11.64 -8.18 -8.20
N GLU M 212 12.51 -7.84 -9.15
CA GLU M 212 12.28 -8.20 -10.54
C GLU M 212 13.62 -8.52 -11.14
N TYR M 213 13.64 -9.50 -12.04
CA TYR M 213 14.88 -9.88 -12.70
C TYR M 213 15.27 -8.83 -13.72
N GLN M 214 16.53 -8.42 -13.63
CA GLN M 214 17.07 -7.41 -14.52
C GLN M 214 17.65 -8.13 -15.74
N LEU M 215 17.21 -9.37 -15.94
CA LEU M 215 17.63 -10.23 -17.05
C LEU M 215 18.67 -9.64 -18.01
N GLY M 216 19.82 -10.29 -18.12
CA GLY M 216 20.85 -9.81 -19.03
C GLY M 216 21.77 -8.79 -18.38
N GLU M 217 21.49 -8.47 -17.12
CA GLU M 217 22.30 -7.52 -16.35
C GLU M 217 23.12 -8.27 -15.33
N GLY M 218 23.91 -7.54 -14.56
CA GLY M 218 24.72 -8.20 -13.56
C GLY M 218 26.16 -8.28 -13.99
N ALA M 219 27.02 -8.29 -12.99
CA ALA M 219 28.45 -8.34 -13.16
C ALA M 219 28.90 -9.34 -14.22
N PHE M 220 29.91 -9.00 -15.02
CA PHE M 220 30.37 -9.94 -16.01
C PHE M 220 30.90 -11.15 -15.20
N TYR M 221 30.98 -10.99 -13.88
CA TYR M 221 31.49 -12.03 -12.99
C TYR M 221 30.49 -12.61 -11.97
N GLY M 222 29.20 -12.33 -12.14
CA GLY M 222 28.23 -12.85 -11.21
C GLY M 222 26.91 -12.12 -11.12
N PRO M 223 25.87 -12.80 -10.62
CA PRO M 223 24.54 -12.21 -10.46
C PRO M 223 24.64 -10.95 -9.61
N LYS M 224 23.63 -10.11 -9.66
CA LYS M 224 23.73 -8.88 -8.90
C LYS M 224 22.44 -8.30 -8.33
N ILE M 225 22.30 -8.34 -7.02
CA ILE M 225 21.13 -7.75 -6.36
C ILE M 225 21.36 -6.24 -6.43
N GLU M 226 20.39 -5.51 -6.98
CA GLU M 226 20.52 -4.05 -7.09
C GLU M 226 19.55 -3.32 -6.17
N PHE M 227 20.06 -2.35 -5.43
CA PHE M 227 19.19 -1.54 -4.59
C PHE M 227 19.12 -0.19 -5.29
N THR M 228 17.94 0.12 -5.81
CA THR M 228 17.76 1.37 -6.54
C THR M 228 16.98 2.42 -5.70
N LEU M 229 17.50 3.65 -5.68
CA LEU M 229 16.86 4.77 -4.98
C LEU M 229 16.43 5.72 -6.08
N TYR M 230 15.51 6.62 -5.78
CA TYR M 230 15.05 7.52 -6.83
C TYR M 230 15.30 8.96 -6.53
N ASP M 231 15.41 9.75 -7.59
CA ASP M 231 15.70 11.18 -7.45
C ASP M 231 14.56 12.18 -7.67
N CYS M 232 14.97 13.43 -7.93
CA CYS M 232 14.08 14.55 -8.18
C CYS M 232 12.95 14.19 -9.14
N LEU M 233 13.33 13.69 -10.31
CA LEU M 233 12.37 13.29 -11.34
C LEU M 233 12.07 11.82 -11.26
N ASP M 234 12.04 11.30 -10.03
CA ASP M 234 11.76 9.91 -9.80
C ASP M 234 12.44 9.00 -10.85
N ARG M 235 13.70 9.28 -11.13
CA ARG M 235 14.47 8.46 -12.08
C ARG M 235 15.16 7.41 -11.21
N ALA M 236 15.24 6.18 -11.70
CA ALA M 236 15.87 5.11 -10.94
C ALA M 236 17.39 5.24 -10.99
N TRP M 237 18.02 4.96 -9.86
CA TRP M 237 19.46 5.04 -9.75
C TRP M 237 19.93 3.89 -8.88
N GLN M 238 20.88 3.13 -9.38
CA GLN M 238 21.43 2.01 -8.63
C GLN M 238 22.41 2.54 -7.57
N CYS M 239 22.12 2.26 -6.31
CA CYS M 239 22.99 2.71 -5.22
C CYS M 239 23.66 1.53 -4.52
N GLY M 240 22.90 0.82 -3.69
CA GLY M 240 23.45 -0.35 -3.02
C GLY M 240 23.56 -1.50 -4.02
N THR M 241 24.27 -2.56 -3.64
CA THR M 241 24.43 -3.72 -4.52
C THR M 241 25.22 -4.85 -3.83
N VAL M 242 24.73 -6.09 -4.00
CA VAL M 242 25.38 -7.28 -3.45
C VAL M 242 25.53 -8.26 -4.62
N GLN M 243 26.77 -8.64 -4.92
CA GLN M 243 27.06 -9.55 -6.02
C GLN M 243 27.74 -10.83 -5.55
N LEU M 244 27.33 -11.96 -6.13
CA LEU M 244 27.93 -13.26 -5.76
C LEU M 244 28.93 -13.71 -6.83
N ASP M 245 30.21 -13.63 -6.48
CA ASP M 245 31.27 -13.99 -7.39
C ASP M 245 31.80 -15.40 -7.25
N PHE M 246 31.83 -16.14 -8.35
CA PHE M 246 32.35 -17.51 -8.31
C PHE M 246 33.64 -17.72 -9.12
N SER M 247 33.93 -16.79 -10.01
CA SER M 247 35.13 -16.87 -10.84
C SER M 247 36.36 -16.23 -10.19
N LEU M 248 36.46 -14.91 -10.27
CA LEU M 248 37.58 -14.16 -9.71
C LEU M 248 38.40 -14.84 -8.59
N PRO M 249 37.76 -15.29 -7.47
CA PRO M 249 38.58 -15.93 -6.43
C PRO M 249 39.54 -16.99 -6.95
N SER M 250 39.15 -17.69 -7.99
CA SER M 250 40.01 -18.70 -8.61
C SER M 250 40.93 -18.03 -9.65
N ARG M 251 40.37 -17.15 -10.49
CA ARG M 251 41.15 -16.47 -11.53
C ARG M 251 42.44 -15.89 -10.98
N LEU M 252 42.36 -15.31 -9.79
CA LEU M 252 43.55 -14.75 -9.17
C LEU M 252 44.08 -15.71 -8.12
N SER M 253 43.72 -16.97 -8.29
CA SER M 253 44.13 -18.06 -7.41
C SER M 253 44.28 -17.72 -5.93
N ALA M 254 43.17 -17.73 -5.23
CA ALA M 254 43.16 -17.47 -3.80
C ALA M 254 42.72 -18.82 -3.22
N SER M 255 43.00 -19.04 -1.95
CA SER M 255 42.61 -20.30 -1.32
C SER M 255 42.84 -20.33 0.18
N TYR M 256 42.08 -21.18 0.86
CA TYR M 256 42.20 -21.34 2.29
C TYR M 256 42.30 -22.83 2.63
N VAL M 257 42.59 -23.12 3.89
CA VAL M 257 42.75 -24.49 4.35
C VAL M 257 41.56 -24.97 5.17
N GLY M 258 40.95 -26.09 4.77
CA GLY M 258 39.83 -26.62 5.54
C GLY M 258 40.41 -27.41 6.71
N GLU M 259 39.57 -28.03 7.53
CA GLU M 259 40.09 -28.83 8.65
C GLU M 259 40.72 -30.02 7.98
N ASP M 260 40.18 -30.35 6.81
CA ASP M 260 40.66 -31.45 6.00
C ASP M 260 42.04 -31.08 5.47
N ASN M 261 42.64 -30.07 6.08
CA ASN M 261 43.96 -29.60 5.69
C ASN M 261 44.05 -29.56 4.16
N GLU M 262 42.96 -29.12 3.53
CA GLU M 262 42.87 -29.04 2.07
C GLU M 262 42.62 -27.67 1.45
N ARG M 263 43.18 -27.51 0.25
CA ARG M 263 43.06 -26.29 -0.54
C ARG M 263 41.64 -26.12 -1.04
N LYS M 264 41.05 -24.97 -0.75
CA LYS M 264 39.70 -24.66 -1.19
C LYS M 264 39.69 -23.19 -1.64
N VAL M 265 39.11 -22.90 -2.82
CA VAL M 265 39.03 -21.52 -3.28
C VAL M 265 37.86 -20.87 -2.52
N PRO M 266 38.05 -19.66 -2.00
CA PRO M 266 36.94 -19.06 -1.28
C PRO M 266 35.88 -18.51 -2.22
N VAL M 267 34.71 -18.28 -1.66
CA VAL M 267 33.61 -17.70 -2.43
C VAL M 267 33.82 -16.21 -2.15
N MET M 268 33.47 -15.37 -3.12
CA MET M 268 33.63 -13.93 -2.89
C MET M 268 32.38 -13.11 -3.17
N ILE M 269 31.97 -12.38 -2.15
CA ILE M 269 30.78 -11.53 -2.22
C ILE M 269 31.21 -10.05 -2.38
N HIS M 270 30.77 -9.40 -3.47
CA HIS M 270 31.04 -7.98 -3.71
C HIS M 270 29.87 -7.23 -3.08
N ARG M 271 30.09 -6.01 -2.61
CA ARG M 271 28.98 -5.28 -2.00
C ARG M 271 29.32 -3.85 -1.61
N ALA M 272 28.41 -2.93 -1.92
CA ALA M 272 28.55 -1.51 -1.60
C ALA M 272 27.23 -1.05 -1.02
N ILE M 273 27.20 -0.52 0.21
CA ILE M 273 25.95 -0.06 0.80
C ILE M 273 25.48 1.27 0.20
N LEU M 274 26.22 2.35 0.44
CA LEU M 274 25.84 3.64 -0.14
C LEU M 274 25.99 3.55 -1.68
N GLY M 275 26.88 2.69 -2.14
CA GLY M 275 27.10 2.49 -3.56
C GLY M 275 28.32 3.26 -4.05
N SER M 276 28.13 4.57 -4.16
CA SER M 276 29.18 5.49 -4.60
C SER M 276 29.00 6.79 -3.81
N MET M 277 30.09 7.27 -3.22
CA MET M 277 30.05 8.50 -2.42
C MET M 277 29.36 9.68 -3.11
N GLU M 278 29.80 9.97 -4.33
CA GLU M 278 29.25 11.07 -5.10
C GLU M 278 27.77 10.85 -5.46
N ARG M 279 27.47 9.67 -5.99
CA ARG M 279 26.12 9.35 -6.37
C ARG M 279 25.20 9.49 -5.15
N PHE M 280 25.46 8.71 -4.10
CA PHE M 280 24.62 8.77 -2.92
C PHE M 280 24.50 10.20 -2.40
N ILE M 281 25.59 10.96 -2.47
CA ILE M 281 25.50 12.33 -2.01
C ILE M 281 24.46 13.04 -2.89
N GLY M 282 24.57 12.84 -4.21
CA GLY M 282 23.63 13.45 -5.14
C GLY M 282 22.20 13.20 -4.71
N ILE M 283 21.90 11.95 -4.39
CA ILE M 283 20.56 11.56 -3.94
C ILE M 283 20.13 12.28 -2.68
N LEU M 284 21.01 12.31 -1.67
CA LEU M 284 20.70 13.00 -0.43
C LEU M 284 20.31 14.43 -0.73
N THR M 285 21.11 15.07 -1.56
CA THR M 285 20.84 16.44 -1.94
C THR M 285 19.45 16.45 -2.52
N GLU M 286 19.25 15.62 -3.54
CA GLU M 286 17.95 15.53 -4.19
C GLU M 286 16.89 15.44 -3.12
N GLU M 287 16.90 14.38 -2.31
CA GLU M 287 15.91 14.22 -1.25
C GLU M 287 15.79 15.50 -0.43
N PHE M 288 16.51 15.58 0.68
CA PHE M 288 16.46 16.75 1.56
C PHE M 288 16.43 18.09 0.83
N ALA M 289 16.92 18.07 -0.41
CA ALA M 289 16.96 19.26 -1.26
C ALA M 289 17.67 20.40 -0.51
N GLY M 290 18.92 20.18 -0.17
CA GLY M 290 19.68 21.19 0.55
C GLY M 290 19.40 21.24 2.04
N PHE M 291 18.53 20.36 2.53
CA PHE M 291 18.22 20.38 3.95
C PHE M 291 18.81 19.19 4.68
N PHE M 292 20.11 19.00 4.48
CA PHE M 292 20.84 17.92 5.12
C PHE M 292 20.60 17.99 6.61
N PRO M 293 20.45 16.82 7.26
CA PRO M 293 20.22 16.76 8.72
C PRO M 293 21.37 17.42 9.47
N THR M 294 21.11 17.88 10.68
CA THR M 294 22.15 18.56 11.43
C THR M 294 23.51 17.92 11.29
N TRP M 295 23.62 16.62 11.57
CA TRP M 295 24.91 15.93 11.49
C TRP M 295 25.60 15.99 10.15
N LEU M 296 24.83 16.04 9.09
CA LEU M 296 25.38 16.06 7.75
C LEU M 296 25.52 17.43 7.13
N ALA M 297 25.14 18.46 7.88
CA ALA M 297 25.18 19.83 7.39
C ALA M 297 26.57 20.47 7.30
N PRO M 298 26.98 20.89 6.09
CA PRO M 298 28.29 21.52 5.93
C PRO M 298 28.49 22.51 7.07
N VAL M 299 27.50 23.35 7.33
CA VAL M 299 27.60 24.23 8.46
C VAL M 299 26.40 23.88 9.28
N GLN M 300 26.60 23.71 10.58
CA GLN M 300 25.51 23.33 11.45
C GLN M 300 24.92 24.53 12.19
N VAL M 301 25.77 25.49 12.52
CA VAL M 301 25.27 26.65 13.23
C VAL M 301 25.88 27.94 12.72
N VAL M 302 25.23 29.05 13.03
CA VAL M 302 25.69 30.36 12.65
C VAL M 302 25.30 31.27 13.81
N ILE M 303 26.28 32.03 14.29
CA ILE M 303 26.02 32.95 15.38
C ILE M 303 26.26 34.33 14.85
N MET M 304 25.29 35.22 15.07
CA MET M 304 25.40 36.56 14.55
C MET M 304 24.97 37.62 15.53
N ASN M 305 25.64 38.77 15.46
CA ASN M 305 25.37 39.92 16.31
C ASN M 305 24.39 40.84 15.62
N ILE M 306 23.64 41.61 16.39
CA ILE M 306 22.70 42.53 15.79
C ILE M 306 23.40 43.85 15.50
N THR M 307 24.28 44.25 16.42
CA THR M 307 25.04 45.48 16.26
C THR M 307 26.52 45.16 16.52
N ASP M 308 27.38 46.12 16.22
CA ASP M 308 28.83 45.96 16.39
C ASP M 308 29.24 45.84 17.85
N SER M 309 28.25 45.76 18.74
CA SER M 309 28.47 45.63 20.18
C SER M 309 28.73 44.18 20.58
N GLN M 310 27.65 43.41 20.63
CA GLN M 310 27.70 42.01 21.01
C GLN M 310 28.63 41.19 20.13
N SER M 311 29.33 41.84 19.20
CA SER M 311 30.23 41.14 18.28
C SER M 311 31.29 40.27 18.97
N GLU M 312 31.72 40.70 20.15
CA GLU M 312 32.72 39.94 20.86
C GLU M 312 32.08 38.73 21.52
N TYR M 313 30.88 38.95 22.07
CA TYR M 313 30.12 37.89 22.74
C TYR M 313 29.77 36.81 21.74
N VAL M 314 29.81 37.17 20.46
CA VAL M 314 29.51 36.22 19.39
C VAL M 314 30.72 35.35 19.16
N ASN M 315 31.89 35.99 19.03
CA ASN M 315 33.16 35.29 18.83
C ASN M 315 33.29 34.36 20.03
N GLU M 316 32.82 34.91 21.15
CA GLU M 316 32.81 34.22 22.41
C GLU M 316 32.18 32.83 22.23
N LEU M 317 30.90 32.85 21.89
CA LEU M 317 30.12 31.65 21.71
C LEU M 317 30.55 30.76 20.56
N THR M 318 30.77 31.36 19.40
CA THR M 318 31.18 30.54 18.26
C THR M 318 32.37 29.72 18.70
N GLN M 319 33.13 30.26 19.65
CA GLN M 319 34.30 29.57 20.16
C GLN M 319 33.87 28.37 20.97
N LYS M 320 33.23 28.65 22.09
CA LYS M 320 32.75 27.63 22.99
C LYS M 320 32.11 26.49 22.18
N LEU M 321 31.39 26.85 21.12
CA LEU M 321 30.71 25.88 20.27
C LEU M 321 31.65 25.09 19.36
N SER M 322 32.73 25.74 18.92
CA SER M 322 33.69 25.09 18.05
C SER M 322 34.41 24.02 18.85
N ASN M 323 34.63 24.30 20.14
CA ASN M 323 35.30 23.36 21.03
C ASN M 323 34.32 22.27 21.34
N ALA M 324 33.03 22.64 21.36
CA ALA M 324 31.98 21.68 21.62
C ALA M 324 32.03 20.66 20.47
N GLY M 325 32.76 21.03 19.41
CA GLY M 325 32.89 20.17 18.25
C GLY M 325 31.71 20.38 17.31
N ILE M 326 31.19 21.60 17.23
CA ILE M 326 30.07 21.89 16.36
C ILE M 326 30.50 22.76 15.19
N ARG M 327 30.20 22.34 13.96
CA ARG M 327 30.56 23.13 12.81
C ARG M 327 29.76 24.44 12.91
N VAL M 328 30.36 25.44 13.53
CA VAL M 328 29.71 26.73 13.72
C VAL M 328 30.54 27.83 13.11
N LYS M 329 29.90 28.97 12.82
CA LYS M 329 30.61 30.11 12.26
C LYS M 329 29.91 31.38 12.74
N ALA M 330 30.66 32.48 12.73
CA ALA M 330 30.12 33.76 13.20
C ALA M 330 29.97 34.77 12.07
N ASP M 331 28.79 35.34 11.95
CA ASP M 331 28.52 36.32 10.92
C ASP M 331 28.48 37.66 11.60
N LEU M 332 29.66 38.22 11.82
CA LEU M 332 29.72 39.52 12.47
C LEU M 332 29.57 40.63 11.46
N ARG M 333 29.61 40.26 10.18
CA ARG M 333 29.49 41.22 9.07
C ARG M 333 28.65 42.44 9.38
N ASN M 334 28.97 43.55 8.73
CA ASN M 334 28.23 44.78 8.94
C ASN M 334 26.98 44.71 8.08
N GLU M 335 25.96 44.03 8.61
CA GLU M 335 24.72 43.87 7.87
C GLU M 335 23.52 43.80 8.80
N LYS M 336 22.35 44.08 8.26
CA LYS M 336 21.12 44.03 9.02
C LYS M 336 20.90 42.56 9.40
N ILE M 337 20.58 42.32 10.67
CA ILE M 337 20.36 40.96 11.13
C ILE M 337 19.39 40.26 10.21
N GLY M 338 18.36 40.99 9.76
CA GLY M 338 17.37 40.44 8.85
C GLY M 338 18.05 39.84 7.63
N PHE M 339 19.07 40.52 7.11
CA PHE M 339 19.81 40.04 5.94
C PHE M 339 20.50 38.72 6.25
N LYS M 340 21.25 38.73 7.34
CA LYS M 340 21.98 37.54 7.75
C LYS M 340 21.05 36.32 7.80
N ILE M 341 19.97 36.46 8.58
CA ILE M 341 19.01 35.37 8.71
C ILE M 341 18.58 34.91 7.34
N ARG M 342 18.39 35.86 6.44
CA ARG M 342 17.98 35.52 5.09
C ARG M 342 19.03 34.62 4.46
N GLU M 343 20.13 35.22 4.04
CA GLU M 343 21.23 34.52 3.40
C GLU M 343 21.51 33.12 3.90
N HIS M 344 21.64 32.97 5.22
CA HIS M 344 21.91 31.67 5.83
C HIS M 344 20.74 30.70 5.75
N THR M 345 19.53 31.23 5.72
CA THR M 345 18.39 30.35 5.63
C THR M 345 18.39 29.71 4.27
N LEU M 346 18.58 30.48 3.20
CA LEU M 346 18.60 29.85 1.88
C LEU M 346 19.91 29.12 1.69
N ARG M 347 20.75 29.18 2.72
CA ARG M 347 22.03 28.52 2.71
C ARG M 347 21.77 27.16 3.37
N ARG M 348 20.70 27.12 4.16
CA ARG M 348 20.22 25.91 4.85
C ARG M 348 20.81 25.56 6.21
N VAL M 349 21.52 26.50 6.82
CA VAL M 349 22.10 26.24 8.13
C VAL M 349 21.05 25.75 9.13
N PRO M 350 21.19 24.50 9.60
CA PRO M 350 20.23 23.94 10.57
C PRO M 350 19.87 24.89 11.71
N TYR M 351 20.83 25.73 12.14
CA TYR M 351 20.56 26.63 13.24
C TYR M 351 21.20 27.99 13.15
N MET M 352 20.45 28.99 13.61
CA MET M 352 20.93 30.35 13.60
C MET M 352 20.77 30.93 14.98
N LEU M 353 21.82 31.58 15.47
CA LEU M 353 21.80 32.18 16.80
C LEU M 353 21.97 33.68 16.76
N VAL M 354 20.96 34.38 17.26
CA VAL M 354 20.96 35.83 17.31
C VAL M 354 21.45 36.27 18.68
N CYS M 355 22.42 37.16 18.67
CA CYS M 355 22.97 37.68 19.89
C CYS M 355 22.88 39.19 19.87
N GLY M 356 21.91 39.69 20.61
CA GLY M 356 21.71 41.13 20.71
C GLY M 356 22.10 41.54 22.10
N ASP M 357 22.00 42.83 22.40
CA ASP M 357 22.35 43.31 23.73
C ASP M 357 21.63 42.45 24.75
N LYS M 358 20.33 42.24 24.53
CA LYS M 358 19.53 41.43 25.45
C LYS M 358 20.23 40.12 25.86
N GLU M 359 20.62 39.31 24.88
CA GLU M 359 21.26 38.03 25.16
C GLU M 359 22.64 38.11 25.79
N VAL M 360 23.35 39.23 25.57
CA VAL M 360 24.70 39.39 26.13
C VAL M 360 24.67 39.39 27.65
N GLU M 361 23.67 40.04 28.25
CA GLU M 361 23.51 40.09 29.70
C GLU M 361 22.48 39.04 30.07
N SER M 362 22.71 37.83 29.58
CA SER M 362 21.81 36.70 29.82
C SER M 362 22.57 35.40 29.64
N GLY M 363 23.62 35.45 28.84
CA GLY M 363 24.37 34.25 28.57
C GLY M 363 23.49 33.36 27.70
N LYS M 364 22.31 33.90 27.39
CA LYS M 364 21.34 33.20 26.56
C LYS M 364 21.61 33.51 25.09
N VAL M 365 21.03 32.70 24.22
CA VAL M 365 21.19 32.85 22.78
C VAL M 365 19.82 32.74 22.11
N ALA M 366 19.48 33.73 21.30
CA ALA M 366 18.21 33.70 20.58
C ALA M 366 18.33 32.58 19.51
N VAL M 367 17.68 31.45 19.75
CA VAL M 367 17.74 30.32 18.84
C VAL M 367 16.62 30.35 17.81
N ARG M 368 16.88 29.82 16.61
CA ARG M 368 15.88 29.77 15.56
C ARG M 368 16.26 28.80 14.43
N THR M 369 15.43 27.78 14.23
CA THR M 369 15.67 26.77 13.20
C THR M 369 15.68 27.43 11.82
N ARG M 370 16.22 26.74 10.82
CA ARG M 370 16.28 27.27 9.46
C ARG M 370 14.87 27.34 8.90
N ARG M 371 14.04 26.39 9.32
CA ARG M 371 12.64 26.32 8.91
C ARG M 371 11.92 27.60 9.38
N GLY M 372 12.55 28.32 10.29
CA GLY M 372 11.96 29.55 10.77
C GLY M 372 11.52 29.52 12.21
N LYS M 373 11.09 28.36 12.69
CA LYS M 373 10.61 28.26 14.06
C LYS M 373 11.52 28.89 15.10
N ASP M 374 11.17 30.10 15.52
CA ASP M 374 11.92 30.77 16.55
C ASP M 374 11.84 29.91 17.79
N LEU M 375 12.97 29.32 18.19
CA LEU M 375 13.00 28.48 19.37
C LEU M 375 13.18 29.27 20.67
N GLY M 376 13.13 30.60 20.56
CA GLY M 376 13.27 31.45 21.73
C GLY M 376 14.63 31.33 22.38
N SER M 377 15.16 32.44 22.89
CA SER M 377 16.48 32.44 23.52
C SER M 377 16.56 31.34 24.58
N MET M 378 17.74 30.74 24.69
CA MET M 378 17.95 29.67 25.66
C MET M 378 19.40 29.54 26.11
N ASP M 379 19.59 28.87 27.23
CA ASP M 379 20.90 28.63 27.83
C ASP M 379 21.92 28.11 26.79
N VAL M 380 23.16 28.61 26.88
CA VAL M 380 24.21 28.19 25.97
C VAL M 380 24.49 26.69 25.99
N ASN M 381 25.06 26.22 27.09
CA ASN M 381 25.37 24.80 27.23
C ASN M 381 24.18 24.01 26.73
N GLU M 382 23.00 24.46 27.14
CA GLU M 382 21.72 23.84 26.77
C GLU M 382 21.62 23.57 25.27
N VAL M 383 21.89 24.61 24.47
CA VAL M 383 21.84 24.47 23.02
C VAL M 383 22.90 23.46 22.59
N ILE M 384 24.10 23.59 23.17
CA ILE M 384 25.19 22.69 22.85
C ILE M 384 24.78 21.25 23.13
N GLU M 385 24.65 20.91 24.40
CA GLU M 385 24.25 19.58 24.81
C GLU M 385 23.18 19.03 23.87
N LYS M 386 22.23 19.88 23.51
CA LYS M 386 21.13 19.49 22.64
C LYS M 386 21.55 19.25 21.20
N LEU M 387 22.42 20.12 20.69
CA LEU M 387 22.92 19.98 19.32
C LEU M 387 23.73 18.71 19.20
N GLN M 388 24.64 18.52 20.15
CA GLN M 388 25.51 17.36 20.19
C GLN M 388 24.63 16.14 20.13
N GLN M 389 23.60 16.18 20.94
CA GLN M 389 22.62 15.11 21.01
C GLN M 389 22.09 14.81 19.60
N GLU M 390 21.64 15.85 18.93
CA GLU M 390 21.10 15.72 17.59
C GLU M 390 22.14 15.24 16.57
N ILE M 391 23.38 15.68 16.74
CA ILE M 391 24.45 15.29 15.82
C ILE M 391 24.90 13.88 16.15
N ARG M 392 25.19 13.65 17.43
CA ARG M 392 25.64 12.35 17.89
C ARG M 392 24.71 11.25 17.42
N SER M 393 23.41 11.55 17.39
CA SER M 393 22.40 10.57 16.97
C SER M 393 22.06 10.66 15.49
N ARG M 394 22.75 11.53 14.77
CA ARG M 394 22.49 11.73 13.34
C ARG M 394 20.97 11.75 13.07
N SER M 395 20.25 12.40 13.96
CA SER M 395 18.79 12.50 13.85
C SER M 395 18.42 13.46 12.73
N LEU M 396 17.35 13.13 12.02
CA LEU M 396 16.90 13.95 10.90
C LEU M 396 16.11 15.18 11.36
N LYS M 397 15.32 15.02 12.42
CA LYS M 397 14.55 16.14 12.93
C LYS M 397 15.38 17.00 13.87
N GLN M 398 15.19 18.30 13.76
CA GLN M 398 15.92 19.27 14.56
C GLN M 398 15.22 19.46 15.90
N LEU M 399 15.80 20.27 16.78
CA LEU M 399 15.23 20.52 18.08
C LEU M 399 13.82 21.08 18.01
N GLU M 400 12.91 20.50 18.79
CA GLU M 400 11.52 20.92 18.86
C GLU M 400 10.66 20.59 17.63
N GLU M 401 11.09 19.63 16.81
CA GLU M 401 10.30 19.25 15.64
C GLU M 401 10.12 17.74 15.51
N ARG N 1 64.79 -1.31 13.42
CA ARG N 1 65.18 -2.01 12.15
C ARG N 1 64.62 -1.30 10.92
N ASP N 2 64.75 -1.93 9.75
CA ASP N 2 64.26 -1.38 8.47
C ASP N 2 62.74 -1.50 8.38
N HIS N 3 62.08 -0.38 8.06
CA HIS N 3 60.62 -0.37 7.96
C HIS N 3 60.15 -1.50 7.04
N ARG N 4 60.76 -1.61 5.87
CA ARG N 4 60.38 -2.66 4.93
C ARG N 4 60.20 -4.01 5.60
N LYS N 5 61.05 -4.27 6.59
CA LYS N 5 60.92 -5.52 7.29
C LYS N 5 59.80 -5.44 8.32
N ILE N 6 59.88 -4.46 9.21
CA ILE N 6 58.86 -4.27 10.26
C ILE N 6 57.47 -4.26 9.63
N GLY N 7 57.41 -3.77 8.39
CA GLY N 7 56.15 -3.70 7.67
C GLY N 7 55.66 -5.11 7.41
N LYS N 8 56.48 -5.89 6.70
CA LYS N 8 56.14 -7.27 6.41
C LYS N 8 55.84 -7.94 7.73
N GLN N 9 56.59 -7.51 8.74
CA GLN N 9 56.47 -8.05 10.07
C GLN N 9 55.11 -7.87 10.70
N LEU N 10 54.70 -6.61 10.82
CA LEU N 10 53.44 -6.28 11.46
C LEU N 10 52.27 -6.22 10.50
N ASP N 11 52.47 -6.77 9.31
CA ASP N 11 51.43 -6.81 8.28
C ASP N 11 50.90 -5.40 7.96
N LEU N 12 51.80 -4.42 8.02
CA LEU N 12 51.41 -3.05 7.74
C LEU N 12 51.11 -2.85 6.27
N TYR N 13 51.63 -3.75 5.44
CA TYR N 13 51.38 -3.65 4.01
C TYR N 13 52.23 -4.64 3.23
N HIS N 14 52.22 -4.46 1.90
CA HIS N 14 52.99 -5.30 0.98
C HIS N 14 53.02 -4.61 -0.38
N MET N 15 53.85 -5.11 -1.27
CA MET N 15 53.94 -4.54 -2.62
C MET N 15 54.13 -5.66 -3.62
N GLN N 16 53.64 -5.47 -4.84
CA GLN N 16 53.79 -6.50 -5.86
C GLN N 16 54.51 -5.90 -7.03
N GLU N 17 55.08 -6.74 -7.90
CA GLU N 17 55.81 -6.22 -9.05
C GLU N 17 54.91 -5.66 -10.16
N GLU N 18 53.72 -6.23 -10.33
CA GLU N 18 52.81 -5.74 -11.38
C GLU N 18 52.29 -4.33 -11.04
N ALA N 19 52.64 -3.85 -9.84
CA ALA N 19 52.27 -2.51 -9.36
C ALA N 19 53.51 -1.93 -8.66
N PRO N 20 54.55 -1.55 -9.46
CA PRO N 20 55.83 -0.97 -9.03
C PRO N 20 55.75 0.41 -8.39
N GLY N 21 56.15 0.49 -7.13
CA GLY N 21 56.12 1.76 -6.42
C GLY N 21 54.71 2.12 -6.01
N MET N 22 53.85 1.11 -5.91
CA MET N 22 52.45 1.28 -5.53
C MET N 22 52.22 0.46 -4.28
N VAL N 23 51.78 1.12 -3.22
CA VAL N 23 51.54 0.42 -1.95
C VAL N 23 50.20 -0.27 -1.85
N PHE N 24 50.22 -1.45 -1.24
CA PHE N 24 49.01 -2.23 -1.02
C PHE N 24 48.75 -2.14 0.47
N TRP N 25 48.28 -0.99 0.90
CA TRP N 25 48.03 -0.81 2.33
C TRP N 25 47.13 -1.87 2.94
N HIS N 26 47.73 -2.66 3.84
CA HIS N 26 47.00 -3.70 4.55
C HIS N 26 46.25 -3.03 5.65
N ASN N 27 45.32 -3.76 6.24
CA ASN N 27 44.51 -3.18 7.29
C ASN N 27 45.26 -2.41 8.37
N ASP N 28 46.27 -3.05 8.97
CA ASP N 28 47.01 -2.38 10.03
C ASP N 28 47.77 -1.15 9.59
N GLY N 29 48.43 -1.25 8.44
CA GLY N 29 49.14 -0.09 7.94
C GLY N 29 48.16 1.02 7.74
N TRP N 30 47.04 0.67 7.13
CA TRP N 30 46.02 1.66 6.88
C TRP N 30 45.67 2.41 8.15
N THR N 31 45.39 1.68 9.22
CA THR N 31 45.02 2.31 10.49
C THR N 31 45.99 3.43 10.87
N ILE N 32 47.27 3.18 10.65
CA ILE N 32 48.32 4.15 10.96
C ILE N 32 48.18 5.36 10.05
N PHE N 33 48.08 5.05 8.76
CA PHE N 33 47.89 6.05 7.71
C PHE N 33 46.70 6.92 8.10
N ARG N 34 45.55 6.28 8.26
CA ARG N 34 44.32 6.94 8.63
C ARG N 34 44.47 7.77 9.92
N GLU N 35 44.97 7.13 10.97
CA GLU N 35 45.16 7.80 12.25
C GLU N 35 46.03 9.06 12.13
N LEU N 36 46.90 9.08 11.14
CA LEU N 36 47.77 10.24 10.91
C LEU N 36 46.92 11.38 10.34
N GLU N 37 45.99 11.01 9.48
CA GLU N 37 45.11 11.98 8.87
C GLU N 37 44.38 12.72 9.97
N VAL N 38 43.67 11.97 10.78
CA VAL N 38 42.88 12.55 11.86
C VAL N 38 43.74 13.52 12.67
N PHE N 39 45.03 13.20 12.76
CA PHE N 39 46.00 14.01 13.49
C PHE N 39 46.19 15.35 12.74
N VAL N 40 46.53 15.24 11.46
CA VAL N 40 46.75 16.39 10.60
C VAL N 40 45.52 17.27 10.66
N ARG N 41 44.35 16.70 10.35
CA ARG N 41 43.09 17.44 10.41
C ARG N 41 43.15 18.31 11.65
N SER N 42 43.28 17.62 12.78
CA SER N 42 43.35 18.22 14.10
C SER N 42 44.23 19.46 14.18
N LYS N 43 45.50 19.29 13.82
CA LYS N 43 46.46 20.41 13.87
C LYS N 43 46.03 21.56 12.98
N LEU N 44 45.46 21.23 11.83
CA LEU N 44 45.02 22.22 10.87
C LEU N 44 43.81 23.01 11.32
N LYS N 45 42.90 22.38 12.06
CA LYS N 45 41.71 23.07 12.51
C LYS N 45 42.02 24.41 13.16
N GLU N 46 43.03 24.42 14.02
CA GLU N 46 43.42 25.64 14.69
C GLU N 46 43.57 26.76 13.67
N TYR N 47 44.50 26.52 12.75
CA TYR N 47 44.84 27.47 11.70
C TYR N 47 43.76 27.64 10.64
N GLN N 48 42.65 26.96 10.82
CA GLN N 48 41.56 27.07 9.88
C GLN N 48 41.95 26.87 8.44
N TYR N 49 42.08 25.61 8.05
CA TYR N 49 42.42 25.29 6.70
C TYR N 49 41.14 24.71 6.13
N GLN N 50 41.03 24.77 4.81
CA GLN N 50 39.87 24.21 4.12
C GLN N 50 40.36 22.86 3.65
N GLU N 51 39.52 21.84 3.74
CA GLU N 51 39.93 20.54 3.21
C GLU N 51 39.08 20.27 1.98
N VAL N 52 39.74 20.27 0.83
CA VAL N 52 39.08 20.05 -0.43
C VAL N 52 39.45 18.65 -0.93
N LYS N 53 39.41 18.47 -2.24
CA LYS N 53 39.76 17.19 -2.89
C LYS N 53 39.62 17.38 -4.39
N GLY N 54 40.75 17.29 -5.08
CA GLY N 54 40.74 17.51 -6.51
C GLY N 54 40.78 16.31 -7.42
N PRO N 55 40.46 16.54 -8.69
CA PRO N 55 40.45 15.50 -9.71
C PRO N 55 41.76 14.72 -9.76
N PHE N 56 41.57 13.44 -10.02
CA PHE N 56 42.59 12.42 -10.10
C PHE N 56 43.42 12.61 -11.39
N MET N 57 42.94 13.54 -12.21
CA MET N 57 43.58 13.87 -13.49
C MET N 57 42.79 14.97 -14.22
N MET N 58 43.53 15.82 -14.91
CA MET N 58 42.93 16.92 -15.64
C MET N 58 43.51 16.92 -17.05
N ASP N 59 43.10 17.90 -17.86
CA ASP N 59 43.54 17.99 -19.24
C ASP N 59 45.00 18.43 -19.43
N ARG N 60 45.74 17.65 -20.21
CA ARG N 60 47.14 17.92 -20.51
C ARG N 60 47.35 19.40 -20.81
N VAL N 61 46.38 19.99 -21.50
CA VAL N 61 46.44 21.40 -21.86
C VAL N 61 46.68 22.26 -20.61
N LEU N 62 46.03 21.88 -19.50
CA LEU N 62 46.18 22.61 -18.25
C LEU N 62 47.64 22.65 -17.86
N TRP N 63 48.23 21.48 -17.66
CA TRP N 63 49.63 21.39 -17.28
C TRP N 63 50.59 22.07 -18.24
N GLU N 64 50.22 22.19 -19.50
CA GLU N 64 51.11 22.85 -20.43
C GLU N 64 51.23 24.26 -19.91
N LYS N 65 50.10 24.84 -19.52
CA LYS N 65 50.06 26.20 -19.00
C LYS N 65 50.86 26.42 -17.72
N THR N 66 50.59 25.61 -16.69
CA THR N 66 51.30 25.73 -15.40
C THR N 66 52.82 25.69 -15.63
N GLY N 67 53.26 24.71 -16.42
CA GLY N 67 54.67 24.58 -16.71
C GLY N 67 55.07 23.13 -16.57
N HIS N 68 54.28 22.37 -15.82
CA HIS N 68 54.56 20.95 -15.58
C HIS N 68 54.93 20.23 -16.85
N TRP N 69 54.18 20.51 -17.90
CA TRP N 69 54.46 19.85 -19.17
C TRP N 69 55.84 20.15 -19.77
N ASP N 70 56.34 21.34 -19.53
CA ASP N 70 57.61 21.72 -20.12
C ASP N 70 58.83 21.49 -19.25
N ASN N 71 58.61 21.02 -18.02
CA ASN N 71 59.71 20.74 -17.12
C ASN N 71 59.23 19.84 -16.00
N TYR N 72 58.77 18.65 -16.37
CA TYR N 72 58.26 17.68 -15.38
C TYR N 72 57.54 16.59 -16.14
N LYS N 73 57.24 16.86 -17.40
CA LYS N 73 56.51 15.90 -18.22
C LYS N 73 57.11 14.49 -18.16
N ASP N 74 58.39 14.41 -17.81
CA ASP N 74 59.09 13.14 -17.72
C ASP N 74 58.63 12.30 -16.52
N ALA N 75 58.21 12.97 -15.45
CA ALA N 75 57.78 12.25 -14.26
C ALA N 75 56.28 12.15 -14.22
N MET N 76 55.63 12.66 -15.26
CA MET N 76 54.18 12.68 -15.37
C MET N 76 53.58 11.47 -16.07
N PHE N 77 52.49 10.95 -15.50
CA PHE N 77 51.77 9.81 -16.05
C PHE N 77 50.65 10.35 -16.91
N THR N 78 50.27 9.62 -17.97
CA THR N 78 49.21 10.09 -18.88
C THR N 78 48.27 9.06 -19.50
N THR N 79 47.00 9.45 -19.58
CA THR N 79 45.94 8.63 -20.19
C THR N 79 45.16 9.56 -21.06
N SER N 80 44.05 9.05 -21.59
CA SER N 80 43.20 9.84 -22.47
C SER N 80 41.95 9.09 -22.93
N SER N 81 40.90 9.85 -23.22
CA SER N 81 39.63 9.31 -23.72
C SER N 81 39.48 9.89 -25.13
N GLU N 82 38.41 9.52 -25.83
CA GLU N 82 38.16 10.03 -27.20
C GLU N 82 38.38 11.54 -27.13
N ASN N 83 37.79 12.12 -26.09
CA ASN N 83 37.86 13.54 -25.76
C ASN N 83 39.30 14.07 -25.94
N ARG N 84 39.97 14.35 -24.82
CA ARG N 84 41.33 14.88 -24.83
C ARG N 84 42.35 13.87 -24.29
N GLU N 85 43.41 14.40 -23.70
CA GLU N 85 44.46 13.61 -23.11
C GLU N 85 44.76 14.24 -21.75
N TYR N 86 44.74 13.43 -20.72
CA TYR N 86 44.99 13.94 -19.38
C TYR N 86 46.27 13.41 -18.75
N CYS N 87 46.74 14.13 -17.73
CA CYS N 87 47.92 13.74 -16.98
C CYS N 87 47.39 13.37 -15.61
N ILE N 88 47.93 12.31 -15.02
CA ILE N 88 47.50 11.92 -13.68
C ILE N 88 48.23 12.91 -12.79
N LYS N 89 47.50 13.53 -11.87
CA LYS N 89 48.14 14.55 -11.04
C LYS N 89 49.40 14.16 -10.27
N PRO N 90 50.47 14.96 -10.44
CA PRO N 90 51.79 14.81 -9.80
C PRO N 90 51.69 15.59 -8.46
N MET N 91 51.05 16.76 -8.53
CA MET N 91 50.84 17.65 -7.39
C MET N 91 49.37 18.06 -7.40
N ASN N 92 48.91 18.81 -6.41
CA ASN N 92 47.50 19.20 -6.36
C ASN N 92 47.42 20.71 -6.45
N CYS N 93 48.56 21.32 -6.72
CA CYS N 93 48.63 22.77 -6.82
C CYS N 93 47.63 23.25 -7.89
N PRO N 94 47.81 22.79 -9.16
CA PRO N 94 46.90 23.23 -10.22
C PRO N 94 45.47 23.10 -9.75
N GLY N 95 45.10 21.89 -9.35
CA GLY N 95 43.75 21.65 -8.89
C GLY N 95 43.22 22.72 -7.94
N HIS N 96 43.93 22.92 -6.85
CA HIS N 96 43.50 23.89 -5.85
C HIS N 96 43.19 25.26 -6.46
N VAL N 97 44.04 25.67 -7.40
CA VAL N 97 43.86 26.94 -8.05
C VAL N 97 42.49 27.01 -8.73
N GLN N 98 42.11 25.90 -9.36
CA GLN N 98 40.84 25.79 -10.05
C GLN N 98 39.73 26.07 -9.08
N ILE N 99 39.76 25.35 -7.97
CA ILE N 99 38.77 25.53 -6.94
C ILE N 99 38.80 26.97 -6.41
N PHE N 100 39.97 27.58 -6.46
CA PHE N 100 40.09 28.95 -5.98
C PHE N 100 39.40 29.93 -6.92
N ASN N 101 39.51 29.64 -8.21
CA ASN N 101 38.97 30.49 -9.24
C ASN N 101 37.46 30.58 -9.31
N GLN N 102 36.75 29.66 -8.66
CA GLN N 102 35.31 29.73 -8.68
C GLN N 102 34.86 30.97 -7.94
N GLY N 103 34.27 31.91 -8.66
CA GLY N 103 33.78 33.12 -8.04
C GLY N 103 34.79 34.23 -7.94
N LEU N 104 34.35 35.39 -7.46
CA LEU N 104 35.21 36.55 -7.31
C LEU N 104 35.69 36.63 -5.86
N LYS N 105 37.01 36.50 -5.70
CA LYS N 105 37.65 36.57 -4.38
C LYS N 105 38.20 37.97 -4.11
N SER N 106 37.87 38.51 -2.94
CA SER N 106 38.37 39.83 -2.56
C SER N 106 39.60 39.59 -1.69
N TYR N 107 40.29 40.66 -1.34
CA TYR N 107 41.46 40.52 -0.49
C TYR N 107 40.98 39.90 0.82
N ARG N 108 39.76 40.28 1.22
CA ARG N 108 39.21 39.80 2.45
C ARG N 108 39.01 38.29 2.56
N ASP N 109 39.20 37.59 1.46
CA ASP N 109 39.04 36.14 1.48
C ASP N 109 40.43 35.57 1.79
N LEU N 110 41.40 36.50 1.89
CA LEU N 110 42.77 36.15 2.19
C LEU N 110 43.21 36.43 3.65
N PRO N 111 44.15 35.63 4.16
CA PRO N 111 44.81 34.51 3.48
C PRO N 111 43.87 33.32 3.30
N LEU N 112 43.98 32.67 2.16
CA LEU N 112 43.14 31.52 1.88
C LEU N 112 43.94 30.22 2.05
N ARG N 113 43.59 29.48 3.11
CA ARG N 113 44.29 28.23 3.41
C ARG N 113 43.58 26.97 2.95
N MET N 114 43.97 26.50 1.79
CA MET N 114 43.33 25.32 1.24
C MET N 114 44.23 24.09 1.27
N ALA N 115 43.83 23.12 2.11
CA ALA N 115 44.56 21.85 2.25
C ALA N 115 43.79 20.67 1.69
N GLU N 116 44.50 19.57 1.47
CA GLU N 116 43.90 18.37 0.90
C GLU N 116 44.87 17.22 1.08
N PHE N 117 44.35 16.03 1.34
CA PHE N 117 45.21 14.86 1.46
C PHE N 117 45.26 14.35 0.03
N GLY N 118 45.95 15.13 -0.81
CA GLY N 118 46.06 14.85 -2.22
C GLY N 118 46.92 13.71 -2.71
N SER N 119 46.24 12.70 -3.28
CA SER N 119 46.91 11.54 -3.83
C SER N 119 47.69 11.85 -5.14
N CYS N 120 49.01 11.80 -5.10
CA CYS N 120 49.81 12.09 -6.27
C CYS N 120 50.45 10.89 -6.91
N HIS N 121 50.99 11.09 -8.11
CA HIS N 121 51.63 10.01 -8.84
C HIS N 121 52.76 10.53 -9.66
N ARG N 122 53.88 9.84 -9.59
CA ARG N 122 55.03 10.28 -10.34
C ARG N 122 55.80 9.08 -10.85
N ASN N 123 56.27 9.20 -12.09
CA ASN N 123 57.03 8.13 -12.73
C ASN N 123 58.46 8.23 -12.24
N GLU N 124 58.66 7.76 -11.01
CA GLU N 124 59.97 7.79 -10.40
C GLU N 124 60.77 6.69 -11.07
N PRO N 125 62.01 7.01 -11.50
CA PRO N 125 62.89 6.04 -12.15
C PRO N 125 62.99 4.71 -11.39
N SER N 126 62.71 3.60 -12.07
CA SER N 126 62.76 2.27 -11.47
C SER N 126 63.81 2.16 -10.35
N GLY N 127 65.04 2.61 -10.64
CA GLY N 127 66.13 2.57 -9.68
C GLY N 127 65.91 3.33 -8.36
N SER N 128 65.43 4.55 -8.44
CA SER N 128 65.22 5.37 -7.24
C SER N 128 64.12 4.94 -6.25
N LEU N 129 63.37 3.90 -6.57
CA LEU N 129 62.30 3.49 -5.66
C LEU N 129 62.88 2.92 -4.37
N HIS N 130 62.10 2.96 -3.30
CA HIS N 130 62.56 2.44 -2.00
C HIS N 130 61.42 2.40 -0.98
N GLY N 131 61.09 1.20 -0.52
CA GLY N 131 60.02 1.03 0.46
C GLY N 131 58.94 2.09 0.38
N LEU N 132 58.54 2.61 1.54
CA LEU N 132 57.51 3.64 1.57
C LEU N 132 58.13 5.03 1.41
N MET N 133 59.45 5.08 1.35
CA MET N 133 60.16 6.34 1.27
C MET N 133 60.12 6.98 -0.09
N ARG N 134 60.32 6.19 -1.13
CA ARG N 134 60.30 6.71 -2.50
C ARG N 134 59.44 5.77 -3.33
N VAL N 135 58.20 6.19 -3.56
CA VAL N 135 57.22 5.42 -4.30
C VAL N 135 56.70 6.16 -5.54
N ARG N 136 56.04 5.44 -6.43
CA ARG N 136 55.48 6.03 -7.64
C ARG N 136 54.10 6.66 -7.31
N GLY N 137 53.42 6.09 -6.31
CA GLY N 137 52.11 6.59 -5.93
C GLY N 137 51.94 6.84 -4.45
N PHE N 138 51.95 8.11 -4.05
CA PHE N 138 51.81 8.51 -2.64
C PHE N 138 50.69 9.53 -2.35
N THR N 139 50.66 10.01 -1.11
CA THR N 139 49.61 10.94 -0.69
C THR N 139 50.12 12.15 0.08
N GLN N 140 50.40 13.26 -0.60
CA GLN N 140 50.84 14.47 0.11
C GLN N 140 49.76 14.96 1.08
N ASP N 141 50.20 15.66 2.11
CA ASP N 141 49.27 16.19 3.12
C ASP N 141 49.33 17.70 2.90
N ASP N 142 49.63 18.11 1.66
CA ASP N 142 49.77 19.55 1.42
C ASP N 142 48.53 20.40 1.40
N ALA N 143 48.79 21.65 1.06
CA ALA N 143 47.79 22.65 1.01
C ALA N 143 48.49 23.76 0.27
N HIS N 144 47.71 24.75 -0.14
CA HIS N 144 48.31 25.88 -0.81
C HIS N 144 47.66 27.09 -0.20
N ILE N 145 48.49 28.10 0.05
CA ILE N 145 47.98 29.31 0.66
C ILE N 145 47.96 30.42 -0.35
N PHE N 146 46.83 31.10 -0.41
CA PHE N 146 46.66 32.20 -1.32
C PHE N 146 46.67 33.41 -0.43
N CYS N 147 47.52 34.38 -0.77
CA CYS N 147 47.64 35.57 0.07
C CYS N 147 48.37 36.74 -0.57
N THR N 148 48.18 37.91 0.04
CA THR N 148 48.83 39.13 -0.39
C THR N 148 50.27 38.88 0.05
N GLU N 149 51.23 39.72 -0.31
CA GLU N 149 52.59 39.40 0.14
C GLU N 149 53.01 39.92 1.52
N GLU N 150 52.20 40.79 2.11
CA GLU N 150 52.51 41.29 3.44
C GLU N 150 52.16 40.09 4.29
N GLN N 151 51.30 39.24 3.76
CA GLN N 151 50.91 38.05 4.48
C GLN N 151 51.99 36.99 4.32
N ILE N 152 52.86 37.14 3.34
CA ILE N 152 53.87 36.11 3.13
C ILE N 152 54.57 35.73 4.38
N ARG N 153 55.00 36.73 5.15
CA ARG N 153 55.72 36.44 6.40
C ARG N 153 54.93 35.55 7.33
N ASP N 154 54.03 36.17 8.09
CA ASP N 154 53.22 35.44 9.02
C ASP N 154 52.82 34.09 8.45
N GLU N 155 52.47 34.09 7.18
CA GLU N 155 52.04 32.87 6.51
C GLU N 155 53.07 31.78 6.51
N VAL N 156 54.29 32.12 6.10
CA VAL N 156 55.38 31.16 6.06
C VAL N 156 55.75 30.72 7.47
N ASN N 157 55.81 31.68 8.38
CA ASN N 157 56.15 31.38 9.75
C ASN N 157 55.15 30.34 10.25
N GLY N 158 53.86 30.65 10.11
CA GLY N 158 52.82 29.74 10.55
C GLY N 158 53.08 28.32 10.11
N CYS N 159 53.67 28.20 8.92
CA CYS N 159 54.00 26.90 8.36
C CYS N 159 55.09 26.28 9.18
N ILE N 160 56.22 26.97 9.22
CA ILE N 160 57.39 26.52 9.95
C ILE N 160 56.92 25.98 11.29
N ARG N 161 56.35 26.89 12.09
CA ARG N 161 55.85 26.58 13.42
C ARG N 161 55.06 25.29 13.44
N LEU N 162 54.23 25.12 12.42
CA LEU N 162 53.41 23.92 12.28
C LEU N 162 54.26 22.65 12.12
N VAL N 163 55.32 22.74 11.33
CA VAL N 163 56.21 21.61 11.09
C VAL N 163 56.80 21.09 12.38
N TYR N 164 57.34 22.04 13.15
CA TYR N 164 57.98 21.73 14.40
C TYR N 164 56.96 21.22 15.39
N ASP N 165 55.99 22.08 15.70
CA ASP N 165 54.95 21.74 16.64
C ASP N 165 54.31 20.39 16.36
N MET N 166 54.41 19.97 15.11
CA MET N 166 53.82 18.69 14.76
C MET N 166 54.80 17.55 14.88
N TYR N 167 56.00 17.77 14.36
CA TYR N 167 57.05 16.78 14.45
C TYR N 167 57.29 16.42 15.91
N SER N 168 57.27 17.46 16.76
CA SER N 168 57.49 17.30 18.18
C SER N 168 56.63 16.20 18.76
N THR N 169 55.45 15.98 18.19
CA THR N 169 54.58 14.93 18.71
C THR N 169 55.24 13.58 18.66
N PHE N 170 56.15 13.44 17.71
CA PHE N 170 56.81 12.15 17.49
C PHE N 170 58.19 12.18 18.15
N GLY N 171 58.56 13.33 18.69
CA GLY N 171 59.83 13.47 19.36
C GLY N 171 60.97 13.23 18.40
N PHE N 172 61.01 14.01 17.34
CA PHE N 172 62.09 13.85 16.41
C PHE N 172 63.26 14.67 16.89
N GLU N 173 64.44 14.09 16.75
CA GLU N 173 65.65 14.74 17.16
C GLU N 173 66.31 15.39 15.95
N LYS N 174 66.60 14.57 14.94
CA LYS N 174 67.24 15.08 13.74
C LYS N 174 66.21 15.70 12.78
N ILE N 175 66.28 17.03 12.65
CA ILE N 175 65.41 17.84 11.79
C ILE N 175 66.31 18.88 11.15
N VAL N 176 66.87 18.57 9.99
CA VAL N 176 67.75 19.55 9.37
C VAL N 176 67.17 20.30 8.18
N VAL N 177 67.40 21.60 8.18
CA VAL N 177 66.88 22.48 7.15
C VAL N 177 67.83 22.78 5.98
N LYS N 178 67.22 22.89 4.79
CA LYS N 178 67.91 23.19 3.54
C LYS N 178 67.05 24.24 2.81
N LEU N 179 67.69 25.07 1.99
CA LEU N 179 66.95 26.08 1.23
C LEU N 179 67.29 26.05 -0.26
N SER N 180 66.68 25.10 -0.98
CA SER N 180 66.87 24.88 -2.41
C SER N 180 66.60 26.12 -3.22
N THR N 181 67.58 26.53 -4.04
CA THR N 181 67.45 27.74 -4.85
C THR N 181 67.19 27.48 -6.34
N ARG N 182 66.63 28.50 -7.02
CA ARG N 182 66.26 28.44 -8.45
C ARG N 182 66.95 27.33 -9.22
N PRO N 183 66.18 26.28 -9.58
CA PRO N 183 66.68 25.12 -10.32
C PRO N 183 67.01 25.49 -11.75
N GLU N 184 67.46 24.49 -12.50
CA GLU N 184 67.79 24.68 -13.90
C GLU N 184 66.60 25.27 -14.65
N LYS N 185 65.55 24.48 -14.75
CA LYS N 185 64.35 24.89 -15.46
C LYS N 185 63.27 25.45 -14.56
N ARG N 186 63.36 26.75 -14.27
CA ARG N 186 62.35 27.38 -13.45
C ARG N 186 61.33 28.08 -14.38
N ILE N 187 60.37 28.83 -13.83
CA ILE N 187 59.39 29.48 -14.67
C ILE N 187 59.12 30.94 -14.35
N GLY N 188 59.89 31.53 -13.45
CA GLY N 188 59.70 32.94 -13.09
C GLY N 188 60.92 33.80 -13.41
N SER N 189 60.73 35.12 -13.51
CA SER N 189 61.84 36.01 -13.82
C SER N 189 62.82 35.97 -12.69
N ASP N 190 64.10 36.12 -13.00
CA ASP N 190 65.10 36.11 -11.95
C ASP N 190 64.63 37.07 -10.88
N GLU N 191 64.27 38.28 -11.31
CA GLU N 191 63.78 39.31 -10.40
C GLU N 191 62.79 38.72 -9.40
N MET N 192 61.92 37.83 -9.87
CA MET N 192 60.93 37.18 -9.02
C MET N 192 61.62 36.23 -8.07
N TRP N 193 62.43 35.32 -8.61
CA TRP N 193 63.14 34.35 -7.78
C TRP N 193 63.99 35.02 -6.70
N ASP N 194 64.60 36.14 -7.06
CA ASP N 194 65.40 36.91 -6.12
C ASP N 194 64.53 37.10 -4.88
N ARG N 195 63.46 37.86 -5.05
CA ARG N 195 62.53 38.13 -3.95
C ARG N 195 62.12 36.83 -3.25
N ALA N 196 61.55 35.91 -4.03
CA ALA N 196 61.10 34.63 -3.51
C ALA N 196 62.12 33.94 -2.60
N GLU N 197 63.37 33.82 -3.09
CA GLU N 197 64.44 33.19 -2.33
C GLU N 197 64.73 33.98 -1.07
N ALA N 198 65.02 35.26 -1.24
CA ALA N 198 65.26 36.15 -0.11
C ALA N 198 64.21 35.87 0.95
N ASP N 199 62.97 36.26 0.66
CA ASP N 199 61.84 36.03 1.56
C ASP N 199 62.00 34.74 2.39
N LEU N 200 62.14 33.59 1.73
CA LEU N 200 62.26 32.34 2.43
C LEU N 200 63.42 32.34 3.41
N ALA N 201 64.61 32.68 2.91
CA ALA N 201 65.80 32.75 3.75
C ALA N 201 65.52 33.63 4.98
N VAL N 202 65.13 34.87 4.76
CA VAL N 202 64.78 35.77 5.84
C VAL N 202 63.93 35.06 6.87
N ALA N 203 62.88 34.39 6.41
CA ALA N 203 62.00 33.66 7.31
C ALA N 203 62.83 32.73 8.21
N LEU N 204 63.59 31.80 7.60
CA LEU N 204 64.43 30.87 8.37
C LEU N 204 65.22 31.60 9.46
N GLU N 205 66.24 32.35 9.04
CA GLU N 205 67.09 33.08 9.96
C GLU N 205 66.33 34.00 10.91
N GLU N 206 65.10 34.33 10.58
CA GLU N 206 64.31 35.18 11.44
C GLU N 206 63.76 34.36 12.59
N ASN N 207 63.78 33.05 12.43
CA ASN N 207 63.31 32.11 13.45
C ASN N 207 64.49 31.32 13.94
N ASN N 208 65.67 31.74 13.50
CA ASN N 208 66.93 31.10 13.90
C ASN N 208 67.00 29.65 13.56
N ILE N 209 66.58 29.31 12.35
CA ILE N 209 66.66 27.93 11.95
C ILE N 209 67.93 27.93 11.11
N PRO N 210 68.87 27.06 11.43
CA PRO N 210 70.12 26.97 10.68
C PRO N 210 69.86 26.17 9.44
N PHE N 211 70.56 26.50 8.35
CA PHE N 211 70.36 25.78 7.10
C PHE N 211 71.50 25.93 6.11
N GLU N 212 71.30 25.29 4.97
CA GLU N 212 72.29 25.34 3.90
C GLU N 212 71.55 25.43 2.58
N TYR N 213 72.10 26.19 1.64
CA TYR N 213 71.45 26.32 0.35
C TYR N 213 71.62 25.03 -0.46
N GLN N 214 70.51 24.56 -1.02
CA GLN N 214 70.51 23.34 -1.81
C GLN N 214 70.76 23.72 -3.28
N LEU N 215 71.34 24.90 -3.48
CA LEU N 215 71.69 25.44 -4.78
C LEU N 215 71.32 24.59 -5.97
N GLY N 216 70.48 25.13 -6.84
CA GLY N 216 70.10 24.38 -8.01
C GLY N 216 68.91 23.48 -7.77
N GLU N 217 68.42 23.47 -6.53
CA GLU N 217 67.28 22.65 -6.23
C GLU N 217 66.08 23.55 -6.08
N GLY N 218 64.95 22.96 -5.73
CA GLY N 218 63.76 23.75 -5.56
C GLY N 218 62.82 23.66 -6.75
N ALA N 219 61.54 23.81 -6.43
CA ALA N 219 60.44 23.76 -7.39
C ALA N 219 60.76 24.49 -8.67
N PHE N 220 60.35 23.91 -9.80
CA PHE N 220 60.58 24.58 -11.07
C PHE N 220 59.78 25.86 -10.99
N TYR N 221 58.98 25.99 -9.93
CA TYR N 221 58.14 27.16 -9.73
C TYR N 221 58.43 28.04 -8.52
N GLY N 222 59.57 27.81 -7.88
CA GLY N 222 59.90 28.64 -6.73
C GLY N 222 60.86 28.05 -5.72
N PRO N 223 61.49 28.87 -4.87
CA PRO N 223 62.44 28.43 -3.86
C PRO N 223 61.73 27.43 -2.95
N LYS N 224 62.53 26.62 -2.26
CA LYS N 224 61.94 25.60 -1.43
C LYS N 224 62.68 25.26 -0.14
N ILE N 225 62.03 25.57 0.99
CA ILE N 225 62.59 25.24 2.31
C ILE N 225 62.31 23.76 2.47
N GLU N 226 63.36 23.00 2.76
CA GLU N 226 63.24 21.57 2.94
C GLU N 226 63.46 21.11 4.37
N PHE N 227 62.55 20.32 4.89
CA PHE N 227 62.72 19.79 6.23
C PHE N 227 63.07 18.33 6.02
N THR N 228 64.30 17.97 6.35
CA THR N 228 64.76 16.60 6.17
C THR N 228 64.85 15.84 7.49
N LEU N 229 64.31 14.63 7.53
CA LEU N 229 64.38 13.76 8.69
C LEU N 229 65.31 12.62 8.29
N TYR N 230 65.82 11.84 9.24
CA TYR N 230 66.72 10.77 8.85
C TYR N 230 66.23 9.41 9.26
N ASP N 231 66.71 8.37 8.57
CA ASP N 231 66.25 7.00 8.85
C ASP N 231 67.25 6.06 9.50
N CYS N 232 66.92 4.77 9.38
CA CYS N 232 67.73 3.68 9.92
C CYS N 232 69.22 3.91 9.68
N LEU N 233 69.61 4.09 8.43
CA LEU N 233 71.00 4.27 8.13
C LEU N 233 71.32 5.74 8.03
N ASP N 234 70.65 6.52 8.88
CA ASP N 234 70.87 7.96 8.91
C ASP N 234 70.99 8.52 7.50
N ARG N 235 70.04 8.15 6.63
CA ARG N 235 70.03 8.65 5.26
C ARG N 235 69.08 9.85 5.30
N ALA N 236 69.40 10.89 4.53
CA ALA N 236 68.54 12.07 4.52
C ALA N 236 67.31 11.82 3.67
N TRP N 237 66.18 12.31 4.16
CA TRP N 237 64.90 12.17 3.47
C TRP N 237 64.10 13.47 3.65
N GLN N 238 63.69 14.06 2.55
CA GLN N 238 62.92 15.28 2.60
C GLN N 238 61.48 14.96 3.02
N CYS N 239 61.02 15.55 4.11
CA CYS N 239 59.65 15.29 4.56
C CYS N 239 58.77 16.51 4.51
N GLY N 240 58.97 17.47 5.40
CA GLY N 240 58.16 18.67 5.32
C GLY N 240 58.73 19.57 4.23
N THR N 241 57.98 20.61 3.84
CA THR N 241 58.48 21.55 2.84
C THR N 241 57.55 22.74 2.66
N VAL N 242 58.16 23.92 2.49
CA VAL N 242 57.41 25.15 2.29
C VAL N 242 58.04 25.85 1.10
N GLN N 243 57.22 26.11 0.08
CA GLN N 243 57.67 26.72 -1.16
C GLN N 243 56.93 28.01 -1.45
N LEU N 244 57.67 28.99 -1.95
CA LEU N 244 57.07 30.29 -2.27
C LEU N 244 56.89 30.41 -3.78
N ASP N 245 55.63 30.36 -4.21
CA ASP N 245 55.29 30.42 -5.64
C ASP N 245 54.90 31.80 -6.15
N PHE N 246 55.55 32.26 -7.21
CA PHE N 246 55.21 33.55 -7.77
C PHE N 246 54.62 33.48 -9.18
N SER N 247 54.81 32.34 -9.85
CA SER N 247 54.30 32.13 -11.20
C SER N 247 52.88 31.57 -11.22
N LEU N 248 52.75 30.27 -11.03
CA LEU N 248 51.45 29.61 -11.06
C LEU N 248 50.19 30.44 -10.81
N PRO N 249 50.12 31.19 -9.70
CA PRO N 249 48.90 31.99 -9.47
C PRO N 249 48.48 32.86 -10.68
N SER N 250 49.46 33.32 -11.46
CA SER N 250 49.16 34.12 -12.65
C SER N 250 48.93 33.15 -13.82
N ARG N 251 49.82 32.18 -14.00
CA ARG N 251 49.68 31.21 -15.06
C ARG N 251 48.28 30.68 -15.17
N LEU N 252 47.64 30.39 -14.05
CA LEU N 252 46.28 29.89 -14.15
C LEU N 252 45.34 31.03 -13.82
N SER N 253 45.84 32.24 -14.06
CA SER N 253 45.09 33.47 -13.82
C SER N 253 44.08 33.46 -12.69
N ALA N 254 44.58 33.74 -11.49
CA ALA N 254 43.75 33.82 -10.29
C ALA N 254 43.87 35.27 -9.89
N SER N 255 42.95 35.74 -9.07
CA SER N 255 43.05 37.13 -8.65
C SER N 255 42.02 37.51 -7.61
N TYR N 256 42.31 38.57 -6.86
CA TYR N 256 41.41 39.05 -5.83
C TYR N 256 41.27 40.54 -5.96
N VAL N 257 40.35 41.09 -5.20
CA VAL N 257 40.08 42.51 -5.24
C VAL N 257 40.63 43.24 -4.02
N GLY N 258 41.44 44.29 -4.22
CA GLY N 258 41.95 45.07 -3.11
C GLY N 258 40.90 46.08 -2.67
N GLU N 259 41.19 46.94 -1.68
CA GLU N 259 40.17 47.93 -1.28
C GLU N 259 40.11 48.89 -2.44
N ASP N 260 41.24 48.98 -3.13
CA ASP N 260 41.39 49.83 -4.30
C ASP N 260 40.53 49.24 -5.41
N ASN N 261 39.61 48.36 -5.02
CA ASN N 261 38.71 47.72 -5.97
C ASN N 261 39.50 47.30 -7.21
N GLU N 262 40.73 46.83 -7.01
CA GLU N 262 41.61 46.42 -8.10
C GLU N 262 42.05 44.97 -8.14
N ARG N 263 42.27 44.48 -9.37
CA ARG N 263 42.71 43.13 -9.65
C ARG N 263 44.15 42.92 -9.21
N LYS N 264 44.38 41.90 -8.39
CA LYS N 264 45.72 41.60 -7.93
C LYS N 264 45.85 40.08 -7.94
N VAL N 265 46.96 39.57 -8.46
CA VAL N 265 47.20 38.13 -8.48
C VAL N 265 47.70 37.75 -7.09
N PRO N 266 47.14 36.69 -6.52
CA PRO N 266 47.61 36.35 -5.19
C PRO N 266 48.97 35.65 -5.22
N VAL N 267 49.60 35.61 -4.05
CA VAL N 267 50.88 34.96 -3.87
C VAL N 267 50.45 33.60 -3.43
N MET N 268 51.23 32.59 -3.78
CA MET N 268 50.87 31.25 -3.39
C MET N 268 51.99 30.49 -2.73
N ILE N 269 51.67 29.97 -1.54
CA ILE N 269 52.60 29.21 -0.74
C ILE N 269 52.23 27.74 -0.75
N HIS N 270 53.17 26.91 -1.18
CA HIS N 270 52.98 25.46 -1.22
C HIS N 270 53.55 24.97 0.09
N ARG N 271 52.99 23.91 0.68
CA ARG N 271 53.51 23.38 1.95
C ARG N 271 52.92 22.07 2.43
N ALA N 272 53.79 21.17 2.87
CA ALA N 272 53.36 19.87 3.37
C ALA N 272 54.13 19.63 4.66
N ILE N 273 53.40 19.37 5.75
CA ILE N 273 54.03 19.11 7.03
C ILE N 273 54.64 17.72 7.08
N LEU N 274 53.80 16.69 7.15
CA LEU N 274 54.36 15.35 7.20
C LEU N 274 55.15 15.09 5.92
N GLY N 275 54.71 15.72 4.83
CA GLY N 275 55.36 15.56 3.53
C GLY N 275 54.61 14.63 2.60
N SER N 276 54.66 13.34 2.91
CA SER N 276 53.97 12.29 2.16
C SER N 276 53.55 11.21 3.16
N MET N 277 52.28 10.84 3.19
CA MET N 277 51.79 9.83 4.12
C MET N 277 52.63 8.56 4.22
N GLU N 278 52.97 8.00 3.06
CA GLU N 278 53.77 6.78 3.03
C GLU N 278 55.20 7.02 3.51
N ARG N 279 55.84 8.06 2.99
CA ARG N 279 57.20 8.37 3.38
C ARG N 279 57.28 8.55 4.89
N PHE N 280 56.56 9.52 5.42
CA PHE N 280 56.55 9.79 6.85
C PHE N 280 56.23 8.52 7.66
N ILE N 281 55.31 7.69 7.17
CA ILE N 281 55.00 6.47 7.89
C ILE N 281 56.29 5.65 7.93
N GLY N 282 56.98 5.58 6.79
CA GLY N 282 58.23 4.85 6.69
C GLY N 282 59.19 5.28 7.78
N ILE N 283 59.36 6.59 7.93
CA ILE N 283 60.23 7.17 8.96
C ILE N 283 59.78 6.80 10.36
N LEU N 284 58.50 6.96 10.66
CA LEU N 284 58.03 6.58 11.98
C LEU N 284 58.39 5.13 12.28
N THR N 285 58.15 4.24 11.32
CA THR N 285 58.49 2.83 11.49
C THR N 285 59.98 2.78 11.77
N GLU N 286 60.80 3.34 10.90
CA GLU N 286 62.24 3.36 11.11
C GLU N 286 62.51 3.78 12.58
N GLU N 287 62.13 5.00 12.95
CA GLU N 287 62.34 5.48 14.32
C GLU N 287 61.86 4.43 15.33
N PHE N 288 60.64 4.58 15.87
CA PHE N 288 60.08 3.64 16.84
C PHE N 288 60.38 2.16 16.57
N ALA N 289 60.75 1.84 15.32
CA ALA N 289 61.08 0.49 14.86
C ALA N 289 60.00 -0.52 15.31
N GLY N 290 58.78 -0.28 14.86
CA GLY N 290 57.70 -1.16 15.22
C GLY N 290 57.10 -0.78 16.56
N PHE N 291 57.62 0.26 17.20
CA PHE N 291 57.07 0.59 18.48
C PHE N 291 56.27 1.87 18.45
N PHE N 292 55.27 1.88 17.58
CA PHE N 292 54.37 3.02 17.42
C PHE N 292 53.71 3.34 18.76
N PRO N 293 53.62 4.62 19.11
CA PRO N 293 52.99 5.02 20.37
C PRO N 293 51.59 4.45 20.44
N THR N 294 51.06 4.34 21.65
CA THR N 294 49.72 3.77 21.82
C THR N 294 48.70 4.27 20.80
N TRP N 295 48.53 5.59 20.73
CA TRP N 295 47.56 6.16 19.78
C TRP N 295 47.78 5.72 18.33
N LEU N 296 49.04 5.51 17.93
CA LEU N 296 49.39 5.13 16.56
C LEU N 296 49.55 3.64 16.33
N ALA N 297 49.28 2.85 17.36
CA ALA N 297 49.42 1.42 17.24
C ALA N 297 48.29 0.70 16.52
N PRO N 298 48.60 -0.03 15.43
CA PRO N 298 47.56 -0.77 14.71
C PRO N 298 46.63 -1.46 15.73
N VAL N 299 47.23 -2.19 16.67
CA VAL N 299 46.43 -2.79 17.74
C VAL N 299 46.99 -2.18 18.98
N GLN N 300 46.11 -1.71 19.84
CA GLN N 300 46.54 -1.07 21.05
C GLN N 300 46.55 -2.01 22.25
N VAL N 301 45.59 -2.93 22.27
CA VAL N 301 45.52 -3.86 23.39
C VAL N 301 45.22 -5.28 22.90
N VAL N 302 45.53 -6.25 23.76
CA VAL N 302 45.27 -7.67 23.51
C VAL N 302 44.86 -8.27 24.86
N ILE N 303 43.71 -8.91 24.88
CA ILE N 303 43.22 -9.54 26.10
C ILE N 303 43.23 -11.03 25.84
N MET N 304 43.85 -11.77 26.74
CA MET N 304 43.95 -13.22 26.59
C MET N 304 43.66 -13.98 27.87
N ASN N 305 43.04 -15.14 27.71
CA ASN N 305 42.67 -16.04 28.79
C ASN N 305 43.82 -17.05 28.98
N ILE N 306 43.94 -17.59 30.18
CA ILE N 306 44.99 -18.56 30.46
C ILE N 306 44.48 -19.96 30.13
N THR N 307 43.21 -20.21 30.46
CA THR N 307 42.59 -21.49 30.16
C THR N 307 41.25 -21.20 29.48
N ASP N 308 40.64 -22.25 28.96
CA ASP N 308 39.35 -22.13 28.26
C ASP N 308 38.20 -21.70 29.18
N SER N 309 38.53 -21.36 30.42
CA SER N 309 37.53 -20.93 31.40
C SER N 309 37.20 -19.44 31.25
N GLN N 310 38.13 -18.61 31.71
CA GLN N 310 37.98 -17.15 31.66
C GLN N 310 37.79 -16.62 30.23
N SER N 311 37.70 -17.51 29.24
CA SER N 311 37.53 -17.11 27.84
C SER N 311 36.34 -16.20 27.59
N GLU N 312 35.28 -16.36 28.39
CA GLU N 312 34.09 -15.52 28.24
C GLU N 312 34.30 -14.14 28.89
N TYR N 313 34.99 -14.14 30.04
CA TYR N 313 35.30 -12.93 30.77
C TYR N 313 36.27 -12.09 29.93
N VAL N 314 36.91 -12.73 28.95
CA VAL N 314 37.84 -12.05 28.03
C VAL N 314 37.04 -11.33 26.93
N ASN N 315 36.10 -12.05 26.32
CA ASN N 315 35.22 -11.48 25.30
C ASN N 315 34.49 -10.34 25.99
N GLU N 316 34.18 -10.59 27.25
CA GLU N 316 33.52 -9.62 28.12
C GLU N 316 34.26 -8.27 28.02
N LEU N 317 35.51 -8.27 28.49
CA LEU N 317 36.38 -7.09 28.50
C LEU N 317 36.75 -6.54 27.14
N THR N 318 37.18 -7.41 26.21
CA THR N 318 37.55 -6.92 24.88
C THR N 318 36.38 -6.10 24.35
N GLN N 319 35.18 -6.45 24.81
CA GLN N 319 33.96 -5.74 24.42
C GLN N 319 33.94 -4.35 25.05
N LYS N 320 33.81 -4.32 26.38
CA LYS N 320 33.80 -3.08 27.15
C LYS N 320 34.87 -2.10 26.63
N LEU N 321 36.03 -2.65 26.23
CA LEU N 321 37.16 -1.88 25.69
C LEU N 321 36.95 -1.38 24.26
N SER N 322 36.30 -2.20 23.45
CA SER N 322 36.02 -1.82 22.07
C SER N 322 35.05 -0.65 22.06
N ASN N 323 34.11 -0.63 23.01
CA ASN N 323 33.13 0.47 23.14
C ASN N 323 33.86 1.67 23.72
N ALA N 324 34.88 1.40 24.52
CA ALA N 324 35.69 2.44 25.13
C ALA N 324 36.36 3.14 23.97
N GLY N 325 36.36 2.49 22.82
CA GLY N 325 36.96 3.05 21.64
C GLY N 325 38.44 2.73 21.57
N ILE N 326 38.79 1.54 22.05
CA ILE N 326 40.18 1.13 22.05
C ILE N 326 40.39 -0.02 21.07
N ARG N 327 41.38 0.13 20.19
CA ARG N 327 41.71 -0.92 19.24
C ARG N 327 42.20 -2.10 20.05
N VAL N 328 41.26 -2.95 20.47
CA VAL N 328 41.56 -4.13 21.28
C VAL N 328 41.14 -5.41 20.55
N LYS N 329 41.75 -6.52 20.92
CA LYS N 329 41.43 -7.82 20.33
C LYS N 329 41.60 -8.90 21.40
N ALA N 330 40.87 -10.01 21.26
CA ALA N 330 40.96 -11.10 22.22
C ALA N 330 41.67 -12.33 21.63
N ASP N 331 42.70 -12.81 22.33
CA ASP N 331 43.42 -14.00 21.89
C ASP N 331 42.95 -15.14 22.76
N LEU N 332 41.83 -15.74 22.40
CA LEU N 332 41.28 -16.85 23.18
C LEU N 332 41.88 -18.16 22.69
N ARG N 333 42.61 -18.09 21.57
CA ARG N 333 43.24 -19.27 20.98
C ARG N 333 43.68 -20.32 21.99
N ASN N 334 43.70 -21.58 21.56
CA ASN N 334 44.11 -22.67 22.43
C ASN N 334 45.63 -22.69 22.43
N GLU N 335 46.22 -21.85 23.28
CA GLU N 335 47.66 -21.77 23.36
C GLU N 335 48.13 -21.41 24.76
N LYS N 336 49.38 -21.75 25.04
CA LYS N 336 49.98 -21.44 26.32
C LYS N 336 50.07 -19.91 26.39
N ILE N 337 49.60 -19.35 27.51
CA ILE N 337 49.63 -17.91 27.70
C ILE N 337 51.04 -17.38 27.38
N GLY N 338 52.07 -18.14 27.76
CA GLY N 338 53.44 -17.73 27.48
C GLY N 338 53.63 -17.51 26.00
N PHE N 339 53.02 -18.36 25.16
CA PHE N 339 53.13 -18.20 23.71
C PHE N 339 52.49 -16.90 23.27
N LYS N 340 51.23 -16.71 23.69
CA LYS N 340 50.47 -15.49 23.36
C LYS N 340 51.29 -14.25 23.66
N ILE N 341 51.73 -14.11 24.92
CA ILE N 341 52.53 -12.96 25.32
C ILE N 341 53.72 -12.80 24.38
N ARG N 342 54.30 -13.91 23.95
CA ARG N 342 55.44 -13.89 23.03
C ARG N 342 55.02 -13.22 21.74
N GLU N 343 54.28 -13.98 20.91
CA GLU N 343 53.78 -13.52 19.62
C GLU N 343 53.38 -12.04 19.54
N HIS N 344 52.52 -11.61 20.47
CA HIS N 344 52.06 -10.23 20.53
C HIS N 344 53.14 -9.23 20.92
N THR N 345 54.12 -9.66 21.71
CA THR N 345 55.20 -8.74 22.08
C THR N 345 56.06 -8.44 20.83
N LEU N 346 56.43 -9.44 20.04
CA LEU N 346 57.21 -9.14 18.84
C LEU N 346 56.28 -8.57 17.76
N ARG N 347 55.01 -8.46 18.14
CA ARG N 347 53.97 -7.88 17.28
C ARG N 347 53.92 -6.40 17.65
N ARG N 348 54.38 -6.08 18.87
CA ARG N 348 54.48 -4.74 19.42
C ARG N 348 53.24 -4.15 20.08
N VAL N 349 52.23 -4.96 20.37
CA VAL N 349 51.02 -4.44 21.01
C VAL N 349 51.37 -3.67 22.30
N PRO N 350 51.12 -2.35 22.32
CA PRO N 350 51.42 -1.53 23.49
C PRO N 350 50.97 -2.12 24.82
N TYR N 351 49.90 -2.91 24.80
CA TYR N 351 49.40 -3.51 26.03
C TYR N 351 48.82 -4.91 25.90
N MET N 352 49.09 -5.75 26.90
CA MET N 352 48.61 -7.12 26.94
C MET N 352 47.92 -7.32 28.28
N LEU N 353 46.73 -7.91 28.23
CA LEU N 353 45.94 -8.18 29.41
C LEU N 353 45.72 -9.66 29.63
N VAL N 354 46.22 -10.15 30.77
CA VAL N 354 46.08 -11.55 31.13
C VAL N 354 44.86 -11.69 32.03
N CYS N 355 43.99 -12.63 31.67
CA CYS N 355 42.79 -12.89 32.44
C CYS N 355 42.76 -14.37 32.83
N GLY N 356 43.12 -14.63 34.07
CA GLY N 356 43.11 -15.98 34.58
C GLY N 356 41.96 -16.09 35.56
N ASP N 357 41.81 -17.27 36.15
CA ASP N 357 40.74 -17.43 37.11
C ASP N 357 40.83 -16.32 38.14
N LYS N 358 42.03 -16.07 38.66
CA LYS N 358 42.24 -15.02 39.67
C LYS N 358 41.54 -13.71 39.31
N GLU N 359 41.84 -13.16 38.14
CA GLU N 359 41.25 -11.90 37.70
C GLU N 359 39.74 -11.95 37.45
N VAL N 360 39.20 -13.13 37.13
CA VAL N 360 37.76 -13.25 36.86
C VAL N 360 36.90 -12.88 38.08
N GLU N 361 37.34 -13.30 39.25
CA GLU N 361 36.64 -13.00 40.51
C GLU N 361 37.37 -11.82 41.14
N SER N 362 37.56 -10.76 40.35
CA SER N 362 38.24 -9.57 40.81
C SER N 362 37.81 -8.39 39.95
N GLY N 363 37.42 -8.70 38.72
CA GLY N 363 37.03 -7.65 37.79
C GLY N 363 38.32 -6.95 37.39
N LYS N 364 39.44 -7.43 37.92
CA LYS N 364 40.76 -6.88 37.66
C LYS N 364 41.35 -7.53 36.40
N VAL N 365 42.40 -6.92 35.86
CA VAL N 365 43.05 -7.43 34.67
C VAL N 365 44.55 -7.39 34.88
N ALA N 366 45.21 -8.51 34.62
CA ALA N 366 46.64 -8.56 34.77
C ALA N 366 47.23 -7.74 33.62
N VAL N 367 47.72 -6.55 33.93
CA VAL N 367 48.28 -5.65 32.91
C VAL N 367 49.79 -5.83 32.72
N ARG N 368 50.28 -5.62 31.50
CA ARG N 368 51.71 -5.75 31.25
C ARG N 368 52.11 -5.10 29.93
N THR N 369 52.97 -4.07 29.99
CA THR N 369 53.44 -3.38 28.80
C THR N 369 54.15 -4.33 27.83
N ARG N 370 54.33 -3.92 26.59
CA ARG N 370 55.00 -4.76 25.60
C ARG N 370 56.47 -4.86 25.97
N ARG N 371 56.98 -3.79 26.57
CA ARG N 371 58.36 -3.73 27.00
C ARG N 371 58.60 -4.81 28.06
N GLY N 372 57.51 -5.35 28.59
CA GLY N 372 57.63 -6.40 29.59
C GLY N 372 57.18 -6.00 30.98
N LYS N 373 57.38 -4.75 31.35
CA LYS N 373 57.01 -4.28 32.69
C LYS N 373 55.62 -4.70 33.14
N ASP N 374 55.56 -5.77 33.91
CA ASP N 374 54.31 -6.24 34.44
C ASP N 374 53.74 -5.10 35.29
N LEU N 375 52.63 -4.52 34.84
CA LEU N 375 52.02 -3.41 35.57
C LEU N 375 51.09 -3.90 36.69
N GLY N 376 51.08 -5.20 36.92
CA GLY N 376 50.24 -5.77 37.95
C GLY N 376 48.76 -5.59 37.66
N SER N 377 47.96 -6.60 38.01
CA SER N 377 46.52 -6.53 37.77
C SER N 377 45.93 -5.21 38.31
N MET N 378 44.94 -4.69 37.61
CA MET N 378 44.31 -3.46 38.04
C MET N 378 42.88 -3.33 37.53
N ASP N 379 42.14 -2.44 38.19
CA ASP N 379 40.75 -2.15 37.87
C ASP N 379 40.54 -1.96 36.37
N VAL N 380 39.43 -2.49 35.82
CA VAL N 380 39.11 -2.37 34.39
C VAL N 380 38.96 -0.91 33.92
N ASN N 381 37.92 -0.23 34.39
CA ASN N 381 37.70 1.15 34.01
C ASN N 381 39.03 1.89 34.12
N GLU N 382 39.73 1.63 35.23
CA GLU N 382 41.03 2.23 35.50
C GLU N 382 41.97 2.14 34.29
N VAL N 383 42.12 0.93 33.73
CA VAL N 383 42.99 0.73 32.57
C VAL N 383 42.44 1.52 31.39
N ILE N 384 41.13 1.46 31.19
CA ILE N 384 40.47 2.19 30.12
C ILE N 384 40.77 3.69 30.26
N GLU N 385 40.18 4.33 31.28
CA GLU N 385 40.39 5.76 31.53
C GLU N 385 41.84 6.16 31.27
N LYS N 386 42.77 5.31 31.71
CA LYS N 386 44.19 5.55 31.54
C LYS N 386 44.68 5.39 30.10
N LEU N 387 44.19 4.36 29.42
CA LEU N 387 44.55 4.14 28.03
C LEU N 387 44.04 5.29 27.16
N GLN N 388 42.77 5.63 27.36
CA GLN N 388 42.12 6.72 26.63
C GLN N 388 42.99 7.95 26.81
N GLN N 389 43.37 8.18 28.06
CA GLN N 389 44.23 9.31 28.41
C GLN N 389 45.48 9.32 27.53
N GLU N 390 46.15 8.18 27.47
CA GLU N 390 47.37 8.04 26.69
C GLU N 390 47.14 8.18 25.19
N ILE N 391 45.98 7.71 24.72
CA ILE N 391 45.64 7.80 23.30
C ILE N 391 45.20 9.23 22.98
N ARG N 392 44.23 9.71 23.76
CA ARG N 392 43.71 11.07 23.58
C ARG N 392 44.83 12.11 23.51
N SER N 393 45.90 11.89 24.26
CA SER N 393 47.01 12.83 24.28
C SER N 393 48.12 12.41 23.32
N ARG N 394 47.89 11.33 22.57
CA ARG N 394 48.88 10.80 21.64
C ARG N 394 50.28 10.83 22.27
N SER N 395 50.33 10.44 23.54
CA SER N 395 51.59 10.41 24.29
C SER N 395 52.45 9.26 23.83
N LEU N 396 53.75 9.50 23.78
CA LEU N 396 54.69 8.48 23.33
C LEU N 396 54.97 7.44 24.42
N LYS N 397 55.05 7.87 25.67
CA LYS N 397 55.33 6.97 26.78
C LYS N 397 54.05 6.28 27.26
N GLN N 398 54.17 5.00 27.57
CA GLN N 398 53.05 4.21 28.03
C GLN N 398 52.84 4.40 29.52
N LEU N 399 51.82 3.75 30.07
CA LEU N 399 51.51 3.87 31.50
C LEU N 399 52.67 3.40 32.35
N GLU N 400 53.03 4.22 33.34
CA GLU N 400 54.11 3.91 34.29
C GLU N 400 55.55 4.02 33.74
N GLU N 401 55.73 4.72 32.62
CA GLU N 401 57.08 4.86 32.05
C GLU N 401 57.40 6.32 31.72
N ARG O 1 -36.87 13.47 21.93
CA ARG O 1 -36.02 14.64 22.20
C ARG O 1 -34.67 14.21 22.77
N ASP O 2 -33.88 15.19 23.26
CA ASP O 2 -32.56 14.95 23.88
C ASP O 2 -32.69 14.45 25.31
N HIS O 3 -32.04 13.32 25.62
CA HIS O 3 -32.12 12.76 26.98
C HIS O 3 -31.86 13.83 28.05
N ARG O 4 -30.74 14.54 27.91
CA ARG O 4 -30.44 15.63 28.82
C ARG O 4 -31.65 16.48 29.18
N LYS O 5 -32.56 16.66 28.27
CA LYS O 5 -33.71 17.48 28.62
C LYS O 5 -34.75 16.60 29.30
N ILE O 6 -35.11 15.50 28.66
CA ILE O 6 -36.10 14.58 29.20
C ILE O 6 -35.68 14.25 30.60
N GLY O 7 -34.36 14.18 30.82
CA GLY O 7 -33.82 13.87 32.12
C GLY O 7 -34.29 14.94 33.10
N LYS O 8 -33.91 16.17 32.82
CA LYS O 8 -34.29 17.26 33.70
C LYS O 8 -35.80 17.27 33.82
N GLN O 9 -36.41 16.87 32.73
CA GLN O 9 -37.86 16.82 32.63
C GLN O 9 -38.52 15.92 33.63
N LEU O 10 -38.16 14.64 33.55
CA LEU O 10 -38.70 13.61 34.41
C LEU O 10 -37.95 13.36 35.70
N ASP O 11 -37.11 14.34 36.08
CA ASP O 11 -36.30 14.30 37.30
C ASP O 11 -35.46 13.03 37.39
N LEU O 12 -35.04 12.55 36.25
CA LEU O 12 -34.26 11.34 36.23
C LEU O 12 -32.88 11.50 36.81
N TYR O 13 -32.45 12.78 36.88
CA TYR O 13 -31.15 13.10 37.44
C TYR O 13 -30.74 14.53 37.23
N HIS O 14 -29.48 14.82 37.52
CA HIS O 14 -28.94 16.16 37.39
C HIS O 14 -27.45 16.06 37.54
N MET O 15 -26.74 17.12 37.18
CA MET O 15 -25.29 17.18 37.30
C MET O 15 -24.82 18.56 37.78
N GLN O 16 -23.67 18.60 38.44
CA GLN O 16 -23.20 19.87 38.97
C GLN O 16 -21.81 20.02 38.48
N GLU O 17 -21.31 21.26 38.48
CA GLU O 17 -19.97 21.56 38.01
C GLU O 17 -18.86 21.10 38.94
N GLU O 18 -19.11 21.15 40.26
CA GLU O 18 -18.10 20.70 41.23
C GLU O 18 -17.89 19.20 41.14
N ALA O 19 -18.67 18.54 40.29
CA ALA O 19 -18.56 17.09 40.06
C ALA O 19 -18.80 16.86 38.57
N PRO O 20 -17.82 17.25 37.76
CA PRO O 20 -17.83 17.14 36.31
C PRO O 20 -17.82 15.73 35.78
N GLY O 21 -18.85 15.39 35.02
CA GLY O 21 -18.89 14.07 34.40
C GLY O 21 -19.23 13.02 35.38
N MET O 22 -19.90 13.47 36.45
CA MET O 22 -20.33 12.63 37.57
C MET O 22 -21.84 12.79 37.71
N VAL O 23 -22.56 11.66 37.61
CA VAL O 23 -24.02 11.74 37.69
C VAL O 23 -24.64 11.81 39.09
N PHE O 24 -25.64 12.64 39.27
CA PHE O 24 -26.33 12.69 40.54
C PHE O 24 -27.69 12.00 40.37
N TRP O 25 -27.65 10.67 40.22
CA TRP O 25 -28.87 9.89 40.06
C TRP O 25 -29.94 10.21 41.08
N HIS O 26 -31.01 10.82 40.60
CA HIS O 26 -32.18 11.15 41.39
C HIS O 26 -32.98 9.90 41.52
N ASN O 27 -33.97 9.96 42.40
CA ASN O 27 -34.76 8.77 42.63
C ASN O 27 -35.26 8.03 41.39
N ASP O 28 -35.96 8.77 40.51
CA ASP O 28 -36.54 8.16 39.33
C ASP O 28 -35.54 7.59 38.38
N GLY O 29 -34.47 8.32 38.16
CA GLY O 29 -33.47 7.79 37.26
C GLY O 29 -32.95 6.50 37.85
N TRP O 30 -32.73 6.58 39.16
CA TRP O 30 -32.19 5.42 39.82
C TRP O 30 -33.01 4.17 39.50
N THR O 31 -34.32 4.32 39.66
CA THR O 31 -35.23 3.20 39.44
C THR O 31 -34.95 2.51 38.12
N ILE O 32 -34.72 3.33 37.09
CA ILE O 32 -34.44 2.86 35.72
C ILE O 32 -33.12 2.11 35.73
N PHE O 33 -32.14 2.75 36.36
CA PHE O 33 -30.80 2.21 36.48
C PHE O 33 -30.90 0.85 37.11
N ARG O 34 -31.54 0.87 38.27
CA ARG O 34 -31.69 -0.32 39.06
C ARG O 34 -32.44 -1.43 38.29
N GLU O 35 -33.62 -1.07 37.82
CA GLU O 35 -34.47 -1.98 37.08
C GLU O 35 -33.70 -2.66 35.92
N LEU O 36 -32.70 -1.97 35.39
CA LEU O 36 -31.90 -2.50 34.31
C LEU O 36 -30.98 -3.57 34.84
N GLU O 37 -30.52 -3.38 36.07
CA GLU O 37 -29.64 -4.34 36.69
C GLU O 37 -30.34 -5.66 36.79
N VAL O 38 -31.52 -5.59 37.42
CA VAL O 38 -32.37 -6.76 37.65
C VAL O 38 -32.57 -7.51 36.34
N PHE O 39 -32.65 -6.74 35.25
CA PHE O 39 -32.82 -7.27 33.91
C PHE O 39 -31.55 -8.04 33.50
N VAL O 40 -30.41 -7.39 33.66
CA VAL O 40 -29.16 -8.00 33.27
C VAL O 40 -28.96 -9.28 34.05
N ARG O 41 -29.17 -9.16 35.38
CA ARG O 41 -29.01 -10.30 36.28
C ARG O 41 -29.69 -11.48 35.59
N SER O 42 -31.00 -11.27 35.44
CA SER O 42 -31.90 -12.17 34.79
C SER O 42 -31.34 -12.86 33.54
N LYS O 43 -30.90 -12.07 32.56
CA LYS O 43 -30.38 -12.64 31.33
C LYS O 43 -29.13 -13.44 31.61
N LEU O 44 -28.37 -13.00 32.59
CA LEU O 44 -27.13 -13.69 32.89
C LEU O 44 -27.29 -15.03 33.54
N LYS O 45 -28.34 -15.13 34.37
CA LYS O 45 -28.62 -16.36 35.10
C LYS O 45 -28.57 -17.58 34.18
N GLU O 46 -29.27 -17.51 33.06
CA GLU O 46 -29.27 -18.61 32.13
C GLU O 46 -27.87 -19.14 31.89
N TYR O 47 -27.01 -18.22 31.43
CA TYR O 47 -25.62 -18.55 31.08
C TYR O 47 -24.72 -18.79 32.28
N GLN O 48 -25.32 -18.68 33.46
CA GLN O 48 -24.58 -18.90 34.68
C GLN O 48 -23.32 -18.10 34.84
N TYR O 49 -23.51 -16.85 35.21
CA TYR O 49 -22.41 -15.96 35.40
C TYR O 49 -22.31 -15.80 36.90
N GLN O 50 -21.11 -15.51 37.38
CA GLN O 50 -20.88 -15.25 38.79
C GLN O 50 -20.95 -13.75 38.93
N GLU O 51 -21.59 -13.22 39.95
CA GLU O 51 -21.59 -11.76 40.14
C GLU O 51 -20.73 -11.45 41.37
N VAL O 52 -19.57 -10.84 41.11
CA VAL O 52 -18.60 -10.45 42.09
C VAL O 52 -18.69 -8.97 42.34
N LYS O 53 -17.62 -8.38 42.85
CA LYS O 53 -17.56 -6.93 43.12
C LYS O 53 -16.17 -6.62 43.59
N GLY O 54 -15.44 -5.83 42.82
CA GLY O 54 -14.06 -5.53 43.15
C GLY O 54 -13.75 -4.17 43.74
N PRO O 55 -12.54 -4.08 44.33
CA PRO O 55 -12.03 -2.87 44.97
C PRO O 55 -12.16 -1.68 44.10
N PHE O 56 -12.53 -0.60 44.74
CA PHE O 56 -12.76 0.70 44.14
C PHE O 56 -11.46 1.34 43.75
N MET O 57 -10.35 0.63 43.99
CA MET O 57 -8.97 1.07 43.71
C MET O 57 -7.93 0.08 44.26
N MET O 58 -6.88 -0.11 43.50
CA MET O 58 -5.84 -1.02 43.91
C MET O 58 -4.50 -0.31 43.77
N ASP O 59 -3.42 -1.04 44.03
CA ASP O 59 -2.11 -0.45 44.01
C ASP O 59 -1.57 -0.16 42.63
N ARG O 60 -1.10 1.08 42.44
CA ARG O 60 -0.52 1.51 41.16
C ARG O 60 0.40 0.44 40.59
N VAL O 61 1.13 -0.22 41.45
CA VAL O 61 2.05 -1.24 41.04
C VAL O 61 1.34 -2.29 40.24
N LEU O 62 0.10 -2.56 40.59
CA LEU O 62 -0.66 -3.58 39.87
C LEU O 62 -0.84 -3.14 38.43
N TRP O 63 -1.45 -1.96 38.26
CA TRP O 63 -1.64 -1.47 36.93
C TRP O 63 -0.37 -1.35 36.10
N GLU O 64 0.76 -1.12 36.74
CA GLU O 64 1.99 -1.03 35.98
C GLU O 64 2.11 -2.38 35.26
N LYS O 65 1.90 -3.46 35.98
CA LYS O 65 2.00 -4.77 35.38
C LYS O 65 1.03 -5.05 34.26
N THR O 66 -0.26 -4.81 34.48
CA THR O 66 -1.27 -5.06 33.45
C THR O 66 -0.87 -4.34 32.17
N GLY O 67 -0.55 -3.07 32.30
CA GLY O 67 -0.17 -2.29 31.16
C GLY O 67 -0.86 -0.95 31.25
N HIS O 68 -1.98 -0.92 31.97
CA HIS O 68 -2.72 0.33 32.09
C HIS O 68 -1.88 1.55 32.33
N TRP O 69 -0.89 1.38 33.21
CA TRP O 69 -0.02 2.46 33.56
C TRP O 69 0.80 2.98 32.39
N ASP O 70 1.19 2.09 31.49
CA ASP O 70 2.02 2.49 30.36
C ASP O 70 1.29 2.88 29.10
N ASN O 71 -0.02 2.79 29.12
CA ASN O 71 -0.80 3.17 27.97
C ASN O 71 -2.23 3.32 28.39
N TYR O 72 -2.47 4.26 29.30
CA TYR O 72 -3.83 4.53 29.80
C TYR O 72 -3.73 5.44 30.99
N LYS O 73 -2.52 5.51 31.54
CA LYS O 73 -2.27 6.33 32.71
C LYS O 73 -2.84 7.75 32.63
N ASP O 74 -3.04 8.22 31.41
CA ASP O 74 -3.57 9.55 31.19
C ASP O 74 -5.05 9.64 31.54
N ALA O 75 -5.77 8.54 31.36
CA ALA O 75 -7.20 8.52 31.64
C ALA O 75 -7.52 8.03 33.04
N MET O 76 -6.46 7.60 33.74
CA MET O 76 -6.52 7.05 35.09
C MET O 76 -6.46 8.08 36.21
N PHE O 77 -7.33 7.91 37.21
CA PHE O 77 -7.38 8.80 38.36
C PHE O 77 -6.54 8.18 39.46
N THR O 78 -5.98 9.00 40.36
CA THR O 78 -5.13 8.42 41.43
C THR O 78 -5.14 9.11 42.77
N THR O 79 -4.99 8.30 43.82
CA THR O 79 -4.92 8.78 45.19
C THR O 79 -3.87 7.94 45.83
N SER O 80 -3.71 8.15 47.15
CA SER O 80 -2.72 7.40 47.92
C SER O 80 -2.79 7.67 49.42
N SER O 81 -2.33 6.69 50.19
CA SER O 81 -2.25 6.79 51.64
C SER O 81 -0.76 6.70 52.00
N GLU O 82 -0.41 6.85 53.28
CA GLU O 82 1.00 6.79 53.70
C GLU O 82 1.59 5.60 53.00
N ASN O 83 0.80 4.53 53.06
CA ASN O 83 1.13 3.25 52.45
C ASN O 83 1.72 3.45 51.01
N ARG O 84 0.92 3.11 49.99
CA ARG O 84 1.33 3.21 48.61
C ARG O 84 0.55 4.29 47.87
N GLU O 85 0.40 4.08 46.57
CA GLU O 85 -0.36 4.96 45.69
C GLU O 85 -1.26 4.08 44.82
N TYR O 86 -2.54 4.42 44.79
CA TYR O 86 -3.48 3.63 44.04
C TYR O 86 -4.11 4.41 42.91
N CYS O 87 -4.67 3.64 41.98
CA CYS O 87 -5.38 4.20 40.83
C CYS O 87 -6.84 3.84 41.03
N ILE O 88 -7.74 4.75 40.77
CA ILE O 88 -9.13 4.43 40.89
C ILE O 88 -9.44 3.58 39.67
N LYS O 89 -10.07 2.43 39.84
CA LYS O 89 -10.31 1.58 38.71
C LYS O 89 -11.00 2.20 37.48
N PRO O 90 -10.39 1.97 36.29
CA PRO O 90 -10.86 2.43 34.96
C PRO O 90 -11.70 1.26 34.41
N MET O 91 -11.23 0.03 34.65
CA MET O 91 -11.91 -1.18 34.22
C MET O 91 -11.91 -2.15 35.44
N ASN O 92 -12.55 -3.31 35.32
CA ASN O 92 -12.61 -4.24 36.45
C ASN O 92 -11.92 -5.51 36.07
N CYS O 93 -11.29 -5.47 34.90
CA CYS O 93 -10.58 -6.64 34.39
C CYS O 93 -9.52 -7.11 35.40
N PRO O 94 -8.58 -6.19 35.78
CA PRO O 94 -7.53 -6.57 36.74
C PRO O 94 -8.16 -7.20 37.98
N GLY O 95 -9.10 -6.46 38.60
CA GLY O 95 -9.83 -6.95 39.74
C GLY O 95 -10.26 -8.41 39.58
N HIS O 96 -11.11 -8.67 38.59
CA HIS O 96 -11.59 -10.05 38.40
C HIS O 96 -10.50 -11.09 38.36
N VAL O 97 -9.36 -10.73 37.80
CA VAL O 97 -8.28 -11.69 37.70
C VAL O 97 -7.77 -12.10 39.10
N GLN O 98 -7.79 -11.09 39.97
CA GLN O 98 -7.36 -11.27 41.34
C GLN O 98 -8.23 -12.35 41.96
N ILE O 99 -9.54 -12.07 41.96
CA ILE O 99 -10.53 -13.02 42.45
C ILE O 99 -10.36 -14.38 41.74
N PHE O 100 -9.94 -14.38 40.49
CA PHE O 100 -9.76 -15.65 39.83
C PHE O 100 -8.58 -16.43 40.39
N ASN O 101 -7.56 -15.67 40.78
CA ASN O 101 -6.34 -16.27 41.28
C ASN O 101 -6.42 -16.95 42.65
N GLN O 102 -7.48 -16.70 43.38
CA GLN O 102 -7.63 -17.33 44.66
C GLN O 102 -7.81 -18.83 44.46
N GLY O 103 -6.84 -19.64 44.87
CA GLY O 103 -6.98 -21.07 44.73
C GLY O 103 -6.45 -21.62 43.45
N LEU O 104 -6.41 -22.95 43.34
CA LEU O 104 -5.93 -23.61 42.14
C LEU O 104 -7.13 -23.97 41.24
N LYS O 105 -7.16 -23.41 40.02
CA LYS O 105 -8.25 -23.66 39.11
C LYS O 105 -7.81 -24.70 38.10
N SER O 106 -8.70 -25.65 37.82
CA SER O 106 -8.40 -26.71 36.85
C SER O 106 -9.17 -26.34 35.62
N TYR O 107 -8.89 -27.03 34.53
CA TYR O 107 -9.57 -26.76 33.29
C TYR O 107 -11.06 -26.89 33.58
N ARG O 108 -11.41 -27.85 34.42
CA ARG O 108 -12.80 -28.07 34.67
C ARG O 108 -13.52 -26.92 35.30
N ASP O 109 -12.79 -25.89 35.69
CA ASP O 109 -13.44 -24.72 36.30
C ASP O 109 -13.84 -23.74 35.17
N LEU O 110 -13.43 -24.16 33.97
CA LEU O 110 -13.68 -23.40 32.73
C LEU O 110 -14.79 -23.96 31.85
N PRO O 111 -15.46 -23.08 31.13
CA PRO O 111 -15.24 -21.65 31.07
C PRO O 111 -15.72 -20.96 32.33
N LEU O 112 -14.95 -19.99 32.81
CA LEU O 112 -15.31 -19.27 34.02
C LEU O 112 -15.94 -17.90 33.75
N ARG O 113 -17.24 -17.80 33.93
CA ARG O 113 -17.90 -16.55 33.63
C ARG O 113 -18.12 -15.63 34.80
N MET O 114 -17.22 -14.67 34.96
CA MET O 114 -17.34 -13.75 36.06
C MET O 114 -17.82 -12.36 35.70
N ALA O 115 -18.99 -12.00 36.16
CA ALA O 115 -19.54 -10.68 35.85
C ALA O 115 -19.62 -9.75 37.06
N GLU O 116 -19.92 -8.47 36.85
CA GLU O 116 -19.96 -7.51 37.94
C GLU O 116 -20.49 -6.20 37.42
N PHE O 117 -21.28 -5.50 38.19
CA PHE O 117 -21.76 -4.23 37.71
C PHE O 117 -20.70 -3.30 38.19
N GLY O 118 -19.50 -3.43 37.63
CA GLY O 118 -18.33 -2.62 38.00
C GLY O 118 -18.31 -1.11 37.73
N SER O 119 -18.28 -0.34 38.81
CA SER O 119 -18.26 1.11 38.72
C SER O 119 -16.86 1.58 38.32
N CYS O 120 -16.77 2.21 37.13
CA CYS O 120 -15.49 2.71 36.61
C CYS O 120 -15.32 4.24 36.60
N HIS O 121 -14.07 4.67 36.47
CA HIS O 121 -13.76 6.10 36.46
C HIS O 121 -12.65 6.35 35.52
N ARG O 122 -12.85 7.39 34.69
CA ARG O 122 -11.87 7.75 33.68
C ARG O 122 -11.83 9.27 33.56
N ASN O 123 -10.60 9.76 33.42
CA ASN O 123 -10.41 11.21 33.28
C ASN O 123 -10.65 11.55 31.80
N GLU O 124 -11.93 11.63 31.44
CA GLU O 124 -12.26 11.91 30.05
C GLU O 124 -12.03 13.39 29.92
N PRO O 125 -11.40 13.82 28.81
CA PRO O 125 -11.12 15.23 28.53
C PRO O 125 -12.37 16.13 28.66
N SER O 126 -12.27 17.17 29.47
CA SER O 126 -13.38 18.10 29.66
C SER O 126 -14.27 18.23 28.44
N GLY O 127 -13.65 18.45 27.28
CA GLY O 127 -14.38 18.60 26.04
C GLY O 127 -15.24 17.42 25.65
N SER O 128 -14.70 16.21 25.72
CA SER O 128 -15.45 15.02 25.32
C SER O 128 -16.67 14.60 26.13
N LEU O 129 -16.96 15.33 27.19
CA LEU O 129 -18.09 14.91 27.99
C LEU O 129 -19.40 15.18 27.30
N HIS O 130 -20.44 14.43 27.67
CA HIS O 130 -21.76 14.61 27.10
C HIS O 130 -22.83 13.82 27.90
N GLY O 131 -23.78 14.56 28.49
CA GLY O 131 -24.88 13.96 29.25
C GLY O 131 -24.52 12.62 29.85
N LEU O 132 -25.38 11.62 29.72
CA LEU O 132 -25.06 10.33 30.31
C LEU O 132 -24.27 9.51 29.34
N MET O 133 -23.99 10.06 28.17
CA MET O 133 -23.32 9.27 27.14
C MET O 133 -21.83 9.13 27.30
N ARG O 134 -21.19 10.23 27.70
CA ARG O 134 -19.74 10.24 27.91
C ARG O 134 -19.54 10.97 29.21
N VAL O 135 -19.25 10.18 30.24
CA VAL O 135 -19.08 10.72 31.59
C VAL O 135 -17.74 10.29 32.14
N ARG O 136 -17.35 10.92 33.25
CA ARG O 136 -16.09 10.60 33.92
C ARG O 136 -16.27 9.36 34.89
N GLY O 137 -17.47 9.24 35.46
CA GLY O 137 -17.77 8.13 36.33
C GLY O 137 -19.03 7.32 35.96
N PHE O 138 -18.83 6.13 35.43
CA PHE O 138 -19.94 5.27 35.03
C PHE O 138 -19.90 3.82 35.62
N THR O 139 -20.85 2.99 35.15
CA THR O 139 -20.97 1.63 35.64
C THR O 139 -21.08 0.55 34.59
N GLN O 140 -19.97 -0.05 34.18
CA GLN O 140 -20.03 -1.09 33.18
C GLN O 140 -20.84 -2.25 33.69
N ASP O 141 -21.36 -3.05 32.80
CA ASP O 141 -22.16 -4.20 33.16
C ASP O 141 -21.30 -5.35 32.69
N ASP O 142 -19.99 -5.18 32.74
CA ASP O 142 -19.21 -6.27 32.15
C ASP O 142 -19.00 -7.54 32.90
N ALA O 143 -18.11 -8.32 32.36
CA ALA O 143 -17.78 -9.58 32.94
C ALA O 143 -16.55 -9.99 32.17
N HIS O 144 -15.85 -11.01 32.64
CA HIS O 144 -14.68 -11.45 31.91
C HIS O 144 -14.82 -12.93 31.89
N ILE O 145 -14.48 -13.55 30.78
CA ILE O 145 -14.59 -14.98 30.72
C ILE O 145 -13.21 -15.58 30.67
N PHE O 146 -12.99 -16.62 31.47
CA PHE O 146 -11.71 -17.29 31.52
C PHE O 146 -11.99 -18.59 30.84
N CYS O 147 -11.16 -18.96 29.87
CA CYS O 147 -11.42 -20.20 29.14
C CYS O 147 -10.26 -20.70 28.31
N THR O 148 -10.37 -21.95 27.88
CA THR O 148 -9.36 -22.57 27.04
C THR O 148 -9.69 -21.91 25.70
N GLU O 149 -8.89 -22.10 24.66
CA GLU O 149 -9.24 -21.44 23.42
C GLU O 149 -10.19 -22.16 22.52
N GLU O 150 -10.44 -23.44 22.78
CA GLU O 150 -11.39 -24.17 21.97
C GLU O 150 -12.70 -23.60 22.43
N GLN O 151 -12.68 -23.03 23.62
CA GLN O 151 -13.87 -22.44 24.18
C GLN O 151 -14.09 -21.06 23.61
N ILE O 152 -13.03 -20.47 23.05
CA ILE O 152 -13.16 -19.12 22.52
C ILE O 152 -14.36 -18.94 21.62
N ARG O 153 -14.55 -19.89 20.70
CA ARG O 153 -15.68 -19.79 19.81
C ARG O 153 -16.98 -19.66 20.55
N ASP O 154 -17.52 -20.81 20.94
CA ASP O 154 -18.80 -20.86 21.65
C ASP O 154 -18.91 -19.71 22.60
N GLU O 155 -17.80 -19.41 23.26
CA GLU O 155 -17.78 -18.34 24.23
C GLU O 155 -18.11 -16.97 23.66
N VAL O 156 -17.46 -16.64 22.55
CA VAL O 156 -17.68 -15.36 21.92
C VAL O 156 -19.07 -15.30 21.35
N ASN O 157 -19.48 -16.39 20.70
CA ASN O 157 -20.82 -16.47 20.13
C ASN O 157 -21.83 -16.17 21.22
N GLY O 158 -21.72 -16.92 22.33
CA GLY O 158 -22.65 -16.72 23.43
C GLY O 158 -22.83 -15.25 23.78
N CYS O 159 -21.74 -14.52 23.63
CA CYS O 159 -21.74 -13.09 23.94
C CYS O 159 -22.61 -12.38 22.93
N ILE O 160 -22.21 -12.54 21.67
CA ILE O 160 -22.91 -11.93 20.57
C ILE O 160 -24.41 -12.13 20.80
N ARG O 161 -24.80 -13.40 20.80
CA ARG O 161 -26.18 -13.81 20.97
C ARG O 161 -26.85 -13.05 22.09
N LEU O 162 -26.11 -12.92 23.17
CA LEU O 162 -26.61 -12.21 24.33
C LEU O 162 -26.91 -10.71 24.06
N VAL O 163 -26.03 -10.09 23.28
CA VAL O 163 -26.18 -8.68 22.92
C VAL O 163 -27.44 -8.40 22.16
N TYR O 164 -27.70 -9.28 21.19
CA TYR O 164 -28.88 -9.17 20.32
C TYR O 164 -30.11 -9.49 21.08
N ASP O 165 -30.14 -10.72 21.60
CA ASP O 165 -31.27 -11.20 22.39
C ASP O 165 -31.66 -10.22 23.51
N MET O 166 -30.72 -9.40 23.94
CA MET O 166 -31.01 -8.48 24.99
C MET O 166 -31.49 -7.15 24.43
N TYR O 167 -30.81 -6.69 23.39
CA TYR O 167 -31.14 -5.41 22.76
C TYR O 167 -32.57 -5.51 22.26
N SER O 168 -32.85 -6.66 21.66
CA SER O 168 -34.16 -6.95 21.14
C SER O 168 -35.28 -6.59 22.11
N THR O 169 -35.02 -6.65 23.42
CA THR O 169 -36.05 -6.32 24.39
C THR O 169 -36.47 -4.89 24.25
N PHE O 170 -35.57 -4.07 23.73
CA PHE O 170 -35.84 -2.63 23.62
C PHE O 170 -36.24 -2.29 22.20
N GLY O 171 -36.17 -3.30 21.35
CA GLY O 171 -36.56 -3.14 19.96
C GLY O 171 -35.69 -2.14 19.29
N PHE O 172 -34.40 -2.44 19.28
CA PHE O 172 -33.48 -1.56 18.62
C PHE O 172 -33.41 -1.92 17.17
N GLU O 173 -33.41 -0.88 16.33
CA GLU O 173 -33.34 -1.09 14.90
C GLU O 173 -31.89 -0.95 14.46
N LYS O 174 -31.29 0.20 14.80
CA LYS O 174 -29.91 0.46 14.39
C LYS O 174 -28.90 -0.11 15.36
N ILE O 175 -28.21 -1.16 14.91
CA ILE O 175 -27.21 -1.91 15.65
C ILE O 175 -26.09 -2.21 14.68
N VAL O 176 -25.13 -1.31 14.58
CA VAL O 176 -24.04 -1.56 13.64
C VAL O 176 -22.72 -2.01 14.25
N VAL O 177 -22.15 -3.05 13.66
CA VAL O 177 -20.91 -3.62 14.14
C VAL O 177 -19.64 -3.07 13.49
N LYS O 178 -18.59 -3.01 14.32
CA LYS O 178 -17.25 -2.57 13.94
C LYS O 178 -16.24 -3.55 14.56
N LEU O 179 -15.07 -3.72 13.97
CA LEU O 179 -14.11 -4.64 14.54
C LEU O 179 -12.71 -3.98 14.70
N SER O 180 -12.58 -3.08 15.68
CA SER O 180 -11.36 -2.36 15.97
C SER O 180 -10.14 -3.25 16.07
N THR O 181 -9.09 -2.92 15.31
CA THR O 181 -7.86 -3.74 15.26
C THR O 181 -6.65 -3.13 15.97
N ARG O 182 -5.66 -3.98 16.27
CA ARG O 182 -4.47 -3.55 17.04
C ARG O 182 -4.17 -2.05 17.01
N PRO O 183 -4.39 -1.38 18.14
CA PRO O 183 -4.16 0.07 18.25
C PRO O 183 -2.68 0.37 18.24
N GLU O 184 -2.37 1.65 18.38
CA GLU O 184 -1.01 2.11 18.43
C GLU O 184 -0.24 1.38 19.53
N LYS O 185 -0.58 1.66 20.78
CA LYS O 185 0.08 1.05 21.92
C LYS O 185 -0.65 -0.19 22.46
N ARG O 186 -0.33 -1.36 21.91
CA ARG O 186 -0.96 -2.58 22.37
C ARG O 186 0.05 -3.26 23.30
N ILE O 187 -0.25 -4.49 23.75
CA ILE O 187 0.66 -5.17 24.65
C ILE O 187 1.02 -6.60 24.33
N GLY O 188 0.49 -7.13 23.21
CA GLY O 188 0.80 -8.50 22.86
C GLY O 188 1.59 -8.64 21.59
N SER O 189 2.24 -9.79 21.35
CA SER O 189 3.02 -9.96 20.12
C SER O 189 2.10 -9.93 18.92
N ASP O 190 2.59 -9.42 17.79
CA ASP O 190 1.77 -9.36 16.60
C ASP O 190 1.17 -10.73 16.42
N GLU O 191 2.02 -11.74 16.44
CA GLU O 191 1.58 -13.11 16.30
C GLU O 191 0.31 -13.34 17.12
N MET O 192 0.27 -12.79 18.31
CA MET O 192 -0.89 -12.94 19.17
C MET O 192 -2.05 -12.18 18.61
N TRP O 193 -1.87 -10.89 18.36
CA TRP O 193 -2.95 -10.10 17.81
C TRP O 193 -3.53 -10.70 16.52
N ASP O 194 -2.65 -11.28 15.73
CA ASP O 194 -3.07 -11.90 14.49
C ASP O 194 -4.21 -12.83 14.88
N ARG O 195 -3.86 -13.89 15.58
CA ARG O 195 -4.86 -14.85 16.00
C ARG O 195 -6.07 -14.14 16.59
N ALA O 196 -5.85 -13.34 17.60
CA ALA O 196 -6.92 -12.63 18.27
C ALA O 196 -7.90 -11.96 17.34
N GLU O 197 -7.35 -11.19 16.41
CA GLU O 197 -8.16 -10.45 15.47
C GLU O 197 -8.96 -11.42 14.62
N ALA O 198 -8.22 -12.36 14.05
CA ALA O 198 -8.81 -13.39 13.20
C ALA O 198 -10.03 -13.91 13.91
N ASP O 199 -9.76 -14.62 14.99
CA ASP O 199 -10.80 -15.20 15.82
C ASP O 199 -12.08 -14.35 15.86
N LEU O 200 -11.94 -13.11 16.28
CA LEU O 200 -13.11 -12.25 16.38
C LEU O 200 -13.82 -12.10 15.04
N ALA O 201 -13.07 -11.75 14.01
CA ALA O 201 -13.61 -11.59 12.66
C ALA O 201 -14.39 -12.85 12.30
N VAL O 202 -13.70 -13.99 12.25
CA VAL O 202 -14.36 -15.26 12.00
C VAL O 202 -15.68 -15.38 12.72
N ALA O 203 -15.69 -15.07 14.00
CA ALA O 203 -16.91 -15.15 14.79
C ALA O 203 -18.02 -14.33 14.08
N LEU O 204 -17.79 -13.02 13.88
CA LEU O 204 -18.78 -12.16 13.23
C LEU O 204 -19.36 -12.80 11.96
N GLU O 205 -18.53 -12.91 10.93
CA GLU O 205 -18.92 -13.48 9.66
C GLU O 205 -19.47 -14.89 9.75
N GLU O 206 -19.22 -15.55 10.85
CA GLU O 206 -19.70 -16.90 11.05
C GLU O 206 -21.15 -16.81 11.47
N ASN O 207 -21.54 -15.65 11.95
CA ASN O 207 -22.91 -15.43 12.39
C ASN O 207 -23.56 -14.45 11.43
N ASN O 208 -22.84 -14.13 10.37
CA ASN O 208 -23.32 -13.22 9.35
C ASN O 208 -23.61 -11.84 9.85
N ILE O 209 -22.72 -11.33 10.66
CA ILE O 209 -22.89 -9.99 11.15
C ILE O 209 -21.99 -9.18 10.23
N PRO O 210 -22.56 -8.16 9.61
CA PRO O 210 -21.78 -7.33 8.71
C PRO O 210 -21.03 -6.30 9.55
N PHE O 211 -19.81 -5.97 9.16
CA PHE O 211 -19.04 -4.98 9.91
C PHE O 211 -17.96 -4.28 9.12
N GLU O 212 -17.23 -3.42 9.81
CA GLU O 212 -16.12 -2.68 9.21
C GLU O 212 -14.97 -2.60 10.18
N TYR O 213 -13.74 -2.75 9.71
CA TYR O 213 -12.61 -2.65 10.60
C TYR O 213 -12.42 -1.22 11.10
N GLN O 214 -12.26 -1.07 12.41
CA GLN O 214 -12.09 0.23 13.02
C GLN O 214 -10.60 0.51 13.08
N LEU O 215 -9.84 -0.19 12.26
CA LEU O 215 -8.39 -0.06 12.14
C LEU O 215 -7.69 0.92 13.09
N GLY O 216 -6.76 0.43 13.89
CA GLY O 216 -6.08 1.31 14.81
C GLY O 216 -6.82 1.50 16.13
N GLU O 217 -8.01 0.90 16.24
CA GLU O 217 -8.83 0.95 17.45
C GLU O 217 -8.76 -0.38 18.16
N GLY O 218 -9.39 -0.44 19.33
CA GLY O 218 -9.33 -1.70 20.05
C GLY O 218 -8.47 -1.58 21.28
N ALA O 219 -8.83 -2.39 22.25
CA ALA O 219 -8.15 -2.43 23.53
C ALA O 219 -6.67 -2.43 23.40
N PHE O 220 -5.96 -1.68 24.24
CA PHE O 220 -4.52 -1.75 24.18
C PHE O 220 -4.10 -3.20 24.46
N TYR O 221 -5.09 -4.02 24.83
CA TYR O 221 -4.87 -5.42 25.19
C TYR O 221 -5.53 -6.48 24.29
N GLY O 222 -6.14 -6.03 23.18
CA GLY O 222 -6.75 -6.99 22.27
C GLY O 222 -7.76 -6.38 21.31
N PRO O 223 -8.09 -7.12 20.25
CA PRO O 223 -9.05 -6.71 19.25
C PRO O 223 -10.38 -6.43 19.94
N LYS O 224 -11.26 -5.70 19.28
CA LYS O 224 -12.51 -5.36 19.94
C LYS O 224 -13.76 -5.23 19.06
N ILE O 225 -14.69 -6.19 19.17
CA ILE O 225 -15.93 -6.11 18.39
C ILE O 225 -16.73 -5.01 19.08
N GLU O 226 -17.23 -4.04 18.31
CA GLU O 226 -17.99 -2.94 18.87
C GLU O 226 -19.41 -3.00 18.44
N PHE O 227 -20.36 -2.79 19.34
CA PHE O 227 -21.78 -2.76 18.96
C PHE O 227 -22.14 -1.34 19.19
N THR O 228 -22.47 -0.63 18.12
CA THR O 228 -22.80 0.80 18.23
C THR O 228 -24.27 1.04 18.06
N LEU O 229 -24.85 1.87 18.90
CA LEU O 229 -26.27 2.17 18.76
C LEU O 229 -26.30 3.62 18.46
N TYR O 230 -27.42 4.17 18.00
CA TYR O 230 -27.42 5.60 17.64
C TYR O 230 -28.42 6.43 18.38
N ASP O 231 -28.13 7.71 18.51
CA ASP O 231 -29.03 8.59 19.22
C ASP O 231 -29.93 9.56 18.48
N CYS O 232 -30.37 10.60 19.21
CA CYS O 232 -31.26 11.66 18.73
C CYS O 232 -30.83 12.17 17.38
N LEU O 233 -29.55 12.53 17.30
CA LEU O 233 -28.98 13.06 16.07
C LEU O 233 -28.23 11.98 15.35
N ASP O 234 -28.77 10.79 15.38
CA ASP O 234 -28.14 9.68 14.70
C ASP O 234 -26.60 9.72 14.81
N ARG O 235 -26.08 9.97 16.00
CA ARG O 235 -24.64 9.98 16.24
C ARG O 235 -24.33 8.59 16.75
N ALA O 236 -23.20 8.05 16.33
CA ALA O 236 -22.83 6.70 16.75
C ALA O 236 -22.32 6.71 18.15
N TRP O 237 -22.66 5.65 18.90
CA TRP O 237 -22.21 5.49 20.29
C TRP O 237 -21.94 4.02 20.52
N GLN O 238 -20.77 3.73 21.08
CA GLN O 238 -20.37 2.35 21.35
C GLN O 238 -21.06 1.87 22.62
N CYS O 239 -21.84 0.79 22.50
CA CYS O 239 -22.56 0.29 23.64
C CYS O 239 -22.08 -1.05 24.03
N GLY O 240 -22.47 -2.08 23.31
CA GLY O 240 -21.97 -3.40 23.67
C GLY O 240 -20.53 -3.51 23.22
N THR O 241 -19.87 -4.61 23.53
CA THR O 241 -18.50 -4.84 23.09
C THR O 241 -17.95 -6.18 23.58
N VAL O 242 -17.16 -6.82 22.73
CA VAL O 242 -16.60 -8.12 23.09
C VAL O 242 -15.13 -8.03 22.68
N GLN O 243 -14.24 -8.22 23.65
CA GLN O 243 -12.80 -8.16 23.43
C GLN O 243 -12.09 -9.47 23.72
N LEU O 244 -11.13 -9.85 22.88
CA LEU O 244 -10.37 -11.09 23.06
C LEU O 244 -8.97 -10.74 23.59
N ASP O 245 -8.75 -11.06 24.85
CA ASP O 245 -7.52 -10.75 25.53
C ASP O 245 -6.53 -11.91 25.57
N PHE O 246 -5.30 -11.65 25.17
CA PHE O 246 -4.29 -12.70 25.20
C PHE O 246 -3.13 -12.38 26.16
N SER O 247 -3.02 -11.12 26.56
CA SER O 247 -1.95 -10.71 27.45
C SER O 247 -2.33 -10.80 28.93
N LEU O 248 -3.08 -9.81 29.43
CA LEU O 248 -3.50 -9.78 30.85
C LEU O 248 -3.51 -11.12 31.58
N PRO O 249 -4.26 -12.13 31.11
CA PRO O 249 -4.23 -13.39 31.84
C PRO O 249 -2.83 -13.86 32.25
N SER O 250 -1.82 -13.59 31.44
CA SER O 250 -0.47 -14.00 31.83
C SER O 250 0.18 -12.87 32.64
N ARG O 251 -0.02 -11.64 32.22
CA ARG O 251 0.55 -10.52 32.95
C ARG O 251 0.28 -10.62 34.45
N LEU O 252 -0.93 -11.02 34.84
CA LEU O 252 -1.25 -11.13 36.26
C LEU O 252 -1.17 -12.57 36.64
N SER O 253 -0.41 -13.31 35.86
CA SER O 253 -0.16 -14.74 36.06
C SER O 253 -1.31 -15.52 36.60
N ALA O 254 -2.23 -15.93 35.72
CA ALA O 254 -3.37 -16.75 36.12
C ALA O 254 -3.08 -18.07 35.45
N SER O 255 -3.75 -19.14 35.86
CA SER O 255 -3.51 -20.43 35.23
C SER O 255 -4.44 -21.52 35.73
N TYR O 256 -4.55 -22.58 34.95
CA TYR O 256 -5.40 -23.69 35.30
C TYR O 256 -4.68 -24.97 34.98
N VAL O 257 -5.28 -26.08 35.41
CA VAL O 257 -4.66 -27.37 35.20
C VAL O 257 -5.37 -28.18 34.11
N GLY O 258 -4.64 -28.66 33.13
CA GLY O 258 -5.26 -29.48 32.10
C GLY O 258 -5.34 -30.90 32.59
N GLU O 259 -5.83 -31.84 31.78
CA GLU O 259 -5.90 -33.23 32.24
C GLU O 259 -4.44 -33.67 32.31
N ASP O 260 -3.64 -33.05 31.45
CA ASP O 260 -2.21 -33.31 31.37
C ASP O 260 -1.56 -32.80 32.65
N ASN O 261 -2.39 -32.57 33.66
CA ASN O 261 -1.93 -32.06 34.94
C ASN O 261 -0.86 -30.98 34.71
N GLU O 262 -1.12 -30.11 33.73
CA GLU O 262 -0.19 -29.03 33.36
C GLU O 262 -0.72 -27.63 33.45
N ARG O 263 0.20 -26.71 33.73
CA ARG O 263 -0.09 -25.29 33.88
C ARG O 263 -0.39 -24.68 32.52
N LYS O 264 -1.54 -24.02 32.40
CA LYS O 264 -1.93 -23.36 31.15
C LYS O 264 -2.55 -22.02 31.51
N VAL O 265 -2.13 -20.94 30.84
CA VAL O 265 -2.72 -19.63 31.12
C VAL O 265 -4.06 -19.60 30.44
N PRO O 266 -5.09 -19.12 31.10
CA PRO O 266 -6.36 -19.10 30.40
C PRO O 266 -6.46 -17.95 29.38
N VAL O 267 -7.46 -18.05 28.50
CA VAL O 267 -7.73 -17.02 27.54
C VAL O 267 -8.76 -16.17 28.24
N MET O 268 -8.78 -14.89 27.96
CA MET O 268 -9.76 -14.07 28.64
C MET O 268 -10.56 -13.15 27.70
N ILE O 269 -11.87 -13.27 27.78
CA ILE O 269 -12.77 -12.52 26.96
C ILE O 269 -13.40 -11.42 27.76
N HIS O 270 -13.23 -10.18 27.34
CA HIS O 270 -13.89 -9.05 28.02
C HIS O 270 -15.24 -8.88 27.30
N ARG O 271 -16.25 -8.32 27.98
CA ARG O 271 -17.54 -8.14 27.31
C ARG O 271 -18.58 -7.41 28.13
N ALA O 272 -19.31 -6.51 27.49
CA ALA O 272 -20.35 -5.74 28.20
C ALA O 272 -21.51 -5.70 27.25
N ILE O 273 -22.70 -6.10 27.69
CA ILE O 273 -23.86 -6.07 26.82
C ILE O 273 -24.42 -4.66 26.76
N LEU O 274 -25.04 -4.18 27.82
CA LEU O 274 -25.58 -2.83 27.72
C LEU O 274 -24.46 -1.84 27.44
N GLY O 275 -23.23 -2.20 27.89
CA GLY O 275 -22.05 -1.38 27.76
C GLY O 275 -21.76 -0.55 28.99
N SER O 276 -22.59 0.45 29.29
CA SER O 276 -22.44 1.31 30.45
C SER O 276 -23.82 1.74 30.88
N MET O 277 -24.13 1.52 32.15
CA MET O 277 -25.46 1.85 32.66
C MET O 277 -25.96 3.23 32.27
N GLU O 278 -25.14 4.24 32.48
CA GLU O 278 -25.56 5.60 32.19
C GLU O 278 -25.69 5.86 30.70
N ARG O 279 -24.71 5.36 29.94
CA ARG O 279 -24.75 5.57 28.49
C ARG O 279 -26.02 4.93 27.93
N PHE O 280 -26.17 3.61 28.12
CA PHE O 280 -27.34 2.90 27.62
C PHE O 280 -28.61 3.58 28.14
N ILE O 281 -28.64 4.06 29.37
CA ILE O 281 -29.88 4.70 29.80
C ILE O 281 -30.11 5.89 28.90
N GLY O 282 -29.01 6.61 28.62
CA GLY O 282 -29.08 7.80 27.76
C GLY O 282 -29.78 7.48 26.45
N ILE O 283 -29.33 6.41 25.81
CA ILE O 283 -29.87 5.95 24.55
C ILE O 283 -31.35 5.61 24.69
N LEU O 284 -31.73 4.79 25.68
CA LEU O 284 -33.14 4.47 25.90
C LEU O 284 -33.92 5.76 25.98
N THR O 285 -33.46 6.70 26.77
CA THR O 285 -34.20 7.94 26.89
C THR O 285 -34.35 8.50 25.49
N GLU O 286 -33.22 8.61 24.79
CA GLU O 286 -33.21 9.14 23.44
C GLU O 286 -34.29 8.39 22.68
N GLU O 287 -34.12 7.09 22.43
CA GLU O 287 -35.15 6.36 21.70
C GLU O 287 -36.55 6.70 22.24
N PHE O 288 -37.14 5.86 23.07
CA PHE O 288 -38.47 6.14 23.65
C PHE O 288 -38.79 7.64 23.92
N ALA O 289 -37.75 8.44 24.09
CA ALA O 289 -37.95 9.85 24.31
C ALA O 289 -38.91 10.12 25.48
N GLY O 290 -38.56 9.53 26.64
CA GLY O 290 -39.38 9.73 27.83
C GLY O 290 -40.53 8.74 27.89
N PHE O 291 -40.59 7.82 26.93
CA PHE O 291 -41.70 6.90 26.95
C PHE O 291 -41.21 5.51 27.26
N PHE O 292 -40.55 5.39 28.40
CA PHE O 292 -40.01 4.12 28.83
C PHE O 292 -41.16 3.11 28.93
N PRO O 293 -40.90 1.85 28.56
CA PRO O 293 -41.91 0.80 28.63
C PRO O 293 -42.43 0.68 30.05
N THR O 294 -43.64 0.15 30.22
CA THR O 294 -44.18 0.04 31.57
C THR O 294 -43.17 -0.45 32.57
N TRP O 295 -42.53 -1.58 32.28
CA TRP O 295 -41.56 -2.14 33.23
C TRP O 295 -40.44 -1.21 33.64
N LEU O 296 -39.99 -0.39 32.71
CA LEU O 296 -38.89 0.53 32.96
C LEU O 296 -39.33 1.91 33.38
N ALA O 297 -40.61 2.10 33.58
CA ALA O 297 -41.09 3.43 33.93
C ALA O 297 -40.89 3.84 35.37
N PRO O 298 -40.23 4.97 35.60
CA PRO O 298 -40.04 5.43 36.98
C PRO O 298 -41.36 5.30 37.74
N VAL O 299 -42.43 5.83 37.17
CA VAL O 299 -43.70 5.62 37.80
C VAL O 299 -44.46 4.90 36.75
N GLN O 300 -45.19 3.87 37.17
CA GLN O 300 -45.95 3.06 36.25
C GLN O 300 -47.41 3.45 36.25
N VAL O 301 -47.93 3.83 37.40
CA VAL O 301 -49.34 4.20 37.43
C VAL O 301 -49.58 5.43 38.28
N VAL O 302 -50.72 6.07 38.10
CA VAL O 302 -51.07 7.23 38.88
C VAL O 302 -52.57 7.10 39.08
N ILE O 303 -53.04 7.23 40.32
CA ILE O 303 -54.47 7.12 40.60
C ILE O 303 -54.88 8.47 41.13
N MET O 304 -55.92 9.03 40.55
CA MET O 304 -56.39 10.34 40.99
C MET O 304 -57.90 10.44 41.15
N ASN O 305 -58.31 11.24 42.13
CA ASN O 305 -59.72 11.46 42.43
C ASN O 305 -60.19 12.68 41.66
N ILE O 306 -61.49 12.78 41.42
CA ILE O 306 -62.02 13.94 40.71
C ILE O 306 -62.39 15.02 41.69
N THR O 307 -62.92 14.59 42.83
CA THR O 307 -63.28 15.51 43.90
C THR O 307 -62.72 14.97 45.23
N ASP O 308 -62.79 15.78 46.27
CA ASP O 308 -62.28 15.40 47.58
C ASP O 308 -63.04 14.24 48.22
N SER O 309 -63.96 13.66 47.47
CA SER O 309 -64.77 12.55 47.95
C SER O 309 -64.04 11.21 47.80
N GLN O 310 -64.00 10.73 46.58
CA GLN O 310 -63.36 9.46 46.25
C GLN O 310 -61.89 9.42 46.66
N SER O 311 -61.40 10.48 47.31
CA SER O 311 -60.01 10.53 47.72
C SER O 311 -59.56 9.35 48.55
N GLU O 312 -60.46 8.79 49.35
CA GLU O 312 -60.10 7.65 50.17
C GLU O 312 -60.05 6.38 49.34
N TYR O 313 -60.99 6.27 48.41
CA TYR O 313 -61.07 5.12 47.52
C TYR O 313 -59.83 5.09 46.62
N VAL O 314 -59.15 6.23 46.52
CA VAL O 314 -57.95 6.32 45.71
C VAL O 314 -56.78 5.73 46.52
N ASN O 315 -56.65 6.20 47.76
CA ASN O 315 -55.60 5.71 48.65
C ASN O 315 -55.80 4.23 48.70
N GLU O 316 -57.07 3.88 48.71
CA GLU O 316 -57.51 2.51 48.75
C GLU O 316 -56.77 1.72 47.67
N LEU O 317 -57.01 2.11 46.42
CA LEU O 317 -56.43 1.41 45.28
C LEU O 317 -54.93 1.54 45.16
N THR O 318 -54.43 2.75 45.35
CA THR O 318 -53.00 2.96 45.22
C THR O 318 -52.34 1.95 46.11
N GLN O 319 -53.03 1.64 47.20
CA GLN O 319 -52.51 0.67 48.14
C GLN O 319 -52.49 -0.72 47.52
N LYS O 320 -53.68 -1.24 47.26
CA LYS O 320 -53.83 -2.55 46.68
C LYS O 320 -52.81 -2.75 45.56
N LEU O 321 -52.57 -1.68 44.80
CA LEU O 321 -51.64 -1.71 43.67
C LEU O 321 -50.18 -1.73 44.09
N SER O 322 -49.88 -1.06 45.20
CA SER O 322 -48.52 -1.01 45.71
C SER O 322 -48.11 -2.39 46.18
N ASN O 323 -49.08 -3.13 46.74
CA ASN O 323 -48.83 -4.47 47.23
C ASN O 323 -48.73 -5.36 46.04
N ALA O 324 -49.45 -5.00 44.99
CA ALA O 324 -49.45 -5.77 43.75
C ALA O 324 -48.03 -5.72 43.22
N GLY O 325 -47.27 -4.76 43.75
CA GLY O 325 -45.89 -4.56 43.34
C GLY O 325 -45.79 -3.66 42.15
N ILE O 326 -46.65 -2.66 42.08
CA ILE O 326 -46.66 -1.76 40.96
C ILE O 326 -46.27 -0.38 41.39
N ARG O 327 -45.27 0.19 40.72
CA ARG O 327 -44.86 1.53 41.06
C ARG O 327 -46.05 2.47 40.80
N VAL O 328 -46.87 2.66 41.83
CA VAL O 328 -48.04 3.52 41.67
C VAL O 328 -48.01 4.66 42.66
N LYS O 329 -48.76 5.71 42.38
CA LYS O 329 -48.82 6.90 43.23
C LYS O 329 -50.22 7.52 43.12
N ALA O 330 -50.65 8.24 44.15
CA ALA O 330 -51.97 8.84 44.17
C ALA O 330 -51.91 10.34 44.11
N ASP O 331 -52.63 10.94 43.16
CA ASP O 331 -52.62 12.38 43.05
C ASP O 331 -53.92 12.85 43.59
N LEU O 332 -53.98 13.03 44.89
CA LEU O 332 -55.23 13.49 45.49
C LEU O 332 -55.29 15.00 45.51
N ARG O 333 -54.19 15.62 45.11
CA ARG O 333 -54.08 17.08 45.11
C ARG O 333 -55.36 17.80 44.82
N ASN O 334 -55.48 19.02 45.34
CA ASN O 334 -56.68 19.81 45.10
C ASN O 334 -56.53 20.49 43.73
N GLU O 335 -56.82 19.72 42.68
CA GLU O 335 -56.68 20.22 41.32
C GLU O 335 -57.72 19.61 40.41
N LYS O 336 -57.97 20.32 39.31
CA LYS O 336 -58.91 19.85 38.32
C LYS O 336 -58.33 18.58 37.73
N ILE O 337 -59.16 17.54 37.63
CA ILE O 337 -58.69 16.29 37.07
C ILE O 337 -57.99 16.51 35.72
N GLY O 338 -58.51 17.45 34.95
CA GLY O 338 -57.90 17.75 33.67
C GLY O 338 -56.44 18.12 33.87
N PHE O 339 -56.16 18.89 34.91
CA PHE O 339 -54.79 19.30 35.18
C PHE O 339 -53.94 18.11 35.44
N LYS O 340 -54.38 17.29 36.38
CA LYS O 340 -53.67 16.08 36.74
C LYS O 340 -53.31 15.27 35.48
N ILE O 341 -54.30 14.92 34.69
CA ILE O 341 -54.07 14.14 33.48
C ILE O 341 -53.00 14.80 32.64
N ARG O 342 -53.04 16.12 32.59
CA ARG O 342 -52.07 16.85 31.83
C ARG O 342 -50.68 16.52 32.36
N GLU O 343 -50.34 17.16 33.48
CA GLU O 343 -49.05 17.01 34.15
C GLU O 343 -48.44 15.63 34.04
N HIS O 344 -49.20 14.62 34.41
CA HIS O 344 -48.67 13.28 34.37
C HIS O 344 -48.46 12.77 32.97
N THR O 345 -49.23 13.30 32.02
CA THR O 345 -49.04 12.81 30.67
C THR O 345 -47.70 13.29 30.18
N LEU O 346 -47.40 14.58 30.38
CA LEU O 346 -46.10 15.03 29.93
C LEU O 346 -45.01 14.51 30.85
N ARG O 347 -45.45 13.79 31.87
CA ARG O 347 -44.54 13.21 32.80
C ARG O 347 -44.28 11.80 32.25
N ARG O 348 -45.18 11.33 31.39
CA ARG O 348 -45.07 10.03 30.73
C ARG O 348 -45.55 8.78 31.48
N VAL O 349 -46.32 8.96 32.52
CA VAL O 349 -46.79 7.79 33.26
C VAL O 349 -47.54 6.82 32.35
N PRO O 350 -47.05 5.60 32.19
CA PRO O 350 -47.72 4.60 31.35
C PRO O 350 -49.22 4.48 31.55
N TYR O 351 -49.71 4.75 32.76
CA TYR O 351 -51.14 4.62 33.04
C TYR O 351 -51.68 5.59 34.06
N MET O 352 -52.88 6.06 33.79
CA MET O 352 -53.55 6.99 34.68
C MET O 352 -54.93 6.44 34.99
N LEU O 353 -55.28 6.45 36.26
CA LEU O 353 -56.55 5.95 36.72
C LEU O 353 -57.39 7.04 37.36
N VAL O 354 -58.55 7.27 36.76
CA VAL O 354 -59.48 8.26 37.26
C VAL O 354 -60.49 7.56 38.18
N CYS O 355 -60.68 8.14 39.35
CA CYS O 355 -61.64 7.61 40.28
C CYS O 355 -62.61 8.70 40.69
N GLY O 356 -63.80 8.63 40.11
CA GLY O 356 -64.83 9.61 40.41
C GLY O 356 -65.92 8.89 41.17
N ASP O 357 -66.95 9.61 41.56
CA ASP O 357 -68.04 8.98 42.30
C ASP O 357 -68.46 7.71 41.56
N LYS O 358 -68.69 7.81 40.26
CA LYS O 358 -69.10 6.66 39.47
C LYS O 358 -68.31 5.40 39.76
N GLU O 359 -66.99 5.47 39.66
CA GLU O 359 -66.13 4.30 39.88
C GLU O 359 -66.11 3.80 41.31
N VAL O 360 -66.40 4.66 42.28
CA VAL O 360 -66.40 4.28 43.69
C VAL O 360 -67.43 3.19 44.01
N GLU O 361 -68.61 3.33 43.42
CA GLU O 361 -69.68 2.36 43.60
C GLU O 361 -69.65 1.47 42.39
N SER O 362 -68.47 0.94 42.10
CA SER O 362 -68.27 0.07 40.95
C SER O 362 -67.06 -0.80 41.19
N GLY O 363 -66.13 -0.29 42.01
CA GLY O 363 -64.91 -1.02 42.26
C GLY O 363 -64.10 -0.98 40.99
N LYS O 364 -64.64 -0.28 39.99
CA LYS O 364 -64.00 -0.13 38.69
C LYS O 364 -63.08 1.09 38.71
N VAL O 365 -62.21 1.16 37.72
CA VAL O 365 -61.28 2.28 37.63
C VAL O 365 -61.25 2.79 36.23
N ALA O 366 -61.42 4.10 36.07
CA ALA O 366 -61.37 4.70 34.75
C ALA O 366 -59.91 4.66 34.27
N VAL O 367 -59.61 3.75 33.36
CA VAL O 367 -58.27 3.60 32.83
C VAL O 367 -58.01 4.46 31.60
N ARG O 368 -56.75 4.85 31.41
CA ARG O 368 -56.42 5.65 30.24
C ARG O 368 -54.91 5.71 30.00
N THR O 369 -54.44 5.16 28.89
CA THR O 369 -53.01 5.17 28.56
C THR O 369 -52.49 6.60 28.50
N ARG O 370 -51.15 6.76 28.52
CA ARG O 370 -50.53 8.09 28.49
C ARG O 370 -50.72 8.66 27.12
N ARG O 371 -50.73 7.76 26.14
CA ARG O 371 -50.93 8.10 24.74
C ARG O 371 -52.31 8.74 24.59
N GLY O 372 -53.15 8.60 25.61
CA GLY O 372 -54.46 9.20 25.56
C GLY O 372 -55.60 8.21 25.45
N LYS O 373 -55.36 7.09 24.77
CA LYS O 373 -56.43 6.12 24.57
C LYS O 373 -57.19 5.73 25.80
N ASP O 374 -58.36 6.32 25.97
CA ASP O 374 -59.20 6.01 27.12
C ASP O 374 -59.53 4.53 27.03
N LEU O 375 -59.03 3.75 27.97
CA LEU O 375 -59.30 2.32 27.97
C LEU O 375 -60.60 1.97 28.65
N GLY O 376 -61.36 3.00 29.01
CA GLY O 376 -62.64 2.79 29.67
C GLY O 376 -62.52 2.10 31.01
N SER O 377 -63.35 2.50 31.97
CA SER O 377 -63.31 1.90 33.32
C SER O 377 -63.29 0.37 33.27
N MET O 378 -62.54 -0.22 34.19
CA MET O 378 -62.43 -1.67 34.26
C MET O 378 -62.11 -2.16 35.67
N ASP O 379 -62.38 -3.44 35.86
CA ASP O 379 -62.18 -4.17 37.11
C ASP O 379 -60.79 -3.93 37.66
N VAL O 380 -60.68 -3.76 38.97
CA VAL O 380 -59.40 -3.50 39.63
C VAL O 380 -58.37 -4.62 39.40
N ASN O 381 -58.62 -5.78 39.98
CA ASN O 381 -57.70 -6.89 39.83
C ASN O 381 -57.34 -7.00 38.37
N GLU O 382 -58.35 -6.85 37.52
CA GLU O 382 -58.16 -6.92 36.09
C GLU O 382 -56.98 -6.07 35.61
N VAL O 383 -57.00 -4.80 36.00
CA VAL O 383 -55.94 -3.87 35.62
C VAL O 383 -54.63 -4.41 36.17
N ILE O 384 -54.65 -4.77 37.44
CA ILE O 384 -53.46 -5.31 38.09
C ILE O 384 -52.91 -6.49 37.29
N GLU O 385 -53.62 -7.60 37.32
CA GLU O 385 -53.19 -8.80 36.61
C GLU O 385 -52.61 -8.45 35.24
N LYS O 386 -53.25 -7.50 34.59
CA LYS O 386 -52.83 -7.08 33.26
C LYS O 386 -51.54 -6.27 33.28
N LEU O 387 -51.41 -5.33 34.23
CA LEU O 387 -50.19 -4.51 34.37
C LEU O 387 -49.02 -5.41 34.67
N GLN O 388 -49.20 -6.28 35.68
CA GLN O 388 -48.18 -7.22 36.09
C GLN O 388 -47.72 -7.99 34.88
N GLN O 389 -48.69 -8.45 34.10
CA GLN O 389 -48.40 -9.18 32.89
C GLN O 389 -47.45 -8.36 32.01
N GLU O 390 -47.82 -7.10 31.80
CA GLU O 390 -47.04 -6.22 30.97
C GLU O 390 -45.67 -5.99 31.54
N ILE O 391 -45.59 -5.87 32.87
CA ILE O 391 -44.32 -5.61 33.56
C ILE O 391 -43.49 -6.87 33.56
N ARG O 392 -44.08 -7.94 34.04
CA ARG O 392 -43.39 -9.21 34.12
C ARG O 392 -42.74 -9.59 32.78
N SER O 393 -43.37 -9.20 31.67
CA SER O 393 -42.86 -9.56 30.35
C SER O 393 -42.00 -8.47 29.73
N ARG O 394 -41.87 -7.37 30.48
CA ARG O 394 -41.13 -6.19 30.04
C ARG O 394 -41.52 -5.86 28.59
N SER O 395 -42.81 -5.92 28.34
CA SER O 395 -43.31 -5.65 27.00
C SER O 395 -43.28 -4.18 26.73
N LEU O 396 -43.00 -3.83 25.48
CA LEU O 396 -42.92 -2.44 25.11
C LEU O 396 -44.30 -1.83 24.92
N LYS O 397 -45.21 -2.59 24.34
CA LYS O 397 -46.54 -2.06 24.08
C LYS O 397 -47.41 -2.16 25.31
N GLN O 398 -48.21 -1.12 25.54
CA GLN O 398 -49.12 -1.07 26.67
C GLN O 398 -50.42 -1.84 26.39
N LEU O 399 -51.32 -1.90 27.36
CA LEU O 399 -52.58 -2.62 27.19
C LEU O 399 -53.41 -2.05 26.05
N GLU O 400 -53.90 -2.94 25.20
CA GLU O 400 -54.73 -2.57 24.05
C GLU O 400 -54.01 -1.87 22.89
N GLU O 401 -52.69 -2.02 22.79
CA GLU O 401 -51.96 -1.37 21.69
C GLU O 401 -51.00 -2.35 21.01
N ARG P 1 -6.62 31.37 -29.84
CA ARG P 1 -5.16 31.65 -29.82
C ARG P 1 -4.80 32.81 -30.76
N ASP P 2 -3.48 33.04 -30.93
CA ASP P 2 -2.96 34.11 -31.80
C ASP P 2 -3.08 33.72 -33.28
N HIS P 3 -3.68 34.61 -34.07
CA HIS P 3 -3.86 34.31 -35.49
C HIS P 3 -2.55 33.86 -36.10
N ARG P 4 -1.51 34.67 -35.93
CA ARG P 4 -0.21 34.30 -36.47
C ARG P 4 0.12 32.83 -36.32
N LYS P 5 -0.35 32.23 -35.23
CA LYS P 5 -0.08 30.83 -35.04
C LYS P 5 -1.07 30.03 -35.81
N ILE P 6 -2.35 30.29 -35.56
CA ILE P 6 -3.44 29.55 -36.23
C ILE P 6 -3.20 29.60 -37.73
N GLY P 7 -2.64 30.73 -38.17
CA GLY P 7 -2.32 30.91 -39.57
C GLY P 7 -1.33 29.84 -39.98
N LYS P 8 -0.14 29.85 -39.38
CA LYS P 8 0.88 28.85 -39.70
C LYS P 8 0.30 27.47 -39.54
N GLN P 9 -0.63 27.40 -38.60
CA GLN P 9 -1.32 26.16 -38.26
C GLN P 9 -2.14 25.58 -39.40
N LEU P 10 -3.13 26.37 -39.82
CA LEU P 10 -4.04 25.99 -40.89
C LEU P 10 -3.57 26.35 -42.32
N ASP P 11 -2.28 26.62 -42.45
CA ASP P 11 -1.65 26.97 -43.72
C ASP P 11 -2.36 28.15 -44.40
N LEU P 12 -2.95 29.02 -43.60
CA LEU P 12 -3.63 30.15 -44.14
C LEU P 12 -2.71 31.12 -44.86
N TYR P 13 -1.42 31.05 -44.53
CA TYR P 13 -0.45 31.93 -45.17
C TYR P 13 0.91 31.86 -44.53
N HIS P 14 1.80 32.77 -44.93
CA HIS P 14 3.16 32.84 -44.40
C HIS P 14 3.74 34.17 -44.81
N MET P 15 4.87 34.56 -44.22
CA MET P 15 5.56 35.81 -44.57
C MET P 15 7.07 35.61 -44.59
N GLN P 16 7.76 36.36 -45.43
CA GLN P 16 9.20 36.20 -45.51
C GLN P 16 9.81 37.53 -45.21
N GLU P 17 11.10 37.53 -44.88
CA GLU P 17 11.77 38.78 -44.55
C GLU P 17 12.09 39.65 -45.77
N GLU P 18 12.38 39.03 -46.92
CA GLU P 18 12.68 39.80 -48.11
C GLU P 18 11.45 40.56 -48.59
N ALA P 19 10.32 40.30 -47.93
CA ALA P 19 9.05 40.95 -48.24
C ALA P 19 8.36 41.27 -46.92
N PRO P 20 8.89 42.26 -46.21
CA PRO P 20 8.41 42.75 -44.92
C PRO P 20 7.07 43.43 -44.93
N GLY P 21 6.14 42.86 -44.19
CA GLY P 21 4.82 43.43 -44.08
C GLY P 21 4.01 43.15 -45.32
N MET P 22 4.39 42.09 -46.03
CA MET P 22 3.74 41.66 -47.27
C MET P 22 3.30 40.22 -47.10
N VAL P 23 1.99 40.00 -47.25
CA VAL P 23 1.47 38.65 -47.08
C VAL P 23 1.60 37.71 -48.26
N PHE P 24 1.92 36.47 -47.99
CA PHE P 24 2.02 35.47 -49.04
C PHE P 24 0.80 34.56 -48.88
N TRP P 25 -0.39 35.09 -49.20
CA TRP P 25 -1.59 34.30 -49.07
C TRP P 25 -1.53 32.91 -49.69
N HIS P 26 -1.63 31.92 -48.83
CA HIS P 26 -1.60 30.53 -49.25
C HIS P 26 -2.99 30.23 -49.70
N ASN P 27 -3.12 29.08 -50.35
CA ASN P 27 -4.40 28.69 -50.86
C ASN P 27 -5.57 28.87 -49.89
N ASP P 28 -5.47 28.24 -48.73
CA ASP P 28 -6.56 28.29 -47.77
C ASP P 28 -6.87 29.65 -47.24
N GLY P 29 -5.84 30.44 -46.99
CA GLY P 29 -6.09 31.76 -46.48
C GLY P 29 -6.83 32.50 -47.58
N TRP P 30 -6.33 32.32 -48.81
CA TRP P 30 -6.94 32.99 -49.94
C TRP P 30 -8.43 32.79 -49.94
N THR P 31 -8.83 31.52 -49.90
CA THR P 31 -10.25 31.16 -49.89
C THR P 31 -11.06 32.02 -48.92
N ILE P 32 -10.48 32.27 -47.75
CA ILE P 32 -11.17 33.04 -46.74
C ILE P 32 -11.27 34.46 -47.25
N PHE P 33 -10.12 34.94 -47.72
CA PHE P 33 -10.01 36.29 -48.22
C PHE P 33 -11.09 36.50 -49.27
N ARG P 34 -11.01 35.62 -50.28
CA ARG P 34 -11.92 35.65 -51.41
C ARG P 34 -13.37 35.58 -50.92
N GLU P 35 -13.68 34.56 -50.13
CA GLU P 35 -15.03 34.36 -49.65
C GLU P 35 -15.58 35.60 -48.95
N LEU P 36 -14.68 36.43 -48.44
CA LEU P 36 -15.10 37.63 -47.75
C LEU P 36 -15.52 38.65 -48.78
N GLU P 37 -14.82 38.63 -49.90
CA GLU P 37 -15.13 39.56 -50.98
C GLU P 37 -16.58 39.33 -51.42
N VAL P 38 -16.85 38.08 -51.79
CA VAL P 38 -18.17 37.68 -52.24
C VAL P 38 -19.19 38.16 -51.25
N PHE P 39 -18.83 38.14 -49.98
CA PHE P 39 -19.72 38.56 -48.93
C PHE P 39 -20.00 40.07 -49.06
N VAL P 40 -18.90 40.83 -49.14
CA VAL P 40 -18.96 42.29 -49.24
C VAL P 40 -19.78 42.68 -50.46
N ARG P 41 -19.42 42.08 -51.61
CA ARG P 41 -20.13 42.32 -52.86
C ARG P 41 -21.61 42.26 -52.50
N SER P 42 -22.02 41.08 -52.06
CA SER P 42 -23.36 40.79 -51.63
C SER P 42 -24.05 41.90 -50.81
N LYS P 43 -23.42 42.29 -49.72
CA LYS P 43 -24.04 43.33 -48.90
C LYS P 43 -24.15 44.66 -49.65
N LEU P 44 -23.17 44.93 -50.50
CA LEU P 44 -23.16 46.18 -51.24
C LEU P 44 -24.24 46.27 -52.33
N LYS P 45 -24.56 45.14 -52.94
CA LYS P 45 -25.56 45.10 -53.99
C LYS P 45 -26.82 45.82 -53.61
N GLU P 46 -27.35 45.51 -52.45
CA GLU P 46 -28.56 46.17 -51.98
C GLU P 46 -28.46 47.67 -52.16
N TYR P 47 -27.44 48.26 -51.55
CA TYR P 47 -27.19 49.71 -51.58
C TYR P 47 -26.68 50.24 -52.92
N GLN P 48 -26.54 49.33 -53.88
CA GLN P 48 -26.10 49.67 -55.22
C GLN P 48 -24.83 50.48 -55.26
N TYR P 49 -23.74 49.77 -55.15
CA TYR P 49 -22.45 50.41 -55.18
C TYR P 49 -21.87 50.00 -56.51
N GLN P 50 -20.94 50.81 -57.00
CA GLN P 50 -20.27 50.49 -58.25
C GLN P 50 -18.98 49.86 -57.84
N GLU P 51 -18.56 48.79 -58.47
CA GLU P 51 -17.26 48.25 -58.14
C GLU P 51 -16.30 48.52 -59.29
N VAL P 52 -15.35 49.44 -59.04
CA VAL P 52 -14.34 49.84 -60.00
C VAL P 52 -13.03 49.14 -59.77
N LYS P 53 -11.93 49.80 -60.08
CA LYS P 53 -10.59 49.25 -59.88
C LYS P 53 -9.56 50.22 -60.43
N GLY P 54 -8.83 50.90 -59.55
CA GLY P 54 -7.88 51.89 -60.02
C GLY P 54 -6.42 51.49 -60.16
N PRO P 55 -5.66 52.35 -60.83
CA PRO P 55 -4.23 52.14 -61.05
C PRO P 55 -3.46 51.92 -59.77
N PHE P 56 -2.51 51.03 -59.92
CA PHE P 56 -1.63 50.56 -58.90
C PHE P 56 -0.64 51.64 -58.50
N MET P 57 -0.70 52.75 -59.24
CA MET P 57 0.16 53.90 -59.02
C MET P 57 -0.11 54.99 -60.05
N MET P 58 -0.04 56.24 -59.60
CA MET P 58 -0.26 57.38 -60.45
C MET P 58 0.92 58.35 -60.35
N ASP P 59 0.81 59.50 -60.99
CA ASP P 59 1.88 60.47 -60.98
C ASP P 59 1.97 61.26 -59.69
N ARG P 60 3.20 61.32 -59.17
CA ARG P 60 3.51 62.05 -57.94
C ARG P 60 2.81 63.40 -57.95
N VAL P 61 2.79 64.02 -59.11
CA VAL P 61 2.18 65.33 -59.27
C VAL P 61 0.76 65.32 -58.73
N LEU P 62 0.07 64.22 -58.98
CA LEU P 62 -1.30 64.07 -58.56
C LEU P 62 -1.37 64.22 -57.06
N TRP P 63 -0.70 63.33 -56.35
CA TRP P 63 -0.73 63.37 -54.92
C TRP P 63 -0.29 64.71 -54.34
N GLU P 64 0.56 65.43 -55.04
CA GLU P 64 0.99 66.71 -54.50
C GLU P 64 -0.28 67.51 -54.36
N LYS P 65 -1.15 67.42 -55.36
CA LYS P 65 -2.40 68.16 -55.33
C LYS P 65 -3.36 67.76 -54.23
N THR P 66 -3.64 66.46 -54.12
CA THR P 66 -4.57 65.96 -53.09
C THR P 66 -4.11 66.43 -51.73
N GLY P 67 -2.82 66.26 -51.45
CA GLY P 67 -2.25 66.66 -50.18
C GLY P 67 -1.36 65.57 -49.64
N HIS P 68 -1.58 64.36 -50.12
CA HIS P 68 -0.81 63.23 -49.67
C HIS P 68 0.67 63.51 -49.64
N TRP P 69 1.15 64.17 -50.66
CA TRP P 69 2.56 64.46 -50.72
C TRP P 69 3.07 65.37 -49.60
N ASP P 70 2.23 66.28 -49.15
CA ASP P 70 2.64 67.22 -48.12
C ASP P 70 2.32 66.83 -46.71
N ASN P 71 1.67 65.68 -46.53
CA ASN P 71 1.37 65.19 -45.20
C ASN P 71 1.04 63.72 -45.25
N TYR P 72 1.99 62.92 -45.73
CA TYR P 72 1.78 61.49 -45.84
C TYR P 72 2.92 60.91 -46.65
N LYS P 73 3.63 61.80 -47.31
CA LYS P 73 4.73 61.38 -48.18
C LYS P 73 5.70 60.42 -47.49
N ASP P 74 5.69 60.42 -46.16
CA ASP P 74 6.57 59.56 -45.37
C ASP P 74 6.12 58.10 -45.39
N ALA P 75 4.81 57.89 -45.52
CA ALA P 75 4.27 56.55 -45.55
C ALA P 75 4.07 56.06 -46.98
N MET P 76 4.39 56.92 -47.94
CA MET P 76 4.22 56.63 -49.36
C MET P 76 5.40 55.98 -50.04
N PHE P 77 5.13 54.99 -50.88
CA PHE P 77 6.18 54.29 -51.59
C PHE P 77 6.29 54.95 -52.96
N THR P 78 7.46 54.90 -53.59
CA THR P 78 7.60 55.55 -54.91
C THR P 78 8.55 54.89 -55.90
N THR P 79 8.16 54.95 -57.18
CA THR P 79 8.94 54.43 -58.31
C THR P 79 8.86 55.47 -59.38
N SER P 80 9.44 55.15 -60.54
CA SER P 80 9.44 56.05 -61.67
C SER P 80 10.05 55.46 -62.93
N SER P 81 9.58 55.96 -64.07
CA SER P 81 10.07 55.55 -65.38
C SER P 81 10.74 56.79 -65.99
N GLU P 82 11.32 56.65 -67.18
CA GLU P 82 11.96 57.79 -67.84
C GLU P 82 11.00 58.95 -67.73
N ASN P 83 9.74 58.62 -68.03
CA ASN P 83 8.61 59.54 -67.98
C ASN P 83 8.66 60.40 -66.69
N ARG P 84 7.75 60.13 -65.76
CA ARG P 84 7.67 60.88 -64.50
C ARG P 84 8.09 60.04 -63.32
N GLU P 85 7.49 60.36 -62.17
CA GLU P 85 7.72 59.65 -60.92
C GLU P 85 6.36 59.40 -60.27
N TYR P 86 6.11 58.15 -59.94
CA TYR P 86 4.82 57.81 -59.35
C TYR P 86 4.93 57.34 -57.90
N CYS P 87 3.79 57.39 -57.22
CA CYS P 87 3.66 56.92 -55.85
C CYS P 87 2.77 55.69 -55.91
N ILE P 88 3.11 54.64 -55.18
CA ILE P 88 2.28 53.47 -55.17
C ILE P 88 1.11 53.87 -54.30
N LYS P 89 -0.11 53.64 -54.77
CA LYS P 89 -1.25 54.07 -53.99
C LYS P 89 -1.36 53.61 -52.54
N PRO P 90 -1.59 54.55 -51.63
CA PRO P 90 -1.75 54.41 -50.18
C PRO P 90 -3.26 54.21 -49.96
N MET P 91 -4.04 54.99 -50.67
CA MET P 91 -5.50 54.96 -50.61
C MET P 91 -6.01 54.89 -52.06
N ASN P 92 -7.33 54.79 -52.24
CA ASN P 92 -7.87 54.71 -53.60
C ASN P 92 -8.78 55.90 -53.83
N CYS P 93 -8.80 56.78 -52.85
CA CYS P 93 -9.61 57.99 -52.91
C CYS P 93 -9.27 58.76 -54.22
N PRO P 94 -8.00 59.21 -54.40
CA PRO P 94 -7.62 59.96 -55.60
C PRO P 94 -8.14 59.24 -56.84
N GLY P 95 -7.72 57.99 -57.01
CA GLY P 95 -8.17 57.19 -58.13
C GLY P 95 -9.67 57.32 -58.42
N HIS P 96 -10.51 57.00 -57.45
CA HIS P 96 -11.96 57.07 -57.65
C HIS P 96 -12.42 58.40 -58.15
N VAL P 97 -11.78 59.47 -57.71
CA VAL P 97 -12.15 60.79 -58.18
C VAL P 97 -11.90 60.93 -59.69
N GLN P 98 -10.80 60.36 -60.15
CA GLN P 98 -10.45 60.41 -61.55
C GLN P 98 -11.59 59.78 -62.33
N ILE P 99 -11.94 58.55 -61.95
CA ILE P 99 -13.03 57.81 -62.56
C ILE P 99 -14.34 58.60 -62.47
N PHE P 100 -14.47 59.41 -61.43
CA PHE P 100 -15.68 60.20 -61.30
C PHE P 100 -15.72 61.35 -62.28
N ASN P 101 -14.53 61.88 -62.54
CA ASN P 101 -14.38 63.02 -63.41
C ASN P 101 -14.65 62.77 -64.90
N GLN P 102 -14.65 61.51 -65.34
CA GLN P 102 -14.96 61.23 -66.72
C GLN P 102 -16.41 61.65 -67.03
N GLY P 103 -16.59 62.65 -67.87
CA GLY P 103 -17.94 63.06 -68.21
C GLY P 103 -18.55 64.10 -67.30
N LEU P 104 -19.68 64.64 -67.72
CA LEU P 104 -20.34 65.64 -66.93
C LEU P 104 -21.38 64.97 -66.02
N LYS P 105 -21.21 65.13 -64.70
CA LYS P 105 -22.15 64.53 -63.76
C LYS P 105 -23.13 65.58 -63.25
N SER P 106 -24.41 65.23 -63.27
CA SER P 106 -25.44 66.14 -62.78
C SER P 106 -25.76 65.71 -61.36
N TYR P 107 -26.55 66.51 -60.67
CA TYR P 107 -26.91 66.16 -59.30
C TYR P 107 -27.59 64.79 -59.32
N ARG P 108 -28.37 64.55 -60.37
CA ARG P 108 -29.09 63.31 -60.46
C ARG P 108 -28.22 62.06 -60.51
N ASP P 109 -26.91 62.23 -60.64
CA ASP P 109 -26.02 61.08 -60.69
C ASP P 109 -25.66 60.77 -59.26
N LEU P 110 -26.13 61.64 -58.37
CA LEU P 110 -25.89 61.54 -56.92
C LEU P 110 -27.09 60.99 -56.11
N PRO P 111 -26.80 60.30 -55.02
CA PRO P 111 -25.47 59.97 -54.51
C PRO P 111 -24.75 58.91 -55.34
N LEU P 112 -23.46 59.14 -55.54
CA LEU P 112 -22.68 58.21 -56.33
C LEU P 112 -21.87 57.29 -55.44
N ARG P 113 -22.26 56.02 -55.39
CA ARG P 113 -21.53 55.08 -54.54
C ARG P 113 -20.50 54.22 -55.24
N MET P 114 -19.26 54.65 -55.14
CA MET P 114 -18.22 53.91 -55.81
C MET P 114 -17.31 53.15 -54.89
N ALA P 115 -17.39 51.83 -54.96
CA ALA P 115 -16.54 51.00 -54.14
C ALA P 115 -15.47 50.24 -54.92
N GLU P 116 -14.51 49.66 -54.22
CA GLU P 116 -13.42 48.92 -54.86
C GLU P 116 -12.64 48.15 -53.79
N PHE P 117 -12.16 46.96 -54.13
CA PHE P 117 -11.38 46.18 -53.18
C PHE P 117 -9.98 46.63 -53.51
N GLY P 118 -9.72 47.90 -53.18
CA GLY P 118 -8.45 48.57 -53.44
C GLY P 118 -7.20 48.18 -52.68
N SER P 119 -6.28 47.57 -53.40
CA SER P 119 -5.03 47.17 -52.82
C SER P 119 -4.11 48.36 -52.51
N CYS P 120 -3.90 48.64 -51.22
CA CYS P 120 -3.03 49.74 -50.82
C CYS P 120 -1.65 49.35 -50.32
N HIS P 121 -0.78 50.35 -50.22
CA HIS P 121 0.59 50.15 -49.74
C HIS P 121 1.08 51.32 -48.94
N ARG P 122 1.67 51.01 -47.79
CA ARG P 122 2.14 52.04 -46.91
C ARG P 122 3.42 51.60 -46.27
N ASN P 123 4.34 52.54 -46.16
CA ASN P 123 5.64 52.26 -45.54
C ASN P 123 5.46 52.40 -44.01
N GLU P 124 4.85 51.37 -43.42
CA GLU P 124 4.61 51.36 -42.01
C GLU P 124 5.97 51.09 -41.38
N PRO P 125 6.30 51.86 -40.32
CA PRO P 125 7.58 51.71 -39.61
C PRO P 125 7.84 50.27 -39.18
N SER P 126 9.00 49.74 -39.58
CA SER P 126 9.42 48.37 -39.24
C SER P 126 8.83 47.89 -37.92
N GLY P 127 8.97 48.72 -36.89
CA GLY P 127 8.46 48.36 -35.59
C GLY P 127 6.96 48.14 -35.47
N SER P 128 6.17 49.02 -36.07
CA SER P 128 4.73 48.88 -35.96
C SER P 128 4.06 47.69 -36.65
N LEU P 129 4.83 46.89 -37.37
CA LEU P 129 4.22 45.76 -38.07
C LEU P 129 3.73 44.71 -37.11
N HIS P 130 2.77 43.90 -37.55
CA HIS P 130 2.19 42.84 -36.72
C HIS P 130 1.26 41.94 -37.52
N GLY P 131 1.63 40.67 -37.64
CA GLY P 131 0.83 39.71 -38.38
C GLY P 131 0.00 40.29 -39.51
N LEU P 132 -1.28 39.95 -39.56
CA LEU P 132 -2.14 40.46 -40.62
C LEU P 132 -2.76 41.77 -40.15
N MET P 133 -2.51 42.14 -38.91
CA MET P 133 -3.17 43.33 -38.40
C MET P 133 -2.59 44.63 -38.86
N ARG P 134 -1.27 44.70 -38.93
CA ARG P 134 -0.58 45.92 -39.37
C ARG P 134 0.47 45.46 -40.35
N VAL P 135 0.19 45.65 -41.63
CA VAL P 135 1.07 45.24 -42.72
C VAL P 135 1.41 46.38 -43.63
N ARG P 136 2.45 46.19 -44.44
CA ARG P 136 2.89 47.21 -45.39
C ARG P 136 2.00 47.22 -46.66
N GLY P 137 1.50 46.03 -47.01
CA GLY P 137 0.63 45.87 -48.17
C GLY P 137 -0.72 45.15 -47.92
N PHE P 138 -1.78 45.92 -47.87
CA PHE P 138 -3.10 45.34 -47.65
C PHE P 138 -4.18 45.69 -48.71
N THR P 139 -5.43 45.33 -48.42
CA THR P 139 -6.50 45.54 -49.38
C THR P 139 -7.77 46.12 -48.82
N GLN P 140 -7.90 47.43 -48.79
CA GLN P 140 -9.14 48.03 -48.26
C GLN P 140 -10.38 47.56 -48.99
N ASP P 141 -11.52 47.60 -48.33
CA ASP P 141 -12.76 47.19 -48.93
C ASP P 141 -13.55 48.52 -49.03
N ASP P 142 -12.83 49.62 -49.20
CA ASP P 142 -13.55 50.89 -49.22
C ASP P 142 -14.32 51.25 -50.44
N ALA P 143 -14.79 52.47 -50.36
CA ALA P 143 -15.60 53.04 -51.39
C ALA P 143 -15.60 54.50 -51.05
N HIS P 144 -16.05 55.34 -51.99
CA HIS P 144 -16.17 56.74 -51.73
C HIS P 144 -17.52 57.12 -52.26
N ILE P 145 -18.21 57.95 -51.50
CA ILE P 145 -19.52 58.39 -51.92
C ILE P 145 -19.47 59.84 -52.29
N PHE P 146 -20.02 60.15 -53.46
CA PHE P 146 -20.07 61.51 -53.97
C PHE P 146 -21.50 61.92 -53.74
N CYS P 147 -21.71 63.05 -53.08
CA CYS P 147 -23.07 63.49 -52.81
C CYS P 147 -23.22 64.94 -52.38
N THR P 148 -24.45 65.40 -52.46
CA THR P 148 -24.80 66.76 -52.06
C THR P 148 -24.73 66.64 -50.56
N GLU P 149 -24.84 67.74 -49.82
CA GLU P 149 -24.73 67.60 -48.38
C GLU P 149 -26.00 67.30 -47.64
N GLU P 150 -27.14 67.43 -48.32
CA GLU P 150 -28.39 67.08 -47.66
C GLU P 150 -28.33 65.56 -47.64
N GLN P 151 -27.55 65.03 -48.55
CA GLN P 151 -27.40 63.60 -48.65
C GLN P 151 -26.43 63.10 -47.58
N ILE P 152 -25.56 63.98 -47.07
CA ILE P 152 -24.59 63.57 -46.07
C ILE P 152 -25.21 62.72 -44.99
N ARG P 153 -26.33 63.18 -44.43
CA ARG P 153 -26.94 62.39 -43.39
C ARG P 153 -27.18 60.95 -43.84
N ASP P 154 -28.32 60.75 -44.48
CA ASP P 154 -28.72 59.42 -44.94
C ASP P 154 -27.54 58.65 -45.41
N GLU P 155 -26.62 59.34 -46.04
CA GLU P 155 -25.46 58.68 -46.58
C GLU P 155 -24.54 58.10 -45.52
N VAL P 156 -24.29 58.89 -44.48
CA VAL P 156 -23.43 58.43 -43.39
C VAL P 156 -24.12 57.32 -42.62
N ASN P 157 -25.40 57.55 -42.29
CA ASN P 157 -26.17 56.56 -41.58
C ASN P 157 -26.06 55.22 -42.32
N GLY P 158 -26.42 55.24 -43.59
CA GLY P 158 -26.35 54.03 -44.37
C GLY P 158 -25.05 53.29 -44.15
N CYS P 159 -23.98 54.05 -43.94
CA CYS P 159 -22.66 53.47 -43.73
C CYS P 159 -22.65 52.77 -42.41
N ILE P 160 -22.99 53.54 -41.38
CA ILE P 160 -23.04 53.04 -40.02
C ILE P 160 -23.78 51.70 -40.06
N ARG P 161 -25.07 51.79 -40.41
CA ARG P 161 -25.94 50.65 -40.50
C ARG P 161 -25.26 49.46 -41.14
N LEU P 162 -24.55 49.72 -42.21
CA LEU P 162 -23.87 48.67 -42.93
C LEU P 162 -22.81 47.98 -42.11
N VAL P 163 -22.09 48.77 -41.32
CA VAL P 163 -20.99 48.27 -40.47
C VAL P 163 -21.52 47.26 -39.45
N TYR P 164 -22.61 47.66 -38.80
CA TYR P 164 -23.22 46.83 -37.80
C TYR P 164 -23.82 45.60 -38.46
N ASP P 165 -24.81 45.84 -39.30
CA ASP P 165 -25.47 44.77 -40.02
C ASP P 165 -24.48 43.78 -40.63
N MET P 166 -23.27 44.21 -40.87
CA MET P 166 -22.34 43.29 -41.48
C MET P 166 -21.52 42.57 -40.40
N TYR P 167 -21.11 43.33 -39.39
CA TYR P 167 -20.32 42.77 -38.31
C TYR P 167 -21.14 41.69 -37.64
N SER P 168 -22.41 42.00 -37.47
CA SER P 168 -23.34 41.08 -36.85
C SER P 168 -23.26 39.69 -37.47
N THR P 169 -22.85 39.57 -38.71
CA THR P 169 -22.75 38.26 -39.31
C THR P 169 -21.76 37.39 -38.58
N PHE P 170 -20.78 38.05 -37.98
CA PHE P 170 -19.68 37.37 -37.30
C PHE P 170 -19.93 37.33 -35.81
N GLY P 171 -21.01 37.99 -35.39
CA GLY P 171 -21.39 38.02 -33.99
C GLY P 171 -20.31 38.66 -33.17
N PHE P 172 -20.01 39.90 -33.48
CA PHE P 172 -18.99 40.59 -32.72
C PHE P 172 -19.65 41.21 -31.52
N GLU P 173 -18.97 41.13 -30.39
CA GLU P 173 -19.50 41.69 -29.17
C GLU P 173 -18.90 43.05 -28.92
N LYS P 174 -17.56 43.09 -28.93
CA LYS P 174 -16.84 44.34 -28.70
C LYS P 174 -16.67 45.13 -29.98
N ILE P 175 -17.45 46.22 -30.06
CA ILE P 175 -17.48 47.17 -31.19
C ILE P 175 -17.50 48.56 -30.58
N VAL P 176 -16.33 49.16 -30.40
CA VAL P 176 -16.30 50.49 -29.80
C VAL P 176 -15.96 51.64 -30.76
N VAL P 177 -16.78 52.68 -30.67
CA VAL P 177 -16.66 53.84 -31.51
C VAL P 177 -15.81 54.99 -30.96
N LYS P 178 -15.08 55.62 -31.88
CA LYS P 178 -14.22 56.77 -31.58
C LYS P 178 -14.47 57.82 -32.70
N LEU P 179 -14.28 59.11 -32.41
CA LEU P 179 -14.50 60.13 -33.44
C LEU P 179 -13.32 61.07 -33.56
N SER P 180 -12.27 60.59 -34.23
CA SER P 180 -11.02 61.33 -34.45
C SER P 180 -11.24 62.73 -35.03
N THR P 181 -10.72 63.76 -34.38
CA THR P 181 -10.90 65.15 -34.82
C THR P 181 -9.66 65.79 -35.46
N ARG P 182 -9.89 66.84 -36.26
CA ARG P 182 -8.82 67.54 -36.99
C ARG P 182 -7.42 67.32 -36.48
N PRO P 183 -6.62 66.54 -37.23
CA PRO P 183 -5.24 66.21 -36.87
C PRO P 183 -4.36 67.41 -37.01
N GLU P 184 -3.09 67.18 -36.74
CA GLU P 184 -2.09 68.23 -36.84
C GLU P 184 -2.13 68.85 -38.23
N LYS P 185 -1.71 68.06 -39.21
CA LYS P 185 -1.65 68.51 -40.59
C LYS P 185 -2.87 68.17 -41.43
N ARG P 186 -3.90 68.99 -41.33
CA ARG P 186 -5.11 68.77 -42.12
C ARG P 186 -5.03 69.61 -43.39
N ILE P 187 -6.09 69.65 -44.19
CA ILE P 187 -6.04 70.40 -45.42
C ILE P 187 -7.25 71.29 -45.68
N GLY P 188 -8.20 71.35 -44.76
CA GLY P 188 -9.36 72.20 -44.97
C GLY P 188 -9.47 73.34 -43.98
N SER P 189 -10.27 74.35 -44.28
CA SER P 189 -10.41 75.48 -43.36
C SER P 189 -11.08 75.03 -42.07
N ASP P 190 -10.70 75.63 -40.97
CA ASP P 190 -11.30 75.24 -39.73
C ASP P 190 -12.80 75.25 -39.94
N GLU P 191 -13.29 76.34 -40.49
CA GLU P 191 -14.71 76.47 -40.75
C GLU P 191 -15.27 75.17 -41.37
N MET P 192 -14.49 74.57 -42.27
CA MET P 192 -14.91 73.33 -42.91
C MET P 192 -14.91 72.17 -41.92
N TRP P 193 -13.78 71.98 -41.24
CA TRP P 193 -13.66 70.91 -40.25
C TRP P 193 -14.75 71.02 -39.18
N ASP P 194 -15.10 72.24 -38.79
CA ASP P 194 -16.15 72.46 -37.80
C ASP P 194 -17.37 71.67 -38.28
N ARG P 195 -17.94 72.10 -39.39
CA ARG P 195 -19.08 71.44 -39.96
C ARG P 195 -18.82 69.92 -40.05
N ALA P 196 -17.77 69.53 -40.76
CA ALA P 196 -17.42 68.12 -40.94
C ALA P 196 -17.48 67.29 -39.67
N GLU P 197 -16.81 67.77 -38.62
CA GLU P 197 -16.78 67.10 -37.34
C GLU P 197 -18.18 67.03 -36.76
N ALA P 198 -18.81 68.19 -36.64
CA ALA P 198 -20.18 68.29 -36.13
C ALA P 198 -20.99 67.19 -36.80
N ASP P 199 -21.21 67.32 -38.12
CA ASP P 199 -21.96 66.35 -38.91
C ASP P 199 -21.75 64.92 -38.44
N LEU P 200 -20.50 64.45 -38.43
CA LEU P 200 -20.20 63.10 -38.00
C LEU P 200 -20.74 62.81 -36.58
N ALA P 201 -20.34 63.65 -35.62
CA ALA P 201 -20.80 63.51 -34.26
C ALA P 201 -22.33 63.36 -34.25
N VAL P 202 -23.03 64.35 -34.79
CA VAL P 202 -24.49 64.32 -34.87
C VAL P 202 -24.96 62.95 -35.33
N ALA P 203 -24.35 62.45 -36.37
CA ALA P 203 -24.72 61.15 -36.88
C ALA P 203 -24.69 60.12 -35.76
N LEU P 204 -23.51 59.93 -35.18
CA LEU P 204 -23.34 58.99 -34.09
C LEU P 204 -24.47 59.11 -33.08
N GLU P 205 -24.45 60.18 -32.30
CA GLU P 205 -25.47 60.40 -31.28
C GLU P 205 -26.92 60.34 -31.77
N GLU P 206 -27.10 60.49 -33.06
CA GLU P 206 -28.42 60.46 -33.62
C GLU P 206 -28.86 59.01 -33.70
N ASN P 207 -27.89 58.11 -33.73
CA ASN P 207 -28.14 56.67 -33.78
C ASN P 207 -27.83 56.05 -32.42
N ASN P 208 -27.55 56.91 -31.46
CA ASN P 208 -27.25 56.51 -30.11
C ASN P 208 -26.03 55.62 -30.04
N ILE P 209 -24.99 55.97 -30.76
CA ILE P 209 -23.76 55.19 -30.69
C ILE P 209 -22.90 55.99 -29.72
N PRO P 210 -22.47 55.34 -28.64
CA PRO P 210 -21.64 56.02 -27.67
C PRO P 210 -20.21 56.07 -28.24
N PHE P 211 -19.47 57.12 -27.91
CA PHE P 211 -18.11 57.25 -28.41
C PHE P 211 -17.26 58.23 -27.63
N GLU P 212 -16.01 58.38 -28.09
CA GLU P 212 -15.06 59.28 -27.45
C GLU P 212 -14.26 59.95 -28.52
N TYR P 213 -13.95 61.22 -28.33
CA TYR P 213 -13.17 61.93 -29.33
C TYR P 213 -11.74 61.47 -29.30
N GLN P 214 -11.22 61.15 -30.47
CA GLN P 214 -9.86 60.69 -30.60
C GLN P 214 -8.95 61.90 -30.80
N LEU P 215 -9.47 63.08 -30.44
CA LEU P 215 -8.75 64.37 -30.54
C LEU P 215 -7.36 64.32 -31.15
N GLY P 216 -7.18 65.07 -32.23
CA GLY P 216 -5.88 65.10 -32.89
C GLY P 216 -5.68 63.99 -33.90
N GLU P 217 -6.69 63.13 -34.04
CA GLU P 217 -6.65 62.01 -34.99
C GLU P 217 -7.58 62.31 -36.15
N GLY P 218 -7.63 61.39 -37.10
CA GLY P 218 -8.51 61.63 -38.22
C GLY P 218 -7.71 62.00 -39.45
N ALA P 219 -8.29 61.66 -40.59
CA ALA P 219 -7.72 61.90 -41.89
C ALA P 219 -7.14 63.28 -42.01
N PHE P 220 -6.01 63.40 -42.70
CA PHE P 220 -5.44 64.72 -42.88
C PHE P 220 -6.45 65.51 -43.72
N TYR P 221 -7.46 64.82 -44.24
CA TYR P 221 -8.51 65.41 -45.06
C TYR P 221 -9.94 65.44 -44.49
N GLY P 222 -10.08 65.13 -43.20
CA GLY P 222 -11.40 65.15 -42.58
C GLY P 222 -11.58 64.31 -41.32
N PRO P 223 -12.65 64.61 -40.55
CA PRO P 223 -12.96 63.89 -39.31
C PRO P 223 -13.11 62.43 -39.63
N LYS P 224 -13.01 61.60 -38.61
CA LYS P 224 -13.09 60.18 -38.87
C LYS P 224 -13.73 59.30 -37.77
N ILE P 225 -14.91 58.74 -38.07
CA ILE P 225 -15.58 57.83 -37.16
C ILE P 225 -14.78 56.52 -37.26
N GLU P 226 -14.33 56.00 -36.13
CA GLU P 226 -13.57 54.76 -36.13
C GLU P 226 -14.34 53.64 -35.46
N PHE P 227 -14.35 52.48 -36.10
CA PHE P 227 -14.99 51.32 -35.52
C PHE P 227 -13.85 50.42 -35.15
N THR P 228 -13.65 50.25 -33.83
CA THR P 228 -12.55 49.41 -33.31
C THR P 228 -13.07 48.06 -32.76
N LEU P 229 -12.40 47.00 -33.18
CA LEU P 229 -12.73 45.65 -32.75
C LEU P 229 -11.53 45.23 -31.91
N TYR P 230 -11.65 44.20 -31.07
CA TYR P 230 -10.51 43.81 -30.27
C TYR P 230 -10.07 42.40 -30.51
N ASP P 231 -8.80 42.14 -30.22
CA ASP P 231 -8.20 40.82 -30.42
C ASP P 231 -7.93 39.91 -29.22
N CYS P 232 -7.06 38.94 -29.45
CA CYS P 232 -6.66 37.95 -28.46
C CYS P 232 -6.37 38.60 -27.11
N LEU P 233 -5.48 39.60 -27.12
CA LEU P 233 -5.10 40.29 -25.91
C LEU P 233 -5.91 41.54 -25.75
N ASP P 234 -7.17 41.46 -26.13
CA ASP P 234 -8.04 42.60 -26.02
C ASP P 234 -7.33 43.93 -26.38
N ARG P 235 -6.57 43.92 -27.49
CA ARG P 235 -5.88 45.13 -27.96
C ARG P 235 -6.86 45.77 -28.94
N ALA P 236 -6.93 47.09 -28.92
CA ALA P 236 -7.84 47.76 -29.84
C ALA P 236 -7.24 47.79 -31.24
N TRP P 237 -8.10 47.62 -32.23
CA TRP P 237 -7.71 47.64 -33.64
C TRP P 237 -8.81 48.33 -34.45
N GLN P 238 -8.41 49.32 -35.25
CA GLN P 238 -9.37 50.07 -36.04
C GLN P 238 -9.71 49.24 -37.25
N CYS P 239 -11.00 48.94 -37.41
CA CYS P 239 -11.44 48.15 -38.57
C CYS P 239 -12.30 48.93 -39.53
N GLY P 240 -13.52 49.21 -39.12
CA GLY P 240 -14.42 49.98 -39.96
C GLY P 240 -14.07 51.43 -39.80
N THR P 241 -14.59 52.27 -40.69
CA THR P 241 -14.33 53.71 -40.64
C THR P 241 -15.14 54.50 -41.67
N VAL P 242 -15.62 55.66 -41.25
CA VAL P 242 -16.41 56.54 -42.10
C VAL P 242 -15.84 57.94 -41.93
N GLN P 243 -15.32 58.49 -43.03
CA GLN P 243 -14.72 59.80 -43.00
C GLN P 243 -15.47 60.80 -43.87
N LEU P 244 -15.61 62.05 -43.39
CA LEU P 244 -16.31 63.11 -44.12
C LEU P 244 -15.28 64.07 -44.73
N ASP P 245 -15.11 63.98 -46.05
CA ASP P 245 -14.15 64.78 -46.79
C ASP P 245 -14.72 66.05 -47.42
N PHE P 246 -14.09 67.18 -47.14
CA PHE P 246 -14.56 68.41 -47.73
C PHE P 246 -13.57 69.05 -48.68
N SER P 247 -12.32 68.60 -48.62
CA SER P 247 -11.27 69.13 -49.47
C SER P 247 -11.14 68.38 -50.80
N LEU P 248 -10.45 67.24 -50.78
CA LEU P 248 -10.24 66.43 -52.00
C LEU P 248 -11.20 66.64 -53.19
N PRO P 249 -12.52 66.53 -52.97
CA PRO P 249 -13.42 66.73 -54.13
C PRO P 249 -13.12 68.01 -54.95
N SER P 250 -12.68 69.06 -54.26
CA SER P 250 -12.35 70.30 -54.93
C SER P 250 -10.91 70.18 -55.39
N ARG P 251 -9.99 69.77 -54.52
CA ARG P 251 -8.61 69.65 -54.92
C ARG P 251 -8.40 68.97 -56.27
N LEU P 252 -9.17 67.93 -56.56
CA LEU P 252 -9.04 67.26 -57.85
C LEU P 252 -10.18 67.69 -58.75
N SER P 253 -10.71 68.87 -58.42
CA SER P 253 -11.79 69.52 -59.14
C SER P 253 -12.81 68.58 -59.76
N ALA P 254 -13.80 68.22 -58.96
CA ALA P 254 -14.85 67.37 -59.44
C ALA P 254 -16.06 68.27 -59.29
N SER P 255 -17.15 67.95 -59.98
CA SER P 255 -18.35 68.78 -59.86
C SER P 255 -19.56 68.20 -60.57
N TYR P 256 -20.73 68.68 -60.17
CA TYR P 256 -21.95 68.21 -60.76
C TYR P 256 -22.84 69.40 -61.03
N VAL P 257 -23.93 69.14 -61.72
CA VAL P 257 -24.86 70.18 -62.11
C VAL P 257 -26.13 70.14 -61.31
N GLY P 258 -26.48 71.26 -60.66
CA GLY P 258 -27.74 71.32 -59.90
C GLY P 258 -28.89 71.60 -60.85
N GLU P 259 -30.13 71.74 -60.36
CA GLU P 259 -31.24 72.02 -61.28
C GLU P 259 -31.01 73.44 -61.75
N ASP P 260 -30.33 74.20 -60.89
CA ASP P 260 -29.96 75.58 -61.14
C ASP P 260 -28.90 75.58 -62.23
N ASN P 261 -28.80 74.46 -62.93
CA ASN P 261 -27.83 74.31 -64.02
C ASN P 261 -26.52 74.94 -63.59
N GLU P 262 -26.14 74.72 -62.33
CA GLU P 262 -24.90 75.25 -61.77
C GLU P 262 -23.87 74.26 -61.27
N ARG P 263 -22.61 74.68 -61.36
CA ARG P 263 -21.46 73.89 -60.95
C ARG P 263 -21.42 73.82 -59.44
N LYS P 264 -21.36 72.61 -58.89
CA LYS P 264 -21.27 72.42 -57.44
C LYS P 264 -20.27 71.30 -57.20
N VAL P 265 -19.37 71.48 -56.22
CA VAL P 265 -18.39 70.45 -55.91
C VAL P 265 -19.09 69.45 -55.03
N PRO P 266 -18.93 68.15 -55.30
CA PRO P 266 -19.64 67.21 -54.45
C PRO P 266 -18.93 67.03 -53.11
N VAL P 267 -19.68 66.46 -52.16
CA VAL P 267 -19.16 66.16 -50.85
C VAL P 267 -18.71 64.73 -51.03
N MET P 268 -17.64 64.36 -50.34
CA MET P 268 -17.16 63.00 -50.48
C MET P 268 -16.96 62.28 -49.14
N ILE P 269 -17.61 61.13 -49.01
CA ILE P 269 -17.57 60.30 -47.82
C ILE P 269 -16.67 59.11 -48.06
N HIS P 270 -15.64 58.96 -47.25
CA HIS P 270 -14.77 57.78 -47.39
C HIS P 270 -15.37 56.75 -46.43
N ARG P 271 -15.17 55.45 -46.70
CA ARG P 271 -15.74 54.41 -45.82
C ARG P 271 -15.33 52.98 -46.15
N ALA P 272 -14.95 52.23 -45.13
CA ALA P 272 -14.53 50.83 -45.28
C ALA P 272 -15.24 50.08 -44.17
N ILE P 273 -15.99 49.01 -44.52
CA ILE P 273 -16.71 48.22 -43.53
C ILE P 273 -15.75 47.25 -42.86
N LEU P 274 -15.30 46.23 -43.57
CA LEU P 274 -14.40 45.34 -42.89
C LEU P 274 -13.12 46.07 -42.51
N GLY P 275 -12.81 47.16 -43.23
CA GLY P 275 -11.59 47.92 -42.97
C GLY P 275 -10.45 47.54 -43.92
N SER P 276 -9.86 46.38 -43.67
CA SER P 276 -8.77 45.88 -44.48
C SER P 276 -8.92 44.37 -44.50
N MET P 277 -8.85 43.78 -45.68
CA MET P 277 -9.01 42.35 -45.78
C MET P 277 -8.16 41.52 -44.81
N GLU P 278 -6.86 41.80 -44.81
CA GLU P 278 -5.91 41.06 -43.97
C GLU P 278 -6.15 41.32 -42.48
N ARG P 279 -6.35 42.59 -42.13
CA ARG P 279 -6.59 42.91 -40.73
C ARG P 279 -7.82 42.17 -40.24
N PHE P 280 -8.98 42.45 -40.85
CA PHE P 280 -10.22 41.79 -40.44
C PHE P 280 -10.05 40.27 -40.45
N ILE P 281 -9.34 39.73 -41.42
CA ILE P 281 -9.18 38.29 -41.39
C ILE P 281 -8.50 37.94 -40.09
N GLY P 282 -7.44 38.70 -39.76
CA GLY P 282 -6.68 38.49 -38.53
C GLY P 282 -7.60 38.40 -37.31
N ILE P 283 -8.48 39.39 -37.17
CA ILE P 283 -9.45 39.43 -36.10
C ILE P 283 -10.35 38.18 -36.12
N LEU P 284 -10.86 37.81 -37.27
CA LEU P 284 -11.71 36.62 -37.33
C LEU P 284 -10.92 35.46 -36.78
N THR P 285 -9.70 35.30 -37.24
CA THR P 285 -8.91 34.19 -36.74
C THR P 285 -8.85 34.29 -35.23
N GLU P 286 -8.45 35.45 -34.73
CA GLU P 286 -8.35 35.67 -33.30
C GLU P 286 -9.65 35.23 -32.70
N GLU P 287 -10.77 35.87 -33.03
CA GLU P 287 -12.06 35.46 -32.46
C GLU P 287 -12.26 33.94 -32.56
N PHE P 288 -12.93 33.47 -33.57
CA PHE P 288 -13.13 32.03 -33.77
C PHE P 288 -11.92 31.13 -33.42
N ALA P 289 -10.74 31.73 -33.46
CA ALA P 289 -9.51 31.00 -33.14
C ALA P 289 -9.42 29.72 -33.95
N GLY P 290 -9.47 29.87 -35.25
CA GLY P 290 -9.39 28.70 -36.13
C GLY P 290 -10.73 28.01 -36.34
N PHE P 291 -11.78 28.57 -35.76
CA PHE P 291 -13.05 27.93 -35.93
C PHE P 291 -13.97 28.77 -36.78
N PHE P 292 -13.51 29.03 -38.00
CA PHE P 292 -14.25 29.80 -38.97
C PHE P 292 -15.57 29.08 -39.22
N PRO P 293 -16.66 29.85 -39.34
CA PRO P 293 -18.00 29.29 -39.60
C PRO P 293 -17.96 28.43 -40.87
N THR P 294 -18.92 27.53 -41.02
CA THR P 294 -18.87 26.68 -42.19
C THR P 294 -18.57 27.41 -43.49
N TRP P 295 -19.35 28.46 -43.76
CA TRP P 295 -19.17 29.24 -44.98
C TRP P 295 -17.79 29.79 -45.22
N LEU P 296 -17.14 30.23 -44.16
CA LEU P 296 -15.81 30.79 -44.25
C LEU P 296 -14.67 29.79 -44.12
N ALA P 297 -15.00 28.52 -44.00
CA ALA P 297 -13.97 27.55 -43.78
C ALA P 297 -13.16 27.14 -44.93
N PRO P 298 -11.84 27.29 -44.86
CA PRO P 298 -11.01 26.86 -45.99
C PRO P 298 -11.49 25.49 -46.49
N VAL P 299 -11.67 24.54 -45.60
CA VAL P 299 -12.20 23.28 -46.06
C VAL P 299 -13.41 23.19 -45.21
N GLN P 300 -14.51 22.75 -45.82
CA GLN P 300 -15.75 22.64 -45.12
C GLN P 300 -16.05 21.19 -44.74
N VAL P 301 -15.60 20.24 -45.54
CA VAL P 301 -15.89 18.86 -45.18
C VAL P 301 -14.72 17.97 -45.49
N VAL P 302 -14.70 16.81 -44.87
CA VAL P 302 -13.66 15.82 -45.12
C VAL P 302 -14.36 14.47 -45.07
N ILE P 303 -14.12 13.66 -46.09
CA ILE P 303 -14.74 12.35 -46.17
C ILE P 303 -13.59 11.38 -46.11
N MET P 304 -13.69 10.39 -45.21
CA MET P 304 -12.65 9.38 -45.06
C MET P 304 -13.17 7.95 -44.90
N ASN P 305 -12.40 7.03 -45.45
CA ASN P 305 -12.70 5.61 -45.43
C ASN P 305 -12.03 4.99 -44.22
N ILE P 306 -12.58 3.89 -43.73
CA ILE P 306 -11.99 3.23 -42.57
C ILE P 306 -10.96 2.24 -43.04
N THR P 307 -11.25 1.59 -44.17
CA THR P 307 -10.32 0.64 -44.74
C THR P 307 -10.20 0.93 -46.21
N ASP P 308 -9.27 0.26 -46.89
CA ASP P 308 -9.06 0.46 -48.32
C ASP P 308 -10.22 -0.03 -49.18
N SER P 309 -11.31 -0.41 -48.53
CA SER P 309 -12.49 -0.90 -49.24
C SER P 309 -13.35 0.25 -49.69
N GLN P 310 -14.09 0.82 -48.75
CA GLN P 310 -14.99 1.93 -49.01
C GLN P 310 -14.30 3.15 -49.65
N SER P 311 -13.02 3.01 -49.97
CA SER P 311 -12.26 4.11 -50.57
C SER P 311 -12.87 4.67 -51.84
N GLU P 312 -13.53 3.82 -52.62
CA GLU P 312 -14.17 4.28 -53.83
C GLU P 312 -15.46 5.02 -53.52
N TYR P 313 -16.22 4.49 -52.55
CA TYR P 313 -17.49 5.09 -52.12
C TYR P 313 -17.23 6.46 -51.50
N VAL P 314 -15.97 6.70 -51.15
CA VAL P 314 -15.57 7.98 -50.58
C VAL P 314 -15.36 8.97 -51.71
N ASN P 315 -14.59 8.54 -52.73
CA ASN P 315 -14.34 9.37 -53.91
C ASN P 315 -15.70 9.70 -54.47
N GLU P 316 -16.56 8.70 -54.40
CA GLU P 316 -17.94 8.77 -54.83
C GLU P 316 -18.57 10.03 -54.24
N LEU P 317 -18.69 10.04 -52.92
CA LEU P 317 -19.30 11.14 -52.22
C LEU P 317 -18.57 12.47 -52.28
N THR P 318 -17.25 12.45 -52.12
CA THR P 318 -16.51 13.70 -52.16
C THR P 318 -16.84 14.37 -53.46
N GLN P 319 -17.17 13.54 -54.47
CA GLN P 319 -17.54 14.04 -55.78
C GLN P 319 -18.87 14.74 -55.71
N LYS P 320 -19.92 13.95 -55.47
CA LYS P 320 -21.29 14.46 -55.35
C LYS P 320 -21.32 15.77 -54.54
N LEU P 321 -20.47 15.84 -53.52
CA LEU P 321 -20.39 17.01 -52.66
C LEU P 321 -19.67 18.18 -53.31
N SER P 322 -18.68 17.87 -54.13
CA SER P 322 -17.92 18.91 -54.81
C SER P 322 -18.84 19.61 -55.81
N ASN P 323 -19.70 18.83 -56.45
CA ASN P 323 -20.65 19.35 -57.42
C ASN P 323 -21.70 20.08 -56.64
N ALA P 324 -21.94 19.64 -55.42
CA ALA P 324 -22.94 20.29 -54.56
C ALA P 324 -22.41 21.70 -54.30
N GLY P 325 -21.12 21.88 -54.60
CA GLY P 325 -20.44 23.16 -54.42
C GLY P 325 -19.94 23.30 -53.00
N ILE P 326 -19.50 22.20 -52.42
CA ILE P 326 -19.03 22.21 -51.04
C ILE P 326 -17.54 21.96 -50.99
N ARG P 327 -16.80 22.85 -50.35
CA ARG P 327 -15.37 22.67 -50.27
C ARG P 327 -15.17 21.37 -49.50
N VAL P 328 -15.02 20.26 -50.22
CA VAL P 328 -14.84 18.98 -49.59
C VAL P 328 -13.58 18.33 -50.09
N LYS P 329 -13.04 17.38 -49.33
CA LYS P 329 -11.83 16.65 -49.71
C LYS P 329 -11.89 15.24 -49.14
N ALA P 330 -11.19 14.32 -49.78
CA ALA P 330 -11.21 12.93 -49.31
C ALA P 330 -9.88 12.47 -48.71
N ASP P 331 -9.92 11.94 -47.50
CA ASP P 331 -8.71 11.45 -46.85
C ASP P 331 -8.71 9.96 -46.96
N LEU P 332 -8.24 9.47 -48.09
CA LEU P 332 -8.22 8.03 -48.30
C LEU P 332 -6.93 7.43 -47.78
N ARG P 333 -6.01 8.32 -47.39
CA ARG P 333 -4.71 7.91 -46.88
C ARG P 333 -4.72 6.61 -46.10
N ASN P 334 -3.58 5.92 -46.12
CA ASN P 334 -3.47 4.66 -45.38
C ASN P 334 -3.19 4.97 -43.92
N GLU P 335 -4.24 5.28 -43.19
CA GLU P 335 -4.09 5.64 -41.80
C GLU P 335 -5.28 5.20 -40.99
N LYS P 336 -5.08 5.11 -39.68
CA LYS P 336 -6.15 4.73 -38.77
C LYS P 336 -7.16 5.86 -38.77
N ILE P 337 -8.43 5.51 -38.91
CA ILE P 337 -9.47 6.50 -38.94
C ILE P 337 -9.32 7.45 -37.77
N GLY P 338 -8.93 6.90 -36.63
CA GLY P 338 -8.77 7.71 -35.45
C GLY P 338 -7.77 8.82 -35.73
N PHE P 339 -6.71 8.48 -36.47
CA PHE P 339 -5.69 9.48 -36.80
C PHE P 339 -6.32 10.60 -37.62
N LYS P 340 -6.98 10.19 -38.69
CA LYS P 340 -7.61 11.13 -39.57
C LYS P 340 -8.46 12.09 -38.74
N ILE P 341 -9.40 11.54 -38.00
CA ILE P 341 -10.30 12.39 -37.23
C ILE P 341 -9.52 13.39 -36.42
N ARG P 342 -8.37 12.93 -35.96
CA ARG P 342 -7.52 13.76 -35.12
C ARG P 342 -7.08 14.93 -35.94
N GLU P 343 -6.12 14.64 -36.82
CA GLU P 343 -5.52 15.62 -37.70
C GLU P 343 -6.50 16.70 -38.18
N HIS P 344 -7.61 16.26 -38.74
CA HIS P 344 -8.57 17.20 -39.27
C HIS P 344 -9.28 17.99 -38.22
N THR P 345 -9.37 17.43 -37.01
CA THR P 345 -10.05 18.17 -35.95
C THR P 345 -9.21 19.34 -35.52
N LEU P 346 -7.91 19.14 -35.32
CA LEU P 346 -7.10 20.30 -34.94
C LEU P 346 -6.85 21.14 -36.17
N ARG P 347 -7.39 20.70 -37.31
CA ARG P 347 -7.28 21.42 -38.58
C ARG P 347 -8.51 22.33 -38.66
N ARG P 348 -9.53 21.96 -37.89
CA ARG P 348 -10.78 22.70 -37.73
C ARG P 348 -11.91 22.47 -38.74
N VAL P 349 -11.79 21.41 -39.55
CA VAL P 349 -12.82 21.12 -40.56
C VAL P 349 -14.21 21.03 -39.96
N PRO P 350 -15.08 21.99 -40.28
CA PRO P 350 -16.44 21.98 -39.74
C PRO P 350 -17.12 20.63 -39.74
N TYR P 351 -16.78 19.76 -40.67
CA TYR P 351 -17.43 18.45 -40.73
C TYR P 351 -16.57 17.32 -41.23
N MET P 352 -16.74 16.17 -40.61
CA MET P 352 -15.98 14.98 -40.98
C MET P 352 -16.98 13.86 -41.23
N LEU P 353 -16.76 13.17 -42.33
CA LEU P 353 -17.61 12.06 -42.74
C LEU P 353 -16.87 10.74 -42.77
N VAL P 354 -17.33 9.81 -41.92
CA VAL P 354 -16.73 8.49 -41.85
C VAL P 354 -17.50 7.55 -42.76
N CYS P 355 -16.77 6.83 -43.59
CA CYS P 355 -17.41 5.90 -44.48
C CYS P 355 -16.77 4.54 -44.29
N GLY P 356 -17.51 3.68 -43.60
CA GLY P 356 -17.04 2.33 -43.34
C GLY P 356 -17.91 1.38 -44.12
N ASP P 357 -17.63 0.09 -44.04
CA ASP P 357 -18.43 -0.86 -44.77
C ASP P 357 -19.90 -0.59 -44.47
N LYS P 358 -20.24 -0.44 -43.19
CA LYS P 358 -21.62 -0.17 -42.79
C LYS P 358 -22.32 0.87 -43.67
N GLU P 359 -21.73 2.05 -43.79
CA GLU P 359 -22.31 3.14 -44.57
C GLU P 359 -22.36 2.92 -46.08
N VAL P 360 -21.47 2.08 -46.60
CA VAL P 360 -21.43 1.80 -48.02
C VAL P 360 -22.74 1.15 -48.49
N GLU P 361 -23.27 0.24 -47.70
CA GLU P 361 -24.51 -0.42 -48.05
C GLU P 361 -25.60 0.28 -47.25
N SER P 362 -25.64 1.60 -47.38
CA SER P 362 -26.62 2.41 -46.67
C SER P 362 -26.78 3.71 -47.41
N GLY P 363 -25.75 4.09 -48.13
CA GLY P 363 -25.78 5.35 -48.84
C GLY P 363 -25.72 6.43 -47.79
N LYS P 364 -25.62 6.00 -46.53
CA LYS P 364 -25.56 6.92 -45.40
C LYS P 364 -24.11 7.32 -45.15
N VAL P 365 -23.90 8.37 -44.36
CA VAL P 365 -22.56 8.84 -44.05
C VAL P 365 -22.48 9.11 -42.57
N ALA P 366 -21.45 8.57 -41.93
CA ALA P 366 -21.24 8.80 -40.51
C ALA P 366 -20.81 10.25 -40.33
N VAL P 367 -21.72 11.09 -39.87
CA VAL P 367 -21.43 12.50 -39.68
C VAL P 367 -20.90 12.80 -38.29
N ARG P 368 -20.04 13.81 -38.18
CA ARG P 368 -19.50 14.22 -36.89
C ARG P 368 -18.85 15.61 -36.92
N THR P 369 -19.41 16.55 -36.16
CA THR P 369 -18.89 17.91 -36.12
C THR P 369 -17.43 17.91 -35.64
N ARG P 370 -16.73 19.01 -35.83
CA ARG P 370 -15.33 19.11 -35.42
C ARG P 370 -15.26 19.15 -33.91
N ARG P 371 -16.28 19.77 -33.32
CA ARG P 371 -16.42 19.90 -31.88
C ARG P 371 -16.52 18.51 -31.28
N GLY P 372 -16.74 17.51 -32.11
CA GLY P 372 -16.80 16.16 -31.61
C GLY P 372 -18.18 15.54 -31.69
N LYS P 373 -19.23 16.34 -31.48
CA LYS P 373 -20.59 15.80 -31.49
C LYS P 373 -20.92 14.85 -32.64
N ASP P 374 -20.86 13.56 -32.39
CA ASP P 374 -21.17 12.58 -33.41
C ASP P 374 -22.63 12.82 -33.79
N LEU P 375 -22.86 13.24 -35.03
CA LEU P 375 -24.22 13.52 -35.50
C LEU P 375 -24.90 12.27 -36.03
N GLY P 376 -24.23 11.13 -35.89
CA GLY P 376 -24.79 9.87 -36.34
C GLY P 376 -24.98 9.83 -37.84
N SER P 377 -24.76 8.66 -38.44
CA SER P 377 -24.89 8.49 -39.88
C SER P 377 -26.22 9.04 -40.38
N MET P 378 -26.18 9.62 -41.58
CA MET P 378 -27.36 10.20 -42.16
C MET P 378 -27.30 10.25 -43.68
N ASP P 379 -28.49 10.38 -44.27
CA ASP P 379 -28.70 10.44 -45.71
C ASP P 379 -27.75 11.44 -46.37
N VAL P 380 -27.20 11.08 -47.52
CA VAL P 380 -26.28 11.95 -48.25
C VAL P 380 -26.86 13.30 -48.63
N ASN P 381 -27.83 13.29 -49.53
CA ASN P 381 -28.45 14.53 -49.96
C ASN P 381 -28.74 15.32 -48.71
N GLU P 382 -29.29 14.65 -47.72
CA GLU P 382 -29.65 15.26 -46.46
C GLU P 382 -28.53 16.15 -45.91
N VAL P 383 -27.32 15.60 -45.84
CA VAL P 383 -26.16 16.34 -45.33
C VAL P 383 -25.90 17.52 -46.26
N ILE P 384 -25.95 17.25 -47.56
CA ILE P 384 -25.74 18.28 -48.54
C ILE P 384 -26.71 19.42 -48.32
N GLU P 385 -27.97 19.17 -48.64
CA GLU P 385 -29.02 20.18 -48.48
C GLU P 385 -28.82 20.99 -47.20
N LYS P 386 -28.43 20.30 -46.13
CA LYS P 386 -28.23 20.94 -44.82
C LYS P 386 -26.99 21.79 -44.76
N LEU P 387 -25.90 21.30 -45.36
CA LEU P 387 -24.64 22.04 -45.40
C LEU P 387 -24.84 23.30 -46.20
N GLN P 388 -25.43 23.13 -47.38
CA GLN P 388 -25.70 24.25 -48.28
C GLN P 388 -26.45 25.29 -47.51
N GLN P 389 -27.46 24.83 -46.80
CA GLN P 389 -28.28 25.69 -45.97
C GLN P 389 -27.41 26.51 -45.04
N GLU P 390 -26.52 25.82 -44.34
CA GLU P 390 -25.64 26.48 -43.40
C GLU P 390 -24.67 27.45 -44.08
N ILE P 391 -24.18 27.06 -45.26
CA ILE P 391 -23.26 27.88 -46.01
C ILE P 391 -24.01 29.05 -46.63
N ARG P 392 -25.06 28.73 -47.35
CA ARG P 392 -25.87 29.76 -47.98
C ARG P 392 -26.26 30.87 -47.01
N SER P 393 -26.50 30.52 -45.75
CA SER P 393 -26.91 31.51 -44.74
C SER P 393 -25.74 32.03 -43.91
N ARG P 394 -24.54 31.56 -44.25
CA ARG P 394 -23.32 31.95 -43.56
C ARG P 394 -23.58 31.95 -42.08
N SER P 395 -24.27 30.91 -41.64
CA SER P 395 -24.60 30.77 -40.21
C SER P 395 -23.37 30.36 -39.42
N LEU P 396 -23.28 30.88 -38.20
CA LEU P 396 -22.12 30.57 -37.38
C LEU P 396 -22.23 29.20 -36.74
N LYS P 397 -23.43 28.82 -36.32
CA LYS P 397 -23.62 27.53 -35.69
C LYS P 397 -23.77 26.41 -36.71
N GLN P 398 -23.14 25.27 -36.41
CA GLN P 398 -23.17 24.10 -37.28
C GLN P 398 -24.46 23.30 -37.06
N LEU P 399 -24.64 22.24 -37.82
CA LEU P 399 -25.84 21.41 -37.70
C LEU P 399 -25.99 20.81 -36.31
N GLU P 400 -27.18 20.96 -35.75
CA GLU P 400 -27.50 20.42 -34.42
C GLU P 400 -26.89 21.17 -33.23
N GLU P 401 -26.48 22.42 -33.41
CA GLU P 401 -25.92 23.19 -32.31
C GLU P 401 -26.53 24.60 -32.19
ZN ZN Q . -30.82 50.24 -5.65
CG2 TSB R . -31.82 50.58 -9.91
N TSB R . -32.58 50.70 -6.18
CA TSB R . -32.48 51.20 -7.55
CB TSB R . -32.04 50.04 -8.51
OG1 TSB R . -30.83 49.40 -8.03
C TSB R . -33.87 51.70 -7.92
O TSB R . -34.82 51.28 -7.27
N8 TSB R . -34.01 52.57 -8.92
S1 TSB R . -35.38 53.47 -9.14
O1S TSB R . -36.22 53.57 -7.94
O2S TSB R . -34.95 54.71 -9.82
O5' TSB R . -36.29 52.65 -10.15
C5' TSB R . -35.70 51.85 -11.18
C4' TSB R . -36.69 51.64 -12.33
O4' TSB R . -37.85 50.90 -11.88
C3' TSB R . -37.29 52.89 -12.96
O3' TSB R . -36.36 53.47 -13.89
C2' TSB R . -38.51 52.34 -13.66
O2' TSB R . -38.19 51.75 -14.90
C1' TSB R . -38.96 51.25 -12.68
N9 TSB R . -40.02 51.72 -11.82
C8 TSB R . -39.92 52.55 -10.75
N7 TSB R . -41.07 52.84 -10.18
C5 TSB R . -41.99 52.14 -10.93
C6 TSB R . -43.39 52.04 -10.84
N6 TSB R . -44.11 52.67 -9.93
N1 TSB R . -44.02 51.26 -11.74
C2 TSB R . -43.27 50.62 -12.66
N3 TSB R . -41.93 50.64 -12.84
C4 TSB R . -41.35 51.43 -11.94
ZN ZN S . -54.47 26.45 -3.48
CG2 TSB T . -51.37 23.52 -3.40
N TSB T . -53.29 26.57 -2.28
CA TSB T . -52.70 25.25 -2.15
CB TSB T . -51.88 24.93 -3.43
OG1 TSB T . -52.70 25.10 -4.60
C TSB T . -51.80 25.31 -0.89
O TSB T . -51.55 26.41 -0.40
N8 TSB T . -51.31 24.15 -0.36
S1 TSB T . -50.68 24.04 1.17
O1S TSB T . -51.10 25.27 1.95
O2S TSB T . -50.95 22.67 1.70
O5' TSB T . -49.11 24.10 1.00
C5' TSB T . -48.53 23.48 -0.10
C4' TSB T . -47.09 23.16 0.19
O4' TSB T . -46.34 24.37 0.49
C3' TSB T . -46.83 22.27 1.38
O3' TSB T . -47.06 20.91 1.03
C2' TSB T . -45.36 22.56 1.68
O2' TSB T . -44.49 21.81 0.87
C1' TSB T . -45.25 24.04 1.32
N9 TSB T . -45.32 24.92 2.48
C8 TSB T . -46.45 25.32 3.16
N7 TSB T . -46.21 26.11 4.18
C5 TSB T . -44.83 26.23 4.18
C6 TSB T . -43.96 26.95 5.00
N6 TSB T . -44.37 27.69 6.03
N1 TSB T . -42.64 26.88 4.72
C2 TSB T . -42.24 26.12 3.69
N3 TSB T . -42.96 25.40 2.84
C4 TSB T . -44.26 25.50 3.14
ZN ZN U . 4.98 -67.11 29.25
CG2 TSB V . 4.34 -63.22 27.27
N TSB V . 4.22 -67.00 27.60
CA TSB V . 3.69 -65.65 27.47
CB TSB V . 4.85 -64.65 27.23
OG1 TSB V . 5.83 -64.81 28.25
C TSB V . 2.73 -65.68 26.24
O TSB V . 2.88 -66.58 25.40
N8 TSB V . 1.75 -64.71 26.13
S1 TSB V . 0.44 -64.78 25.12
O1S TSB V . 0.14 -66.19 24.81
O2S TSB V . -0.65 -63.92 25.69
O5' TSB V . 0.95 -64.10 23.76
C5' TSB V . 1.84 -62.99 23.78
C4' TSB V . 1.70 -62.15 22.53
O4' TSB V . 2.07 -62.91 21.36
C3' TSB V . 0.30 -61.64 22.19
O3' TSB V . -0.02 -60.48 22.95
C2' TSB V . 0.45 -61.31 20.71
O2' TSB V . 1.07 -60.06 20.49
C1' TSB V . 1.37 -62.42 20.23
N9 TSB V . 0.63 -63.54 19.62
C8 TSB V . -0.08 -64.53 20.26
N7 TSB V . -0.64 -65.39 19.45
C5 TSB V . -0.29 -64.94 18.19
C6 TSB V . -0.57 -65.43 16.93
N6 TSB V . -1.32 -66.51 16.70
N1 TSB V . -0.06 -64.76 15.87
C2 TSB V . 0.67 -63.66 16.10
N3 TSB V . 1.01 -63.11 17.26
C4 TSB V . 0.49 -63.80 18.28
ZN ZN W . 20.91 -76.39 0.85
CG2 TSB X . 24.59 -75.80 2.92
N TSB X . 21.10 -77.27 2.37
CA TSB X . 22.55 -77.30 2.57
CB TSB X . 23.09 -75.85 2.86
OG1 TSB X . 22.66 -74.97 1.81
C TSB X . 22.81 -78.28 3.75
O TSB X . 21.87 -78.60 4.50
N8 TSB X . 24.08 -78.79 3.93
S1 TSB X . 24.43 -80.09 4.88
O1S TSB X . 23.19 -80.90 5.10
O2S TSB X . 25.65 -80.73 4.32
O5' TSB X . 24.83 -79.48 6.31
C5' TSB X . 25.54 -78.25 6.37
C4' TSB X . 26.30 -78.14 7.68
O4' TSB X . 25.38 -78.16 8.81
C3' TSB X . 27.31 -79.23 7.99
O3' TSB X . 28.54 -79.01 7.30
C2' TSB X . 27.47 -79.12 9.51
O2' TSB X . 28.43 -78.15 9.90
C1' TSB X . 26.05 -78.70 9.94
N9 TSB X . 25.24 -79.82 10.45
C8 TSB X . 24.57 -80.77 9.72
N7 TSB X . 23.94 -81.66 10.46
C5 TSB X . 24.22 -81.27 11.75
C6 TSB X . 23.84 -81.80 12.99
N6 TSB X . 23.09 -82.90 13.13
N1 TSB X . 24.26 -81.17 14.12
C2 TSB X . 25.01 -80.06 13.97
N3 TSB X . 25.44 -79.46 12.86
C4 TSB X . 24.99 -80.12 11.78
ZN ZN Y . 33.84 -5.88 -6.46
CG2 TSB Z . 30.40 -3.62 -4.94
N TSB Z . 33.34 -4.36 -7.36
CA TSB Z . 31.94 -4.15 -6.96
CB TSB Z . 31.85 -3.73 -5.40
OG1 TSB Z . 32.47 -4.74 -4.59
C TSB Z . 31.43 -3.04 -7.90
O TSB Z . 32.25 -2.37 -8.56
N8 TSB Z . 30.08 -2.85 -8.00
S1 TSB Z . 29.36 -2.03 -9.21
O1S TSB Z . 30.31 -1.90 -10.37
O2S TSB Z . 28.00 -2.62 -9.43
O5' TSB Z . 29.14 -0.56 -8.62
C5' TSB Z . 28.80 -0.36 -7.25
C4' TSB Z . 28.13 0.98 -7.06
O4' TSB Z . 29.01 2.07 -7.47
C3' TSB Z . 26.86 1.22 -7.86
O3' TSB Z . 25.76 0.60 -7.20
C2' TSB Z . 26.75 2.75 -7.85
O2' TSB Z . 26.10 3.25 -6.70
C1' TSB Z . 28.22 3.18 -7.89
N9 TSB Z . 28.67 3.58 -9.23
C8 TSB Z . 29.05 2.74 -10.27
N7 TSB Z . 29.41 3.39 -11.35
C5 TSB Z . 29.26 4.72 -11.02
C6 TSB Z . 29.48 5.91 -11.75
N6 TSB Z . 29.90 5.93 -13.02
N1 TSB Z . 29.25 7.09 -11.11
C2 TSB Z . 28.83 7.07 -9.83
N3 TSB Z . 28.59 6.02 -9.04
C4 TSB Z . 28.82 4.86 -9.70
ZN ZN AA . 52.17 22.57 -4.50
CG2 TSB BA . 53.79 20.91 -0.92
N TSB BA . 52.85 20.94 -4.57
CA TSB BA . 53.74 20.89 -3.43
CB TSB BA . 52.90 20.78 -2.15
OG1 TSB BA . 51.89 21.81 -2.15
C TSB BA . 54.62 19.64 -3.61
O TSB BA . 54.20 18.73 -4.31
N8 TSB BA . 55.84 19.58 -2.97
S1 TSB BA . 57.05 18.52 -3.34
O1S TSB BA . 56.90 18.09 -4.74
O2S TSB BA . 58.34 19.09 -2.92
O5' TSB BA . 56.75 17.22 -2.44
C5' TSB BA . 56.18 17.33 -1.12
C4' TSB BA . 56.55 16.14 -0.24
O4' TSB BA . 55.96 14.92 -0.76
C3' TSB BA . 58.03 15.80 -0.12
O3' TSB BA . 58.67 16.64 0.84
C2' TSB BA . 57.98 14.34 0.36
O2' TSB BA . 57.74 14.18 1.75
C1' TSB BA . 56.77 13.81 -0.40
N9 TSB BA . 57.16 13.10 -1.62
C8 TSB BA . 57.58 13.64 -2.81
N7 TSB BA . 57.86 12.74 -3.73
C5 TSB BA . 57.63 11.53 -3.10
C6 TSB BA . 57.73 10.21 -3.54
N6 TSB BA . 58.12 9.88 -4.77
N1 TSB BA . 57.42 9.23 -2.66
C2 TSB BA . 57.01 9.58 -1.42
N3 TSB BA . 56.87 10.79 -0.89
C4 TSB BA . 57.19 11.74 -1.79
ZN ZN CA . -12.19 -5.89 30.46
CG2 TSB DA . -16.01 -4.97 28.67
N TSB DA . -12.86 -4.03 30.65
CA TSB DA . -13.71 -4.10 29.48
CB TSB DA . -15.04 -4.85 29.87
OG1 TSB DA . -14.74 -6.17 30.34
C TSB DA . -13.97 -2.63 29.12
O TSB DA . -13.72 -1.81 29.96
N8 TSB DA . -14.47 -2.29 27.89
S1 TSB DA . -14.48 -0.76 27.28
O1S TSB DA . -13.44 0.06 27.93
O2S TSB DA . -14.46 -0.99 25.79
O5' TSB DA . -15.86 -0.06 27.70
C5' TSB DA . -17.03 -0.84 27.69
C4' TSB DA . -18.23 0.01 27.54
O4' TSB DA . -18.21 1.02 28.56
C3' TSB DA . -18.34 0.83 26.29
O3' TSB DA . -18.82 0.02 25.23
C2' TSB DA . -19.36 1.89 26.71
O2' TSB DA . -20.71 1.54 26.48
C1' TSB DA . -19.05 2.09 28.20
N9 TSB DA . -18.26 3.29 28.44
C8 TSB DA . -16.89 3.41 28.28
N7 TSB DA . -16.42 4.61 28.58
C5 TSB DA . -17.55 5.31 28.96
C6 TSB DA . -17.72 6.63 29.41
N6 TSB DA . -16.74 7.49 29.56
N1 TSB DA . -18.96 7.05 29.70
C2 TSB DA . -19.96 6.16 29.54
N3 TSB DA . -19.93 4.86 29.14
C4 TSB DA . -18.68 4.51 28.86
ZN ZN EA . -10.73 57.57 -48.93
CG2 TSB FA . -11.94 54.31 -46.15
N TSB FA . -9.35 56.23 -48.17
CA TSB FA . -10.03 55.78 -46.94
CB TSB FA . -11.12 54.73 -47.35
OG1 TSB FA . -12.02 55.32 -48.31
C TSB FA . -8.94 55.16 -46.04
O TSB FA . -7.88 54.83 -46.57
N8 TSB FA . -9.18 55.01 -44.71
S1 TSB FA . -8.02 54.67 -43.59
O1S TSB FA . -6.69 55.10 -44.08
O2S TSB FA . -8.55 55.22 -42.32
O5' TSB FA . -7.90 53.07 -43.48
C5' TSB FA . -9.05 52.25 -43.62
C4' TSB FA . -8.86 50.92 -42.94
O4' TSB FA . -7.79 50.18 -43.56
C3' TSB FA . -8.46 50.94 -41.48
O3' TSB FA . -9.61 51.18 -40.67
C2' TSB FA . -7.93 49.51 -41.30
O2' TSB FA . -8.92 48.53 -41.08
C1' TSB FA . -7.26 49.25 -42.63
N9 TSB FA . -5.83 49.50 -42.56
C8 TSB FA . -5.20 50.73 -42.54
N7 TSB FA . -3.89 50.66 -42.50
C5 TSB FA . -3.65 49.30 -42.47
C6 TSB FA . -2.45 48.55 -42.41
N6 TSB FA . -1.23 49.11 -42.37
N1 TSB FA . -2.54 47.20 -42.39
C2 TSB FA . -3.78 46.66 -42.44
N3 TSB FA . -4.98 47.25 -42.48
C4 TSB FA . -4.83 48.57 -42.50
#